data_6LUM
#
_entry.id   6LUM
#
_cell.length_a   1.00
_cell.length_b   1.00
_cell.length_c   1.00
_cell.angle_alpha   90.00
_cell.angle_beta   90.00
_cell.angle_gamma   90.00
#
_symmetry.space_group_name_H-M   'P 1'
#
loop_
_entity.id
_entity.type
_entity.pdbx_description
1 polymer 'Succinate dehydrogenase subunit C'
2 polymer 'Succinate dehydrogenase subunit D'
3 polymer 'Succinate dehydrogenase subunit F'
4 polymer 'Succinate dehydrogenase subunit A'
5 polymer 'Succinate dehydrogenase subunit B'
6 non-polymer '(1S)-2-{[(2-AMINOETHOXY)(HYDROXY)PHOSPHORYL]OXY}-1-[(PALMITOYLOXY)METHYL]ETHYL STEARATE'
7 non-polymer 'PROTOPORPHYRIN IX CONTAINING FE'
8 non-polymer MENAQUINONE-9
9 non-polymer CARDIOLIPIN
10 non-polymer '2-(HEXADECANOYLOXY)-1-[(PHOSPHONOOXY)METHYL]ETHYL HEXADECANOATE'
11 non-polymer 1,2-DIACYL-SN-GLYCERO-3-PHOSPHOINOSITOL
12 non-polymer 'FLAVIN-ADENINE DINUCLEOTIDE'
13 non-polymer 'FE2/S2 (INORGANIC) CLUSTER'
14 non-polymer 'IRON/SULFUR CLUSTER'
15 non-polymer 'FE3-S4 CLUSTER'
#
loop_
_entity_poly.entity_id
_entity_poly.type
_entity_poly.pdbx_seq_one_letter_code
_entity_poly.pdbx_strand_id
1 'polypeptide(L)'
;MSTQTEVPAPQPKKTRRRTLYRGDPGMWSWVLHRITGATIFFFLFVHVLDTALVRVSPQAYNEVIETYKTPIVGLMEIGL
VAAVLFHALNGIRVILIDFWAKGPRYQRQMLAVIAGLFLVIFIAAVGVIGMHMVERFL
;
C,G,M
2 'polypeptide(L)'
;MSAPGAGESRLGRPAPVMEREHDRPAALDHPRAPRKPRGIPYFEKYAWLFMRFSGIALVFLALGHLFIMLMWQDGVYRID
FNYVAERWASPFWQIWDMALLWLAMIHGANGMRTIIGDYARKNVTKFWLNSLLLLATGFTLVLGSYVLVTFDANISHHHH
HHHHHH
;
D,H,N
3 'polypeptide(L)' MVLFFEILLVAAVLVITWFAVYALYRLVTDES E,I,O
4 'polypeptide(L)'
;MIQEHRYDVVIVGAGGAGMRAAVEAGPRARTAVLTKLYPTRSHTGAAQGGMCAALANVEEDNWEWHTFDTVKGGDYLADQ
DAVEIMCKEAIDAVLDLEKMGMPFNRTPEGRIDQRRFGGHTRDHGKAPVRRACYAADRTGHMILQTLYQNCVKHDVEFFN
EFYALDIALTETPAGPVATGVIAYELATGDIHVFHAKAIVFATGGSGRMYKTTSNAHTLTGDGLGIVFRKGLPLEDMEFH
QFHPTGLAGLGILISEAVRGEGGRLLNGEGERFMERYAPTIVDLAPRDIVARSMVLEVLEGRGAGPNKDYVYIDVRHLGE
DVLEAKLPDITEFARTYLGVDPVKELVPVYPTCHYVMGGIPTTVNGQVLRDNTNVIPGLYAAGECACVSVHGANRLGTNS
LLDINVFGRRAGIAAAEYAQNHNFVDMPENPAEMVVGWVGDILSEHGNERVADIRGALQQSMDNNAAVFRTEETLKQALT
DIHALKERYSRITVHDKGKRYNSDLLEAIELGFLLELAEVTVVGALNRKESRGGHAREDYPNRDDTNYMRHTMAYKQGTD
LLSDIRLDYKPVVQTRYEPMERKY
;
A,J,P
5 'polypeptide(L)'
;MSAPVIDKPEAGDPELPPVPEGAVMVTLKIARFNPENPDAAGWQSFRVPCLPSDRLLNLLHYVKWYLDGTLTFRRSCAHG
VCGSDAMRINGVNRLACKVLMRDMLPKNPNKQLTITIEPIRGLPVEKDLVVNMEPFFDAYRAVKPFLVTSGNPPTKERIQ
SPTDRARYDDTTKCILCACCTTSCPVYWSEGSYFGPAAIVNAHRFIFDSRDEAAAERLDILNEVDGVWRCRTTFNCTEAC
PRGIQVTQAIQEVKRALMFAR
;
B,K,Q
#
# COMPACT_ATOMS: atom_id res chain seq x y z
N THR A 15 -31.48 -1.54 27.23
CA THR A 15 -32.63 -2.45 27.30
C THR A 15 -32.27 -3.82 26.74
N ARG A 16 -33.00 -4.85 27.16
CA ARG A 16 -32.74 -6.22 26.73
C ARG A 16 -34.05 -6.97 26.60
N ARG A 17 -34.23 -7.65 25.48
CA ARG A 17 -35.42 -8.45 25.21
C ARG A 17 -35.08 -9.92 25.23
N ARG A 18 -36.06 -10.74 25.62
CA ARG A 18 -35.89 -12.18 25.70
C ARG A 18 -36.53 -12.80 24.46
N THR A 19 -35.72 -13.41 23.61
CA THR A 19 -36.15 -13.92 22.32
C THR A 19 -35.61 -15.33 22.13
N LEU A 20 -36.49 -16.28 21.85
CA LEU A 20 -36.06 -17.59 21.40
C LEU A 20 -36.05 -17.60 19.87
N TYR A 21 -34.89 -17.87 19.27
CA TYR A 21 -34.79 -17.70 17.83
C TYR A 21 -35.39 -18.86 17.08
N ARG A 22 -35.37 -20.07 17.60
CA ARG A 22 -36.09 -21.16 16.97
C ARG A 22 -35.55 -21.44 15.57
N GLY A 23 -34.27 -21.79 15.52
CA GLY A 23 -33.61 -22.00 14.24
C GLY A 23 -33.36 -23.44 13.91
N ASP A 24 -32.26 -23.70 13.21
CA ASP A 24 -31.92 -25.04 12.77
C ASP A 24 -31.70 -25.96 13.98
N PRO A 25 -31.81 -27.28 13.78
CA PRO A 25 -31.36 -28.20 14.83
C PRO A 25 -29.85 -28.23 15.00
N GLY A 26 -29.08 -27.82 14.01
CA GLY A 26 -27.65 -27.65 14.21
C GLY A 26 -27.35 -26.61 15.27
N MET A 27 -28.25 -25.66 15.48
CA MET A 27 -28.06 -24.66 16.51
C MET A 27 -28.14 -25.28 17.89
N TRP A 28 -29.10 -26.18 18.10
CA TRP A 28 -29.19 -26.83 19.40
C TRP A 28 -28.11 -27.87 19.58
N SER A 29 -27.68 -28.52 18.51
CA SER A 29 -26.47 -29.33 18.60
C SER A 29 -25.28 -28.52 19.06
N TRP A 30 -25.12 -27.30 18.54
CA TRP A 30 -23.97 -26.50 18.94
C TRP A 30 -24.10 -26.02 20.38
N VAL A 31 -25.31 -25.69 20.82
CA VAL A 31 -25.49 -25.28 22.22
C VAL A 31 -25.15 -26.43 23.15
N LEU A 32 -25.62 -27.64 22.84
CA LEU A 32 -25.30 -28.80 23.66
C LEU A 32 -23.83 -29.14 23.62
N HIS A 33 -23.20 -29.02 22.46
CA HIS A 33 -21.77 -29.25 22.35
C HIS A 33 -21.00 -28.32 23.26
N ARG A 34 -21.30 -27.04 23.21
CA ARG A 34 -20.61 -26.06 24.05
C ARG A 34 -20.82 -26.37 25.53
N ILE A 35 -22.05 -26.67 25.92
CA ILE A 35 -22.35 -26.90 27.33
C ILE A 35 -21.66 -28.16 27.84
N THR A 36 -21.72 -29.25 27.10
CA THR A 36 -21.10 -30.49 27.54
C THR A 36 -19.58 -30.36 27.57
N GLY A 37 -19.00 -29.63 26.62
CA GLY A 37 -17.56 -29.43 26.64
C GLY A 37 -17.10 -28.68 27.87
N ALA A 38 -17.80 -27.61 28.22
CA ALA A 38 -17.42 -26.88 29.43
C ALA A 38 -17.63 -27.72 30.68
N THR A 39 -18.68 -28.54 30.71
CA THR A 39 -18.87 -29.46 31.82
C THR A 39 -17.68 -30.38 31.99
N ILE A 40 -17.21 -30.97 30.90
CA ILE A 40 -16.06 -31.88 30.99
C ILE A 40 -14.83 -31.12 31.44
N PHE A 41 -14.65 -29.88 31.00
CA PHE A 41 -13.48 -29.12 31.40
C PHE A 41 -13.42 -28.92 32.91
N PHE A 42 -14.54 -28.50 33.51
CA PHE A 42 -14.53 -28.26 34.95
C PHE A 42 -14.39 -29.56 35.72
N PHE A 43 -15.09 -30.62 35.31
CA PHE A 43 -14.89 -31.90 35.97
C PHE A 43 -13.44 -32.32 35.90
N LEU A 44 -12.76 -32.04 34.79
CA LEU A 44 -11.40 -32.53 34.63
C LEU A 44 -10.46 -31.80 35.56
N PHE A 45 -10.67 -30.51 35.76
CA PHE A 45 -9.94 -29.80 36.82
C PHE A 45 -10.04 -30.57 38.15
N VAL A 46 -11.25 -30.94 38.53
CA VAL A 46 -11.43 -31.61 39.82
C VAL A 46 -10.84 -33.03 39.82
N HIS A 47 -11.03 -33.79 38.74
CA HIS A 47 -10.47 -35.15 38.67
C HIS A 47 -8.97 -35.10 38.85
N VAL A 48 -8.31 -34.15 38.20
CA VAL A 48 -6.86 -34.13 38.25
C VAL A 48 -6.38 -33.77 39.65
N LEU A 49 -7.08 -32.88 40.34
CA LEU A 49 -6.68 -32.63 41.73
C LEU A 49 -6.82 -33.88 42.60
N ASP A 50 -8.02 -34.45 42.65
CA ASP A 50 -8.24 -35.58 43.54
C ASP A 50 -7.39 -36.79 43.18
N THR A 51 -6.92 -36.86 41.94
CA THR A 51 -5.97 -37.91 41.58
C THR A 51 -4.56 -37.55 41.98
N ALA A 52 -4.20 -36.27 41.94
CA ALA A 52 -2.94 -35.83 42.50
C ALA A 52 -2.81 -36.25 43.95
N LEU A 53 -3.94 -36.47 44.61
CA LEU A 53 -3.91 -36.96 45.98
C LEU A 53 -3.30 -38.35 46.13
N VAL A 54 -2.83 -38.94 45.03
CA VAL A 54 -2.27 -40.29 45.09
C VAL A 54 -0.79 -40.25 45.43
N ARG A 55 -0.19 -39.06 45.48
CA ARG A 55 1.20 -38.87 45.80
C ARG A 55 1.43 -38.46 47.25
N VAL A 56 0.38 -38.45 48.07
CA VAL A 56 0.53 -38.14 49.48
C VAL A 56 0.42 -39.39 50.35
N SER A 57 -0.50 -40.30 50.04
CA SER A 57 -0.67 -41.52 50.79
C SER A 57 -1.72 -42.41 50.13
N PRO A 58 -1.71 -43.71 50.42
CA PRO A 58 -2.85 -44.55 50.00
C PRO A 58 -4.13 -44.20 50.72
N GLN A 59 -4.06 -43.85 52.00
CA GLN A 59 -5.27 -43.69 52.80
C GLN A 59 -6.05 -42.45 52.41
N ALA A 60 -5.37 -41.36 52.07
CA ALA A 60 -6.09 -40.16 51.64
C ALA A 60 -6.84 -40.39 50.33
N TYR A 61 -6.18 -41.03 49.38
CA TYR A 61 -6.84 -41.36 48.12
C TYR A 61 -8.03 -42.27 48.37
N ASN A 62 -7.82 -43.32 49.16
CA ASN A 62 -8.92 -44.23 49.45
C ASN A 62 -10.08 -43.50 50.09
N GLU A 63 -9.81 -42.57 51.00
CA GLU A 63 -10.88 -41.80 51.63
C GLU A 63 -11.70 -41.06 50.60
N VAL A 64 -11.05 -40.21 49.80
CA VAL A 64 -11.83 -39.33 48.93
C VAL A 64 -12.58 -40.14 47.87
N ILE A 65 -12.00 -41.24 47.39
CA ILE A 65 -12.74 -41.98 46.40
C ILE A 65 -13.85 -42.81 47.04
N GLU A 66 -13.69 -43.24 48.29
CA GLU A 66 -14.81 -43.88 48.97
C GLU A 66 -15.96 -42.90 49.12
N THR A 67 -15.64 -41.61 49.22
CA THR A 67 -16.73 -40.63 49.22
C THR A 67 -17.21 -40.35 47.80
N TYR A 68 -16.48 -40.79 46.79
CA TYR A 68 -17.00 -40.72 45.43
C TYR A 68 -17.75 -41.98 44.98
N LYS A 69 -18.20 -42.83 45.91
CA LYS A 69 -18.94 -44.04 45.59
C LYS A 69 -20.29 -44.06 46.26
N THR A 70 -21.00 -42.94 46.22
CA THR A 70 -22.32 -42.79 46.80
C THR A 70 -23.38 -42.79 45.68
N PRO A 71 -24.66 -42.88 46.03
CA PRO A 71 -25.69 -42.86 44.97
C PRO A 71 -25.82 -41.51 44.28
N ILE A 72 -25.65 -40.41 45.01
CA ILE A 72 -25.69 -39.10 44.36
C ILE A 72 -24.58 -38.99 43.33
N VAL A 73 -23.36 -39.34 43.71
CA VAL A 73 -22.27 -39.28 42.76
C VAL A 73 -22.39 -40.35 41.69
N GLY A 74 -23.15 -41.41 41.93
CA GLY A 74 -23.46 -42.34 40.85
C GLY A 74 -24.34 -41.72 39.79
N LEU A 75 -25.38 -41.02 40.22
CA LEU A 75 -26.20 -40.28 39.26
C LEU A 75 -25.36 -39.24 38.52
N MET A 76 -24.45 -38.58 39.24
CA MET A 76 -23.58 -37.60 38.59
C MET A 76 -22.66 -38.26 37.57
N GLU A 77 -22.17 -39.46 37.86
CA GLU A 77 -21.33 -40.15 36.89
C GLU A 77 -22.12 -40.58 35.66
N ILE A 78 -23.39 -40.91 35.83
CA ILE A 78 -24.23 -41.16 34.67
C ILE A 78 -24.37 -39.89 33.82
N GLY A 79 -24.58 -38.75 34.48
CA GLY A 79 -24.65 -37.50 33.76
C GLY A 79 -23.36 -37.16 33.02
N LEU A 80 -22.22 -37.51 33.63
CA LEU A 80 -20.94 -37.25 32.99
C LEU A 80 -20.69 -38.19 31.81
N VAL A 81 -21.15 -39.44 31.92
CA VAL A 81 -21.14 -40.33 30.77
C VAL A 81 -21.93 -39.74 29.63
N ALA A 82 -23.12 -39.20 29.92
CA ALA A 82 -23.93 -38.59 28.89
C ALA A 82 -23.23 -37.41 28.24
N ALA A 83 -22.63 -36.54 29.06
CA ALA A 83 -21.90 -35.40 28.53
C ALA A 83 -20.77 -35.83 27.60
N VAL A 84 -19.92 -36.75 28.05
CA VAL A 84 -18.77 -37.15 27.25
C VAL A 84 -19.23 -37.83 25.98
N LEU A 85 -20.27 -38.66 26.06
CA LEU A 85 -20.74 -39.38 24.88
C LEU A 85 -21.30 -38.42 23.83
N PHE A 86 -22.16 -37.49 24.23
CA PHE A 86 -22.70 -36.57 23.25
C PHE A 86 -21.60 -35.69 22.68
N HIS A 87 -20.69 -35.21 23.50
CA HIS A 87 -19.62 -34.38 22.98
C HIS A 87 -18.80 -35.13 21.95
N ALA A 88 -18.45 -36.38 22.23
CA ALA A 88 -17.65 -37.16 21.29
C ALA A 88 -18.39 -37.38 19.98
N LEU A 89 -19.66 -37.76 20.04
CA LEU A 89 -20.40 -38.04 18.81
C LEU A 89 -20.61 -36.78 17.97
N ASN A 90 -21.08 -35.71 18.59
CA ASN A 90 -21.27 -34.50 17.82
C ASN A 90 -19.95 -33.92 17.34
N GLY A 91 -18.86 -34.19 18.03
CA GLY A 91 -17.57 -33.75 17.54
C GLY A 91 -17.13 -34.53 16.34
N ILE A 92 -17.48 -35.82 16.28
CA ILE A 92 -17.24 -36.58 15.05
C ILE A 92 -18.02 -35.99 13.90
N ARG A 93 -19.28 -35.62 14.14
CA ARG A 93 -20.08 -34.96 13.12
C ARG A 93 -19.43 -33.66 12.64
N VAL A 94 -18.99 -32.83 13.58
CA VAL A 94 -18.36 -31.56 13.22
C VAL A 94 -17.10 -31.78 12.42
N ILE A 95 -16.27 -32.76 12.81
CA ILE A 95 -15.05 -33.04 12.08
C ILE A 95 -15.35 -33.50 10.66
N LEU A 96 -16.37 -34.34 10.51
CA LEU A 96 -16.75 -34.78 9.17
C LEU A 96 -17.25 -33.63 8.32
N ILE A 97 -18.07 -32.76 8.89
CA ILE A 97 -18.52 -31.59 8.15
C ILE A 97 -17.33 -30.78 7.66
N ASP A 98 -16.31 -30.64 8.49
CA ASP A 98 -15.20 -29.78 8.10
C ASP A 98 -14.26 -30.43 7.10
N PHE A 99 -14.06 -31.74 7.17
CA PHE A 99 -13.11 -32.42 6.29
C PHE A 99 -13.75 -33.03 5.07
N TRP A 100 -14.78 -33.85 5.25
CA TRP A 100 -15.45 -34.49 4.13
C TRP A 100 -16.14 -33.45 3.26
N ALA A 101 -15.82 -33.44 1.97
CA ALA A 101 -16.31 -32.41 1.07
C ALA A 101 -17.81 -32.49 0.80
N LYS A 102 -18.46 -33.60 1.13
CA LYS A 102 -19.91 -33.68 1.08
C LYS A 102 -20.52 -33.62 2.47
N GLY A 103 -19.81 -33.03 3.42
CA GLY A 103 -20.26 -32.95 4.78
C GLY A 103 -21.50 -32.11 4.97
N PRO A 104 -21.46 -30.85 4.54
CA PRO A 104 -22.61 -29.96 4.74
C PRO A 104 -23.89 -30.43 4.11
N ARG A 105 -23.85 -31.25 3.07
CA ARG A 105 -25.08 -31.82 2.55
C ARG A 105 -25.74 -32.73 3.55
N TYR A 106 -24.94 -33.63 4.14
CA TYR A 106 -25.45 -34.73 4.94
C TYR A 106 -25.48 -34.44 6.42
N GLN A 107 -25.04 -33.26 6.84
CA GLN A 107 -25.51 -32.73 8.10
C GLN A 107 -27.02 -32.91 8.16
N ARG A 108 -27.55 -33.12 9.36
CA ARG A 108 -28.96 -33.34 9.64
C ARG A 108 -29.37 -34.77 9.30
N GLN A 109 -28.52 -35.54 8.63
CA GLN A 109 -28.60 -36.99 8.65
C GLN A 109 -27.56 -37.58 9.58
N MET A 110 -26.37 -36.97 9.65
CA MET A 110 -25.43 -37.29 10.71
C MET A 110 -26.04 -37.03 12.07
N LEU A 111 -26.90 -36.02 12.19
CA LEU A 111 -27.49 -35.69 13.48
C LEU A 111 -28.48 -36.74 13.92
N ALA A 112 -29.27 -37.28 12.99
CA ALA A 112 -30.14 -38.41 13.31
C ALA A 112 -29.33 -39.66 13.65
N VAL A 113 -28.27 -39.91 12.89
CA VAL A 113 -27.42 -41.06 13.17
C VAL A 113 -26.87 -40.98 14.58
N ILE A 114 -26.34 -39.83 14.98
CA ILE A 114 -25.74 -39.74 16.31
C ILE A 114 -26.79 -39.68 17.40
N ALA A 115 -28.00 -39.22 17.11
CA ALA A 115 -29.08 -39.38 18.09
C ALA A 115 -29.34 -40.86 18.37
N GLY A 116 -29.43 -41.67 17.31
CA GLY A 116 -29.64 -43.09 17.51
C GLY A 116 -28.49 -43.76 18.25
N LEU A 117 -27.25 -43.42 17.87
CA LEU A 117 -26.08 -43.99 18.50
C LEU A 117 -26.03 -43.62 19.98
N PHE A 118 -26.26 -42.35 20.29
CA PHE A 118 -26.32 -41.93 21.68
C PHE A 118 -27.36 -42.73 22.44
N LEU A 119 -28.54 -42.90 21.86
CA LEU A 119 -29.59 -43.67 22.55
C LEU A 119 -29.10 -45.07 22.91
N VAL A 120 -28.60 -45.80 21.92
CA VAL A 120 -28.24 -47.21 22.21
C VAL A 120 -27.07 -47.29 23.17
N ILE A 121 -25.98 -46.56 22.92
CA ILE A 121 -24.82 -46.65 23.79
C ILE A 121 -25.15 -46.16 25.18
N PHE A 122 -25.97 -45.13 25.29
CA PHE A 122 -26.26 -44.57 26.61
C PHE A 122 -27.16 -45.49 27.42
N ILE A 123 -28.17 -46.12 26.80
CA ILE A 123 -29.01 -47.00 27.60
C ILE A 123 -28.25 -48.27 27.97
N ALA A 124 -27.36 -48.74 27.10
CA ALA A 124 -26.52 -49.88 27.48
C ALA A 124 -25.61 -49.53 28.65
N ALA A 125 -24.94 -48.38 28.56
CA ALA A 125 -24.02 -47.98 29.63
C ALA A 125 -24.76 -47.74 30.94
N VAL A 126 -25.92 -47.10 30.88
CA VAL A 126 -26.67 -46.83 32.09
C VAL A 126 -27.21 -48.12 32.67
N GLY A 127 -27.48 -49.12 31.83
CA GLY A 127 -27.91 -50.41 32.35
C GLY A 127 -26.80 -51.12 33.10
N VAL A 128 -25.60 -51.13 32.51
CA VAL A 128 -24.45 -51.75 33.17
C VAL A 128 -24.14 -51.03 34.48
N ILE A 129 -24.08 -49.71 34.44
CA ILE A 129 -23.76 -48.92 35.63
C ILE A 129 -24.85 -49.08 36.70
N GLY A 130 -26.11 -49.18 36.27
CA GLY A 130 -27.17 -49.38 37.23
C GLY A 130 -27.12 -50.75 37.88
N MET A 131 -26.71 -51.76 37.12
CA MET A 131 -26.49 -53.06 37.73
C MET A 131 -25.38 -53.00 38.77
N HIS A 132 -24.26 -52.36 38.44
CA HIS A 132 -23.18 -52.20 39.40
C HIS A 132 -23.66 -51.47 40.65
N MET A 133 -24.50 -50.45 40.48
CA MET A 133 -24.94 -49.67 41.64
C MET A 133 -26.00 -50.41 42.44
N VAL A 134 -26.75 -51.30 41.81
CA VAL A 134 -27.68 -52.14 42.54
C VAL A 134 -26.93 -53.16 43.38
N GLU A 135 -25.96 -53.85 42.79
CA GLU A 135 -25.28 -54.91 43.51
C GLU A 135 -24.37 -54.34 44.59
N ARG A 136 -24.94 -53.57 45.50
CA ARG A 136 -24.18 -52.90 46.55
C ARG A 136 -25.15 -52.17 47.49
N LEU B 11 -32.86 23.35 17.76
CA LEU B 11 -31.89 22.48 18.43
C LEU B 11 -31.66 21.20 17.63
N GLY B 12 -30.46 20.64 17.73
CA GLY B 12 -30.09 19.45 17.00
C GLY B 12 -30.02 18.22 17.88
N ARG B 13 -29.57 17.12 17.27
CA ARG B 13 -29.43 15.85 17.96
C ARG B 13 -28.01 15.68 18.47
N PRO B 14 -27.81 15.43 19.76
CA PRO B 14 -26.44 15.27 20.28
C PRO B 14 -25.70 14.14 19.58
N ALA B 15 -24.39 14.34 19.41
CA ALA B 15 -23.58 13.39 18.68
C ALA B 15 -23.40 12.11 19.47
N PRO B 16 -23.31 10.97 18.78
CA PRO B 16 -23.08 9.70 19.48
C PRO B 16 -21.62 9.55 19.90
N VAL B 17 -21.42 9.07 21.12
CA VAL B 17 -20.08 8.81 21.63
C VAL B 17 -19.57 7.51 21.02
N MET B 18 -18.36 7.55 20.48
CA MET B 18 -17.77 6.37 19.85
C MET B 18 -16.85 5.59 20.77
N GLU B 19 -16.59 6.10 21.97
CA GLU B 19 -15.63 5.48 22.90
C GLU B 19 -16.32 4.35 23.64
N ARG B 20 -15.91 3.11 23.36
CA ARG B 20 -16.45 1.95 24.06
C ARG B 20 -15.98 1.93 25.50
N GLU B 21 -14.68 1.81 25.71
CA GLU B 21 -14.06 1.87 27.02
C GLU B 21 -12.80 2.70 26.91
N HIS B 22 -12.18 2.97 28.06
CA HIS B 22 -11.04 3.89 28.08
C HIS B 22 -9.86 3.34 27.30
N ASP B 23 -9.64 2.04 27.35
CA ASP B 23 -8.48 1.41 26.73
C ASP B 23 -8.69 1.13 25.25
N ARG B 24 -9.85 1.45 24.70
CA ARG B 24 -10.19 1.09 23.33
C ARG B 24 -10.15 2.33 22.44
N PRO B 25 -9.23 2.41 21.49
CA PRO B 25 -9.30 3.49 20.49
C PRO B 25 -10.56 3.37 19.67
N ALA B 26 -11.39 4.42 19.71
CA ALA B 26 -12.62 4.42 18.91
C ALA B 26 -12.31 4.26 17.44
N ALA B 27 -11.22 4.86 16.97
CA ALA B 27 -10.81 4.75 15.58
C ALA B 27 -10.53 3.31 15.17
N LEU B 28 -10.53 2.37 16.10
CA LEU B 28 -10.37 0.96 15.76
C LEU B 28 -11.64 0.38 15.17
N ASP B 29 -12.81 0.84 15.62
CA ASP B 29 -14.09 0.42 15.06
C ASP B 29 -14.70 1.50 14.18
N HIS B 30 -13.87 2.26 13.49
CA HIS B 30 -14.36 3.22 12.52
C HIS B 30 -15.08 2.49 11.40
N PRO B 31 -16.17 3.04 10.87
CA PRO B 31 -16.89 2.35 9.79
C PRO B 31 -16.04 2.10 8.55
N ARG B 32 -15.29 3.11 8.11
CA ARG B 32 -14.51 3.03 6.88
C ARG B 32 -13.08 2.55 7.13
N ALA B 33 -12.77 2.10 8.32
CA ALA B 33 -11.41 1.67 8.64
C ALA B 33 -11.15 0.28 8.07
N PRO B 34 -9.95 0.04 7.53
CA PRO B 34 -9.65 -1.28 6.98
C PRO B 34 -9.54 -2.34 8.06
N ARG B 35 -10.23 -3.45 7.86
CA ARG B 35 -10.16 -4.58 8.78
C ARG B 35 -8.92 -5.40 8.45
N LYS B 36 -7.95 -5.40 9.36
CA LYS B 36 -6.74 -6.18 9.16
C LYS B 36 -6.48 -7.07 10.37
N PRO B 37 -5.78 -8.20 10.17
CA PRO B 37 -5.68 -9.22 11.23
C PRO B 37 -5.06 -8.67 12.51
N ARG B 38 -5.65 -9.09 13.64
CA ARG B 38 -5.31 -8.58 14.96
C ARG B 38 -4.71 -9.66 15.85
N GLY B 39 -3.78 -10.44 15.31
CA GLY B 39 -3.13 -11.45 16.12
C GLY B 39 -1.94 -12.04 15.41
N ILE B 40 -1.45 -13.15 15.95
CA ILE B 40 -0.37 -13.90 15.32
C ILE B 40 -0.90 -14.53 14.04
N PRO B 41 -0.21 -14.37 12.91
CA PRO B 41 -0.74 -14.95 11.67
C PRO B 41 -0.67 -16.47 11.70
N TYR B 42 -1.71 -17.10 11.16
CA TYR B 42 -1.83 -18.55 11.09
C TYR B 42 -1.88 -19.21 12.45
N PHE B 43 -2.28 -18.49 13.50
CA PHE B 43 -2.50 -19.17 14.76
C PHE B 43 -3.90 -19.76 14.82
N GLU B 44 -4.88 -19.08 14.25
CA GLU B 44 -6.25 -19.58 14.27
C GLU B 44 -6.41 -20.81 13.39
N LYS B 45 -5.72 -20.83 12.26
CA LYS B 45 -5.76 -21.99 11.40
C LYS B 45 -5.31 -23.24 12.15
N TYR B 46 -4.25 -23.10 12.93
CA TYR B 46 -3.67 -24.25 13.59
C TYR B 46 -4.37 -24.60 14.88
N ALA B 47 -4.98 -23.63 15.57
CA ALA B 47 -5.85 -23.98 16.68
C ALA B 47 -7.09 -24.72 16.20
N TRP B 48 -7.65 -24.30 15.07
CA TRP B 48 -8.77 -25.01 14.45
C TRP B 48 -8.38 -26.45 14.10
N LEU B 49 -7.26 -26.61 13.40
CA LEU B 49 -6.81 -27.94 13.04
C LEU B 49 -6.49 -28.79 14.26
N PHE B 50 -5.96 -28.18 15.31
CA PHE B 50 -5.68 -28.92 16.52
C PHE B 50 -6.94 -29.44 17.17
N MET B 51 -7.99 -28.61 17.23
CA MET B 51 -9.23 -29.11 17.81
C MET B 51 -9.74 -30.32 17.04
N ARG B 52 -9.63 -30.28 15.71
CA ARG B 52 -10.09 -31.43 14.93
C ARG B 52 -9.26 -32.69 15.21
N PHE B 53 -7.94 -32.57 15.11
CA PHE B 53 -7.09 -33.75 15.28
C PHE B 53 -7.13 -34.29 16.70
N SER B 54 -7.00 -33.41 17.69
CA SER B 54 -7.06 -33.86 19.08
C SER B 54 -8.43 -34.41 19.43
N GLY B 55 -9.49 -33.97 18.76
CA GLY B 55 -10.75 -34.65 18.94
C GLY B 55 -10.73 -36.07 18.42
N ILE B 56 -10.12 -36.25 17.24
CA ILE B 56 -10.03 -37.61 16.70
C ILE B 56 -9.29 -38.53 17.65
N ALA B 57 -8.22 -38.04 18.27
CA ALA B 57 -7.47 -38.88 19.21
C ALA B 57 -8.23 -39.06 20.51
N LEU B 58 -8.93 -38.03 20.97
CA LEU B 58 -9.62 -38.07 22.24
C LEU B 58 -10.83 -38.97 22.20
N VAL B 59 -11.41 -39.22 21.04
CA VAL B 59 -12.47 -40.23 20.97
C VAL B 59 -11.99 -41.51 21.63
N PHE B 60 -10.92 -42.08 21.10
CA PHE B 60 -10.37 -43.32 21.62
C PHE B 60 -9.89 -43.16 23.06
N LEU B 61 -9.06 -42.15 23.32
CA LEU B 61 -8.49 -42.02 24.67
C LEU B 61 -9.58 -41.87 25.72
N ALA B 62 -10.47 -40.90 25.56
CA ALA B 62 -11.44 -40.58 26.59
C ALA B 62 -12.51 -41.66 26.72
N LEU B 63 -12.99 -42.20 25.59
CA LEU B 63 -14.03 -43.21 25.72
C LEU B 63 -13.47 -44.54 26.22
N GLY B 64 -12.24 -44.89 25.87
CA GLY B 64 -11.64 -46.08 26.45
C GLY B 64 -11.39 -45.93 27.93
N HIS B 65 -10.95 -44.74 28.36
CA HIS B 65 -10.82 -44.47 29.78
C HIS B 65 -12.15 -44.67 30.49
N LEU B 66 -13.21 -44.06 29.98
CA LEU B 66 -14.51 -44.15 30.63
C LEU B 66 -15.01 -45.59 30.67
N PHE B 67 -14.86 -46.32 29.56
CA PHE B 67 -15.28 -47.71 29.53
C PHE B 67 -14.55 -48.53 30.59
N ILE B 68 -13.21 -48.49 30.58
CA ILE B 68 -12.45 -49.32 31.49
C ILE B 68 -12.72 -48.93 32.93
N MET B 69 -13.05 -47.68 33.20
CA MET B 69 -13.28 -47.27 34.58
C MET B 69 -14.65 -47.69 35.07
N LEU B 70 -15.69 -47.39 34.29
CA LEU B 70 -17.04 -47.51 34.80
C LEU B 70 -17.69 -48.85 34.49
N MET B 71 -17.28 -49.54 33.45
CA MET B 71 -18.09 -50.63 32.94
C MET B 71 -17.39 -51.98 32.91
N TRP B 72 -16.11 -52.06 33.25
CA TRP B 72 -15.40 -53.30 32.93
C TRP B 72 -15.69 -54.43 33.91
N GLN B 73 -15.33 -54.26 35.19
CA GLN B 73 -15.50 -55.36 36.12
C GLN B 73 -16.48 -55.03 37.23
N ASP B 74 -16.20 -54.00 38.00
CA ASP B 74 -17.09 -53.57 39.06
C ASP B 74 -17.19 -52.06 39.09
N GLY B 75 -16.83 -51.40 38.00
CA GLY B 75 -16.87 -49.97 37.90
C GLY B 75 -16.16 -49.33 39.07
N VAL B 76 -16.63 -48.15 39.44
CA VAL B 76 -15.96 -47.42 40.51
C VAL B 76 -15.85 -48.25 41.77
N TYR B 77 -16.70 -49.26 41.94
CA TYR B 77 -16.69 -49.99 43.19
C TYR B 77 -15.53 -50.95 43.30
N ARG B 78 -14.57 -50.89 42.38
CA ARG B 78 -13.33 -51.60 42.52
C ARG B 78 -12.13 -50.67 42.66
N ILE B 79 -12.33 -49.36 42.54
CA ILE B 79 -11.22 -48.44 42.38
C ILE B 79 -10.65 -48.08 43.73
N ASP B 80 -9.33 -48.16 43.86
CA ASP B 80 -8.62 -47.68 45.04
C ASP B 80 -7.14 -47.53 44.68
N PHE B 81 -6.31 -47.29 45.71
CA PHE B 81 -4.91 -47.03 45.45
C PHE B 81 -4.22 -48.23 44.82
N ASN B 82 -4.54 -49.44 45.28
CA ASN B 82 -3.88 -50.60 44.72
C ASN B 82 -4.26 -50.82 43.28
N TYR B 83 -5.51 -50.51 42.91
CA TYR B 83 -5.92 -50.58 41.53
C TYR B 83 -5.13 -49.59 40.67
N VAL B 84 -5.01 -48.35 41.13
CA VAL B 84 -4.23 -47.35 40.40
C VAL B 84 -2.78 -47.78 40.27
N ALA B 85 -2.22 -48.35 41.34
CA ALA B 85 -0.82 -48.73 41.34
C ALA B 85 -0.55 -49.92 40.44
N GLU B 86 -1.53 -50.80 40.28
CA GLU B 86 -1.38 -51.89 39.33
C GLU B 86 -1.51 -51.42 37.89
N ARG B 87 -2.39 -50.45 37.64
CA ARG B 87 -2.54 -49.96 36.27
C ARG B 87 -1.33 -49.15 35.85
N TRP B 88 -0.80 -48.32 36.72
CA TRP B 88 0.33 -47.47 36.34
C TRP B 88 1.66 -48.17 36.42
N ALA B 89 1.68 -49.48 36.61
CA ALA B 89 2.90 -50.26 36.50
C ALA B 89 3.13 -50.74 35.10
N SER B 90 2.37 -50.24 34.13
CA SER B 90 2.39 -50.68 32.76
C SER B 90 2.66 -49.49 31.85
N PRO B 91 3.61 -49.59 30.94
CA PRO B 91 3.86 -48.46 30.02
C PRO B 91 2.63 -48.09 29.21
N PHE B 92 1.79 -49.07 28.86
CA PHE B 92 0.60 -48.78 28.09
C PHE B 92 -0.27 -47.76 28.79
N TRP B 93 -0.63 -48.03 30.04
CA TRP B 93 -1.53 -47.15 30.76
C TRP B 93 -0.85 -45.86 31.18
N GLN B 94 0.45 -45.89 31.45
CA GLN B 94 1.14 -44.64 31.73
C GLN B 94 1.08 -43.69 30.55
N ILE B 95 1.43 -44.17 29.35
CA ILE B 95 1.40 -43.31 28.18
C ILE B 95 -0.03 -42.92 27.82
N TRP B 96 -0.97 -43.83 28.00
CA TRP B 96 -2.37 -43.52 27.73
C TRP B 96 -2.84 -42.35 28.58
N ASP B 97 -2.55 -42.38 29.89
CA ASP B 97 -3.00 -41.31 30.76
C ASP B 97 -2.24 -40.01 30.53
N MET B 98 -0.97 -40.08 30.16
CA MET B 98 -0.26 -38.84 29.85
C MET B 98 -0.81 -38.18 28.60
N ALA B 99 -1.04 -38.97 27.54
CA ALA B 99 -1.65 -38.42 26.33
C ALA B 99 -3.04 -37.90 26.61
N LEU B 100 -3.82 -38.62 27.41
CA LEU B 100 -5.15 -38.14 27.77
C LEU B 100 -5.09 -36.80 28.47
N LEU B 101 -4.21 -36.66 29.47
CA LEU B 101 -4.08 -35.40 30.19
C LEU B 101 -3.72 -34.27 29.25
N TRP B 102 -2.68 -34.45 28.45
CA TRP B 102 -2.20 -33.34 27.63
C TRP B 102 -3.19 -32.97 26.54
N LEU B 103 -3.68 -33.96 25.78
CA LEU B 103 -4.65 -33.67 24.73
C LEU B 103 -5.92 -33.07 25.31
N ALA B 104 -6.44 -33.62 26.39
CA ALA B 104 -7.69 -33.13 26.94
C ALA B 104 -7.55 -31.73 27.48
N MET B 105 -6.45 -31.42 28.16
CA MET B 105 -6.32 -30.07 28.71
C MET B 105 -6.10 -29.05 27.62
N ILE B 106 -5.31 -29.35 26.59
CA ILE B 106 -5.13 -28.36 25.54
C ILE B 106 -6.42 -28.18 24.73
N HIS B 107 -7.13 -29.27 24.45
CA HIS B 107 -8.43 -29.20 23.80
C HIS B 107 -9.41 -28.33 24.58
N GLY B 108 -9.62 -28.65 25.85
CA GLY B 108 -10.54 -27.87 26.64
C GLY B 108 -10.12 -26.43 26.81
N ALA B 109 -8.82 -26.17 26.94
CA ALA B 109 -8.36 -24.80 27.14
C ALA B 109 -8.56 -23.97 25.89
N ASN B 110 -8.35 -24.56 24.71
CA ASN B 110 -8.62 -23.83 23.48
C ASN B 110 -10.11 -23.61 23.27
N GLY B 111 -10.93 -24.59 23.65
CA GLY B 111 -12.36 -24.38 23.59
C GLY B 111 -12.84 -23.26 24.50
N MET B 112 -12.32 -23.20 25.72
CA MET B 112 -12.72 -22.14 26.63
C MET B 112 -12.12 -20.81 26.23
N ARG B 113 -11.00 -20.82 25.51
CA ARG B 113 -10.52 -19.61 24.86
C ARG B 113 -11.58 -19.05 23.92
N THR B 114 -12.13 -19.91 23.07
CA THR B 114 -13.20 -19.47 22.18
C THR B 114 -14.41 -18.95 22.96
N ILE B 115 -14.83 -19.68 23.98
CA ILE B 115 -16.02 -19.33 24.75
C ILE B 115 -15.84 -17.96 25.40
N ILE B 116 -14.70 -17.74 26.06
CA ILE B 116 -14.42 -16.43 26.66
C ILE B 116 -14.44 -15.36 25.58
N GLY B 117 -13.77 -15.62 24.46
CA GLY B 117 -13.66 -14.63 23.42
C GLY B 117 -15.00 -14.16 22.90
N ASP B 118 -16.01 -15.02 22.91
CA ASP B 118 -17.29 -14.55 22.42
C ASP B 118 -18.36 -14.34 23.49
N TYR B 119 -18.04 -14.48 24.77
CA TYR B 119 -18.97 -14.03 25.80
C TYR B 119 -18.50 -12.80 26.58
N ALA B 120 -17.21 -12.48 26.54
CA ALA B 120 -16.70 -11.33 27.28
C ALA B 120 -16.92 -10.06 26.49
N ARG B 121 -17.55 -9.06 27.12
CA ARG B 121 -17.93 -7.84 26.42
C ARG B 121 -16.79 -6.83 26.36
N LYS B 122 -15.99 -6.74 27.41
CA LYS B 122 -14.91 -5.79 27.47
C LYS B 122 -13.57 -6.48 27.25
N ASN B 123 -12.63 -5.73 26.66
CA ASN B 123 -11.32 -6.30 26.37
C ASN B 123 -10.52 -6.54 27.63
N VAL B 124 -10.78 -5.77 28.69
CA VAL B 124 -10.11 -6.03 29.95
C VAL B 124 -10.60 -7.33 30.56
N THR B 125 -11.92 -7.56 30.54
CA THR B 125 -12.45 -8.82 31.01
C THR B 125 -11.90 -9.98 30.21
N LYS B 126 -11.83 -9.82 28.89
CA LYS B 126 -11.27 -10.88 28.06
C LYS B 126 -9.82 -11.17 28.42
N PHE B 127 -9.02 -10.11 28.63
CA PHE B 127 -7.62 -10.31 28.99
C PHE B 127 -7.48 -11.06 30.30
N TRP B 128 -8.21 -10.64 31.32
CA TRP B 128 -8.03 -11.26 32.63
C TRP B 128 -8.64 -12.65 32.71
N LEU B 129 -9.69 -12.92 31.94
CA LEU B 129 -10.23 -14.28 31.93
C LEU B 129 -9.32 -15.23 31.15
N ASN B 130 -8.69 -14.75 30.07
CA ASN B 130 -7.71 -15.58 29.39
C ASN B 130 -6.49 -15.83 30.27
N SER B 131 -6.11 -14.87 31.10
CA SER B 131 -5.00 -15.09 32.02
C SER B 131 -5.36 -16.11 33.10
N LEU B 132 -6.55 -16.00 33.66
CA LEU B 132 -7.01 -17.02 34.62
C LEU B 132 -7.08 -18.40 33.97
N LEU B 133 -7.55 -18.47 32.73
CA LEU B 133 -7.63 -19.75 32.04
C LEU B 133 -6.26 -20.35 31.83
N LEU B 134 -5.31 -19.55 31.34
CA LEU B 134 -3.96 -20.05 31.13
C LEU B 134 -3.33 -20.49 32.44
N LEU B 135 -3.58 -19.77 33.52
CA LEU B 135 -3.06 -20.15 34.82
C LEU B 135 -3.62 -21.49 35.28
N ALA B 136 -4.94 -21.65 35.21
CA ALA B 136 -5.56 -22.89 35.67
C ALA B 136 -5.13 -24.08 34.82
N THR B 137 -5.05 -23.90 33.50
CA THR B 137 -4.59 -24.97 32.64
C THR B 137 -3.15 -25.34 32.91
N GLY B 138 -2.28 -24.36 33.10
CA GLY B 138 -0.90 -24.67 33.43
C GLY B 138 -0.78 -25.39 34.75
N PHE B 139 -1.57 -24.99 35.74
CA PHE B 139 -1.52 -25.66 37.03
C PHE B 139 -1.94 -27.11 36.91
N THR B 140 -3.04 -27.37 36.21
CA THR B 140 -3.50 -28.74 36.08
C THR B 140 -2.53 -29.58 35.27
N LEU B 141 -1.94 -29.03 34.23
CA LEU B 141 -0.98 -29.78 33.44
C LEU B 141 0.27 -30.12 34.24
N VAL B 142 0.82 -29.17 35.01
CA VAL B 142 2.03 -29.50 35.74
C VAL B 142 1.73 -30.44 36.89
N LEU B 143 0.56 -30.33 37.52
CA LEU B 143 0.24 -31.24 38.61
C LEU B 143 0.02 -32.66 38.10
N GLY B 144 -0.74 -32.81 37.01
CA GLY B 144 -0.94 -34.13 36.45
C GLY B 144 0.34 -34.75 35.95
N SER B 145 1.18 -33.95 35.27
CA SER B 145 2.45 -34.47 34.79
C SER B 145 3.35 -34.89 35.92
N TYR B 146 3.37 -34.12 37.01
CA TYR B 146 4.18 -34.49 38.16
C TYR B 146 3.72 -35.81 38.73
N VAL B 147 2.41 -35.96 38.95
CA VAL B 147 1.89 -37.19 39.54
C VAL B 147 2.19 -38.39 38.66
N LEU B 148 2.05 -38.25 37.35
CA LEU B 148 2.35 -39.37 36.46
C LEU B 148 3.83 -39.71 36.46
N VAL B 149 4.69 -38.70 36.32
CA VAL B 149 6.10 -38.99 36.15
C VAL B 149 6.71 -39.55 37.43
N THR B 150 6.37 -38.98 38.59
CA THR B 150 7.07 -39.29 39.83
C THR B 150 6.28 -40.19 40.74
N PHE B 151 5.54 -41.16 40.23
CA PHE B 151 4.69 -42.00 41.07
C PHE B 151 5.44 -43.26 41.47
N ASP B 152 5.29 -43.66 42.73
CA ASP B 152 5.89 -44.88 43.23
C ASP B 152 4.87 -45.62 44.09
N ALA B 153 4.64 -46.89 43.78
CA ALA B 153 3.64 -47.66 44.50
C ALA B 153 3.99 -47.80 45.97
N ASN B 154 5.25 -47.72 46.33
CA ASN B 154 5.69 -47.90 47.71
C ASN B 154 5.79 -46.59 48.45
N ILE B 155 4.71 -45.81 48.40
CA ILE B 155 4.71 -44.47 48.98
C ILE B 155 4.65 -44.52 50.50
N SER B 156 4.21 -45.64 51.07
CA SER B 156 4.16 -45.76 52.52
C SER B 156 4.65 -47.12 52.99
N MET C 1 -10.40 -32.72 55.66
CA MET C 1 -9.56 -33.11 54.54
C MET C 1 -10.45 -33.64 53.43
N VAL C 2 -11.19 -34.70 53.74
CA VAL C 2 -12.23 -35.15 52.83
C VAL C 2 -13.25 -34.04 52.63
N LEU C 3 -13.47 -33.24 53.67
CA LEU C 3 -14.37 -32.11 53.57
C LEU C 3 -13.92 -31.14 52.50
N PHE C 4 -12.62 -30.90 52.37
CA PHE C 4 -12.14 -30.03 51.31
C PHE C 4 -12.54 -30.53 49.94
N PHE C 5 -12.51 -31.85 49.73
CA PHE C 5 -12.78 -32.36 48.40
C PHE C 5 -14.27 -32.45 48.12
N GLU C 6 -15.11 -32.66 49.13
CA GLU C 6 -16.54 -32.57 48.86
C GLU C 6 -16.96 -31.12 48.64
N ILE C 7 -16.32 -30.17 49.34
CA ILE C 7 -16.53 -28.76 49.05
C ILE C 7 -16.14 -28.44 47.63
N LEU C 8 -15.00 -28.98 47.17
CA LEU C 8 -14.57 -28.80 45.80
C LEU C 8 -15.60 -29.38 44.83
N LEU C 9 -16.17 -30.53 45.16
CA LEU C 9 -17.16 -31.14 44.29
C LEU C 9 -18.40 -30.28 44.15
N VAL C 10 -18.91 -29.74 45.25
CA VAL C 10 -20.12 -28.93 45.13
C VAL C 10 -19.80 -27.62 44.42
N ALA C 11 -18.60 -27.08 44.63
CA ALA C 11 -18.22 -25.87 43.88
C ALA C 11 -18.15 -26.15 42.39
N ALA C 12 -17.61 -27.30 41.99
CA ALA C 12 -17.59 -27.65 40.58
C ALA C 12 -19.00 -27.77 40.03
N VAL C 13 -19.92 -28.36 40.79
CA VAL C 13 -21.28 -28.51 40.30
C VAL C 13 -21.96 -27.14 40.17
N LEU C 14 -21.69 -26.23 41.09
CA LEU C 14 -22.27 -24.89 40.96
C LEU C 14 -21.70 -24.15 39.75
N VAL C 15 -20.40 -24.27 39.50
CA VAL C 15 -19.83 -23.60 38.33
C VAL C 15 -20.39 -24.20 37.05
N ILE C 16 -20.58 -25.51 37.02
CA ILE C 16 -21.13 -26.18 35.84
C ILE C 16 -22.56 -25.68 35.58
N THR C 17 -23.39 -25.67 36.62
CA THR C 17 -24.77 -25.26 36.43
C THR C 17 -24.87 -23.79 36.05
N TRP C 18 -24.04 -22.94 36.68
CA TRP C 18 -24.03 -21.53 36.31
C TRP C 18 -23.67 -21.36 34.85
N PHE C 19 -22.66 -22.07 34.38
CA PHE C 19 -22.28 -21.89 32.99
C PHE C 19 -23.38 -22.35 32.05
N ALA C 20 -24.06 -23.44 32.38
CA ALA C 20 -25.16 -23.88 31.52
C ALA C 20 -26.23 -22.79 31.41
N VAL C 21 -26.68 -22.26 32.54
CA VAL C 21 -27.76 -21.28 32.47
C VAL C 21 -27.26 -19.98 31.85
N TYR C 22 -25.98 -19.65 32.03
CA TYR C 22 -25.47 -18.40 31.46
C TYR C 22 -25.32 -18.51 29.95
N ALA C 23 -24.91 -19.66 29.44
CA ALA C 23 -24.87 -19.85 28.00
C ALA C 23 -26.27 -19.73 27.40
N LEU C 24 -27.27 -20.36 28.03
CA LEU C 24 -28.62 -20.23 27.50
C LEU C 24 -29.12 -18.78 27.60
N TYR C 25 -28.78 -18.08 28.67
CA TYR C 25 -29.22 -16.71 28.84
C TYR C 25 -28.62 -15.80 27.79
N ARG C 26 -27.32 -15.92 27.54
CA ARG C 26 -26.70 -15.13 26.50
C ARG C 26 -27.22 -15.51 25.12
N LEU C 27 -27.70 -16.74 24.96
CA LEU C 27 -28.30 -17.11 23.69
C LEU C 27 -29.64 -16.41 23.48
N VAL C 28 -30.47 -16.34 24.52
CA VAL C 28 -31.82 -15.83 24.30
C VAL C 28 -31.97 -14.32 24.49
N THR C 29 -31.05 -13.64 25.15
CA THR C 29 -31.23 -12.22 25.36
C THR C 29 -30.73 -11.41 24.18
N ASP C 30 -31.51 -10.38 23.82
CA ASP C 30 -31.28 -9.61 22.61
C ASP C 30 -30.13 -8.63 22.74
N GLU C 31 -29.57 -8.50 23.94
CA GLU C 31 -28.47 -7.58 24.22
C GLU C 31 -28.88 -6.13 23.98
N ILE D 2 -32.01 22.37 7.74
CA ILE D 2 -31.66 22.47 6.34
C ILE D 2 -30.15 22.44 6.16
N GLN D 3 -29.65 21.42 5.50
CA GLN D 3 -28.22 21.30 5.33
C GLN D 3 -27.82 21.62 3.91
N GLU D 4 -26.54 21.89 3.71
CA GLU D 4 -26.04 22.39 2.43
C GLU D 4 -24.84 21.54 2.02
N HIS D 5 -24.85 21.07 0.78
CA HIS D 5 -23.72 20.34 0.23
C HIS D 5 -23.34 20.95 -1.10
N ARG D 6 -22.08 20.78 -1.48
CA ARG D 6 -21.55 21.34 -2.72
C ARG D 6 -20.84 20.23 -3.47
N TYR D 7 -21.40 19.81 -4.60
CA TYR D 7 -20.84 18.74 -5.40
C TYR D 7 -20.78 19.18 -6.85
N ASP D 8 -19.85 18.60 -7.60
CA ASP D 8 -19.79 18.89 -9.03
C ASP D 8 -20.97 18.26 -9.76
N VAL D 9 -21.12 16.95 -9.64
CA VAL D 9 -22.17 16.18 -10.31
C VAL D 9 -23.05 15.55 -9.25
N VAL D 10 -24.35 15.61 -9.46
CA VAL D 10 -25.32 14.98 -8.57
C VAL D 10 -26.20 14.08 -9.43
N ILE D 11 -26.19 12.79 -9.15
CA ILE D 11 -27.04 11.81 -9.83
C ILE D 11 -28.19 11.46 -8.91
N VAL D 12 -29.39 11.45 -9.43
CA VAL D 12 -30.58 11.20 -8.64
C VAL D 12 -31.12 9.84 -9.07
N GLY D 13 -30.77 8.80 -8.33
CA GLY D 13 -31.12 7.46 -8.74
C GLY D 13 -29.90 6.58 -8.77
N ALA D 14 -30.00 5.38 -8.24
CA ALA D 14 -28.89 4.45 -8.21
C ALA D 14 -29.31 3.10 -8.74
N GLY D 15 -30.01 3.10 -9.85
CA GLY D 15 -30.36 1.88 -10.54
C GLY D 15 -29.32 1.54 -11.57
N GLY D 16 -29.76 0.92 -12.65
CA GLY D 16 -28.86 0.63 -13.74
C GLY D 16 -28.26 1.87 -14.34
N ALA D 17 -29.10 2.77 -14.84
CA ALA D 17 -28.58 3.96 -15.50
C ALA D 17 -27.85 4.87 -14.53
N GLY D 18 -28.35 4.99 -13.30
CA GLY D 18 -27.72 5.86 -12.34
C GLY D 18 -26.35 5.37 -11.92
N MET D 19 -26.23 4.09 -11.62
CA MET D 19 -24.94 3.57 -11.22
C MET D 19 -23.97 3.43 -12.39
N ARG D 20 -24.48 3.30 -13.61
CA ARG D 20 -23.61 3.36 -14.79
C ARG D 20 -23.03 4.75 -14.96
N ALA D 21 -23.89 5.77 -14.94
CA ALA D 21 -23.41 7.14 -15.00
C ALA D 21 -22.48 7.47 -13.85
N ALA D 22 -22.69 6.87 -12.68
CA ALA D 22 -21.78 7.12 -11.57
C ALA D 22 -20.43 6.48 -11.78
N VAL D 23 -20.41 5.23 -12.27
CA VAL D 23 -19.15 4.59 -12.63
C VAL D 23 -18.35 5.49 -13.56
N GLU D 24 -19.03 6.12 -14.53
CA GLU D 24 -18.30 6.94 -15.49
C GLU D 24 -17.88 8.27 -14.89
N ALA D 25 -18.81 9.02 -14.32
CA ALA D 25 -18.53 10.37 -13.83
C ALA D 25 -17.93 10.40 -12.43
N GLY D 26 -17.53 9.26 -11.87
CA GLY D 26 -16.92 9.24 -10.57
C GLY D 26 -15.47 9.67 -10.57
N PRO D 27 -14.64 9.01 -11.37
CA PRO D 27 -13.24 9.44 -11.50
C PRO D 27 -13.09 10.90 -11.93
N ARG D 28 -13.87 11.34 -12.92
CA ARG D 28 -13.69 12.68 -13.45
C ARG D 28 -13.96 13.75 -12.39
N ALA D 29 -15.20 13.83 -11.92
CA ALA D 29 -15.65 14.93 -11.09
C ALA D 29 -15.90 14.47 -9.66
N ARG D 30 -16.42 15.38 -8.84
CA ARG D 30 -16.79 15.09 -7.46
C ARG D 30 -18.29 14.82 -7.44
N THR D 31 -18.65 13.55 -7.47
CA THR D 31 -20.01 13.12 -7.73
C THR D 31 -20.68 12.61 -6.46
N ALA D 32 -21.99 12.80 -6.38
CA ALA D 32 -22.82 12.20 -5.36
C ALA D 32 -23.98 11.47 -6.03
N VAL D 33 -24.50 10.44 -5.35
CA VAL D 33 -25.65 9.68 -5.84
C VAL D 33 -26.71 9.66 -4.75
N LEU D 34 -27.93 10.06 -5.09
CA LEU D 34 -29.05 10.04 -4.17
C LEU D 34 -29.96 8.89 -4.53
N THR D 35 -30.47 8.20 -3.53
CA THR D 35 -31.31 7.04 -3.77
C THR D 35 -32.44 7.07 -2.75
N LYS D 36 -33.65 6.72 -3.15
CA LYS D 36 -34.68 6.50 -2.14
C LYS D 36 -34.62 5.09 -1.58
N LEU D 37 -33.79 4.24 -2.14
CA LEU D 37 -33.61 2.87 -1.72
C LEU D 37 -32.13 2.66 -1.44
N TYR D 38 -31.76 1.43 -1.23
CA TYR D 38 -30.35 1.11 -1.33
C TYR D 38 -30.03 0.77 -2.78
N PRO D 39 -28.80 1.01 -3.23
CA PRO D 39 -28.52 0.87 -4.66
C PRO D 39 -28.98 -0.44 -5.26
N THR D 40 -28.87 -1.54 -4.54
CA THR D 40 -29.18 -2.85 -5.05
C THR D 40 -30.64 -3.26 -4.88
N ARG D 41 -31.47 -2.39 -4.34
CA ARG D 41 -32.88 -2.67 -4.18
C ARG D 41 -33.70 -2.20 -5.37
N SER D 42 -33.05 -1.84 -6.46
CA SER D 42 -33.67 -1.14 -7.57
C SER D 42 -34.30 -2.09 -8.56
N HIS D 43 -35.35 -1.59 -9.21
CA HIS D 43 -36.12 -2.35 -10.19
C HIS D 43 -35.27 -3.11 -11.19
N THR D 44 -34.13 -2.54 -11.58
CA THR D 44 -33.30 -3.22 -12.56
C THR D 44 -33.05 -4.66 -12.16
N GLY D 45 -32.82 -4.89 -10.86
CA GLY D 45 -32.59 -6.23 -10.38
C GLY D 45 -33.76 -7.17 -10.60
N ALA D 46 -34.91 -6.67 -10.97
CA ALA D 46 -36.05 -7.53 -11.24
C ALA D 46 -36.06 -8.06 -12.65
N ALA D 47 -35.05 -7.71 -13.45
CA ALA D 47 -34.99 -8.08 -14.85
C ALA D 47 -34.41 -9.48 -15.01
N GLN D 48 -35.11 -10.32 -15.75
CA GLN D 48 -34.70 -11.71 -15.97
C GLN D 48 -34.26 -11.99 -17.39
N GLY D 49 -34.91 -11.39 -18.38
CA GLY D 49 -34.51 -11.58 -19.76
C GLY D 49 -33.09 -11.11 -20.01
N GLY D 50 -32.57 -11.48 -21.16
CA GLY D 50 -31.20 -11.19 -21.49
C GLY D 50 -30.98 -9.73 -21.86
N MET D 51 -29.78 -9.46 -22.33
CA MET D 51 -29.38 -8.15 -22.82
C MET D 51 -28.88 -8.35 -24.25
N CYS D 52 -29.55 -7.74 -25.22
CA CYS D 52 -29.30 -8.07 -26.61
C CYS D 52 -28.21 -7.18 -27.21
N ALA D 53 -27.32 -7.81 -27.97
CA ALA D 53 -26.26 -7.10 -28.68
C ALA D 53 -25.82 -7.99 -29.82
N ALA D 54 -25.34 -7.35 -30.90
CA ALA D 54 -24.90 -8.07 -32.09
C ALA D 54 -23.40 -8.36 -31.94
N LEU D 55 -23.11 -9.40 -31.16
CA LEU D 55 -21.73 -9.84 -30.97
C LEU D 55 -21.33 -10.91 -31.97
N ALA D 56 -22.27 -11.75 -32.39
CA ALA D 56 -22.02 -12.83 -33.35
C ALA D 56 -20.92 -13.76 -32.84
N ASN D 57 -21.26 -14.46 -31.75
CA ASN D 57 -20.40 -15.50 -31.19
C ASN D 57 -20.87 -16.90 -31.55
N VAL D 58 -22.17 -17.15 -31.51
CA VAL D 58 -22.70 -18.45 -31.91
C VAL D 58 -23.28 -18.43 -33.32
N GLU D 59 -23.59 -17.26 -33.86
CA GLU D 59 -24.14 -17.12 -35.20
C GLU D 59 -23.49 -15.91 -35.82
N GLU D 60 -24.06 -15.40 -36.91
CA GLU D 60 -23.56 -14.21 -37.56
C GLU D 60 -24.64 -13.14 -37.61
N ASP D 61 -24.31 -11.95 -37.13
CA ASP D 61 -25.17 -10.79 -37.32
C ASP D 61 -24.36 -9.53 -37.20
N ASN D 62 -24.76 -8.52 -37.96
CA ASN D 62 -24.23 -7.18 -37.86
C ASN D 62 -25.27 -6.30 -37.19
N TRP D 63 -24.83 -5.13 -36.72
CA TRP D 63 -25.76 -4.30 -35.99
C TRP D 63 -26.85 -3.71 -36.87
N GLU D 64 -26.77 -3.84 -38.19
CA GLU D 64 -27.78 -3.23 -39.03
C GLU D 64 -29.10 -3.97 -38.94
N TRP D 65 -29.07 -5.30 -38.80
CA TRP D 65 -30.31 -6.04 -38.62
C TRP D 65 -30.93 -5.73 -37.27
N HIS D 66 -30.09 -5.55 -36.25
CA HIS D 66 -30.57 -5.10 -34.95
C HIS D 66 -31.25 -3.75 -35.06
N THR D 67 -30.61 -2.81 -35.76
CA THR D 67 -31.18 -1.49 -35.93
C THR D 67 -32.51 -1.54 -36.65
N PHE D 68 -32.60 -2.34 -37.71
CA PHE D 68 -33.87 -2.45 -38.42
C PHE D 68 -34.94 -3.04 -37.53
N ASP D 69 -34.58 -4.03 -36.71
CA ASP D 69 -35.60 -4.67 -35.89
C ASP D 69 -36.08 -3.75 -34.79
N THR D 70 -35.17 -2.98 -34.20
CA THR D 70 -35.57 -1.94 -33.25
C THR D 70 -36.52 -0.94 -33.89
N VAL D 71 -36.15 -0.45 -35.08
CA VAL D 71 -36.97 0.58 -35.74
C VAL D 71 -38.34 0.04 -36.09
N LYS D 72 -38.42 -1.21 -36.56
CA LYS D 72 -39.72 -1.75 -36.90
C LYS D 72 -40.53 -2.14 -35.67
N GLY D 73 -39.86 -2.51 -34.57
CA GLY D 73 -40.58 -2.82 -33.36
C GLY D 73 -41.19 -1.58 -32.73
N GLY D 74 -40.48 -0.46 -32.79
CA GLY D 74 -41.02 0.80 -32.32
C GLY D 74 -42.22 1.30 -33.08
N ASP D 75 -42.69 0.59 -34.10
CA ASP D 75 -43.83 0.99 -34.90
C ASP D 75 -43.61 2.36 -35.54
N TYR D 76 -42.38 2.63 -35.95
CA TYR D 76 -42.02 3.81 -36.73
C TYR D 76 -42.35 5.09 -35.96
N LEU D 77 -41.88 5.13 -34.72
CA LEU D 77 -41.87 6.36 -33.95
C LEU D 77 -40.54 6.54 -33.22
N ALA D 78 -39.59 5.64 -33.40
CA ALA D 78 -38.26 5.80 -32.86
C ALA D 78 -37.48 6.81 -33.68
N ASP D 79 -36.36 7.26 -33.13
CA ASP D 79 -35.45 8.16 -33.85
C ASP D 79 -34.27 7.35 -34.36
N GLN D 80 -34.07 7.35 -35.68
CA GLN D 80 -33.11 6.44 -36.28
C GLN D 80 -31.68 6.76 -35.86
N ASP D 81 -31.36 8.04 -35.64
CA ASP D 81 -30.03 8.39 -35.15
C ASP D 81 -29.77 7.75 -33.79
N ALA D 82 -30.76 7.85 -32.89
CA ALA D 82 -30.60 7.27 -31.56
C ALA D 82 -30.52 5.75 -31.62
N VAL D 83 -31.31 5.13 -32.50
CA VAL D 83 -31.28 3.67 -32.61
C VAL D 83 -29.93 3.20 -33.11
N GLU D 84 -29.41 3.86 -34.15
CA GLU D 84 -28.07 3.61 -34.65
C GLU D 84 -27.04 3.68 -33.53
N ILE D 85 -27.05 4.78 -32.79
CA ILE D 85 -26.05 4.94 -31.73
C ILE D 85 -26.19 3.84 -30.71
N MET D 86 -27.43 3.50 -30.34
CA MET D 86 -27.63 2.48 -29.32
C MET D 86 -27.03 1.16 -29.74
N CYS D 87 -27.24 0.73 -30.97
CA CYS D 87 -26.74 -0.59 -31.35
C CYS D 87 -25.21 -0.60 -31.49
N LYS D 88 -24.68 0.35 -32.26
CA LYS D 88 -23.24 0.33 -32.49
C LYS D 88 -22.45 0.71 -31.24
N GLU D 89 -23.09 1.15 -30.17
CA GLU D 89 -22.45 1.19 -28.87
C GLU D 89 -22.86 0.04 -27.98
N ALA D 90 -23.90 -0.70 -28.37
CA ALA D 90 -24.38 -1.82 -27.57
C ALA D 90 -23.36 -2.93 -27.54
N ILE D 91 -22.71 -3.17 -28.67
CA ILE D 91 -21.65 -4.18 -28.67
C ILE D 91 -20.65 -3.92 -27.54
N ASP D 92 -20.10 -2.71 -27.51
CA ASP D 92 -19.08 -2.40 -26.52
C ASP D 92 -19.67 -2.24 -25.12
N ALA D 93 -20.95 -1.92 -25.01
CA ALA D 93 -21.60 -1.91 -23.69
C ALA D 93 -21.58 -3.29 -23.06
N VAL D 94 -22.02 -4.31 -23.81
CA VAL D 94 -21.98 -5.67 -23.29
C VAL D 94 -20.55 -6.09 -22.98
N LEU D 95 -19.61 -5.76 -23.88
CA LEU D 95 -18.23 -6.16 -23.62
C LEU D 95 -17.67 -5.51 -22.37
N ASP D 96 -18.02 -4.24 -22.11
CA ASP D 96 -17.48 -3.61 -20.91
C ASP D 96 -18.15 -4.10 -19.65
N LEU D 97 -19.43 -4.46 -19.71
CA LEU D 97 -20.03 -5.15 -18.57
C LEU D 97 -19.27 -6.43 -18.26
N GLU D 98 -18.95 -7.21 -19.30
CA GLU D 98 -18.22 -8.46 -19.07
C GLU D 98 -16.82 -8.18 -18.53
N LYS D 99 -16.19 -7.10 -18.96
CA LYS D 99 -14.86 -6.80 -18.48
C LYS D 99 -14.86 -6.14 -17.11
N MET D 100 -16.02 -5.69 -16.61
CA MET D 100 -16.12 -5.18 -15.26
C MET D 100 -16.33 -6.28 -14.23
N GLY D 101 -16.60 -7.50 -14.68
CA GLY D 101 -16.80 -8.61 -13.78
C GLY D 101 -18.12 -9.31 -13.97
N MET D 102 -18.75 -9.15 -15.12
CA MET D 102 -20.08 -9.73 -14.95
C MET D 102 -20.08 -11.19 -15.36
N PRO D 103 -20.72 -12.06 -14.60
CA PRO D 103 -20.72 -13.49 -14.92
C PRO D 103 -21.72 -13.92 -15.98
N PHE D 104 -21.38 -13.67 -17.24
CA PHE D 104 -22.21 -14.17 -18.32
C PHE D 104 -22.08 -15.69 -18.41
N ASN D 105 -23.06 -16.32 -19.06
CA ASN D 105 -22.96 -17.73 -19.36
C ASN D 105 -22.04 -17.94 -20.55
N ARG D 106 -21.18 -18.93 -20.46
CA ARG D 106 -20.15 -19.16 -21.47
C ARG D 106 -20.54 -20.29 -22.41
N THR D 107 -20.04 -20.22 -23.61
CA THR D 107 -20.13 -21.05 -24.80
C THR D 107 -19.03 -22.11 -24.77
N PRO D 108 -19.24 -23.27 -25.40
CA PRO D 108 -18.25 -24.36 -25.35
C PRO D 108 -16.80 -23.93 -25.49
N GLU D 109 -16.53 -22.92 -26.31
CA GLU D 109 -15.20 -22.31 -26.29
C GLU D 109 -14.99 -21.56 -24.98
N GLY D 110 -15.92 -20.67 -24.65
CA GLY D 110 -15.80 -19.88 -23.44
C GLY D 110 -15.70 -18.39 -23.62
N ARG D 111 -16.37 -17.82 -24.62
CA ARG D 111 -16.34 -16.37 -24.75
C ARG D 111 -17.57 -15.71 -24.13
N ILE D 112 -18.75 -15.89 -24.71
CA ILE D 112 -20.06 -15.52 -24.16
C ILE D 112 -21.12 -16.31 -24.90
N ASP D 113 -22.03 -16.93 -24.17
CA ASP D 113 -23.12 -17.66 -24.79
C ASP D 113 -24.28 -16.73 -25.05
N GLN D 114 -25.01 -16.99 -26.14
CA GLN D 114 -26.14 -16.18 -26.53
C GLN D 114 -27.33 -17.08 -26.81
N ARG D 115 -28.53 -16.48 -26.80
CA ARG D 115 -29.74 -17.24 -27.03
C ARG D 115 -30.74 -16.39 -27.80
N ARG D 116 -31.72 -17.07 -28.38
CA ARG D 116 -32.74 -16.41 -29.19
C ARG D 116 -33.84 -15.84 -28.29
N PHE D 117 -34.48 -14.79 -28.78
CA PHE D 117 -35.43 -14.07 -27.95
C PHE D 117 -36.41 -13.32 -28.83
N GLY D 118 -37.69 -13.40 -28.49
CA GLY D 118 -38.74 -12.55 -29.00
C GLY D 118 -38.70 -12.21 -30.48
N GLY D 119 -38.87 -10.93 -30.79
CA GLY D 119 -38.94 -10.50 -32.17
C GLY D 119 -37.61 -10.04 -32.74
N HIS D 120 -36.56 -10.82 -32.53
CA HIS D 120 -35.29 -10.57 -33.19
C HIS D 120 -35.21 -11.42 -34.44
N THR D 121 -34.85 -10.80 -35.57
CA THR D 121 -34.88 -11.45 -36.86
C THR D 121 -33.47 -11.63 -37.43
N ARG D 122 -33.37 -12.48 -38.44
CA ARG D 122 -32.11 -12.78 -39.07
C ARG D 122 -31.60 -11.56 -39.80
N ASP D 123 -32.34 -11.12 -40.83
CA ASP D 123 -32.05 -9.86 -41.49
C ASP D 123 -33.30 -9.40 -42.21
N HIS D 124 -33.97 -8.40 -41.65
CA HIS D 124 -35.18 -7.84 -42.23
C HIS D 124 -36.30 -8.88 -42.28
N GLY D 125 -36.47 -9.61 -41.19
CA GLY D 125 -37.57 -10.55 -41.07
C GLY D 125 -37.37 -11.86 -41.78
N LYS D 126 -36.33 -12.60 -41.41
CA LYS D 126 -36.06 -13.90 -42.01
C LYS D 126 -36.18 -15.04 -41.02
N ALA D 127 -35.43 -15.00 -39.91
CA ALA D 127 -35.37 -16.11 -38.98
C ALA D 127 -34.78 -15.61 -37.67
N PRO D 128 -34.91 -16.36 -36.58
CA PRO D 128 -34.22 -15.99 -35.34
C PRO D 128 -32.73 -15.83 -35.56
N VAL D 129 -32.09 -15.11 -34.64
CA VAL D 129 -30.70 -14.71 -34.85
C VAL D 129 -29.84 -14.96 -33.62
N ARG D 130 -30.49 -15.25 -32.48
CA ARG D 130 -29.78 -15.56 -31.23
C ARG D 130 -28.85 -14.42 -30.81
N ARG D 131 -29.47 -13.29 -30.46
CA ARG D 131 -28.72 -12.12 -30.05
C ARG D 131 -28.48 -12.05 -28.55
N ALA D 132 -29.47 -12.45 -27.74
CA ALA D 132 -29.53 -12.00 -26.34
C ALA D 132 -28.47 -12.70 -25.50
N CYS D 133 -27.56 -11.92 -24.93
CA CYS D 133 -26.68 -12.41 -23.89
C CYS D 133 -27.48 -12.59 -22.60
N TYR D 134 -26.90 -13.30 -21.66
CA TYR D 134 -27.58 -13.55 -20.39
C TYR D 134 -26.55 -14.05 -19.40
N ALA D 135 -26.95 -14.07 -18.13
CA ALA D 135 -26.13 -14.59 -17.05
C ALA D 135 -26.74 -15.82 -16.40
N ALA D 136 -28.05 -15.82 -16.23
CA ALA D 136 -28.77 -16.92 -15.63
C ALA D 136 -30.24 -16.61 -15.83
N ASP D 137 -31.10 -17.23 -15.03
CA ASP D 137 -32.45 -16.69 -14.89
C ASP D 137 -32.45 -15.31 -14.23
N ARG D 138 -31.26 -14.74 -13.96
CA ARG D 138 -31.14 -13.46 -13.26
C ARG D 138 -30.10 -12.59 -13.97
N THR D 139 -30.53 -11.83 -14.97
CA THR D 139 -29.57 -10.98 -15.65
C THR D 139 -29.49 -9.59 -15.05
N GLY D 140 -30.63 -8.97 -14.77
CA GLY D 140 -30.62 -7.64 -14.20
C GLY D 140 -29.98 -7.62 -12.84
N HIS D 141 -30.15 -8.68 -12.07
CA HIS D 141 -29.53 -8.76 -10.76
C HIS D 141 -28.01 -8.77 -10.87
N MET D 142 -27.48 -9.48 -11.87
CA MET D 142 -26.03 -9.49 -12.07
C MET D 142 -25.52 -8.14 -12.55
N ILE D 143 -26.26 -7.50 -13.46
CA ILE D 143 -25.84 -6.18 -13.93
C ILE D 143 -25.79 -5.20 -12.78
N LEU D 144 -26.83 -5.21 -11.94
CA LEU D 144 -26.88 -4.32 -10.79
C LEU D 144 -25.77 -4.61 -9.80
N GLN D 145 -25.50 -5.88 -9.53
CA GLN D 145 -24.41 -6.21 -8.61
C GLN D 145 -23.08 -5.77 -9.18
N THR D 146 -22.87 -5.94 -10.48
CA THR D 146 -21.59 -5.55 -11.08
C THR D 146 -21.38 -4.05 -11.01
N LEU D 147 -22.42 -3.28 -11.35
CA LEU D 147 -22.31 -1.83 -11.27
C LEU D 147 -22.09 -1.37 -9.84
N TYR D 148 -22.75 -2.01 -8.88
CA TYR D 148 -22.56 -1.61 -7.48
C TYR D 148 -21.18 -1.96 -6.98
N GLN D 149 -20.65 -3.13 -7.36
CA GLN D 149 -19.31 -3.49 -6.97
C GLN D 149 -18.28 -2.55 -7.56
N ASN D 150 -18.52 -2.04 -8.77
CA ASN D 150 -17.60 -1.07 -9.33
C ASN D 150 -17.72 0.28 -8.64
N CYS D 151 -18.93 0.69 -8.28
CA CYS D 151 -19.07 1.92 -7.50
C CYS D 151 -18.43 1.79 -6.13
N VAL D 152 -18.38 0.58 -5.57
CA VAL D 152 -17.65 0.36 -4.33
C VAL D 152 -16.15 0.40 -4.57
N LYS D 153 -15.69 -0.15 -5.69
CA LYS D 153 -14.27 -0.11 -6.02
C LYS D 153 -13.77 1.33 -6.14
N HIS D 154 -14.47 2.14 -6.93
CA HIS D 154 -14.06 3.52 -7.14
C HIS D 154 -14.51 4.46 -6.03
N ASP D 155 -15.13 3.93 -4.98
CA ASP D 155 -15.47 4.70 -3.79
C ASP D 155 -16.38 5.89 -4.14
N VAL D 156 -17.56 5.58 -4.63
CA VAL D 156 -18.56 6.60 -4.91
C VAL D 156 -19.30 6.94 -3.62
N GLU D 157 -19.68 8.20 -3.46
CA GLU D 157 -20.45 8.63 -2.31
C GLU D 157 -21.92 8.37 -2.57
N PHE D 158 -22.56 7.63 -1.67
CA PHE D 158 -23.97 7.30 -1.79
C PHE D 158 -24.74 7.94 -0.64
N PHE D 159 -25.86 8.56 -0.97
CA PHE D 159 -26.76 9.11 0.03
C PHE D 159 -28.01 8.27 -0.02
N ASN D 160 -28.05 7.20 0.76
CA ASN D 160 -29.13 6.24 0.69
C ASN D 160 -30.34 6.74 1.45
N GLU D 161 -31.52 6.51 0.87
CA GLU D 161 -32.79 6.93 1.43
C GLU D 161 -32.86 8.45 1.55
N PHE D 162 -32.71 9.10 0.40
CA PHE D 162 -32.83 10.55 0.23
C PHE D 162 -33.85 10.78 -0.87
N TYR D 163 -35.09 11.09 -0.51
CA TYR D 163 -36.12 11.31 -1.52
C TYR D 163 -35.92 12.69 -2.12
N ALA D 164 -35.26 12.77 -3.27
CA ALA D 164 -35.09 14.04 -3.96
C ALA D 164 -36.44 14.59 -4.38
N LEU D 165 -36.86 15.70 -3.77
CA LEU D 165 -38.20 16.22 -3.95
C LEU D 165 -38.29 17.39 -4.91
N ASP D 166 -37.20 18.10 -5.18
CA ASP D 166 -37.31 19.23 -6.08
C ASP D 166 -35.96 19.55 -6.68
N ILE D 167 -35.97 20.35 -7.74
CA ILE D 167 -34.74 20.93 -8.27
C ILE D 167 -34.91 22.44 -8.29
N ALA D 168 -33.78 23.13 -8.35
CA ALA D 168 -33.74 24.59 -8.30
C ALA D 168 -33.23 25.10 -9.63
N LEU D 169 -34.12 25.67 -10.43
CA LEU D 169 -33.76 26.29 -11.68
C LEU D 169 -33.62 27.79 -11.46
N THR D 170 -32.38 28.27 -11.41
CA THR D 170 -32.14 29.70 -11.35
C THR D 170 -32.21 30.28 -12.76
N GLU D 171 -32.97 31.35 -12.92
CA GLU D 171 -33.19 31.95 -14.24
C GLU D 171 -32.06 32.92 -14.54
N THR D 172 -31.12 32.50 -15.36
CA THR D 172 -30.16 33.39 -15.95
C THR D 172 -30.84 34.21 -17.04
N PRO D 173 -30.23 35.33 -17.45
CA PRO D 173 -30.83 36.09 -18.56
C PRO D 173 -30.91 35.32 -19.86
N ALA D 174 -30.06 34.31 -20.06
CA ALA D 174 -30.07 33.50 -21.27
C ALA D 174 -30.91 32.24 -21.13
N GLY D 175 -31.83 32.19 -20.17
CA GLY D 175 -32.64 31.02 -19.95
C GLY D 175 -32.44 30.48 -18.55
N PRO D 176 -33.05 29.34 -18.25
CA PRO D 176 -32.88 28.71 -16.94
C PRO D 176 -31.68 27.77 -16.93
N VAL D 177 -31.18 27.54 -15.73
CA VAL D 177 -30.02 26.68 -15.52
C VAL D 177 -30.23 25.93 -14.21
N ALA D 178 -29.87 24.66 -14.19
CA ALA D 178 -30.10 23.82 -13.02
C ALA D 178 -28.92 23.89 -12.09
N THR D 179 -29.18 24.25 -10.84
CA THR D 179 -28.11 24.48 -9.88
C THR D 179 -28.12 23.52 -8.70
N GLY D 180 -29.30 23.14 -8.21
CA GLY D 180 -29.33 22.31 -7.01
C GLY D 180 -30.51 21.37 -6.99
N VAL D 181 -30.41 20.40 -6.10
CA VAL D 181 -31.43 19.39 -5.85
C VAL D 181 -31.80 19.45 -4.39
N ILE D 182 -33.08 19.64 -4.09
CA ILE D 182 -33.59 19.64 -2.74
C ILE D 182 -34.13 18.26 -2.42
N ALA D 183 -33.52 17.61 -1.44
CA ALA D 183 -33.80 16.24 -1.06
C ALA D 183 -34.29 16.19 0.37
N TYR D 184 -34.86 15.04 0.75
CA TYR D 184 -35.46 14.84 2.06
C TYR D 184 -34.89 13.57 2.64
N GLU D 185 -34.07 13.69 3.68
CA GLU D 185 -33.49 12.51 4.30
C GLU D 185 -34.54 11.77 5.09
N LEU D 186 -34.83 10.53 4.70
CA LEU D 186 -35.87 9.78 5.38
C LEU D 186 -35.53 9.53 6.83
N ALA D 187 -34.24 9.30 7.12
CA ALA D 187 -33.84 8.80 8.43
C ALA D 187 -33.93 9.85 9.52
N THR D 188 -33.80 11.13 9.17
CA THR D 188 -33.80 12.19 10.17
C THR D 188 -34.88 13.23 9.96
N GLY D 189 -35.51 13.28 8.80
CA GLY D 189 -36.51 14.29 8.55
C GLY D 189 -35.97 15.62 8.09
N ASP D 190 -34.67 15.69 7.80
CA ASP D 190 -34.03 16.93 7.42
C ASP D 190 -34.15 17.17 5.93
N ILE D 191 -34.15 18.42 5.54
CA ILE D 191 -34.07 18.82 4.15
C ILE D 191 -32.62 19.12 3.82
N HIS D 192 -32.16 18.64 2.70
CA HIS D 192 -30.79 18.90 2.24
C HIS D 192 -30.85 19.59 0.90
N VAL D 193 -29.88 20.46 0.65
CA VAL D 193 -29.75 21.14 -0.63
C VAL D 193 -28.40 20.78 -1.19
N PHE D 194 -28.38 20.08 -2.30
CA PHE D 194 -27.15 19.72 -2.99
C PHE D 194 -26.98 20.70 -4.14
N HIS D 195 -26.03 21.63 -4.01
CA HIS D 195 -25.77 22.56 -5.08
C HIS D 195 -24.72 21.96 -6.00
N ALA D 196 -25.04 21.88 -7.28
CA ALA D 196 -24.21 21.15 -8.21
C ALA D 196 -24.02 21.96 -9.47
N LYS D 197 -23.11 21.49 -10.33
CA LYS D 197 -23.00 22.05 -11.66
C LYS D 197 -23.85 21.29 -12.66
N ALA D 198 -23.76 19.96 -12.65
CA ALA D 198 -24.58 19.12 -13.49
C ALA D 198 -25.46 18.23 -12.64
N ILE D 199 -26.59 17.81 -13.20
CA ILE D 199 -27.56 16.98 -12.49
C ILE D 199 -28.02 15.91 -13.47
N VAL D 200 -27.92 14.64 -13.06
CA VAL D 200 -28.38 13.52 -13.88
C VAL D 200 -29.59 12.90 -13.21
N PHE D 201 -30.62 12.65 -13.99
CA PHE D 201 -31.87 12.08 -13.50
C PHE D 201 -32.00 10.65 -14.00
N ALA D 202 -31.89 9.69 -13.12
CA ALA D 202 -31.97 8.28 -13.47
C ALA D 202 -32.97 7.57 -12.59
N THR D 203 -34.17 8.14 -12.47
CA THR D 203 -35.14 7.74 -11.46
C THR D 203 -36.11 6.67 -11.91
N GLY D 204 -35.89 6.04 -13.05
CA GLY D 204 -36.74 4.93 -13.45
C GLY D 204 -38.18 5.34 -13.72
N GLY D 205 -38.98 4.36 -14.09
CA GLY D 205 -40.28 4.60 -14.67
C GLY D 205 -41.37 4.79 -13.64
N SER D 206 -42.61 4.74 -14.14
CA SER D 206 -43.79 5.04 -13.33
C SER D 206 -44.94 4.18 -13.84
N GLY D 207 -45.12 3.03 -13.21
CA GLY D 207 -46.17 2.14 -13.65
C GLY D 207 -47.17 1.87 -12.55
N ARG D 208 -47.03 2.58 -11.44
CA ARG D 208 -47.83 2.35 -10.25
C ARG D 208 -49.08 3.19 -10.22
N MET D 209 -49.48 3.77 -11.34
CA MET D 209 -50.81 4.34 -11.46
C MET D 209 -51.79 3.36 -12.07
N TYR D 210 -51.43 2.10 -12.12
CA TYR D 210 -52.28 1.03 -12.63
C TYR D 210 -52.42 -0.01 -11.54
N LYS D 211 -53.64 -0.52 -11.35
CA LYS D 211 -53.85 -1.51 -10.31
C LYS D 211 -53.03 -2.75 -10.58
N THR D 212 -53.17 -3.33 -11.77
CA THR D 212 -52.43 -4.52 -12.16
C THR D 212 -51.19 -4.07 -12.91
N THR D 213 -50.04 -4.14 -12.25
CA THR D 213 -48.78 -3.71 -12.81
C THR D 213 -47.68 -4.63 -12.33
N SER D 214 -46.55 -4.58 -13.02
CA SER D 214 -45.42 -5.41 -12.65
C SER D 214 -44.30 -4.63 -11.96
N ASN D 215 -44.42 -3.32 -11.86
CA ASN D 215 -43.34 -2.52 -11.31
C ASN D 215 -43.29 -2.63 -9.80
N ALA D 216 -42.21 -2.11 -9.24
CA ALA D 216 -42.02 -2.13 -7.80
C ALA D 216 -43.10 -1.30 -7.12
N HIS D 217 -43.14 -1.39 -5.79
CA HIS D 217 -44.00 -0.49 -5.05
C HIS D 217 -43.45 0.92 -4.97
N THR D 218 -42.19 1.09 -5.35
CA THR D 218 -41.48 2.35 -5.23
C THR D 218 -41.30 3.04 -6.57
N LEU D 219 -41.92 2.53 -7.63
CA LEU D 219 -41.86 3.17 -8.94
C LEU D 219 -43.13 3.99 -9.12
N THR D 220 -43.15 5.16 -8.51
CA THR D 220 -44.27 6.07 -8.66
C THR D 220 -44.05 7.09 -9.77
N GLY D 221 -42.80 7.43 -10.04
CA GLY D 221 -42.46 8.34 -11.11
C GLY D 221 -42.23 9.72 -10.54
N ASP D 222 -40.97 10.05 -10.29
CA ASP D 222 -40.68 11.23 -9.50
C ASP D 222 -39.72 12.15 -10.23
N GLY D 223 -38.79 11.59 -10.99
CA GLY D 223 -38.06 12.42 -11.92
C GLY D 223 -38.99 13.05 -12.94
N LEU D 224 -39.92 12.27 -13.45
CA LEU D 224 -40.90 12.81 -14.39
C LEU D 224 -41.77 13.85 -13.73
N GLY D 225 -42.23 13.60 -12.51
CA GLY D 225 -43.06 14.57 -11.82
C GLY D 225 -42.33 15.86 -11.49
N ILE D 226 -41.08 15.75 -11.07
CA ILE D 226 -40.26 16.93 -10.78
C ILE D 226 -40.08 17.75 -12.04
N VAL D 227 -39.55 17.13 -13.09
CA VAL D 227 -39.31 17.85 -14.34
C VAL D 227 -40.60 18.40 -14.92
N PHE D 228 -41.72 17.76 -14.65
CA PHE D 228 -42.99 18.26 -15.18
C PHE D 228 -43.53 19.42 -14.36
N ARG D 229 -43.26 19.43 -13.05
CA ARG D 229 -43.71 20.54 -12.22
C ARG D 229 -42.86 21.78 -12.42
N LYS D 230 -41.58 21.62 -12.73
CA LYS D 230 -40.73 22.78 -12.96
C LYS D 230 -41.12 23.56 -14.21
N GLY D 231 -42.02 23.04 -15.03
CA GLY D 231 -42.40 23.69 -16.26
C GLY D 231 -41.80 23.10 -17.51
N LEU D 232 -40.86 22.17 -17.38
CA LEU D 232 -40.29 21.49 -18.51
C LEU D 232 -41.29 20.50 -19.08
N PRO D 233 -41.11 20.06 -20.32
CA PRO D 233 -42.11 19.20 -20.96
C PRO D 233 -41.89 17.71 -20.69
N LEU D 234 -42.91 16.93 -21.01
CA LEU D 234 -42.83 15.48 -20.96
C LEU D 234 -43.30 14.92 -22.30
N GLU D 235 -42.60 13.91 -22.80
CA GLU D 235 -42.74 13.48 -24.18
C GLU D 235 -43.29 12.07 -24.24
N ASP D 236 -44.35 11.88 -25.05
CA ASP D 236 -44.83 10.54 -25.42
C ASP D 236 -45.27 9.73 -24.22
N MET D 237 -46.09 10.32 -23.35
CA MET D 237 -46.44 9.65 -22.11
C MET D 237 -47.65 8.74 -22.21
N GLU D 238 -48.35 8.74 -23.34
CA GLU D 238 -49.48 7.85 -23.51
C GLU D 238 -49.09 6.48 -24.03
N PHE D 239 -47.80 6.22 -24.18
CA PHE D 239 -47.31 4.95 -24.71
C PHE D 239 -46.81 4.11 -23.55
N HIS D 240 -47.72 3.31 -22.98
CA HIS D 240 -47.39 2.34 -21.98
C HIS D 240 -47.41 0.95 -22.60
N GLN D 241 -46.41 0.15 -22.27
CA GLN D 241 -46.35 -1.21 -22.76
C GLN D 241 -47.04 -2.12 -21.76
N PHE D 242 -47.94 -2.95 -22.24
CA PHE D 242 -48.68 -3.88 -21.40
C PHE D 242 -48.20 -5.29 -21.73
N HIS D 243 -47.41 -5.86 -20.83
CA HIS D 243 -46.92 -7.21 -21.04
C HIS D 243 -48.09 -8.19 -21.03
N PRO D 244 -48.10 -9.17 -21.91
CA PRO D 244 -49.25 -10.07 -21.98
C PRO D 244 -49.39 -11.01 -20.80
N THR D 245 -48.31 -11.71 -20.44
CA THR D 245 -48.37 -12.73 -19.39
C THR D 245 -48.22 -12.06 -18.03
N GLY D 246 -49.31 -12.01 -17.28
CA GLY D 246 -49.29 -11.26 -16.05
C GLY D 246 -49.96 -11.81 -14.81
N LEU D 247 -49.95 -13.12 -14.57
CA LEU D 247 -50.54 -13.69 -13.36
C LEU D 247 -51.95 -13.15 -13.11
N ALA D 248 -52.88 -13.60 -13.96
CA ALA D 248 -54.20 -13.00 -14.12
C ALA D 248 -54.80 -12.49 -12.82
N GLY D 249 -54.49 -13.15 -11.71
CA GLY D 249 -54.90 -12.62 -10.42
C GLY D 249 -54.26 -11.29 -10.07
N LEU D 250 -52.95 -11.28 -9.83
CA LEU D 250 -52.30 -10.14 -9.19
C LEU D 250 -51.56 -9.22 -10.14
N GLY D 251 -50.60 -9.72 -10.91
CA GLY D 251 -49.85 -8.84 -11.79
C GLY D 251 -48.39 -9.17 -12.01
N ILE D 252 -47.84 -10.13 -11.27
CA ILE D 252 -46.46 -10.54 -11.47
C ILE D 252 -46.24 -11.01 -12.91
N LEU D 253 -44.99 -11.00 -13.33
CA LEU D 253 -44.61 -11.27 -14.71
C LEU D 253 -44.17 -12.73 -14.88
N ILE D 254 -44.41 -13.28 -16.07
CA ILE D 254 -43.99 -14.64 -16.41
C ILE D 254 -43.11 -14.65 -17.66
N SER D 255 -42.26 -13.64 -17.82
CA SER D 255 -41.53 -13.46 -19.07
C SER D 255 -40.67 -14.67 -19.45
N GLU D 256 -40.58 -15.68 -18.59
CA GLU D 256 -39.65 -16.80 -18.79
C GLU D 256 -40.22 -17.97 -19.57
N ALA D 257 -41.42 -18.45 -19.24
CA ALA D 257 -41.84 -19.78 -19.66
C ALA D 257 -42.27 -19.82 -21.13
N VAL D 258 -43.30 -19.06 -21.47
CA VAL D 258 -43.88 -19.16 -22.81
C VAL D 258 -42.90 -18.72 -23.88
N ARG D 259 -42.01 -17.77 -23.56
CA ARG D 259 -40.98 -17.38 -24.52
C ARG D 259 -40.00 -18.52 -24.76
N GLY D 260 -39.57 -19.17 -23.69
CA GLY D 260 -38.59 -20.23 -23.78
C GLY D 260 -39.09 -21.48 -24.47
N GLU D 261 -40.26 -21.96 -24.07
CA GLU D 261 -40.79 -23.21 -24.59
C GLU D 261 -42.21 -23.04 -25.11
N GLY D 262 -42.77 -24.12 -25.63
CA GLY D 262 -44.02 -24.05 -26.36
C GLY D 262 -45.24 -23.82 -25.50
N GLY D 263 -45.20 -22.81 -24.66
CA GLY D 263 -46.37 -22.43 -23.89
C GLY D 263 -47.45 -21.84 -24.76
N ARG D 264 -48.52 -22.57 -24.96
CA ARG D 264 -49.62 -22.14 -25.80
C ARG D 264 -50.63 -21.39 -24.94
N LEU D 265 -51.09 -20.24 -25.42
CA LEU D 265 -52.07 -19.44 -24.70
C LEU D 265 -53.47 -19.87 -25.12
N LEU D 266 -54.16 -20.60 -24.24
CA LEU D 266 -55.49 -21.13 -24.51
C LEU D 266 -56.53 -20.24 -23.87
N ASN D 267 -57.66 -20.05 -24.55
CA ASN D 267 -58.71 -19.15 -24.09
C ASN D 267 -59.96 -19.93 -23.72
N GLY D 268 -60.31 -19.93 -22.44
CA GLY D 268 -61.55 -20.55 -22.03
C GLY D 268 -61.58 -21.99 -22.50
N GLU D 269 -62.30 -22.23 -23.59
CA GLU D 269 -62.22 -23.48 -24.31
C GLU D 269 -60.76 -23.85 -24.57
N GLY D 270 -60.52 -25.13 -24.85
CA GLY D 270 -59.18 -25.56 -25.13
C GLY D 270 -58.70 -25.12 -26.50
N GLU D 271 -58.72 -23.80 -26.75
CA GLU D 271 -58.50 -23.25 -28.07
C GLU D 271 -57.40 -22.21 -28.05
N ARG D 272 -56.50 -22.29 -29.01
CA ARG D 272 -55.55 -21.23 -29.26
C ARG D 272 -56.17 -20.17 -30.18
N PHE D 273 -55.66 -18.96 -30.05
CA PHE D 273 -56.17 -17.82 -30.81
C PHE D 273 -55.09 -17.01 -31.51
N MET D 274 -53.87 -17.03 -31.01
CA MET D 274 -52.84 -16.19 -31.61
C MET D 274 -52.45 -16.67 -33.00
N GLU D 275 -52.77 -17.91 -33.34
CA GLU D 275 -52.52 -18.37 -34.70
C GLU D 275 -53.49 -17.75 -35.70
N ARG D 276 -54.67 -17.35 -35.24
CA ARG D 276 -55.61 -16.64 -36.10
C ARG D 276 -55.49 -15.13 -36.00
N TYR D 277 -55.00 -14.61 -34.87
CA TYR D 277 -54.80 -13.17 -34.75
C TYR D 277 -53.48 -12.72 -35.36
N ALA D 278 -52.49 -13.59 -35.45
CA ALA D 278 -51.21 -13.27 -36.08
C ALA D 278 -50.61 -14.56 -36.60
N PRO D 279 -50.66 -14.80 -37.91
CA PRO D 279 -49.90 -15.90 -38.50
C PRO D 279 -48.45 -15.48 -38.69
N THR D 280 -47.69 -16.37 -39.34
CA THR D 280 -46.27 -16.23 -39.66
C THR D 280 -45.41 -16.36 -38.40
N ILE D 281 -46.06 -16.26 -37.24
CA ILE D 281 -45.51 -16.58 -35.93
C ILE D 281 -46.70 -16.84 -35.03
N VAL D 282 -46.65 -17.93 -34.26
CA VAL D 282 -47.86 -18.38 -33.60
C VAL D 282 -48.19 -17.46 -32.43
N ASP D 283 -47.27 -17.31 -31.47
CA ASP D 283 -47.51 -16.44 -30.33
C ASP D 283 -46.29 -15.63 -29.91
N LEU D 284 -45.20 -15.68 -30.67
CA LEU D 284 -44.03 -14.86 -30.39
C LEU D 284 -44.09 -13.51 -31.11
N ALA D 285 -45.30 -13.04 -31.39
CA ALA D 285 -45.58 -11.75 -32.01
C ALA D 285 -45.21 -10.63 -31.04
N PRO D 286 -45.28 -9.35 -31.46
CA PRO D 286 -45.00 -8.27 -30.52
C PRO D 286 -45.96 -8.27 -29.33
N ARG D 287 -45.44 -7.76 -28.20
CA ARG D 287 -46.18 -7.81 -26.95
C ARG D 287 -47.50 -7.05 -27.03
N ASP D 288 -47.49 -5.90 -27.72
CA ASP D 288 -48.73 -5.13 -27.86
C ASP D 288 -49.78 -5.93 -28.61
N ILE D 289 -49.38 -6.64 -29.66
CA ILE D 289 -50.33 -7.46 -30.41
C ILE D 289 -50.86 -8.60 -29.55
N VAL D 290 -49.96 -9.27 -28.82
CA VAL D 290 -50.42 -10.38 -27.99
C VAL D 290 -51.42 -9.89 -26.95
N ALA D 291 -51.16 -8.72 -26.35
CA ALA D 291 -52.03 -8.21 -25.30
C ALA D 291 -53.36 -7.74 -25.86
N ARG D 292 -53.35 -7.10 -27.02
CA ARG D 292 -54.60 -6.75 -27.67
C ARG D 292 -55.42 -8.00 -27.95
N SER D 293 -54.78 -9.06 -28.42
CA SER D 293 -55.50 -10.30 -28.69
C SER D 293 -56.12 -10.87 -27.42
N MET D 294 -55.32 -10.97 -26.35
CA MET D 294 -55.84 -11.51 -25.10
C MET D 294 -57.02 -10.69 -24.59
N VAL D 295 -56.87 -9.36 -24.57
CA VAL D 295 -57.94 -8.50 -24.08
C VAL D 295 -59.17 -8.62 -24.96
N LEU D 296 -58.99 -8.67 -26.27
CA LEU D 296 -60.11 -8.78 -27.18
C LEU D 296 -60.92 -10.04 -26.91
N GLU D 297 -60.23 -11.17 -26.72
CA GLU D 297 -60.96 -12.42 -26.59
C GLU D 297 -61.59 -12.54 -25.22
N VAL D 298 -60.92 -12.06 -24.18
CA VAL D 298 -61.55 -12.06 -22.87
C VAL D 298 -62.71 -11.07 -22.82
N LEU D 299 -62.72 -10.09 -23.73
CA LEU D 299 -63.81 -9.13 -23.80
C LEU D 299 -64.98 -9.66 -24.62
N GLU D 300 -64.72 -10.38 -25.70
CA GLU D 300 -65.80 -10.87 -26.55
C GLU D 300 -66.52 -12.07 -25.96
N GLY D 301 -66.12 -12.54 -24.78
CA GLY D 301 -66.84 -13.61 -24.12
C GLY D 301 -66.25 -14.99 -24.29
N ARG D 302 -65.03 -15.09 -24.83
CA ARG D 302 -64.40 -16.38 -25.05
C ARG D 302 -63.21 -16.61 -24.12
N GLY D 303 -63.27 -16.10 -22.90
CA GLY D 303 -62.23 -16.30 -21.91
C GLY D 303 -62.75 -17.11 -20.74
N ALA D 304 -61.82 -17.45 -19.85
CA ALA D 304 -62.14 -18.27 -18.69
C ALA D 304 -62.81 -17.41 -17.61
N GLY D 305 -62.95 -17.96 -16.41
CA GLY D 305 -63.56 -17.24 -15.32
C GLY D 305 -64.17 -18.14 -14.26
N VAL D 347 -52.69 -22.29 -15.50
CA VAL D 347 -52.37 -20.98 -14.95
C VAL D 347 -52.98 -19.89 -15.83
N PRO D 348 -53.68 -18.94 -15.21
CA PRO D 348 -54.28 -17.84 -15.97
C PRO D 348 -53.39 -16.62 -16.02
N VAL D 349 -53.54 -15.84 -17.09
CA VAL D 349 -52.73 -14.65 -17.32
C VAL D 349 -53.61 -13.52 -17.81
N TYR D 350 -53.05 -12.31 -17.75
CA TYR D 350 -53.73 -11.08 -18.16
C TYR D 350 -52.67 -9.99 -18.28
N PRO D 351 -52.82 -9.05 -19.20
CA PRO D 351 -51.77 -8.04 -19.41
C PRO D 351 -51.58 -7.13 -18.21
N THR D 352 -50.33 -6.80 -17.94
CA THR D 352 -49.93 -5.94 -16.83
C THR D 352 -49.08 -4.79 -17.35
N CYS D 353 -49.35 -3.58 -16.88
CA CYS D 353 -48.51 -2.46 -17.27
C CYS D 353 -47.07 -2.73 -16.86
N HIS D 354 -46.16 -2.55 -17.78
CA HIS D 354 -44.81 -3.03 -17.64
C HIS D 354 -43.76 -1.95 -17.82
N TYR D 355 -43.97 -1.02 -18.74
CA TYR D 355 -42.94 -0.08 -19.14
C TYR D 355 -43.61 1.16 -19.69
N VAL D 356 -42.98 2.31 -19.48
CA VAL D 356 -43.43 3.57 -20.06
C VAL D 356 -42.41 3.98 -21.11
N MET D 357 -42.87 4.11 -22.35
CA MET D 357 -41.96 4.50 -23.41
C MET D 357 -41.70 6.00 -23.46
N GLY D 358 -42.50 6.81 -22.78
CA GLY D 358 -42.27 8.23 -22.70
C GLY D 358 -41.32 8.60 -21.57
N GLY D 359 -41.28 9.89 -21.28
CA GLY D 359 -40.44 10.39 -20.22
C GLY D 359 -39.90 11.76 -20.57
N ILE D 360 -38.81 12.10 -19.91
CA ILE D 360 -38.13 13.39 -20.08
C ILE D 360 -37.44 13.45 -21.43
N PRO D 361 -37.75 14.41 -22.30
CA PRO D 361 -37.17 14.40 -23.65
C PRO D 361 -35.73 14.87 -23.61
N THR D 362 -34.82 14.04 -24.10
CA THR D 362 -33.40 14.33 -24.07
C THR D 362 -32.81 14.21 -25.47
N THR D 363 -31.52 14.54 -25.57
CA THR D 363 -30.73 14.34 -26.77
C THR D 363 -29.83 13.12 -26.61
N VAL D 364 -29.18 12.72 -27.70
CA VAL D 364 -28.38 11.51 -27.68
C VAL D 364 -27.25 11.57 -26.68
N ASN D 365 -26.90 12.75 -26.20
CA ASN D 365 -25.87 12.87 -25.17
C ASN D 365 -26.46 12.97 -23.76
N GLY D 366 -27.76 13.16 -23.63
CA GLY D 366 -28.41 13.18 -22.34
C GLY D 366 -28.99 14.51 -21.92
N GLN D 367 -28.69 15.61 -22.62
CA GLN D 367 -29.18 16.91 -22.21
C GLN D 367 -30.70 16.96 -22.27
N VAL D 368 -31.31 17.50 -21.24
CA VAL D 368 -32.77 17.61 -21.19
C VAL D 368 -33.20 18.78 -22.04
N LEU D 369 -34.14 18.55 -22.95
CA LEU D 369 -34.69 19.62 -23.75
C LEU D 369 -35.68 20.46 -22.93
N ARG D 370 -35.88 21.69 -23.37
CA ARG D 370 -36.98 22.51 -22.87
C ARG D 370 -37.86 23.03 -23.99
N ASP D 371 -37.50 22.78 -25.23
CA ASP D 371 -38.31 23.07 -26.40
C ASP D 371 -38.15 21.87 -27.33
N ASN D 372 -38.53 22.02 -28.59
CA ASN D 372 -38.14 21.00 -29.55
C ASN D 372 -36.67 21.10 -29.92
N THR D 373 -36.02 22.22 -29.60
CA THR D 373 -34.64 22.48 -30.03
C THR D 373 -33.71 22.84 -28.88
N ASN D 374 -34.18 23.61 -27.90
CA ASN D 374 -33.29 24.17 -26.89
C ASN D 374 -32.91 23.09 -25.88
N VAL D 375 -32.09 23.49 -24.90
CA VAL D 375 -31.53 22.55 -23.93
C VAL D 375 -31.30 23.28 -22.62
N ILE D 376 -31.70 22.64 -21.52
CA ILE D 376 -31.43 23.18 -20.18
C ILE D 376 -29.96 22.94 -19.86
N PRO D 377 -29.18 23.99 -19.61
CA PRO D 377 -27.76 23.80 -19.28
C PRO D 377 -27.59 23.14 -17.92
N GLY D 378 -26.89 22.01 -17.92
CA GLY D 378 -26.59 21.31 -16.69
C GLY D 378 -27.74 20.50 -16.18
N LEU D 379 -28.36 19.72 -17.05
CA LEU D 379 -29.46 18.84 -16.67
C LEU D 379 -29.48 17.68 -17.65
N TYR D 380 -29.18 16.49 -17.15
CA TYR D 380 -29.09 15.29 -17.98
C TYR D 380 -30.07 14.25 -17.46
N ALA D 381 -30.32 13.23 -18.28
CA ALA D 381 -31.28 12.21 -17.91
C ALA D 381 -30.93 10.92 -18.63
N ALA D 382 -31.15 9.79 -17.97
CA ALA D 382 -30.78 8.50 -18.52
C ALA D 382 -31.69 7.43 -17.95
N GLY D 383 -31.88 6.36 -18.70
CA GLY D 383 -32.63 5.23 -18.18
C GLY D 383 -34.05 5.16 -18.64
N GLU D 384 -34.96 4.81 -17.74
CA GLU D 384 -36.36 4.68 -18.10
C GLU D 384 -37.14 5.97 -17.92
N CYS D 385 -36.61 6.94 -17.18
CA CYS D 385 -37.25 8.24 -17.11
C CYS D 385 -36.97 9.06 -18.37
N ALA D 386 -35.86 8.83 -19.02
CA ALA D 386 -35.48 9.58 -20.20
C ALA D 386 -36.18 9.03 -21.43
N CYS D 387 -36.52 9.93 -22.35
CA CYS D 387 -37.12 9.56 -23.62
C CYS D 387 -36.24 10.17 -24.70
N VAL D 388 -35.17 9.45 -25.04
CA VAL D 388 -34.43 9.73 -26.26
C VAL D 388 -35.24 9.29 -27.48
N SER D 389 -36.29 8.50 -27.25
CA SER D 389 -37.11 7.88 -28.27
C SER D 389 -36.30 6.85 -29.05
N VAL D 390 -35.68 5.93 -28.31
CA VAL D 390 -35.10 4.74 -28.90
C VAL D 390 -36.16 3.69 -29.14
N HIS D 391 -37.07 3.52 -28.19
CA HIS D 391 -38.12 2.52 -28.28
C HIS D 391 -39.32 3.00 -29.05
N GLY D 392 -39.52 4.30 -29.15
CA GLY D 392 -40.62 4.81 -29.95
C GLY D 392 -41.98 4.50 -29.38
N ALA D 393 -42.75 3.69 -30.09
CA ALA D 393 -44.12 3.41 -29.71
C ALA D 393 -44.31 2.00 -29.16
N ASN D 394 -43.25 1.21 -29.09
CA ASN D 394 -43.32 -0.11 -28.50
C ASN D 394 -41.91 -0.57 -28.21
N ARG D 395 -41.71 -1.14 -27.04
CA ARG D 395 -40.38 -1.54 -26.62
C ARG D 395 -40.12 -2.98 -27.04
N LEU D 396 -39.00 -3.20 -27.69
CA LEU D 396 -38.56 -4.54 -28.04
C LEU D 396 -37.78 -5.10 -26.87
N GLY D 397 -38.16 -6.30 -26.44
CA GLY D 397 -37.52 -6.91 -25.28
C GLY D 397 -36.01 -6.87 -25.34
N THR D 398 -35.38 -6.79 -24.17
CA THR D 398 -33.94 -6.78 -23.99
C THR D 398 -33.27 -5.53 -24.52
N ASN D 399 -34.03 -4.53 -24.94
CA ASN D 399 -33.44 -3.26 -25.35
C ASN D 399 -33.37 -2.26 -24.22
N SER D 400 -33.99 -2.55 -23.07
CA SER D 400 -34.00 -1.61 -21.96
C SER D 400 -32.71 -1.65 -21.18
N LEU D 401 -32.18 -2.83 -20.92
CA LEU D 401 -30.88 -2.92 -20.27
C LEU D 401 -29.79 -2.35 -21.15
N LEU D 402 -29.92 -2.57 -22.45
CA LEU D 402 -29.04 -1.95 -23.43
C LEU D 402 -29.11 -0.43 -23.35
N ASP D 403 -30.33 0.11 -23.47
CA ASP D 403 -30.59 1.53 -23.32
C ASP D 403 -29.91 2.10 -22.08
N ILE D 404 -30.15 1.49 -20.92
CA ILE D 404 -29.66 2.09 -19.69
C ILE D 404 -28.14 2.09 -19.68
N ASN D 405 -27.51 1.01 -20.15
CA ASN D 405 -26.05 0.98 -20.20
C ASN D 405 -25.50 2.08 -21.10
N VAL D 406 -25.91 2.06 -22.38
CA VAL D 406 -25.37 3.00 -23.34
C VAL D 406 -25.59 4.43 -22.90
N PHE D 407 -26.85 4.80 -22.66
CA PHE D 407 -27.14 6.20 -22.42
C PHE D 407 -26.83 6.65 -21.01
N GLY D 408 -26.72 5.74 -20.05
CA GLY D 408 -26.20 6.14 -18.76
C GLY D 408 -24.73 6.46 -18.81
N ARG D 409 -23.97 5.69 -19.58
CA ARG D 409 -22.56 6.05 -19.76
C ARG D 409 -22.41 7.38 -20.48
N ARG D 410 -23.22 7.59 -21.53
CA ARG D 410 -23.16 8.84 -22.25
C ARG D 410 -23.50 10.03 -21.36
N ALA D 411 -24.60 9.94 -20.60
CA ALA D 411 -24.96 11.03 -19.70
C ALA D 411 -23.91 11.25 -18.62
N GLY D 412 -23.26 10.19 -18.16
CA GLY D 412 -22.23 10.36 -17.16
C GLY D 412 -21.04 11.14 -17.68
N ILE D 413 -20.51 10.74 -18.83
CA ILE D 413 -19.35 11.46 -19.36
C ILE D 413 -19.74 12.89 -19.73
N ALA D 414 -20.95 13.09 -20.26
CA ALA D 414 -21.37 14.43 -20.63
C ALA D 414 -21.45 15.34 -19.42
N ALA D 415 -22.04 14.86 -18.33
CA ALA D 415 -22.16 15.69 -17.14
C ALA D 415 -20.81 15.93 -16.49
N ALA D 416 -19.92 14.94 -16.52
CA ALA D 416 -18.58 15.16 -15.99
C ALA D 416 -17.85 16.24 -16.76
N GLU D 417 -17.91 16.19 -18.09
CA GLU D 417 -17.29 17.23 -18.90
C GLU D 417 -17.86 18.60 -18.58
N TYR D 418 -19.19 18.70 -18.53
CA TYR D 418 -19.81 19.99 -18.23
C TYR D 418 -19.35 20.53 -16.89
N ALA D 419 -19.30 19.68 -15.87
CA ALA D 419 -18.93 20.15 -14.54
C ALA D 419 -17.46 20.58 -14.50
N GLN D 420 -16.59 19.85 -15.18
CA GLN D 420 -15.18 20.25 -15.17
C GLN D 420 -14.92 21.46 -16.06
N ASN D 421 -15.82 21.78 -16.98
CA ASN D 421 -15.66 22.96 -17.81
C ASN D 421 -16.19 24.23 -17.18
N HIS D 422 -17.40 24.19 -16.61
CA HIS D 422 -18.04 25.41 -16.13
C HIS D 422 -17.81 25.60 -14.64
N ASN D 423 -18.51 26.56 -14.05
CA ASN D 423 -18.35 26.93 -12.66
C ASN D 423 -19.73 27.04 -11.99
N PHE D 424 -19.71 27.04 -10.66
CA PHE D 424 -20.95 27.21 -9.90
C PHE D 424 -21.63 28.50 -10.31
N VAL D 425 -22.96 28.46 -10.42
CA VAL D 425 -23.66 29.59 -11.02
C VAL D 425 -24.15 30.55 -9.95
N ASP D 426 -25.10 30.13 -9.13
CA ASP D 426 -25.79 30.99 -8.16
C ASP D 426 -26.61 30.09 -7.25
N MET D 427 -27.49 30.72 -6.48
CA MET D 427 -28.50 30.04 -5.68
C MET D 427 -29.64 31.00 -5.40
N PRO D 428 -30.90 30.58 -5.58
CA PRO D 428 -32.01 31.50 -5.30
C PRO D 428 -32.13 31.81 -3.83
N GLU D 429 -33.06 32.67 -3.46
CA GLU D 429 -33.31 32.92 -2.04
C GLU D 429 -33.86 31.64 -1.42
N ASN D 430 -33.08 31.05 -0.50
CA ASN D 430 -33.42 29.88 0.30
C ASN D 430 -34.21 28.86 -0.51
N PRO D 431 -33.55 28.14 -1.43
CA PRO D 431 -34.30 27.32 -2.40
C PRO D 431 -35.23 26.31 -1.77
N ALA D 432 -34.96 25.87 -0.55
CA ALA D 432 -35.79 24.87 0.10
C ALA D 432 -37.07 25.43 0.66
N GLU D 433 -37.41 26.69 0.36
CA GLU D 433 -38.58 27.31 0.97
C GLU D 433 -39.86 26.58 0.57
N MET D 434 -40.01 26.31 -0.73
CA MET D 434 -41.21 25.63 -1.21
C MET D 434 -41.32 24.24 -0.60
N VAL D 435 -40.22 23.49 -0.56
CA VAL D 435 -40.30 22.12 -0.07
C VAL D 435 -40.61 22.10 1.41
N VAL D 436 -39.99 22.98 2.20
CA VAL D 436 -40.27 22.97 3.63
C VAL D 436 -41.70 23.41 3.91
N GLY D 437 -42.22 24.38 3.16
CA GLY D 437 -43.61 24.76 3.33
C GLY D 437 -44.56 23.65 2.91
N TRP D 438 -44.21 22.92 1.86
CA TRP D 438 -45.03 21.83 1.35
C TRP D 438 -45.11 20.69 2.37
N VAL D 439 -43.96 20.25 2.87
CA VAL D 439 -43.95 19.22 3.90
C VAL D 439 -44.72 19.69 5.13
N GLY D 440 -44.47 20.92 5.57
CA GLY D 440 -45.13 21.42 6.76
C GLY D 440 -46.63 21.45 6.64
N ASP D 441 -47.14 21.94 5.50
CA ASP D 441 -48.58 22.08 5.39
C ASP D 441 -49.27 20.78 5.04
N ILE D 442 -48.58 19.83 4.44
CA ILE D 442 -49.21 18.53 4.25
C ILE D 442 -49.19 17.75 5.56
N LEU D 443 -48.27 18.06 6.47
CA LEU D 443 -48.28 17.40 7.77
C LEU D 443 -49.30 18.02 8.70
N SER D 444 -49.40 19.35 8.71
CA SER D 444 -50.00 20.10 9.81
C SER D 444 -51.46 20.44 9.52
N GLU D 445 -52.33 19.44 9.61
CA GLU D 445 -53.77 19.56 9.86
C GLU D 445 -54.35 18.15 9.72
N HIS D 446 -55.63 18.03 10.02
CA HIS D 446 -56.29 16.71 10.05
C HIS D 446 -57.54 16.77 9.17
N GLY D 447 -57.38 16.39 7.90
CA GLY D 447 -58.49 16.31 6.97
C GLY D 447 -59.37 15.11 7.26
N ASN D 448 -60.03 14.63 6.21
CA ASN D 448 -60.98 13.54 6.37
C ASN D 448 -60.93 12.54 5.21
N GLU D 449 -59.81 12.45 4.50
CA GLU D 449 -59.65 11.49 3.42
C GLU D 449 -58.49 10.55 3.74
N ARG D 450 -58.48 9.40 3.07
CA ARG D 450 -57.47 8.40 3.28
C ARG D 450 -56.62 8.25 2.03
N VAL D 451 -55.30 8.35 2.20
CA VAL D 451 -54.39 8.26 1.06
C VAL D 451 -54.56 6.92 0.36
N ALA D 452 -54.71 5.85 1.12
CA ALA D 452 -54.88 4.53 0.51
C ALA D 452 -56.15 4.47 -0.31
N ASP D 453 -57.22 5.14 0.15
CA ASP D 453 -58.46 5.14 -0.61
C ASP D 453 -58.35 5.95 -1.89
N ILE D 454 -57.72 7.12 -1.82
CA ILE D 454 -57.53 7.93 -3.02
C ILE D 454 -56.68 7.19 -4.04
N ARG D 455 -55.59 6.57 -3.58
CA ARG D 455 -54.71 5.87 -4.50
C ARG D 455 -55.37 4.65 -5.09
N GLY D 456 -56.10 3.88 -4.28
CA GLY D 456 -56.82 2.75 -4.82
C GLY D 456 -57.87 3.15 -5.84
N ALA D 457 -58.55 4.27 -5.60
CA ALA D 457 -59.52 4.74 -6.58
C ALA D 457 -58.84 5.16 -7.87
N LEU D 458 -57.72 5.87 -7.77
CA LEU D 458 -56.97 6.24 -8.97
C LEU D 458 -56.57 5.02 -9.77
N GLN D 459 -55.96 4.04 -9.10
CA GLN D 459 -55.43 2.88 -9.82
C GLN D 459 -56.55 2.05 -10.43
N GLN D 460 -57.66 1.88 -9.72
CA GLN D 460 -58.79 1.17 -10.28
C GLN D 460 -59.33 1.88 -11.50
N SER D 461 -59.49 3.21 -11.42
CA SER D 461 -60.03 3.96 -12.53
C SER D 461 -59.12 3.90 -13.75
N MET D 462 -57.82 4.02 -13.54
CA MET D 462 -56.89 3.95 -14.66
C MET D 462 -56.90 2.57 -15.30
N ASP D 463 -56.80 1.52 -14.50
CA ASP D 463 -56.79 0.19 -15.09
C ASP D 463 -58.13 -0.20 -15.68
N ASN D 464 -59.21 0.49 -15.32
CA ASN D 464 -60.47 0.27 -16.01
C ASN D 464 -60.49 0.97 -17.37
N ASN D 465 -60.12 2.26 -17.40
CA ASN D 465 -60.34 3.09 -18.57
C ASN D 465 -59.09 3.26 -19.44
N ALA D 466 -58.01 3.77 -18.88
CA ALA D 466 -56.80 4.05 -19.65
C ALA D 466 -55.87 2.84 -19.66
N ALA D 467 -56.40 1.71 -20.14
CA ALA D 467 -55.67 0.46 -20.21
C ALA D 467 -55.65 -0.03 -21.64
N VAL D 468 -55.28 -1.30 -21.84
CA VAL D 468 -54.93 -1.86 -23.15
C VAL D 468 -55.80 -1.32 -24.27
N PHE D 469 -57.10 -1.21 -24.05
CA PHE D 469 -58.01 -0.63 -25.04
C PHE D 469 -58.61 0.66 -24.50
N ARG D 470 -58.52 1.72 -25.29
CA ARG D 470 -58.96 3.04 -24.87
C ARG D 470 -60.02 3.54 -25.82
N THR D 471 -60.93 4.37 -25.31
CA THR D 471 -61.99 4.97 -26.10
C THR D 471 -62.13 6.42 -25.66
N GLU D 472 -62.86 7.21 -26.44
CA GLU D 472 -63.05 8.60 -26.06
C GLU D 472 -63.89 8.72 -24.80
N GLU D 473 -64.96 7.93 -24.71
CA GLU D 473 -65.82 8.02 -23.53
C GLU D 473 -65.09 7.53 -22.28
N THR D 474 -64.32 6.46 -22.41
CA THR D 474 -63.58 5.97 -21.25
C THR D 474 -62.51 6.95 -20.83
N LEU D 475 -61.82 7.57 -21.78
CA LEU D 475 -60.80 8.54 -21.41
C LEU D 475 -61.40 9.78 -20.79
N LYS D 476 -62.58 10.22 -21.24
CA LYS D 476 -63.24 11.34 -20.58
C LYS D 476 -63.68 10.97 -19.18
N GLN D 477 -64.21 9.75 -19.00
CA GLN D 477 -64.56 9.29 -17.67
C GLN D 477 -63.35 9.30 -16.75
N ALA D 478 -62.22 8.81 -17.24
CA ALA D 478 -61.01 8.83 -16.41
C ALA D 478 -60.55 10.24 -16.12
N LEU D 479 -60.77 11.18 -17.03
CA LEU D 479 -60.41 12.57 -16.75
C LEU D 479 -61.26 13.13 -15.61
N THR D 480 -62.57 12.90 -15.64
CA THR D 480 -63.41 13.38 -14.55
C THR D 480 -63.02 12.71 -13.24
N ASP D 481 -62.73 11.41 -13.28
CA ASP D 481 -62.29 10.70 -12.08
C ASP D 481 -61.04 11.32 -11.50
N ILE D 482 -60.05 11.61 -12.36
CA ILE D 482 -58.79 12.14 -11.86
C ILE D 482 -58.97 13.56 -11.34
N HIS D 483 -59.87 14.33 -11.91
CA HIS D 483 -60.11 15.66 -11.36
C HIS D 483 -60.78 15.59 -9.99
N ALA D 484 -61.74 14.67 -9.83
CA ALA D 484 -62.34 14.46 -8.52
C ALA D 484 -61.29 14.05 -7.50
N LEU D 485 -60.42 13.11 -7.85
CA LEU D 485 -59.39 12.69 -6.90
C LEU D 485 -58.39 13.80 -6.64
N LYS D 486 -58.17 14.69 -7.61
CA LYS D 486 -57.25 15.80 -7.37
C LYS D 486 -57.83 16.82 -6.42
N GLU D 487 -59.16 16.97 -6.40
CA GLU D 487 -59.75 17.87 -5.42
C GLU D 487 -59.88 17.19 -4.06
N ARG D 488 -59.98 15.86 -4.04
CA ARG D 488 -59.98 15.15 -2.76
C ARG D 488 -58.60 15.14 -2.12
N TYR D 489 -57.55 14.97 -2.92
CA TYR D 489 -56.19 14.98 -2.39
C TYR D 489 -55.88 16.26 -1.65
N SER D 490 -56.64 17.33 -1.89
CA SER D 490 -56.40 18.60 -1.22
C SER D 490 -56.54 18.50 0.30
N ARG D 491 -57.22 17.47 0.79
CA ARG D 491 -57.48 17.31 2.22
C ARG D 491 -57.22 15.86 2.62
N ILE D 492 -55.98 15.55 2.96
CA ILE D 492 -55.63 14.21 3.40
C ILE D 492 -55.04 14.28 4.79
N THR D 493 -54.79 13.12 5.39
CA THR D 493 -54.26 13.03 6.74
C THR D 493 -53.00 12.19 6.74
N VAL D 494 -51.91 12.78 7.19
CA VAL D 494 -50.72 12.04 7.58
C VAL D 494 -50.83 11.77 9.07
N HIS D 495 -51.01 10.52 9.44
CA HIS D 495 -51.28 10.17 10.82
C HIS D 495 -50.03 10.07 11.68
N ASP D 496 -48.84 10.16 11.09
CA ASP D 496 -47.63 9.97 11.86
C ASP D 496 -47.25 11.22 12.63
N LYS D 497 -47.04 12.33 11.92
CA LYS D 497 -46.68 13.61 12.53
C LYS D 497 -45.28 13.59 13.12
N GLY D 498 -44.64 12.43 13.11
CA GLY D 498 -43.29 12.30 13.63
C GLY D 498 -42.27 12.88 12.66
N LYS D 499 -41.01 12.59 12.96
CA LYS D 499 -39.94 13.11 12.12
C LYS D 499 -38.84 12.10 11.79
N ARG D 500 -38.78 10.96 12.46
CA ARG D 500 -37.60 10.11 12.30
C ARG D 500 -37.66 9.27 11.04
N TYR D 501 -38.63 8.37 10.93
CA TYR D 501 -38.82 7.55 9.72
C TYR D 501 -40.27 7.70 9.34
N ASN D 502 -40.60 8.70 8.55
CA ASN D 502 -41.98 9.05 8.27
C ASN D 502 -42.32 8.56 6.87
N SER D 503 -42.83 7.34 6.78
CA SER D 503 -43.18 6.78 5.48
C SER D 503 -44.56 7.21 5.01
N ASP D 504 -45.45 7.57 5.94
CA ASP D 504 -46.78 8.02 5.55
C ASP D 504 -46.74 9.35 4.83
N LEU D 505 -45.93 10.28 5.34
CA LEU D 505 -45.71 11.54 4.66
C LEU D 505 -45.29 11.31 3.22
N LEU D 506 -44.28 10.47 3.03
CA LEU D 506 -43.75 10.27 1.69
C LEU D 506 -44.71 9.51 0.81
N GLU D 507 -45.56 8.65 1.38
CA GLU D 507 -46.59 8.02 0.57
C GLU D 507 -47.58 9.05 0.02
N ALA D 508 -47.96 10.03 0.85
CA ALA D 508 -48.82 11.09 0.34
C ALA D 508 -48.12 11.90 -0.74
N ILE D 509 -46.85 12.23 -0.51
CA ILE D 509 -46.10 13.01 -1.48
C ILE D 509 -46.01 12.28 -2.82
N GLU D 510 -45.81 10.96 -2.78
CA GLU D 510 -45.75 10.18 -4.02
C GLU D 510 -47.10 10.07 -4.70
N LEU D 511 -48.19 10.03 -3.92
CA LEU D 511 -49.51 10.07 -4.54
C LEU D 511 -49.71 11.34 -5.35
N GLY D 512 -49.12 12.45 -4.90
CA GLY D 512 -49.17 13.67 -5.72
C GLY D 512 -48.62 13.46 -7.12
N PHE D 513 -47.41 12.91 -7.20
CA PHE D 513 -46.80 12.61 -8.49
C PHE D 513 -47.65 11.66 -9.31
N LEU D 514 -48.21 10.62 -8.66
CA LEU D 514 -49.05 9.69 -9.39
C LEU D 514 -50.22 10.40 -10.04
N LEU D 515 -50.84 11.34 -9.34
CA LEU D 515 -51.98 12.05 -9.92
C LEU D 515 -51.57 12.90 -11.11
N GLU D 516 -50.45 13.63 -10.98
CA GLU D 516 -49.99 14.44 -12.12
C GLU D 516 -49.73 13.57 -13.35
N LEU D 517 -48.95 12.51 -13.18
CA LEU D 517 -48.61 11.67 -14.32
C LEU D 517 -49.84 10.98 -14.91
N ALA D 518 -50.81 10.64 -14.07
CA ALA D 518 -52.02 10.05 -14.60
C ALA D 518 -52.75 11.02 -15.52
N GLU D 519 -52.86 12.29 -15.12
CA GLU D 519 -53.54 13.22 -16.00
C GLU D 519 -52.77 13.47 -17.28
N VAL D 520 -51.44 13.51 -17.20
CA VAL D 520 -50.63 13.66 -18.41
C VAL D 520 -50.90 12.51 -19.38
N THR D 521 -50.88 11.28 -18.87
CA THR D 521 -51.13 10.13 -19.71
C THR D 521 -52.50 10.20 -20.35
N VAL D 522 -53.52 10.57 -19.57
CA VAL D 522 -54.87 10.55 -20.11
C VAL D 522 -55.06 11.62 -21.17
N VAL D 523 -54.52 12.83 -20.96
CA VAL D 523 -54.72 13.87 -21.96
C VAL D 523 -53.93 13.55 -23.23
N GLY D 524 -52.73 12.98 -23.10
CA GLY D 524 -52.02 12.56 -24.28
C GLY D 524 -52.76 11.49 -25.07
N ALA D 525 -53.23 10.46 -24.37
CA ALA D 525 -53.95 9.38 -25.03
C ALA D 525 -55.28 9.82 -25.60
N LEU D 526 -55.88 10.88 -25.05
CA LEU D 526 -57.10 11.42 -25.63
C LEU D 526 -56.80 12.29 -26.83
N ASN D 527 -55.61 12.88 -26.87
CA ASN D 527 -55.21 13.66 -28.04
C ASN D 527 -54.92 12.76 -29.23
N ARG D 528 -54.09 11.74 -29.05
CA ARG D 528 -53.63 10.93 -30.18
C ARG D 528 -54.76 10.03 -30.66
N LYS D 529 -55.37 10.39 -31.78
CA LYS D 529 -56.50 9.64 -32.35
C LYS D 529 -56.03 8.66 -33.41
N GLU D 530 -55.23 7.69 -32.99
CA GLU D 530 -54.75 6.66 -33.89
C GLU D 530 -54.52 5.39 -33.06
N SER D 531 -53.85 4.41 -33.65
CA SER D 531 -53.55 3.16 -32.95
C SER D 531 -52.14 2.73 -33.32
N ARG D 532 -51.16 3.20 -32.57
CA ARG D 532 -49.77 2.93 -32.87
C ARG D 532 -49.09 2.31 -31.65
N GLY D 533 -48.53 1.13 -31.84
CA GLY D 533 -47.70 0.55 -30.79
C GLY D 533 -48.51 0.18 -29.58
N GLY D 534 -48.08 0.67 -28.42
CA GLY D 534 -48.75 0.36 -27.16
C GLY D 534 -50.07 1.06 -26.99
N HIS D 535 -50.29 2.17 -27.69
CA HIS D 535 -51.51 2.95 -27.57
C HIS D 535 -52.49 2.48 -28.63
N ALA D 536 -53.53 1.77 -28.21
CA ALA D 536 -54.59 1.32 -29.08
C ALA D 536 -55.88 2.03 -28.74
N ARG D 537 -56.68 2.35 -29.75
CA ARG D 537 -57.94 3.03 -29.54
C ARG D 537 -59.00 2.37 -30.39
N GLU D 538 -60.08 1.90 -29.75
CA GLU D 538 -61.18 1.30 -30.47
C GLU D 538 -61.93 2.30 -31.33
N ASP D 539 -61.76 3.59 -31.08
CA ASP D 539 -62.47 4.59 -31.87
C ASP D 539 -61.80 4.81 -33.22
N TYR D 540 -60.48 4.70 -33.29
CA TYR D 540 -59.72 4.91 -34.52
C TYR D 540 -58.67 3.82 -34.65
N PRO D 541 -59.07 2.63 -35.09
CA PRO D 541 -58.19 1.46 -35.06
C PRO D 541 -57.36 1.27 -36.34
N ASN D 542 -56.56 2.29 -36.68
CA ASN D 542 -55.61 2.15 -37.78
C ASN D 542 -54.61 3.29 -37.73
N ARG D 543 -53.34 2.95 -37.96
CA ARG D 543 -52.26 3.93 -37.81
C ARG D 543 -52.40 5.04 -38.85
N ASP D 544 -52.31 6.29 -38.37
CA ASP D 544 -52.40 7.47 -39.23
C ASP D 544 -50.99 8.07 -39.38
N ASP D 545 -50.29 7.63 -40.41
CA ASP D 545 -48.90 8.02 -40.63
C ASP D 545 -48.77 9.44 -41.15
N THR D 546 -49.86 10.11 -41.48
CA THR D 546 -49.80 11.44 -42.07
C THR D 546 -50.08 12.55 -41.07
N ASN D 547 -50.86 12.29 -40.03
CA ASN D 547 -51.22 13.29 -39.05
C ASN D 547 -50.56 13.10 -37.70
N TYR D 548 -50.22 11.87 -37.32
CA TYR D 548 -49.78 11.58 -35.96
C TYR D 548 -48.45 10.84 -35.93
N MET D 549 -47.56 11.11 -36.88
CA MET D 549 -46.20 10.58 -36.75
C MET D 549 -45.28 11.62 -36.14
N ARG D 550 -45.62 12.06 -34.94
CA ARG D 550 -44.82 13.00 -34.19
C ARG D 550 -44.91 12.66 -32.71
N HIS D 551 -43.87 13.01 -31.98
CA HIS D 551 -43.91 12.88 -30.54
C HIS D 551 -44.83 13.94 -29.96
N THR D 552 -45.60 13.58 -28.94
CA THR D 552 -46.41 14.53 -28.21
C THR D 552 -45.62 15.07 -27.04
N MET D 553 -45.68 16.38 -26.83
CA MET D 553 -45.00 17.00 -25.71
C MET D 553 -46.01 17.79 -24.88
N ALA D 554 -45.94 17.65 -23.57
CA ALA D 554 -46.92 18.24 -22.68
C ALA D 554 -46.22 19.20 -21.73
N TYR D 555 -46.79 20.38 -21.57
CA TYR D 555 -46.31 21.41 -20.65
C TYR D 555 -47.39 21.72 -19.62
N LYS D 556 -46.98 21.88 -18.38
CA LYS D 556 -47.89 22.24 -17.31
C LYS D 556 -47.97 23.76 -17.20
N GLN D 557 -49.18 24.27 -16.98
CA GLN D 557 -49.36 25.72 -17.00
C GLN D 557 -49.26 26.34 -15.62
N GLY D 558 -50.12 25.93 -14.69
CA GLY D 558 -50.14 26.49 -13.36
C GLY D 558 -49.04 25.96 -12.45
N THR D 559 -49.32 25.94 -11.18
CA THR D 559 -48.43 25.40 -10.16
C THR D 559 -49.09 24.39 -9.25
N ASP D 560 -50.36 24.61 -8.90
CA ASP D 560 -51.09 23.66 -8.08
C ASP D 560 -51.44 22.42 -8.91
N LEU D 561 -52.03 21.43 -8.24
CA LEU D 561 -52.37 20.19 -8.93
C LEU D 561 -53.32 20.46 -10.10
N LEU D 562 -54.49 20.99 -9.81
CA LEU D 562 -55.47 21.24 -10.85
C LEU D 562 -54.98 22.38 -11.74
N SER D 563 -54.57 22.04 -12.97
CA SER D 563 -54.00 23.01 -13.89
C SER D 563 -54.39 22.59 -15.30
N ASP D 564 -53.71 23.16 -16.28
CA ASP D 564 -53.95 22.86 -17.68
C ASP D 564 -52.71 22.22 -18.28
N ILE D 565 -52.92 21.35 -19.26
CA ILE D 565 -51.85 20.65 -19.95
C ILE D 565 -51.86 21.10 -21.40
N ARG D 566 -50.85 21.86 -21.80
CA ARG D 566 -50.74 22.32 -23.18
C ARG D 566 -49.89 21.35 -23.98
N LEU D 567 -50.38 20.97 -25.17
CA LEU D 567 -49.76 19.93 -25.96
C LEU D 567 -49.15 20.53 -27.23
N ASP D 568 -47.87 20.32 -27.41
CA ASP D 568 -47.14 20.65 -28.62
C ASP D 568 -46.66 19.36 -29.28
N TYR D 569 -46.06 19.49 -30.46
CA TYR D 569 -45.61 18.34 -31.22
C TYR D 569 -44.14 18.48 -31.57
N LYS D 570 -43.47 17.33 -31.65
CA LYS D 570 -42.06 17.28 -31.95
C LYS D 570 -41.84 16.33 -33.12
N PRO D 571 -41.10 16.73 -34.15
CA PRO D 571 -40.93 15.86 -35.31
C PRO D 571 -40.01 14.69 -35.00
N VAL D 572 -40.28 13.56 -35.66
CA VAL D 572 -39.49 12.35 -35.51
C VAL D 572 -38.43 12.30 -36.60
N VAL D 573 -37.19 11.98 -36.21
CA VAL D 573 -36.08 11.94 -37.15
C VAL D 573 -36.17 10.67 -37.99
N GLN D 574 -35.75 10.76 -39.25
CA GLN D 574 -35.76 9.62 -40.16
C GLN D 574 -34.49 9.63 -40.99
N THR D 575 -33.86 8.47 -41.12
CA THR D 575 -32.66 8.34 -41.95
C THR D 575 -32.86 7.41 -43.13
N ARG D 576 -33.21 6.16 -42.90
CA ARG D 576 -33.31 5.20 -44.00
C ARG D 576 -34.63 4.44 -44.03
N TYR D 577 -35.17 4.09 -42.88
CA TYR D 577 -36.29 3.16 -42.80
C TYR D 577 -37.59 3.92 -42.95
N GLU D 578 -38.48 3.41 -43.79
CA GLU D 578 -39.71 4.10 -44.08
C GLU D 578 -40.91 3.23 -43.72
N PRO D 579 -42.03 3.84 -43.35
CA PRO D 579 -43.15 3.06 -42.82
C PRO D 579 -43.66 2.02 -43.81
N MET D 580 -44.27 0.97 -43.25
CA MET D 580 -44.91 -0.08 -44.02
C MET D 580 -45.69 -0.97 -43.07
N GLU D 581 -46.86 -1.41 -43.51
CA GLU D 581 -47.74 -2.21 -42.66
C GLU D 581 -47.14 -3.57 -42.34
N ALA E 23 -61.66 -14.74 4.01
CA ALA E 23 -61.40 -13.83 5.13
C ALA E 23 -61.39 -14.59 6.45
N VAL E 24 -60.26 -14.57 7.15
CA VAL E 24 -60.11 -15.38 8.34
C VAL E 24 -59.84 -14.57 9.60
N MET E 25 -59.45 -13.30 9.50
CA MET E 25 -59.22 -12.43 10.66
C MET E 25 -58.09 -12.97 11.55
N VAL E 26 -56.89 -12.91 10.99
CA VAL E 26 -55.68 -13.23 11.72
C VAL E 26 -55.34 -12.10 12.69
N THR E 27 -54.59 -12.43 13.73
CA THR E 27 -54.05 -11.46 14.67
C THR E 27 -52.55 -11.34 14.45
N LEU E 28 -52.08 -10.11 14.29
CA LEU E 28 -50.65 -9.83 14.15
C LEU E 28 -50.17 -9.19 15.43
N LYS E 29 -49.06 -9.68 15.96
CA LYS E 29 -48.46 -9.16 17.19
C LYS E 29 -47.10 -8.59 16.82
N ILE E 30 -47.04 -7.27 16.67
CA ILE E 30 -45.88 -6.60 16.12
C ILE E 30 -45.12 -5.93 17.25
N ALA E 31 -43.79 -6.04 17.20
CA ALA E 31 -42.95 -5.43 18.23
C ALA E 31 -42.69 -3.97 17.86
N ARG E 32 -43.45 -3.06 18.48
CA ARG E 32 -43.36 -1.65 18.13
C ARG E 32 -42.22 -0.97 18.86
N PHE E 33 -41.70 0.09 18.24
CA PHE E 33 -40.65 0.89 18.84
C PHE E 33 -40.60 2.23 18.13
N ASN E 34 -40.95 3.30 18.86
CA ASN E 34 -40.87 4.64 18.33
C ASN E 34 -39.57 5.26 18.76
N PRO E 35 -38.69 5.67 17.86
CA PRO E 35 -37.35 6.06 18.28
C PRO E 35 -37.31 7.38 19.04
N GLU E 36 -38.30 8.25 18.82
CA GLU E 36 -38.25 9.59 19.39
C GLU E 36 -39.35 9.83 20.42
N ASN E 37 -40.61 9.67 20.07
CA ASN E 37 -41.62 10.25 20.96
C ASN E 37 -41.71 9.47 22.28
N PRO E 38 -42.22 8.22 22.35
CA PRO E 38 -41.89 7.42 23.54
C PRO E 38 -40.81 6.39 23.28
N ASP E 39 -39.86 6.24 24.19
CA ASP E 39 -39.06 5.02 24.25
C ASP E 39 -39.61 4.05 25.29
N ALA E 40 -40.90 3.76 25.22
CA ALA E 40 -41.54 2.81 26.12
C ALA E 40 -42.70 2.16 25.36
N ALA E 41 -42.41 1.04 24.71
CA ALA E 41 -43.39 0.37 23.88
C ALA E 41 -42.93 -1.04 23.60
N GLY E 42 -43.88 -1.98 23.61
CA GLY E 42 -43.62 -3.36 23.30
C GLY E 42 -44.52 -3.87 22.19
N TRP E 43 -45.27 -4.94 22.46
CA TRP E 43 -46.07 -5.53 21.40
C TRP E 43 -47.36 -4.74 21.18
N GLN E 44 -47.93 -4.90 20.00
CA GLN E 44 -49.28 -4.46 19.71
C GLN E 44 -49.96 -5.51 18.84
N SER E 45 -51.23 -5.75 19.09
CA SER E 45 -52.00 -6.75 18.35
C SER E 45 -53.02 -6.05 17.47
N PHE E 46 -53.02 -6.42 16.19
CA PHE E 46 -53.96 -5.92 15.21
C PHE E 46 -54.75 -7.08 14.64
N ARG E 47 -56.02 -6.85 14.34
CA ARG E 47 -56.87 -7.85 13.70
C ARG E 47 -57.02 -7.50 12.24
N VAL E 48 -56.65 -8.42 11.35
CA VAL E 48 -56.61 -8.13 9.93
C VAL E 48 -57.20 -9.29 9.14
N PRO E 49 -58.04 -9.04 8.14
CA PRO E 49 -58.58 -10.14 7.34
C PRO E 49 -57.52 -10.74 6.44
N CYS E 50 -57.67 -12.04 6.18
CA CYS E 50 -56.64 -12.82 5.51
C CYS E 50 -57.29 -13.76 4.49
N LEU E 51 -57.23 -13.39 3.22
CA LEU E 51 -57.59 -14.33 2.17
C LEU E 51 -56.47 -15.35 2.01
N PRO E 52 -56.77 -16.51 1.44
CA PRO E 52 -55.73 -17.54 1.32
C PRO E 52 -54.66 -17.19 0.29
N SER E 53 -54.96 -16.33 -0.68
CA SER E 53 -53.97 -15.89 -1.65
C SER E 53 -53.29 -14.61 -1.19
N ASP E 54 -52.78 -14.62 0.04
CA ASP E 54 -52.14 -13.46 0.64
C ASP E 54 -50.73 -13.83 1.06
N ARG E 55 -49.91 -12.82 1.22
CA ARG E 55 -48.62 -12.96 1.87
C ARG E 55 -48.66 -12.12 3.13
N LEU E 56 -47.56 -12.10 3.86
CA LEU E 56 -47.56 -11.28 5.06
C LEU E 56 -47.43 -9.81 4.74
N LEU E 57 -46.85 -9.47 3.59
CA LEU E 57 -46.75 -8.08 3.21
C LEU E 57 -48.10 -7.46 2.96
N ASN E 58 -49.06 -8.23 2.48
CA ASN E 58 -50.41 -7.70 2.29
C ASN E 58 -51.04 -7.31 3.61
N LEU E 59 -50.85 -8.11 4.64
CA LEU E 59 -51.42 -7.79 5.95
C LEU E 59 -50.70 -6.64 6.59
N LEU E 60 -49.38 -6.57 6.43
CA LEU E 60 -48.65 -5.40 6.92
C LEU E 60 -49.10 -4.13 6.21
N HIS E 61 -49.43 -4.24 4.92
CA HIS E 61 -49.97 -3.10 4.21
C HIS E 61 -51.35 -2.70 4.72
N TYR E 62 -52.21 -3.68 4.97
CA TYR E 62 -53.51 -3.38 5.56
C TYR E 62 -53.35 -2.64 6.88
N VAL E 63 -52.47 -3.13 7.75
CA VAL E 63 -52.22 -2.45 9.02
C VAL E 63 -51.78 -1.02 8.77
N LYS E 64 -50.76 -0.83 7.94
CA LYS E 64 -50.19 0.50 7.77
C LYS E 64 -51.15 1.46 7.11
N TRP E 65 -51.99 0.98 6.20
CA TRP E 65 -52.86 1.88 5.46
C TRP E 65 -54.12 2.22 6.26
N TYR E 66 -54.74 1.23 6.89
CA TYR E 66 -56.06 1.42 7.48
C TYR E 66 -56.01 1.63 8.99
N LEU E 67 -55.45 0.68 9.73
CA LEU E 67 -55.55 0.73 11.18
C LEU E 67 -54.52 1.66 11.79
N ASP E 68 -53.26 1.33 11.62
CA ASP E 68 -52.13 2.11 12.12
C ASP E 68 -51.65 3.03 11.01
N GLY E 69 -50.38 3.34 10.99
CA GLY E 69 -49.84 4.28 10.01
C GLY E 69 -48.58 4.89 10.55
N THR E 70 -48.30 4.61 11.82
CA THR E 70 -46.97 4.78 12.36
C THR E 70 -46.09 3.58 12.08
N LEU E 71 -46.66 2.48 11.60
CA LEU E 71 -45.92 1.24 11.37
C LEU E 71 -45.04 1.41 10.14
N THR E 72 -43.74 1.26 10.31
CA THR E 72 -42.77 1.58 9.27
C THR E 72 -41.92 0.35 8.97
N PHE E 73 -42.05 -0.18 7.77
CA PHE E 73 -41.21 -1.27 7.30
C PHE E 73 -40.67 -0.93 5.92
N ARG E 74 -39.79 -1.78 5.42
CA ARG E 74 -39.20 -1.62 4.09
C ARG E 74 -39.79 -2.63 3.13
N ARG E 75 -40.02 -2.21 1.89
CA ARG E 75 -40.45 -3.10 0.83
C ARG E 75 -40.32 -2.35 -0.48
N SER E 76 -39.81 -3.02 -1.50
CA SER E 76 -39.75 -2.43 -2.82
C SER E 76 -40.52 -3.24 -3.86
N CYS E 77 -40.12 -4.48 -4.10
CA CYS E 77 -40.43 -5.12 -5.36
C CYS E 77 -41.81 -5.72 -5.36
N ALA E 78 -42.29 -6.07 -6.55
CA ALA E 78 -43.53 -6.83 -6.63
C ALA E 78 -43.22 -8.31 -6.35
N HIS E 79 -42.52 -8.97 -7.27
CA HIS E 79 -41.96 -10.28 -6.95
C HIS E 79 -40.64 -10.55 -7.64
N GLY E 80 -39.84 -9.52 -7.90
CA GLY E 80 -38.48 -9.75 -8.35
C GLY E 80 -37.48 -9.45 -7.25
N VAL E 81 -36.95 -10.47 -6.59
CA VAL E 81 -36.50 -10.33 -5.22
C VAL E 81 -35.34 -9.35 -5.09
N CYS E 82 -35.51 -8.39 -4.18
CA CYS E 82 -34.52 -7.37 -3.88
C CYS E 82 -33.96 -7.48 -2.47
N GLY E 83 -34.69 -8.09 -1.55
CA GLY E 83 -34.19 -8.34 -0.22
C GLY E 83 -34.48 -7.26 0.79
N SER E 84 -35.56 -6.52 0.62
CA SER E 84 -35.78 -5.35 1.45
C SER E 84 -36.35 -5.71 2.81
N ASP E 85 -37.27 -6.66 2.86
CA ASP E 85 -38.13 -6.84 4.02
C ASP E 85 -37.79 -8.09 4.82
N ALA E 86 -36.52 -8.36 5.02
CA ALA E 86 -36.14 -9.36 6.01
C ALA E 86 -36.68 -8.95 7.35
N MET E 87 -37.44 -9.83 7.99
CA MET E 87 -37.84 -9.62 9.37
C MET E 87 -38.00 -10.97 10.02
N ARG E 88 -38.15 -10.94 11.33
CA ARG E 88 -38.23 -12.13 12.19
C ARG E 88 -39.69 -12.45 12.42
N ILE E 89 -40.17 -13.49 11.75
CA ILE E 89 -41.56 -13.91 11.80
C ILE E 89 -41.62 -15.26 12.47
N ASN E 90 -42.42 -15.34 13.54
CA ASN E 90 -42.62 -16.57 14.30
C ASN E 90 -41.30 -17.21 14.70
N GLY E 91 -40.31 -16.40 15.00
CA GLY E 91 -39.03 -16.94 15.39
C GLY E 91 -37.95 -16.87 14.33
N VAL E 92 -38.28 -17.15 13.07
CA VAL E 92 -37.27 -17.32 12.04
C VAL E 92 -37.23 -16.09 11.14
N ASN E 93 -36.05 -15.82 10.57
CA ASN E 93 -35.88 -14.79 9.57
C ASN E 93 -36.58 -15.22 8.29
N ARG E 94 -37.55 -14.44 7.80
CA ARG E 94 -38.40 -14.98 6.75
C ARG E 94 -38.66 -14.11 5.53
N LEU E 95 -38.24 -12.85 5.50
CA LEU E 95 -38.43 -12.07 4.27
C LEU E 95 -39.90 -11.94 3.90
N ALA E 96 -40.65 -11.13 4.65
CA ALA E 96 -42.11 -11.08 4.69
C ALA E 96 -42.85 -11.36 3.40
N CYS E 97 -42.44 -10.75 2.29
CA CYS E 97 -43.15 -10.90 1.03
C CYS E 97 -43.32 -12.34 0.60
N LYS E 98 -42.68 -13.29 1.29
CA LYS E 98 -42.72 -14.70 0.91
C LYS E 98 -43.34 -15.59 1.97
N VAL E 99 -44.16 -15.07 2.88
CA VAL E 99 -44.61 -15.92 3.98
C VAL E 99 -45.86 -16.73 3.62
N LEU E 100 -46.49 -16.47 2.49
CA LEU E 100 -47.38 -17.36 1.75
C LEU E 100 -48.73 -17.58 2.38
N MET E 101 -48.91 -17.35 3.68
CA MET E 101 -50.19 -17.21 4.36
C MET E 101 -51.32 -18.06 3.79
N ARG E 102 -51.06 -19.30 3.38
CA ARG E 102 -52.07 -20.06 2.66
C ARG E 102 -52.54 -21.30 3.40
N ASP E 103 -51.62 -22.21 3.73
CA ASP E 103 -51.99 -23.49 4.33
C ASP E 103 -51.93 -23.37 5.85
N MET E 104 -52.92 -22.66 6.39
CA MET E 104 -53.02 -22.48 7.83
C MET E 104 -53.46 -23.79 8.46
N LEU E 105 -52.61 -24.35 9.33
CA LEU E 105 -52.97 -25.56 10.06
C LEU E 105 -54.14 -25.35 11.02
N PRO E 106 -54.31 -24.18 11.66
CA PRO E 106 -55.57 -23.92 12.40
C PRO E 106 -56.76 -23.80 11.47
N LYS E 107 -56.55 -23.98 10.17
CA LYS E 107 -57.67 -24.18 9.28
C LYS E 107 -58.35 -25.51 9.57
N ASN E 108 -57.61 -26.43 10.22
CA ASN E 108 -58.17 -27.70 10.65
C ASN E 108 -59.06 -27.50 11.88
N PRO E 109 -58.55 -27.04 13.06
CA PRO E 109 -59.45 -26.63 14.13
C PRO E 109 -59.74 -25.14 14.06
N ASN E 110 -61.02 -24.79 13.83
CA ASN E 110 -61.41 -23.38 13.80
C ASN E 110 -61.11 -22.70 15.12
N LYS E 111 -60.15 -21.78 15.13
CA LYS E 111 -59.67 -21.19 16.37
C LYS E 111 -58.78 -20.00 16.05
N GLN E 112 -58.55 -19.16 17.06
CA GLN E 112 -57.72 -17.97 16.93
C GLN E 112 -56.32 -18.30 16.42
N LEU E 113 -55.79 -17.44 15.55
CA LEU E 113 -54.43 -17.50 15.07
C LEU E 113 -53.67 -16.24 15.45
N THR E 114 -52.34 -16.34 15.54
CA THR E 114 -51.47 -15.22 15.84
C THR E 114 -50.18 -15.38 15.07
N ILE E 115 -49.66 -14.27 14.54
CA ILE E 115 -48.36 -14.21 13.89
C ILE E 115 -47.54 -13.15 14.58
N THR E 116 -46.37 -13.52 15.06
CA THR E 116 -45.52 -12.61 15.82
C THR E 116 -44.45 -12.05 14.89
N ILE E 117 -44.35 -10.73 14.80
CA ILE E 117 -43.46 -10.07 13.87
C ILE E 117 -42.56 -9.11 14.62
N GLU E 118 -41.27 -9.11 14.27
CA GLU E 118 -40.32 -8.23 14.93
C GLU E 118 -39.10 -8.08 14.04
N PRO E 119 -38.28 -7.07 14.27
CA PRO E 119 -37.14 -6.84 13.36
C PRO E 119 -36.07 -7.92 13.48
N ILE E 120 -35.20 -7.97 12.48
CA ILE E 120 -34.12 -8.93 12.53
C ILE E 120 -33.13 -8.53 13.63
N ARG E 121 -32.37 -9.52 14.10
CA ARG E 121 -31.62 -9.41 15.34
C ARG E 121 -30.13 -9.27 15.04
N GLY E 122 -29.48 -8.35 15.74
CA GLY E 122 -28.06 -8.11 15.60
C GLY E 122 -27.73 -6.75 15.06
N LEU E 123 -28.62 -6.16 14.28
CA LEU E 123 -28.50 -4.83 13.72
C LEU E 123 -29.37 -3.86 14.50
N PRO E 124 -28.90 -2.62 14.69
CA PRO E 124 -29.62 -1.69 15.57
C PRO E 124 -30.97 -1.29 14.99
N VAL E 125 -32.00 -1.33 15.82
CA VAL E 125 -33.33 -0.95 15.38
C VAL E 125 -33.42 0.56 15.26
N GLU E 126 -33.92 1.02 14.13
CA GLU E 126 -34.20 2.43 13.90
C GLU E 126 -35.66 2.78 14.08
N LYS E 127 -36.55 1.86 13.76
CA LYS E 127 -37.97 2.02 14.06
C LYS E 127 -38.56 0.64 13.96
N ASP E 128 -39.83 0.51 14.32
CA ASP E 128 -40.40 -0.83 14.37
C ASP E 128 -40.37 -1.52 13.01
N LEU E 129 -39.53 -2.54 12.89
CA LEU E 129 -39.25 -3.36 11.71
C LEU E 129 -38.26 -2.74 10.74
N VAL E 130 -37.75 -1.54 10.99
CA VAL E 130 -36.68 -0.94 10.21
C VAL E 130 -35.42 -0.95 11.05
N VAL E 131 -34.38 -1.62 10.57
CA VAL E 131 -33.10 -1.69 11.25
C VAL E 131 -32.07 -0.90 10.45
N ASN E 132 -30.88 -0.78 11.00
CA ASN E 132 -29.80 -0.01 10.42
C ASN E 132 -28.85 -0.98 9.71
N MET E 133 -28.85 -0.94 8.38
CA MET E 133 -28.12 -1.91 7.58
C MET E 133 -26.69 -1.50 7.29
N GLU E 134 -26.23 -0.42 7.87
CA GLU E 134 -24.89 0.07 7.59
C GLU E 134 -23.80 -0.83 8.16
N PRO E 135 -23.96 -1.41 9.35
CA PRO E 135 -22.99 -2.44 9.75
C PRO E 135 -22.89 -3.58 8.78
N PHE E 136 -24.04 -4.04 8.26
CA PHE E 136 -24.06 -5.14 7.30
C PHE E 136 -23.28 -4.77 6.04
N PHE E 137 -23.53 -3.58 5.51
CA PHE E 137 -22.85 -3.24 4.26
C PHE E 137 -21.39 -2.87 4.48
N ASP E 138 -21.03 -2.33 5.64
CA ASP E 138 -19.63 -2.09 5.92
C ASP E 138 -18.86 -3.38 6.09
N ALA E 139 -19.50 -4.43 6.60
CA ALA E 139 -18.83 -5.72 6.63
C ALA E 139 -18.74 -6.34 5.26
N TYR E 140 -19.74 -6.10 4.41
CA TYR E 140 -19.71 -6.63 3.05
C TYR E 140 -18.58 -6.00 2.25
N ARG E 141 -18.50 -4.67 2.20
CA ARG E 141 -17.46 -4.04 1.41
C ARG E 141 -16.17 -3.87 2.18
N ALA E 142 -15.77 -4.94 2.85
CA ALA E 142 -14.47 -5.03 3.49
C ALA E 142 -13.72 -6.26 3.02
N VAL E 143 -14.39 -7.14 2.29
CA VAL E 143 -13.78 -8.31 1.71
C VAL E 143 -13.42 -8.06 0.24
N LYS E 144 -13.27 -6.79 -0.15
CA LYS E 144 -12.97 -6.37 -1.51
C LYS E 144 -13.86 -7.08 -2.51
N PRO E 145 -15.13 -6.80 -2.54
CA PRO E 145 -16.06 -7.54 -3.39
C PRO E 145 -16.15 -7.04 -4.83
N PHE E 146 -14.99 -6.97 -5.50
CA PHE E 146 -14.97 -6.53 -6.88
C PHE E 146 -13.85 -7.23 -7.61
N LEU E 147 -13.96 -7.29 -8.93
CA LEU E 147 -12.95 -7.97 -9.74
C LEU E 147 -11.67 -7.16 -9.78
N VAL E 148 -10.55 -7.83 -9.54
CA VAL E 148 -9.22 -7.24 -9.65
C VAL E 148 -8.43 -8.05 -10.66
N THR E 149 -7.89 -7.38 -11.67
CA THR E 149 -7.17 -8.05 -12.75
C THR E 149 -5.86 -7.33 -13.01
N SER E 150 -5.18 -7.74 -14.08
CA SER E 150 -3.78 -7.36 -14.31
C SER E 150 -3.64 -5.91 -14.76
N GLY E 151 -4.26 -5.55 -15.89
CA GLY E 151 -4.10 -4.21 -16.40
C GLY E 151 -4.06 -4.04 -17.92
N ASN E 152 -4.18 -5.14 -18.66
CA ASN E 152 -4.27 -5.09 -20.12
C ASN E 152 -5.61 -5.69 -20.55
N PRO E 153 -6.68 -4.90 -20.55
CA PRO E 153 -7.99 -5.42 -20.93
C PRO E 153 -7.98 -5.93 -22.36
N PRO E 154 -8.43 -7.18 -22.57
CA PRO E 154 -8.28 -7.81 -23.89
C PRO E 154 -9.21 -7.28 -24.95
N THR E 155 -10.12 -6.37 -24.62
CA THR E 155 -11.06 -5.77 -25.56
C THR E 155 -11.99 -6.81 -26.17
N LYS E 156 -11.82 -8.07 -25.80
CA LYS E 156 -12.58 -9.17 -26.39
C LYS E 156 -13.02 -10.20 -25.35
N GLU E 157 -13.72 -9.75 -24.31
CA GLU E 157 -14.55 -10.65 -23.50
C GLU E 157 -13.75 -11.79 -22.86
N ARG E 158 -12.94 -11.48 -21.84
CA ARG E 158 -12.04 -12.44 -21.20
C ARG E 158 -12.60 -13.85 -21.18
N ILE E 159 -11.80 -14.80 -21.61
CA ILE E 159 -12.26 -16.15 -21.87
C ILE E 159 -12.34 -16.91 -20.56
N GLN E 160 -13.35 -17.76 -20.43
CA GLN E 160 -13.53 -18.55 -19.23
C GLN E 160 -14.36 -19.78 -19.58
N SER E 161 -13.93 -20.92 -19.09
CA SER E 161 -14.53 -22.18 -19.45
C SER E 161 -15.95 -22.28 -18.94
N PRO E 162 -16.80 -23.04 -19.61
CA PRO E 162 -18.13 -23.32 -19.06
C PRO E 162 -18.09 -24.19 -17.80
N THR E 163 -16.91 -24.64 -17.40
CA THR E 163 -16.76 -25.33 -16.12
C THR E 163 -16.01 -24.52 -15.09
N ASP E 164 -15.29 -23.47 -15.49
CA ASP E 164 -14.86 -22.45 -14.56
C ASP E 164 -16.00 -21.51 -14.21
N ARG E 165 -16.99 -21.39 -15.10
CA ARG E 165 -18.17 -20.60 -14.78
C ARG E 165 -18.96 -21.24 -13.65
N ALA E 166 -19.19 -22.54 -13.72
CA ALA E 166 -20.01 -23.23 -12.74
C ALA E 166 -19.30 -23.45 -11.42
N ARG E 167 -18.14 -22.84 -11.21
CA ARG E 167 -17.45 -23.01 -9.93
C ARG E 167 -17.96 -22.01 -8.92
N TYR E 168 -17.87 -20.72 -9.23
CA TYR E 168 -18.35 -19.67 -8.34
C TYR E 168 -19.84 -19.41 -8.49
N ASP E 169 -20.53 -20.18 -9.31
CA ASP E 169 -21.97 -20.10 -9.36
C ASP E 169 -22.55 -20.47 -7.99
N ASP E 170 -23.83 -20.17 -7.81
CA ASP E 170 -24.60 -20.46 -6.61
C ASP E 170 -24.23 -19.52 -5.48
N THR E 171 -23.18 -18.73 -5.63
CA THR E 171 -22.97 -17.60 -4.75
C THR E 171 -23.16 -16.30 -5.47
N THR E 172 -23.58 -16.34 -6.72
CA THR E 172 -23.96 -15.17 -7.47
C THR E 172 -25.44 -14.86 -7.33
N LYS E 173 -26.14 -15.54 -6.43
CA LYS E 173 -27.54 -15.31 -6.20
C LYS E 173 -27.81 -14.51 -4.94
N CYS E 174 -26.78 -13.97 -4.30
CA CYS E 174 -26.96 -13.24 -3.07
C CYS E 174 -27.62 -11.89 -3.35
N ILE E 175 -28.80 -11.67 -2.75
CA ILE E 175 -29.49 -10.39 -2.90
C ILE E 175 -29.19 -9.44 -1.75
N LEU E 176 -28.32 -9.82 -0.83
CA LEU E 176 -27.87 -8.97 0.27
C LEU E 176 -29.03 -8.51 1.12
N CYS E 177 -29.72 -9.47 1.74
CA CYS E 177 -30.86 -9.17 2.59
C CYS E 177 -30.57 -9.31 4.08
N ALA E 178 -29.46 -9.95 4.45
CA ALA E 178 -29.04 -10.16 5.82
C ALA E 178 -29.91 -11.13 6.58
N CYS E 179 -30.65 -11.99 5.90
CA CYS E 179 -31.36 -13.04 6.61
C CYS E 179 -30.41 -14.07 7.17
N CYS E 180 -29.22 -14.19 6.61
CA CYS E 180 -28.23 -15.13 7.10
C CYS E 180 -27.42 -14.52 8.23
N THR E 181 -26.87 -13.33 8.01
CA THR E 181 -25.99 -12.72 8.99
C THR E 181 -26.71 -12.48 10.31
N THR E 182 -27.98 -12.10 10.24
CA THR E 182 -28.75 -11.83 11.44
C THR E 182 -29.42 -13.06 11.99
N SER E 183 -28.91 -14.24 11.66
CA SER E 183 -29.30 -15.47 12.32
C SER E 183 -28.10 -16.25 12.79
N CYS E 184 -26.91 -15.70 12.67
CA CYS E 184 -25.71 -16.37 13.14
C CYS E 184 -25.54 -16.13 14.63
N PRO E 185 -25.53 -17.17 15.45
CA PRO E 185 -25.20 -16.97 16.86
C PRO E 185 -23.86 -16.31 17.08
N VAL E 186 -22.87 -16.63 16.24
CA VAL E 186 -21.58 -16.00 16.33
C VAL E 186 -21.63 -14.52 15.98
N TYR E 187 -22.64 -14.11 15.23
CA TYR E 187 -22.82 -12.70 14.94
C TYR E 187 -23.55 -11.99 16.05
N TRP E 188 -24.48 -12.68 16.72
CA TRP E 188 -25.06 -12.12 17.93
C TRP E 188 -24.04 -11.97 19.04
N SER E 189 -23.00 -12.81 19.04
CA SER E 189 -22.03 -12.84 20.12
C SER E 189 -21.14 -11.61 20.07
N GLU E 190 -20.13 -11.57 20.92
CA GLU E 190 -19.21 -10.45 20.98
C GLU E 190 -18.13 -10.58 19.92
N GLY E 191 -17.23 -9.62 19.89
CA GLY E 191 -16.26 -9.57 18.83
C GLY E 191 -16.85 -8.91 17.59
N SER E 192 -16.17 -9.10 16.46
CA SER E 192 -16.68 -8.58 15.19
C SER E 192 -16.51 -9.66 14.13
N TYR E 193 -17.48 -10.55 14.03
CA TYR E 193 -17.50 -11.57 13.01
C TYR E 193 -17.90 -10.95 11.68
N PHE E 194 -17.31 -11.42 10.59
CA PHE E 194 -17.68 -10.92 9.28
C PHE E 194 -19.13 -11.25 8.96
N GLY E 195 -19.53 -12.48 9.17
CA GLY E 195 -20.88 -12.89 8.92
C GLY E 195 -20.92 -13.81 7.72
N PRO E 196 -21.99 -14.57 7.58
CA PRO E 196 -22.08 -15.46 6.43
C PRO E 196 -22.15 -14.75 5.08
N ALA E 197 -22.74 -13.56 5.00
CA ALA E 197 -22.97 -12.93 3.71
C ALA E 197 -21.70 -12.35 3.12
N ALA E 198 -20.84 -11.78 3.97
CA ALA E 198 -19.55 -11.30 3.49
C ALA E 198 -18.72 -12.47 2.96
N ILE E 199 -18.80 -13.62 3.61
CA ILE E 199 -18.00 -14.76 3.16
C ILE E 199 -18.59 -15.35 1.89
N VAL E 200 -19.91 -15.28 1.70
CA VAL E 200 -20.50 -15.70 0.43
C VAL E 200 -20.00 -14.81 -0.70
N ASN E 201 -20.05 -13.50 -0.49
CA ASN E 201 -19.65 -12.59 -1.54
C ASN E 201 -18.14 -12.51 -1.72
N ALA E 202 -17.36 -13.06 -0.79
CA ALA E 202 -15.93 -13.23 -1.01
C ALA E 202 -15.62 -14.55 -1.71
N HIS E 203 -16.35 -15.61 -1.40
CA HIS E 203 -16.25 -16.86 -2.14
C HIS E 203 -16.50 -16.63 -3.62
N ARG E 204 -17.49 -15.79 -3.94
CA ARG E 204 -17.83 -15.51 -5.33
C ARG E 204 -16.60 -15.07 -6.13
N PHE E 205 -15.70 -14.31 -5.52
CA PHE E 205 -14.53 -13.79 -6.22
C PHE E 205 -13.30 -14.64 -6.02
N ILE E 206 -13.14 -15.26 -4.86
CA ILE E 206 -12.02 -16.15 -4.64
C ILE E 206 -12.06 -17.30 -5.62
N PHE E 207 -13.24 -17.82 -5.91
CA PHE E 207 -13.37 -18.94 -6.83
C PHE E 207 -13.71 -18.51 -8.23
N ASP E 208 -13.23 -17.34 -8.64
CA ASP E 208 -13.40 -16.82 -9.98
C ASP E 208 -12.08 -16.97 -10.73
N SER E 209 -12.15 -17.55 -11.93
CA SER E 209 -10.94 -17.78 -12.70
C SER E 209 -10.30 -16.48 -13.15
N ARG E 210 -11.10 -15.52 -13.58
CA ARG E 210 -10.57 -14.27 -14.15
C ARG E 210 -10.39 -13.20 -13.08
N ASP E 211 -9.74 -13.57 -11.99
CA ASP E 211 -9.53 -12.69 -10.85
C ASP E 211 -8.08 -12.83 -10.41
N GLU E 212 -7.51 -11.77 -9.88
CA GLU E 212 -6.10 -11.75 -9.52
C GLU E 212 -5.88 -11.28 -8.09
N ALA E 213 -6.82 -11.61 -7.20
CA ALA E 213 -6.69 -11.18 -5.80
C ALA E 213 -7.15 -12.25 -4.82
N ALA E 214 -7.27 -13.50 -5.26
CA ALA E 214 -7.67 -14.56 -4.35
C ALA E 214 -6.76 -14.63 -3.14
N ALA E 215 -5.47 -14.35 -3.32
CA ALA E 215 -4.54 -14.42 -2.20
C ALA E 215 -4.85 -13.37 -1.14
N GLU E 216 -5.12 -12.13 -1.55
CA GLU E 216 -5.40 -11.11 -0.56
C GLU E 216 -6.77 -11.28 0.06
N ARG E 217 -7.75 -11.81 -0.69
CA ARG E 217 -9.04 -12.07 -0.07
C ARG E 217 -8.94 -13.19 0.95
N LEU E 218 -8.24 -14.27 0.61
CA LEU E 218 -8.03 -15.34 1.57
C LEU E 218 -7.18 -14.88 2.74
N ASP E 219 -6.37 -13.85 2.56
CA ASP E 219 -5.64 -13.33 3.71
C ASP E 219 -6.52 -12.43 4.56
N ILE E 220 -7.53 -11.80 3.95
CA ILE E 220 -8.49 -11.04 4.74
C ILE E 220 -9.34 -11.97 5.60
N LEU E 221 -9.78 -13.08 5.02
CA LEU E 221 -10.64 -14.04 5.72
C LEU E 221 -9.88 -15.00 6.61
N ASN E 222 -8.62 -14.76 6.91
CA ASN E 222 -7.80 -15.68 7.69
C ASN E 222 -7.36 -15.03 8.99
N GLU E 223 -8.27 -14.37 9.68
CA GLU E 223 -7.95 -13.75 10.95
C GLU E 223 -8.80 -14.36 12.05
N VAL E 224 -8.68 -13.82 13.25
CA VAL E 224 -9.47 -14.31 14.37
C VAL E 224 -10.94 -14.05 14.14
N ASP E 225 -11.29 -12.88 13.59
CA ASP E 225 -12.65 -12.50 13.32
C ASP E 225 -13.07 -12.82 11.90
N GLY E 226 -12.43 -13.80 11.28
CA GLY E 226 -12.71 -14.14 9.92
C GLY E 226 -13.55 -15.39 9.79
N VAL E 227 -13.00 -16.44 9.18
CA VAL E 227 -13.79 -17.60 8.82
C VAL E 227 -13.69 -18.71 9.83
N TRP E 228 -12.78 -18.60 10.80
CA TRP E 228 -12.61 -19.62 11.82
C TRP E 228 -13.52 -19.43 13.00
N ARG E 229 -14.41 -18.44 12.96
CA ARG E 229 -15.41 -18.24 13.99
C ARG E 229 -16.73 -18.90 13.68
N CYS E 230 -16.87 -19.49 12.51
CA CYS E 230 -18.06 -20.26 12.21
C CYS E 230 -18.08 -21.49 13.09
N ARG E 231 -19.10 -21.59 13.95
CA ARG E 231 -19.30 -22.73 14.81
C ARG E 231 -20.14 -23.81 14.14
N THR E 232 -20.19 -23.80 12.82
CA THR E 232 -20.88 -24.80 12.00
C THR E 232 -22.30 -25.02 12.47
N THR E 233 -22.96 -23.93 12.81
CA THR E 233 -24.41 -23.88 12.79
C THR E 233 -24.85 -23.56 11.37
N PHE E 234 -25.99 -24.13 10.99
CA PHE E 234 -26.55 -24.01 9.66
C PHE E 234 -27.76 -23.10 9.65
N ASN E 235 -27.81 -22.18 10.60
CA ASN E 235 -28.88 -21.19 10.63
C ASN E 235 -28.92 -20.37 9.35
N CYS E 236 -27.74 -20.05 8.82
CA CYS E 236 -27.64 -19.27 7.61
C CYS E 236 -28.22 -20.00 6.41
N THR E 237 -27.82 -21.26 6.25
CA THR E 237 -28.34 -22.09 5.17
C THR E 237 -29.84 -22.26 5.28
N GLU E 238 -30.34 -22.33 6.50
CA GLU E 238 -31.77 -22.49 6.70
C GLU E 238 -32.55 -21.20 6.47
N ALA E 239 -31.90 -20.04 6.62
CA ALA E 239 -32.59 -18.77 6.49
C ALA E 239 -32.52 -18.17 5.09
N CYS E 240 -31.52 -18.49 4.29
CA CYS E 240 -31.37 -17.86 2.98
C CYS E 240 -32.60 -18.08 2.11
N PRO E 241 -33.19 -17.02 1.54
CA PRO E 241 -34.35 -17.20 0.67
C PRO E 241 -34.03 -17.56 -0.77
N ARG E 242 -32.76 -17.52 -1.18
CA ARG E 242 -32.38 -17.95 -2.51
C ARG E 242 -31.91 -19.39 -2.56
N GLY E 243 -31.54 -19.97 -1.42
CA GLY E 243 -31.03 -21.33 -1.38
C GLY E 243 -29.58 -21.44 -1.79
N ILE E 244 -28.68 -20.83 -1.03
CA ILE E 244 -27.31 -20.64 -1.48
C ILE E 244 -26.32 -21.62 -0.85
N GLN E 245 -26.71 -22.37 0.18
CA GLN E 245 -25.78 -23.27 0.86
C GLN E 245 -24.62 -22.47 1.43
N VAL E 246 -24.99 -21.58 2.34
CA VAL E 246 -24.07 -20.56 2.83
C VAL E 246 -22.92 -21.22 3.58
N THR E 247 -23.21 -22.25 4.35
CA THR E 247 -22.17 -22.91 5.12
C THR E 247 -21.30 -23.82 4.27
N GLN E 248 -21.81 -24.33 3.17
CA GLN E 248 -20.95 -25.02 2.23
C GLN E 248 -19.98 -24.06 1.57
N ALA E 249 -20.41 -22.84 1.29
CA ALA E 249 -19.48 -21.81 0.82
C ALA E 249 -18.42 -21.51 1.87
N ILE E 250 -18.83 -21.40 3.13
CA ILE E 250 -17.87 -21.15 4.20
C ILE E 250 -16.89 -22.30 4.33
N GLN E 251 -17.36 -23.54 4.16
CA GLN E 251 -16.47 -24.69 4.21
C GLN E 251 -15.45 -24.64 3.09
N GLU E 252 -15.89 -24.34 1.87
CA GLU E 252 -14.95 -24.29 0.76
C GLU E 252 -13.89 -23.22 0.97
N VAL E 253 -14.26 -22.10 1.58
CA VAL E 253 -13.25 -21.10 1.91
C VAL E 253 -12.27 -21.65 2.96
N LYS E 254 -12.79 -22.34 3.98
CA LYS E 254 -11.89 -22.92 4.98
C LYS E 254 -10.92 -23.92 4.37
N ARG E 255 -11.40 -24.74 3.44
CA ARG E 255 -10.54 -25.75 2.83
C ARG E 255 -9.50 -25.11 1.92
N ALA E 256 -9.90 -24.11 1.13
CA ALA E 256 -8.93 -23.36 0.35
C ALA E 256 -7.89 -22.70 1.23
N LEU E 257 -8.24 -22.39 2.48
CA LEU E 257 -7.25 -21.78 3.36
C LEU E 257 -6.36 -22.80 4.04
N MET E 258 -6.85 -24.00 4.32
CA MET E 258 -6.00 -24.95 5.05
C MET E 258 -5.15 -25.79 4.11
N PHE E 259 -5.59 -26.05 2.89
CA PHE E 259 -4.75 -26.72 1.89
C PHE E 259 -4.00 -25.67 1.08
N ALA E 260 -3.14 -24.93 1.76
CA ALA E 260 -2.35 -23.91 1.09
C ALA E 260 -1.01 -23.72 1.79
N THR F 15 36.22 11.16 19.78
CA THR F 15 35.99 11.93 21.00
C THR F 15 34.80 11.36 21.77
N ARG F 16 34.92 11.28 23.08
CA ARG F 16 33.86 10.76 23.94
C ARG F 16 33.81 11.58 25.22
N ARG F 17 32.76 12.39 25.35
CA ARG F 17 32.56 13.12 26.59
C ARG F 17 31.92 12.21 27.63
N ARG F 18 32.18 12.51 28.90
CA ARG F 18 31.66 11.74 30.01
C ARG F 18 30.93 12.69 30.94
N THR F 19 29.62 12.47 31.14
CA THR F 19 28.85 13.39 31.94
C THR F 19 27.61 12.67 32.48
N LEU F 20 27.18 13.10 33.66
CA LEU F 20 26.07 12.49 34.38
C LEU F 20 24.79 13.27 34.12
N TYR F 21 23.71 12.56 33.82
CA TYR F 21 22.51 13.27 33.39
C TYR F 21 21.77 13.92 34.55
N ARG F 22 21.69 13.28 35.71
CA ARG F 22 21.05 13.88 36.87
C ARG F 22 19.56 14.12 36.61
N GLY F 23 18.84 13.04 36.37
CA GLY F 23 17.42 13.13 36.09
C GLY F 23 16.51 12.63 37.19
N ASP F 24 15.45 11.92 36.81
CA ASP F 24 14.44 11.47 37.73
C ASP F 24 15.01 10.44 38.71
N PRO F 25 14.33 10.19 39.83
CA PRO F 25 14.70 9.03 40.66
C PRO F 25 14.28 7.69 40.08
N GLY F 26 13.27 7.65 39.23
CA GLY F 26 12.96 6.44 38.51
C GLY F 26 14.09 5.96 37.63
N MET F 27 14.97 6.87 37.21
CA MET F 27 16.12 6.47 36.42
C MET F 27 17.11 5.66 37.23
N TRP F 28 17.38 6.09 38.46
CA TRP F 28 18.25 5.33 39.33
C TRP F 28 17.61 4.04 39.79
N SER F 29 16.30 4.04 40.00
CA SER F 29 15.60 2.78 40.23
C SER F 29 15.81 1.82 39.08
N TRP F 30 15.70 2.31 37.85
CA TRP F 30 15.86 1.41 36.72
C TRP F 30 17.29 0.89 36.61
N VAL F 31 18.28 1.71 36.91
CA VAL F 31 19.64 1.22 36.76
C VAL F 31 19.97 0.21 37.85
N LEU F 32 19.48 0.43 39.07
CA LEU F 32 19.62 -0.60 40.11
C LEU F 32 18.86 -1.87 39.74
N HIS F 33 17.66 -1.74 39.22
CA HIS F 33 16.91 -2.91 38.78
C HIS F 33 17.72 -3.74 37.81
N ARG F 34 18.28 -3.10 36.79
CA ARG F 34 19.05 -3.81 35.78
C ARG F 34 20.27 -4.49 36.39
N ILE F 35 20.99 -3.78 37.26
CA ILE F 35 22.21 -4.32 37.84
C ILE F 35 21.90 -5.51 38.73
N THR F 36 20.90 -5.39 39.60
CA THR F 36 20.57 -6.49 40.49
C THR F 36 20.01 -7.69 39.74
N GLY F 37 19.25 -7.46 38.67
CA GLY F 37 18.78 -8.58 37.88
C GLY F 37 19.91 -9.35 37.25
N ALA F 38 20.86 -8.66 36.65
CA ALA F 38 22.00 -9.36 36.06
C ALA F 38 22.82 -10.09 37.11
N THR F 39 22.97 -9.49 38.29
CA THR F 39 23.63 -10.16 39.41
C THR F 39 22.99 -11.50 39.70
N ILE F 40 21.68 -11.51 39.91
CA ILE F 40 21.00 -12.76 40.23
C ILE F 40 21.14 -13.76 39.11
N PHE F 41 21.14 -13.30 37.86
CA PHE F 41 21.26 -14.24 36.74
C PHE F 41 22.59 -14.97 36.77
N PHE F 42 23.70 -14.24 36.94
CA PHE F 42 25.00 -14.91 36.94
C PHE F 42 25.15 -15.83 38.14
N PHE F 43 24.73 -15.36 39.31
CA PHE F 43 24.75 -16.24 40.46
C PHE F 43 23.97 -17.51 40.19
N LEU F 44 22.82 -17.39 39.54
CA LEU F 44 21.96 -18.55 39.32
C LEU F 44 22.63 -19.57 38.42
N PHE F 45 23.31 -19.11 37.38
CA PHE F 45 24.09 -20.04 36.56
C PHE F 45 25.06 -20.86 37.42
N VAL F 46 25.94 -20.16 38.14
CA VAL F 46 26.94 -20.85 38.96
C VAL F 46 26.29 -21.80 39.94
N HIS F 47 25.19 -21.37 40.53
CA HIS F 47 24.64 -22.06 41.69
C HIS F 47 23.80 -23.25 41.27
N VAL F 48 23.14 -23.18 40.11
CA VAL F 48 22.51 -24.37 39.58
C VAL F 48 23.55 -25.43 39.26
N LEU F 49 24.74 -25.03 38.80
CA LEU F 49 25.78 -26.03 38.60
C LEU F 49 26.15 -26.72 39.91
N ASP F 50 26.53 -25.93 40.92
CA ASP F 50 27.03 -26.54 42.15
C ASP F 50 25.94 -27.37 42.83
N THR F 51 24.68 -27.04 42.59
CA THR F 51 23.60 -27.89 43.11
C THR F 51 23.46 -29.16 42.29
N ALA F 52 23.64 -29.07 40.98
CA ALA F 52 23.65 -30.26 40.15
C ALA F 52 24.73 -31.23 40.58
N LEU F 53 25.67 -30.78 41.38
CA LEU F 53 26.65 -31.70 41.97
C LEU F 53 26.03 -32.73 42.91
N VAL F 54 24.71 -32.70 43.11
CA VAL F 54 24.09 -33.63 44.05
C VAL F 54 23.77 -34.97 43.42
N ARG F 55 23.74 -35.03 42.09
CA ARG F 55 23.60 -36.28 41.35
C ARG F 55 24.93 -37.00 41.19
N VAL F 56 25.93 -36.63 41.98
CA VAL F 56 27.24 -37.23 41.93
C VAL F 56 27.61 -37.91 43.24
N SER F 57 27.65 -37.15 44.34
CA SER F 57 28.04 -37.74 45.60
C SER F 57 27.65 -36.86 46.78
N PRO F 58 27.18 -37.46 47.86
CA PRO F 58 27.00 -36.70 49.11
C PRO F 58 28.26 -36.01 49.55
N GLN F 59 29.42 -36.66 49.37
CA GLN F 59 30.67 -36.05 49.79
C GLN F 59 31.04 -34.87 48.91
N ALA F 60 30.82 -34.97 47.60
CA ALA F 60 31.05 -33.83 46.72
C ALA F 60 30.19 -32.65 47.14
N TYR F 61 28.89 -32.89 47.33
CA TYR F 61 28.00 -31.81 47.71
C TYR F 61 28.40 -31.20 49.05
N ASN F 62 28.75 -32.04 50.02
CA ASN F 62 29.11 -31.52 51.33
C ASN F 62 30.40 -30.72 51.25
N GLU F 63 31.40 -31.20 50.51
CA GLU F 63 32.61 -30.43 50.27
C GLU F 63 32.29 -29.02 49.79
N VAL F 64 31.55 -28.92 48.69
CA VAL F 64 31.30 -27.62 48.10
C VAL F 64 30.52 -26.71 49.04
N ILE F 65 29.38 -27.18 49.55
CA ILE F 65 28.56 -26.26 50.33
C ILE F 65 29.21 -25.96 51.67
N GLU F 66 30.18 -26.78 52.09
CA GLU F 66 30.94 -26.40 53.28
C GLU F 66 31.91 -25.29 52.95
N THR F 67 32.47 -25.29 51.74
CA THR F 67 33.24 -24.11 51.35
C THR F 67 32.33 -22.91 51.14
N TYR F 68 31.02 -23.12 51.09
CA TYR F 68 30.12 -21.97 51.06
C TYR F 68 29.69 -21.51 52.45
N LYS F 69 30.34 -21.95 53.52
CA LYS F 69 29.97 -21.58 54.88
C LYS F 69 31.04 -20.75 55.56
N THR F 70 31.68 -19.87 54.83
CA THR F 70 32.74 -19.00 55.34
C THR F 70 32.20 -17.59 55.54
N PRO F 71 32.91 -16.74 56.29
CA PRO F 71 32.38 -15.39 56.53
C PRO F 71 32.32 -14.52 55.28
N ILE F 72 33.26 -14.69 54.37
CA ILE F 72 33.21 -13.97 53.10
C ILE F 72 31.92 -14.31 52.36
N VAL F 73 31.66 -15.61 52.19
CA VAL F 73 30.42 -16.00 51.54
C VAL F 73 29.21 -15.61 52.37
N GLY F 74 29.37 -15.41 53.68
CA GLY F 74 28.24 -14.95 54.46
C GLY F 74 27.86 -13.50 54.17
N LEU F 75 28.85 -12.62 54.12
CA LEU F 75 28.56 -11.25 53.71
C LEU F 75 28.03 -11.23 52.27
N MET F 76 28.52 -12.13 51.42
CA MET F 76 27.96 -12.23 50.08
C MET F 76 26.51 -12.69 50.09
N GLU F 77 26.15 -13.60 50.99
CA GLU F 77 24.75 -13.98 51.16
C GLU F 77 23.91 -12.77 51.51
N ILE F 78 24.44 -11.91 52.39
CA ILE F 78 23.71 -10.68 52.73
C ILE F 78 23.55 -9.79 51.50
N GLY F 79 24.61 -9.65 50.70
CA GLY F 79 24.52 -8.85 49.50
C GLY F 79 23.50 -9.39 48.51
N LEU F 80 23.47 -10.70 48.33
CA LEU F 80 22.49 -11.30 47.42
C LEU F 80 21.08 -11.19 47.97
N VAL F 81 20.90 -11.29 49.28
CA VAL F 81 19.59 -11.05 49.87
C VAL F 81 19.12 -9.65 49.52
N ALA F 82 20.01 -8.67 49.67
CA ALA F 82 19.67 -7.29 49.33
C ALA F 82 19.28 -7.17 47.86
N ALA F 83 20.07 -7.77 46.97
CA ALA F 83 19.78 -7.68 45.54
C ALA F 83 18.41 -8.26 45.21
N VAL F 84 18.12 -9.48 45.69
CA VAL F 84 16.86 -10.11 45.36
C VAL F 84 15.69 -9.34 45.96
N LEU F 85 15.87 -8.81 47.18
CA LEU F 85 14.79 -8.09 47.82
C LEU F 85 14.48 -6.80 47.08
N PHE F 86 15.51 -6.04 46.71
CA PHE F 86 15.26 -4.81 45.97
C PHE F 86 14.63 -5.10 44.61
N HIS F 87 15.15 -6.11 43.91
CA HIS F 87 14.58 -6.46 42.61
C HIS F 87 13.12 -6.83 42.73
N ALA F 88 12.75 -7.59 43.76
CA ALA F 88 11.36 -7.99 43.92
C ALA F 88 10.47 -6.79 44.19
N LEU F 89 10.88 -5.90 45.10
CA LEU F 89 10.07 -4.74 45.42
C LEU F 89 9.91 -3.79 44.23
N ASN F 90 11.02 -3.46 43.58
CA ASN F 90 10.93 -2.57 42.43
C ASN F 90 10.19 -3.21 41.27
N GLY F 91 10.26 -4.53 41.11
CA GLY F 91 9.47 -5.17 40.08
C GLY F 91 8.00 -5.11 40.37
N ILE F 92 7.62 -5.18 41.65
CA ILE F 92 6.22 -4.96 42.00
C ILE F 92 5.79 -3.56 41.60
N ARG F 93 6.64 -2.57 41.88
CA ARG F 93 6.33 -1.20 41.47
C ARG F 93 6.14 -1.09 39.97
N VAL F 94 7.02 -1.71 39.19
CA VAL F 94 6.95 -1.65 37.73
C VAL F 94 5.68 -2.34 37.23
N ILE F 95 5.36 -3.51 37.78
CA ILE F 95 4.14 -4.22 37.39
C ILE F 95 2.92 -3.37 37.69
N LEU F 96 2.93 -2.67 38.82
CA LEU F 96 1.79 -1.82 39.16
C LEU F 96 1.66 -0.68 38.18
N ILE F 97 2.77 -0.02 37.86
CA ILE F 97 2.74 1.05 36.88
C ILE F 97 2.13 0.56 35.57
N ASP F 98 2.46 -0.68 35.18
CA ASP F 98 2.04 -1.14 33.87
C ASP F 98 0.59 -1.61 33.84
N PHE F 99 0.13 -2.32 34.87
CA PHE F 99 -1.19 -2.91 34.88
C PHE F 99 -2.26 -2.02 35.48
N TRP F 100 -1.92 -1.23 36.48
CA TRP F 100 -2.85 -0.35 37.16
C TRP F 100 -2.96 0.95 36.38
N ALA F 101 -4.20 1.36 36.08
CA ALA F 101 -4.41 2.50 35.19
C ALA F 101 -3.99 3.82 35.82
N LYS F 102 -4.11 3.95 37.14
CA LYS F 102 -3.60 5.12 37.85
C LYS F 102 -2.20 4.92 38.37
N GLY F 103 -1.43 4.06 37.73
CA GLY F 103 -0.10 3.73 38.17
C GLY F 103 0.91 4.84 38.01
N PRO F 104 1.07 5.38 36.80
CA PRO F 104 2.12 6.37 36.58
C PRO F 104 1.99 7.63 37.40
N ARG F 105 0.85 7.88 38.03
CA ARG F 105 0.72 9.07 38.87
C ARG F 105 1.42 8.86 40.20
N TYR F 106 1.33 7.66 40.77
CA TYR F 106 1.89 7.35 42.08
C TYR F 106 3.26 6.69 41.98
N GLN F 107 3.99 6.99 40.92
CA GLN F 107 5.32 6.44 40.74
C GLN F 107 6.22 6.73 41.93
N ARG F 108 6.35 8.01 42.30
CA ARG F 108 7.26 8.37 43.38
C ARG F 108 6.73 7.94 44.74
N GLN F 109 5.42 7.90 44.91
CA GLN F 109 4.85 7.35 46.13
C GLN F 109 5.25 5.90 46.31
N MET F 110 5.02 5.07 45.28
CA MET F 110 5.45 3.68 45.33
C MET F 110 6.94 3.58 45.60
N LEU F 111 7.72 4.49 45.03
CA LEU F 111 9.17 4.41 45.21
C LEU F 111 9.57 4.65 46.66
N ALA F 112 8.96 5.65 47.30
CA ALA F 112 9.26 5.88 48.70
C ALA F 112 8.76 4.73 49.58
N VAL F 113 7.59 4.18 49.25
CA VAL F 113 7.06 3.06 50.03
C VAL F 113 8.00 1.86 49.95
N ILE F 114 8.50 1.55 48.76
CA ILE F 114 9.38 0.38 48.67
C ILE F 114 10.76 0.69 49.25
N ALA F 115 11.19 1.95 49.27
CA ALA F 115 12.39 2.27 50.03
C ALA F 115 12.20 1.94 51.50
N GLY F 116 11.05 2.33 52.05
CA GLY F 116 10.78 2.00 53.45
C GLY F 116 10.69 0.50 53.70
N LEU F 117 9.96 -0.22 52.86
CA LEU F 117 9.86 -1.67 53.01
C LEU F 117 11.21 -2.34 52.90
N PHE F 118 12.04 -1.90 51.95
CA PHE F 118 13.36 -2.48 51.82
C PHE F 118 14.18 -2.28 53.07
N LEU F 119 14.19 -1.06 53.62
CA LEU F 119 14.99 -0.83 54.82
C LEU F 119 14.49 -1.69 55.97
N VAL F 120 13.18 -1.75 56.17
CA VAL F 120 12.64 -2.57 57.26
C VAL F 120 13.07 -4.03 57.10
N ILE F 121 12.67 -4.64 55.99
CA ILE F 121 12.88 -6.07 55.80
C ILE F 121 14.36 -6.39 55.76
N PHE F 122 15.18 -5.48 55.24
CA PHE F 122 16.59 -5.79 55.11
C PHE F 122 17.33 -5.66 56.41
N ILE F 123 17.00 -4.68 57.25
CA ILE F 123 17.61 -4.65 58.58
C ILE F 123 17.17 -5.86 59.39
N ALA F 124 15.91 -6.29 59.24
CA ALA F 124 15.50 -7.52 59.93
C ALA F 124 16.29 -8.73 59.43
N ALA F 125 16.43 -8.88 58.12
CA ALA F 125 17.14 -10.02 57.57
C ALA F 125 18.61 -10.00 57.93
N VAL F 126 19.23 -8.83 57.95
CA VAL F 126 20.63 -8.75 58.38
C VAL F 126 20.74 -9.10 59.86
N GLY F 127 19.76 -8.70 60.67
CA GLY F 127 19.79 -9.08 62.07
C GLY F 127 19.74 -10.58 62.27
N VAL F 128 18.85 -11.25 61.55
CA VAL F 128 18.71 -12.69 61.69
C VAL F 128 19.97 -13.41 61.20
N ILE F 129 20.39 -13.12 59.97
CA ILE F 129 21.59 -13.74 59.43
C ILE F 129 22.78 -13.43 60.32
N GLY F 130 22.80 -12.26 60.93
CA GLY F 130 23.92 -11.89 61.77
C GLY F 130 23.95 -12.67 63.06
N MET F 131 22.78 -12.90 63.67
CA MET F 131 22.78 -13.70 64.88
C MET F 131 23.18 -15.14 64.58
N HIS F 132 22.81 -15.64 63.40
CA HIS F 132 23.29 -16.97 62.99
C HIS F 132 24.81 -16.98 62.87
N MET F 133 25.36 -15.99 62.15
CA MET F 133 26.80 -15.94 61.97
C MET F 133 27.53 -15.75 63.30
N VAL F 134 26.89 -15.05 64.24
CA VAL F 134 27.51 -14.85 65.55
C VAL F 134 27.57 -16.16 66.31
N GLU F 135 26.45 -16.88 66.41
CA GLU F 135 26.47 -18.13 67.14
C GLU F 135 27.30 -19.20 66.43
N ARG F 136 27.57 -19.04 65.14
CA ARG F 136 28.43 -20.00 64.47
C ARG F 136 29.91 -19.66 64.60
N PHE F 137 30.26 -18.38 64.48
CA PHE F 137 31.66 -17.94 64.43
C PHE F 137 32.40 -18.58 63.28
N PRO G 37 8.30 -4.77 11.32
CA PRO G 37 8.41 -6.17 10.90
C PRO G 37 9.85 -6.66 10.90
N ARG G 38 10.56 -6.48 12.02
CA ARG G 38 11.95 -6.90 12.13
C ARG G 38 12.08 -8.33 12.63
N GLY G 39 11.16 -8.79 13.47
CA GLY G 39 11.22 -10.12 14.02
C GLY G 39 9.89 -10.84 13.90
N ILE G 40 9.69 -11.77 14.81
CA ILE G 40 8.39 -12.46 14.89
C ILE G 40 7.34 -11.48 15.39
N PRO G 41 6.20 -11.36 14.73
CA PRO G 41 5.17 -10.41 15.19
C PRO G 41 4.61 -10.81 16.54
N TYR G 42 4.31 -9.80 17.36
CA TYR G 42 3.72 -9.96 18.68
C TYR G 42 4.61 -10.77 19.62
N PHE G 43 5.89 -10.86 19.35
CA PHE G 43 6.78 -11.52 20.29
C PHE G 43 7.17 -10.60 21.43
N GLU G 44 7.32 -9.30 21.16
CA GLU G 44 7.71 -8.36 22.19
C GLU G 44 6.59 -8.12 23.18
N LYS G 45 5.36 -8.09 22.71
CA LYS G 45 4.23 -7.92 23.62
C LYS G 45 4.16 -9.06 24.61
N TYR G 46 4.38 -10.28 24.16
CA TYR G 46 4.26 -11.43 25.03
C TYR G 46 5.49 -11.62 25.89
N ALA G 47 6.67 -11.21 25.43
CA ALA G 47 7.82 -11.19 26.32
C ALA G 47 7.63 -10.19 27.44
N TRP G 48 7.08 -9.02 27.12
CA TRP G 48 6.72 -8.02 28.13
C TRP G 48 5.76 -8.59 29.16
N LEU G 49 4.66 -9.18 28.69
CA LEU G 49 3.67 -9.74 29.60
C LEU G 49 4.26 -10.87 30.43
N PHE G 50 5.13 -11.68 29.84
CA PHE G 50 5.75 -12.77 30.57
C PHE G 50 6.64 -12.24 31.69
N MET G 51 7.38 -11.15 31.44
CA MET G 51 8.17 -10.59 32.52
C MET G 51 7.28 -10.15 33.67
N ARG G 52 6.13 -9.56 33.36
CA ARG G 52 5.24 -9.13 34.44
C ARG G 52 4.68 -10.32 35.23
N PHE G 53 4.17 -11.33 34.53
CA PHE G 53 3.54 -12.45 35.21
C PHE G 53 4.56 -13.30 35.96
N SER G 54 5.70 -13.60 35.34
CA SER G 54 6.75 -14.31 36.04
C SER G 54 7.30 -13.51 37.21
N GLY G 55 7.27 -12.18 37.16
CA GLY G 55 7.63 -11.43 38.34
C GLY G 55 6.65 -11.66 39.47
N ILE G 56 5.35 -11.62 39.16
CA ILE G 56 4.35 -11.84 40.20
C ILE G 56 4.55 -13.20 40.86
N ALA G 57 4.84 -14.23 40.06
CA ALA G 57 5.03 -15.56 40.62
C ALA G 57 6.36 -15.67 41.37
N LEU G 58 7.41 -15.07 40.82
CA LEU G 58 8.74 -15.20 41.39
C LEU G 58 8.87 -14.45 42.69
N VAL G 59 8.01 -13.46 42.96
CA VAL G 59 8.01 -12.87 44.30
C VAL G 59 7.92 -13.98 45.33
N PHE G 60 6.83 -14.74 45.27
CA PHE G 60 6.62 -15.83 46.22
C PHE G 60 7.70 -16.89 46.10
N LEU G 61 7.94 -17.40 44.89
CA LEU G 61 8.88 -18.50 44.75
C LEU G 61 10.27 -18.13 45.30
N ALA G 62 10.88 -17.07 44.77
CA ALA G 62 12.24 -16.74 45.13
C ALA G 62 12.36 -16.24 46.56
N LEU G 63 11.39 -15.46 47.04
CA LEU G 63 11.54 -14.94 48.39
C LEU G 63 11.23 -16.01 49.44
N GLY G 64 10.31 -16.93 49.17
CA GLY G 64 10.13 -18.06 50.05
C GLY G 64 11.34 -18.97 50.07
N HIS G 65 11.96 -19.18 48.91
CA HIS G 65 13.20 -19.95 48.87
C HIS G 65 14.27 -19.32 49.74
N LEU G 66 14.51 -18.02 49.55
CA LEU G 66 15.55 -17.34 50.31
C LEU G 66 15.25 -17.35 51.80
N PHE G 67 13.99 -17.12 52.18
CA PHE G 67 13.61 -17.16 53.58
C PHE G 67 13.92 -18.53 54.18
N ILE G 68 13.31 -19.58 53.62
CA ILE G 68 13.47 -20.92 54.18
C ILE G 68 14.91 -21.37 54.16
N MET G 69 15.73 -20.84 53.26
CA MET G 69 17.12 -21.27 53.23
C MET G 69 17.95 -20.55 54.26
N LEU G 70 17.82 -19.23 54.36
CA LEU G 70 18.78 -18.44 55.11
C LEU G 70 18.34 -18.08 56.53
N MET G 71 17.04 -18.02 56.81
CA MET G 71 16.63 -17.53 58.10
C MET G 71 15.48 -18.34 58.68
N TRP G 72 15.59 -19.66 58.66
CA TRP G 72 14.57 -20.47 59.33
C TRP G 72 15.09 -21.16 60.59
N GLN G 73 16.08 -22.03 60.47
CA GLN G 73 16.56 -22.75 61.66
C GLN G 73 18.01 -22.44 61.98
N ASP G 74 18.92 -22.68 61.05
CA ASP G 74 20.32 -22.36 61.23
C ASP G 74 20.87 -21.77 59.96
N GLY G 75 19.99 -21.32 59.07
CA GLY G 75 20.44 -20.86 57.78
C GLY G 75 21.32 -21.87 57.13
N VAL G 76 22.27 -21.37 56.34
CA VAL G 76 23.22 -22.23 55.63
C VAL G 76 23.87 -23.25 56.55
N TYR G 77 23.98 -22.95 57.83
CA TYR G 77 24.75 -23.83 58.69
C TYR G 77 24.02 -25.10 59.03
N ARG G 78 22.84 -25.33 58.44
CA ARG G 78 22.18 -26.61 58.56
C ARG G 78 22.15 -27.38 57.25
N ILE G 79 22.61 -26.78 56.16
CA ILE G 79 22.39 -27.32 54.83
C ILE G 79 23.43 -28.39 54.53
N ASP G 80 22.99 -29.52 54.00
CA ASP G 80 23.86 -30.58 53.54
C ASP G 80 23.04 -31.54 52.69
N PHE G 81 23.67 -32.63 52.27
CA PHE G 81 22.99 -33.59 51.40
C PHE G 81 21.75 -34.17 52.05
N ASN G 82 21.82 -34.45 53.35
CA ASN G 82 20.65 -35.01 54.03
C ASN G 82 19.50 -34.01 54.07
N TYR G 83 19.81 -32.74 54.26
CA TYR G 83 18.79 -31.71 54.22
C TYR G 83 18.13 -31.64 52.84
N VAL G 84 18.95 -31.65 51.79
CA VAL G 84 18.41 -31.62 50.43
C VAL G 84 17.57 -32.85 50.16
N ALA G 85 18.00 -34.01 50.67
CA ALA G 85 17.32 -35.26 50.37
C ALA G 85 15.99 -35.36 51.10
N GLU G 86 15.90 -34.82 52.32
CA GLU G 86 14.63 -34.86 53.01
C GLU G 86 13.71 -33.73 52.57
N ARG G 87 14.26 -32.68 51.93
CA ARG G 87 13.40 -31.67 51.36
C ARG G 87 12.82 -32.12 50.03
N TRP G 88 13.62 -32.82 49.23
CA TRP G 88 13.19 -33.28 47.92
C TRP G 88 12.48 -34.62 47.97
N ALA G 89 12.11 -35.08 49.16
CA ALA G 89 11.20 -36.20 49.32
C ALA G 89 9.77 -35.74 49.48
N SER G 90 9.46 -34.53 49.03
CA SER G 90 8.16 -33.92 49.23
C SER G 90 7.70 -33.34 47.90
N PRO G 91 6.50 -33.69 47.44
CA PRO G 91 6.00 -33.09 46.20
C PRO G 91 5.96 -31.58 46.24
N PHE G 92 5.66 -31.01 47.41
CA PHE G 92 5.61 -29.57 47.54
C PHE G 92 6.93 -28.93 47.14
N TRP G 93 8.01 -29.33 47.78
CA TRP G 93 9.30 -28.71 47.51
C TRP G 93 9.85 -29.10 46.15
N GLN G 94 9.55 -30.30 45.66
CA GLN G 94 9.98 -30.65 44.31
C GLN G 94 9.37 -29.73 43.27
N ILE G 95 8.04 -29.56 43.31
CA ILE G 95 7.39 -28.68 42.35
C ILE G 95 7.81 -27.23 42.57
N TRP G 96 8.00 -26.83 43.83
CA TRP G 96 8.48 -25.49 44.11
C TRP G 96 9.80 -25.22 43.42
N ASP G 97 10.76 -26.13 43.56
CA ASP G 97 12.07 -25.91 42.98
C ASP G 97 12.06 -25.99 41.46
N MET G 98 11.24 -26.85 40.88
CA MET G 98 11.20 -26.89 39.42
C MET G 98 10.55 -25.64 38.85
N ALA G 99 9.48 -25.16 39.46
CA ALA G 99 8.88 -23.91 39.02
C ALA G 99 9.85 -22.75 39.19
N LEU G 100 10.54 -22.70 40.33
CA LEU G 100 11.54 -21.66 40.54
C LEU G 100 12.60 -21.70 39.45
N LEU G 101 13.15 -22.87 39.16
CA LEU G 101 14.18 -22.98 38.14
C LEU G 101 13.69 -22.47 36.79
N TRP G 102 12.54 -22.96 36.33
CA TRP G 102 12.11 -22.61 34.99
C TRP G 102 11.73 -21.15 34.89
N LEU G 103 10.94 -20.65 35.83
CA LEU G 103 10.54 -19.25 35.79
C LEU G 103 11.74 -18.32 35.90
N ALA G 104 12.66 -18.61 36.83
CA ALA G 104 13.81 -17.74 37.02
C ALA G 104 14.72 -17.74 35.81
N MET G 105 14.93 -18.89 35.18
CA MET G 105 15.82 -18.92 34.04
C MET G 105 15.21 -18.24 32.83
N ILE G 106 13.92 -18.43 32.56
CA ILE G 106 13.32 -17.76 31.41
C ILE G 106 13.22 -16.26 31.64
N HIS G 107 12.89 -15.85 32.87
CA HIS G 107 12.89 -14.44 33.23
C HIS G 107 14.26 -13.81 33.04
N GLY G 108 15.29 -14.39 33.62
CA GLY G 108 16.61 -13.83 33.48
C GLY G 108 17.11 -13.83 32.05
N ALA G 109 16.78 -14.88 31.28
CA ALA G 109 17.24 -14.95 29.90
C ALA G 109 16.58 -13.88 29.05
N ASN G 110 15.29 -13.61 29.26
CA ASN G 110 14.63 -12.53 28.56
C ASN G 110 15.20 -11.17 28.97
N GLY G 111 15.44 -10.97 30.25
CA GLY G 111 16.04 -9.72 30.68
C GLY G 111 17.40 -9.49 30.09
N MET G 112 18.22 -10.53 30.02
CA MET G 112 19.55 -10.36 29.44
C MET G 112 19.48 -10.21 27.93
N ARG G 113 18.46 -10.78 27.29
CA ARG G 113 18.22 -10.49 25.89
C ARG G 113 18.00 -9.00 25.67
N THR G 114 17.18 -8.39 26.52
CA THR G 114 16.98 -6.94 26.47
C THR G 114 18.28 -6.17 26.69
N ILE G 115 19.06 -6.58 27.69
CA ILE G 115 20.31 -5.89 27.99
C ILE G 115 21.28 -5.97 26.81
N ILE G 116 21.39 -7.14 26.19
CA ILE G 116 22.26 -7.30 25.04
C ILE G 116 21.78 -6.42 23.89
N GLY G 117 20.46 -6.42 23.64
CA GLY G 117 19.92 -5.59 22.60
C GLY G 117 20.18 -4.12 22.81
N ASP G 118 20.32 -3.69 24.06
CA ASP G 118 20.58 -2.29 24.36
C ASP G 118 22.06 -1.94 24.42
N TYR G 119 22.95 -2.92 24.55
CA TYR G 119 24.37 -2.58 24.65
C TYR G 119 25.23 -3.02 23.49
N ALA G 120 24.78 -3.94 22.65
CA ALA G 120 25.62 -4.46 21.57
C ALA G 120 25.48 -3.57 20.35
N ARG G 121 26.62 -3.09 19.83
CA ARG G 121 26.62 -2.14 18.73
C ARG G 121 26.63 -2.81 17.36
N LYS G 122 27.38 -3.89 17.20
CA LYS G 122 27.46 -4.59 15.92
C LYS G 122 26.44 -5.72 15.85
N ASN G 123 25.91 -5.94 14.66
CA ASN G 123 24.93 -7.00 14.49
C ASN G 123 25.55 -8.37 14.65
N VAL G 124 26.82 -8.54 14.28
CA VAL G 124 27.50 -9.81 14.51
C VAL G 124 27.69 -10.05 16.00
N THR G 125 28.03 -9.00 16.75
CA THR G 125 28.18 -9.15 18.18
C THR G 125 26.85 -9.51 18.82
N LYS G 126 25.78 -8.85 18.41
CA LYS G 126 24.47 -9.16 18.95
C LYS G 126 24.08 -10.61 18.63
N PHE G 127 24.36 -11.06 17.41
CA PHE G 127 24.04 -12.44 17.04
C PHE G 127 24.78 -13.43 17.92
N TRP G 128 26.09 -13.28 18.05
CA TRP G 128 26.85 -14.27 18.79
C TRP G 128 26.61 -14.19 20.29
N LEU G 129 26.27 -13.00 20.81
CA LEU G 129 25.94 -12.91 22.22
C LEU G 129 24.58 -13.52 22.53
N ASN G 130 23.60 -13.32 21.65
CA ASN G 130 22.32 -14.00 21.85
C ASN G 130 22.47 -15.50 21.74
N SER G 131 23.38 -15.97 20.88
CA SER G 131 23.61 -17.41 20.78
C SER G 131 24.29 -17.97 22.02
N LEU G 132 25.27 -17.23 22.56
CA LEU G 132 25.89 -17.67 23.82
C LEU G 132 24.88 -17.68 24.96
N LEU G 133 24.02 -16.67 25.04
CA LEU G 133 22.99 -16.63 26.05
C LEU G 133 22.03 -17.81 25.92
N LEU G 134 21.58 -18.09 24.69
CA LEU G 134 20.69 -19.22 24.48
C LEU G 134 21.35 -20.53 24.86
N LEU G 135 22.63 -20.68 24.54
CA LEU G 135 23.34 -21.91 24.88
C LEU G 135 23.45 -22.08 26.39
N ALA G 136 23.87 -21.03 27.10
CA ALA G 136 24.04 -21.16 28.55
C ALA G 136 22.70 -21.39 29.24
N THR G 137 21.65 -20.70 28.81
CA THR G 137 20.34 -20.89 29.40
C THR G 137 19.83 -22.30 29.16
N GLY G 138 19.98 -22.81 27.94
CA GLY G 138 19.56 -24.18 27.67
C GLY G 138 20.34 -25.19 28.49
N PHE G 139 21.65 -24.98 28.63
CA PHE G 139 22.46 -25.90 29.42
C PHE G 139 22.02 -25.89 30.88
N THR G 140 21.77 -24.72 31.44
CA THR G 140 21.36 -24.65 32.85
C THR G 140 19.99 -25.27 33.06
N LEU G 141 19.04 -25.01 32.16
CA LEU G 141 17.73 -25.62 32.31
C LEU G 141 17.80 -27.15 32.17
N VAL G 142 18.61 -27.64 31.23
CA VAL G 142 18.75 -29.08 31.06
C VAL G 142 19.37 -29.72 32.29
N LEU G 143 20.42 -29.10 32.84
CA LEU G 143 21.07 -29.68 34.01
C LEU G 143 20.17 -29.65 35.23
N GLY G 144 19.50 -28.52 35.48
CA GLY G 144 18.63 -28.45 36.64
C GLY G 144 17.45 -29.39 36.55
N SER G 145 16.84 -29.49 35.36
CA SER G 145 15.74 -30.42 35.19
C SER G 145 16.19 -31.86 35.35
N TYR G 146 17.36 -32.21 34.81
CA TYR G 146 17.87 -33.55 34.99
C TYR G 146 18.04 -33.87 36.46
N VAL G 147 18.68 -32.96 37.21
CA VAL G 147 18.94 -33.23 38.62
C VAL G 147 17.65 -33.42 39.39
N LEU G 148 16.68 -32.53 39.17
CA LEU G 148 15.41 -32.67 39.88
C LEU G 148 14.71 -33.96 39.53
N VAL G 149 14.57 -34.26 38.24
CA VAL G 149 13.77 -35.40 37.83
C VAL G 149 14.42 -36.71 38.26
N THR G 150 15.74 -36.77 38.24
CA THR G 150 16.45 -38.03 38.42
C THR G 150 17.00 -38.23 39.82
N PHE G 151 16.96 -37.22 40.68
CA PHE G 151 17.50 -37.34 42.03
C PHE G 151 16.94 -38.55 42.74
N ASP G 152 17.84 -39.36 43.31
CA ASP G 152 17.48 -40.45 44.20
C ASP G 152 18.21 -40.32 45.51
N ALA G 153 17.50 -40.49 46.62
CA ALA G 153 18.09 -40.26 47.93
C ALA G 153 19.20 -41.28 48.21
N ASN G 154 19.01 -42.52 47.80
CA ASN G 154 19.93 -43.61 48.11
C ASN G 154 20.94 -43.72 46.96
N ILE G 155 22.05 -43.02 47.09
CA ILE G 155 23.08 -43.04 46.06
C ILE G 155 24.35 -43.75 46.53
N SER G 156 24.62 -43.74 47.83
CA SER G 156 25.77 -44.45 48.36
C SER G 156 25.54 -44.84 49.83
N MET H 1 38.96 -30.23 42.89
CA MET H 1 37.54 -30.43 42.65
C MET H 1 36.77 -29.31 43.30
N VAL H 2 36.92 -29.19 44.62
CA VAL H 2 36.40 -28.00 45.31
C VAL H 2 37.06 -26.75 44.74
N LEU H 3 38.31 -26.87 44.33
CA LEU H 3 39.02 -25.77 43.70
C LEU H 3 38.31 -25.29 42.45
N PHE H 4 37.76 -26.20 41.66
CA PHE H 4 37.01 -25.79 40.47
C PHE H 4 35.84 -24.90 40.85
N PHE H 5 35.16 -25.22 41.94
CA PHE H 5 33.96 -24.46 42.26
C PHE H 5 34.29 -23.14 42.94
N GLU H 6 35.39 -23.05 43.68
CA GLU H 6 35.77 -21.73 44.19
C GLU H 6 36.29 -20.85 43.05
N ILE H 7 36.97 -21.45 42.07
CA ILE H 7 37.36 -20.72 40.87
C ILE H 7 36.11 -20.21 40.14
N LEU H 8 35.09 -21.05 40.04
CA LEU H 8 33.82 -20.63 39.44
C LEU H 8 33.20 -19.48 40.22
N LEU H 9 33.27 -19.53 41.54
CA LEU H 9 32.71 -18.46 42.36
C LEU H 9 33.41 -17.14 42.11
N VAL H 10 34.74 -17.14 42.07
CA VAL H 10 35.43 -15.86 41.87
C VAL H 10 35.20 -15.36 40.44
N ALA H 11 35.09 -16.28 39.48
CA ALA H 11 34.77 -15.85 38.12
C ALA H 11 33.40 -15.22 38.04
N ALA H 12 32.42 -15.79 38.75
CA ALA H 12 31.10 -15.18 38.79
C ALA H 12 31.15 -13.80 39.41
N VAL H 13 31.93 -13.63 40.47
CA VAL H 13 32.00 -12.32 41.11
C VAL H 13 32.67 -11.30 40.18
N LEU H 14 33.68 -11.73 39.42
CA LEU H 14 34.30 -10.80 38.47
C LEU H 14 33.35 -10.42 37.36
N VAL H 15 32.58 -11.37 36.84
CA VAL H 15 31.63 -11.03 35.79
C VAL H 15 30.55 -10.09 36.32
N ILE H 16 30.11 -10.32 37.56
CA ILE H 16 29.10 -9.45 38.16
C ILE H 16 29.62 -8.03 38.32
N THR H 17 30.83 -7.89 38.85
CA THR H 17 31.37 -6.55 39.06
C THR H 17 31.65 -5.85 37.74
N TRP H 18 32.17 -6.59 36.76
CA TRP H 18 32.38 -6.00 35.45
C TRP H 18 31.09 -5.49 34.85
N PHE H 19 30.01 -6.27 34.95
CA PHE H 19 28.76 -5.81 34.37
C PHE H 19 28.24 -4.57 35.08
N ALA H 20 28.38 -4.51 36.40
CA ALA H 20 27.93 -3.31 37.11
C ALA H 20 28.67 -2.07 36.60
N VAL H 21 30.00 -2.14 36.54
CA VAL H 21 30.74 -0.94 36.15
C VAL H 21 30.52 -0.64 34.67
N TYR H 22 30.28 -1.66 33.84
CA TYR H 22 30.06 -1.42 32.42
C TYR H 22 28.70 -0.79 32.17
N ALA H 23 27.68 -1.21 32.91
CA ALA H 23 26.39 -0.55 32.79
C ALA H 23 26.49 0.92 33.18
N LEU H 24 27.18 1.21 34.29
CA LEU H 24 27.32 2.61 34.67
C LEU H 24 28.14 3.40 33.65
N TYR H 25 29.17 2.77 33.08
CA TYR H 25 30.01 3.44 32.10
C TYR H 25 29.23 3.78 30.83
N ARG H 26 28.46 2.81 30.32
CA ARG H 26 27.64 3.08 29.15
C ARG H 26 26.55 4.09 29.47
N LEU H 27 26.14 4.21 30.73
CA LEU H 27 25.17 5.23 31.08
C LEU H 27 25.79 6.62 31.02
N VAL H 28 27.01 6.78 31.51
CA VAL H 28 27.56 8.13 31.61
C VAL H 28 28.35 8.60 30.40
N THR H 29 28.79 7.71 29.52
CA THR H 29 29.57 8.17 28.38
C THR H 29 28.69 8.62 27.23
N ASP H 30 29.09 9.72 26.60
CA ASP H 30 28.27 10.39 25.61
C ASP H 30 28.30 9.68 24.25
N GLU H 31 29.12 8.66 24.13
CA GLU H 31 29.26 7.90 22.87
C GLU H 31 29.77 8.79 21.74
N ILE I 2 28.19 27.22 -5.29
CA ILE I 2 26.92 27.93 -5.46
C ILE I 2 25.95 27.05 -6.27
N GLN I 3 25.14 26.29 -5.55
CA GLN I 3 24.19 25.39 -6.17
C GLN I 3 23.11 26.20 -6.89
N GLU I 4 22.32 25.51 -7.71
CA GLU I 4 21.19 26.12 -8.39
C GLU I 4 20.11 25.06 -8.57
N HIS I 5 18.91 25.37 -8.12
CA HIS I 5 17.79 24.44 -8.17
C HIS I 5 16.78 24.96 -9.17
N ARG I 6 16.33 24.08 -10.05
CA ARG I 6 15.29 24.41 -11.02
C ARG I 6 13.97 23.96 -10.43
N TYR I 7 13.08 24.90 -10.20
CA TYR I 7 11.86 24.63 -9.45
C TYR I 7 10.70 25.34 -10.13
N ASP I 8 9.60 25.42 -9.41
CA ASP I 8 8.35 26.07 -9.76
C ASP I 8 8.00 26.84 -8.50
N VAL I 9 6.73 27.08 -8.22
CA VAL I 9 6.32 27.93 -7.11
C VAL I 9 7.26 27.74 -5.92
N VAL I 10 7.87 28.81 -5.46
CA VAL I 10 8.82 28.80 -4.36
C VAL I 10 8.29 29.71 -3.28
N ILE I 11 7.99 29.14 -2.12
CA ILE I 11 7.38 29.87 -1.02
C ILE I 11 8.46 30.24 -0.01
N VAL I 12 8.46 31.50 0.40
CA VAL I 12 9.46 32.00 1.32
C VAL I 12 8.79 32.28 2.65
N GLY I 13 8.79 31.30 3.53
CA GLY I 13 8.09 31.40 4.81
C GLY I 13 7.42 30.08 5.08
N ALA I 14 7.23 29.79 6.36
CA ALA I 14 6.56 28.55 6.73
C ALA I 14 5.62 28.74 7.90
N GLY I 15 5.10 29.94 8.09
CA GLY I 15 4.10 30.16 9.11
C GLY I 15 2.76 29.66 8.65
N GLY I 16 1.70 30.29 9.15
CA GLY I 16 0.38 29.93 8.70
C GLY I 16 0.19 30.15 7.21
N ALA I 17 0.53 31.35 6.74
CA ALA I 17 0.34 31.67 5.33
C ALA I 17 1.27 30.85 4.45
N GLY I 18 2.53 30.72 4.84
CA GLY I 18 3.45 29.91 4.06
C GLY I 18 3.01 28.47 3.92
N MET I 19 2.60 27.85 5.02
CA MET I 19 2.25 26.43 4.90
C MET I 19 0.86 26.24 4.29
N ARG I 20 -0.04 27.21 4.41
CA ARG I 20 -1.29 27.15 3.68
C ARG I 20 -1.03 27.17 2.18
N ALA I 21 -0.21 28.12 1.72
CA ALA I 21 0.17 28.15 0.31
C ALA I 21 0.88 26.87 -0.10
N ALA I 22 1.66 26.27 0.80
CA ALA I 22 2.38 25.06 0.43
C ALA I 22 1.47 23.85 0.30
N VAL I 23 0.42 23.76 1.12
CA VAL I 23 -0.51 22.65 0.94
C VAL I 23 -1.42 22.89 -0.25
N GLU I 24 -1.62 24.14 -0.68
CA GLU I 24 -2.38 24.35 -1.90
C GLU I 24 -1.55 24.05 -3.13
N ALA I 25 -0.41 24.72 -3.28
CA ALA I 25 0.44 24.55 -4.45
C ALA I 25 1.41 23.39 -4.32
N GLY I 26 1.08 22.41 -3.48
CA GLY I 26 1.95 21.27 -3.28
C GLY I 26 1.76 20.21 -4.34
N PRO I 27 0.53 19.69 -4.49
CA PRO I 27 0.27 18.75 -5.58
C PRO I 27 0.34 19.39 -6.95
N ARG I 28 -0.07 20.65 -7.09
CA ARG I 28 -0.25 21.24 -8.41
C ARG I 28 1.06 21.52 -9.14
N ALA I 29 2.18 21.65 -8.43
CA ALA I 29 3.42 21.98 -9.09
C ALA I 29 4.58 21.37 -8.30
N ARG I 30 5.79 21.82 -8.59
CA ARG I 30 7.02 21.34 -7.95
C ARG I 30 7.47 22.39 -6.96
N THR I 31 6.90 22.34 -5.76
CA THR I 31 7.02 23.41 -4.78
C THR I 31 8.21 23.18 -3.86
N ALA I 32 8.91 24.26 -3.54
CA ALA I 32 9.88 24.30 -2.46
C ALA I 32 9.45 25.35 -1.45
N VAL I 33 9.70 25.10 -0.18
CA VAL I 33 9.41 26.04 0.89
C VAL I 33 10.72 26.42 1.56
N LEU I 34 11.01 27.71 1.60
CA LEU I 34 12.21 28.23 2.26
C LEU I 34 11.82 28.77 3.62
N THR I 35 12.43 28.23 4.67
CA THR I 35 12.18 28.67 6.02
C THR I 35 13.52 29.00 6.66
N LYS I 36 13.53 30.00 7.52
CA LYS I 36 14.73 30.31 8.28
C LYS I 36 14.69 29.71 9.67
N LEU I 37 13.55 29.19 10.08
CA LEU I 37 13.34 28.42 11.29
C LEU I 37 12.92 27.02 10.89
N TYR I 38 12.48 26.25 11.85
CA TYR I 38 11.72 25.08 11.49
C TYR I 38 10.24 25.46 11.38
N PRO I 39 9.47 24.77 10.56
CA PRO I 39 8.12 25.24 10.26
C PRO I 39 7.25 25.44 11.49
N THR I 40 7.60 24.86 12.62
CA THR I 40 6.77 24.91 13.82
C THR I 40 7.29 25.88 14.86
N ARG I 41 8.37 26.60 14.58
CA ARG I 41 8.87 27.62 15.49
C ARG I 41 8.39 28.99 15.09
N SER I 42 7.39 29.08 14.23
CA SER I 42 6.92 30.31 13.66
C SER I 42 6.02 31.06 14.61
N HIS I 43 6.03 32.38 14.48
CA HIS I 43 5.23 33.28 15.33
C HIS I 43 3.79 32.85 15.46
N THR I 44 3.23 32.31 14.37
CA THR I 44 1.84 31.89 14.42
C THR I 44 1.56 31.11 15.69
N GLY I 45 2.50 30.27 16.10
CA GLY I 45 2.33 29.49 17.31
C GLY I 45 2.15 30.29 18.56
N ALA I 46 2.50 31.57 18.53
CA ALA I 46 2.29 32.38 19.72
C ALA I 46 0.84 32.79 19.89
N ALA I 47 0.02 32.63 18.86
CA ALA I 47 -1.36 33.08 18.88
C ALA I 47 -2.16 32.28 19.90
N GLN I 48 -2.61 32.96 20.96
CA GLN I 48 -3.38 32.35 22.04
C GLN I 48 -4.88 32.46 21.82
N GLY I 49 -5.36 33.56 21.25
CA GLY I 49 -6.77 33.81 21.09
C GLY I 49 -7.45 32.91 20.09
N GLY I 50 -8.63 33.32 19.61
CA GLY I 50 -9.42 32.51 18.71
C GLY I 50 -9.22 32.88 17.24
N MET I 51 -10.06 32.29 16.42
CA MET I 51 -10.10 32.54 14.98
C MET I 51 -11.57 32.66 14.58
N CYS I 52 -12.01 33.86 14.24
CA CYS I 52 -13.43 34.14 14.13
C CYS I 52 -13.91 34.00 12.69
N ALA I 53 -14.92 33.17 12.49
CA ALA I 53 -15.59 33.01 11.21
C ALA I 53 -17.03 32.65 11.47
N ALA I 54 -17.94 33.23 10.69
CA ALA I 54 -19.37 33.14 10.94
C ALA I 54 -19.89 31.77 10.53
N LEU I 55 -19.63 30.77 11.38
CA LEU I 55 -20.14 29.43 11.12
C LEU I 55 -21.58 29.25 11.59
N ALA I 56 -22.02 30.06 12.56
CA ALA I 56 -23.39 30.02 13.07
C ALA I 56 -23.74 28.63 13.62
N ASN I 57 -22.96 28.21 14.62
CA ASN I 57 -23.23 26.98 15.35
C ASN I 57 -23.92 27.25 16.68
N VAL I 58 -23.29 28.03 17.54
CA VAL I 58 -23.89 28.31 18.85
C VAL I 58 -24.99 29.35 18.73
N GLU I 59 -24.79 30.36 17.89
CA GLU I 59 -25.80 31.37 17.62
C GLU I 59 -26.05 31.44 16.12
N GLU I 60 -26.75 32.48 15.67
CA GLU I 60 -26.96 32.71 14.26
C GLU I 60 -26.36 34.06 13.87
N ASP I 61 -25.54 34.05 12.83
CA ASP I 61 -24.91 35.27 12.33
C ASP I 61 -24.39 35.01 10.93
N ASN I 62 -24.52 36.01 10.06
CA ASN I 62 -24.12 35.92 8.67
C ASN I 62 -22.80 36.65 8.46
N TRP I 63 -22.32 36.63 7.23
CA TRP I 63 -21.02 37.22 6.93
C TRP I 63 -21.06 38.72 6.74
N GLU I 64 -22.24 39.30 6.52
CA GLU I 64 -22.29 40.75 6.37
C GLU I 64 -22.06 41.45 7.70
N TRP I 65 -22.51 40.84 8.80
CA TRP I 65 -22.21 41.41 10.11
C TRP I 65 -20.72 41.42 10.36
N HIS I 66 -20.05 40.31 10.02
CA HIS I 66 -18.60 40.23 10.15
C HIS I 66 -17.91 41.29 9.28
N THR I 67 -18.40 41.47 8.05
CA THR I 67 -17.81 42.48 7.18
C THR I 67 -17.97 43.87 7.74
N PHE I 68 -19.13 44.19 8.31
CA PHE I 68 -19.28 45.50 8.92
C PHE I 68 -18.35 45.66 10.11
N ASP I 69 -18.24 44.63 10.94
CA ASP I 69 -17.35 44.72 12.10
C ASP I 69 -15.92 44.98 11.66
N THR I 70 -15.46 44.26 10.65
CA THR I 70 -14.09 44.42 10.16
C THR I 70 -13.86 45.73 9.44
N VAL I 71 -14.89 46.34 8.85
CA VAL I 71 -14.72 47.61 8.19
C VAL I 71 -14.75 48.76 9.18
N LYS I 72 -15.61 48.69 10.19
CA LYS I 72 -15.62 49.75 11.20
C LYS I 72 -14.42 49.67 12.12
N GLY I 73 -13.87 48.47 12.33
CA GLY I 73 -12.69 48.35 13.18
C GLY I 73 -11.46 49.00 12.56
N GLY I 74 -11.26 48.82 11.25
CA GLY I 74 -10.14 49.41 10.56
C GLY I 74 -10.25 50.90 10.34
N ASP I 75 -11.20 51.54 11.02
CA ASP I 75 -11.36 52.99 10.98
C ASP I 75 -11.47 53.51 9.54
N TYR I 76 -12.17 52.74 8.70
CA TYR I 76 -12.51 53.14 7.33
C TYR I 76 -11.26 53.44 6.51
N LEU I 77 -10.39 52.44 6.45
CA LEU I 77 -9.28 52.47 5.52
C LEU I 77 -9.10 51.11 4.86
N ALA I 78 -9.98 50.16 5.16
CA ALA I 78 -9.87 48.81 4.63
C ALA I 78 -10.60 48.69 3.30
N ASP I 79 -9.97 48.02 2.35
CA ASP I 79 -10.61 47.78 1.06
C ASP I 79 -11.75 46.79 1.23
N GLN I 80 -12.97 47.28 1.08
CA GLN I 80 -14.15 46.49 1.44
C GLN I 80 -14.38 45.36 0.45
N ASP I 81 -13.84 45.48 -0.77
CA ASP I 81 -13.75 44.33 -1.66
C ASP I 81 -13.06 43.16 -0.98
N ALA I 82 -11.82 43.38 -0.52
CA ALA I 82 -11.08 42.31 0.11
C ALA I 82 -11.68 41.91 1.45
N VAL I 83 -12.32 42.83 2.16
CA VAL I 83 -12.94 42.47 3.43
C VAL I 83 -14.08 41.48 3.19
N GLU I 84 -14.95 41.78 2.22
CA GLU I 84 -16.03 40.86 1.87
C GLU I 84 -15.47 39.51 1.45
N ILE I 85 -14.47 39.52 0.57
CA ILE I 85 -13.92 38.25 0.09
C ILE I 85 -13.35 37.45 1.26
N MET I 86 -12.69 38.12 2.19
CA MET I 86 -12.10 37.41 3.32
C MET I 86 -13.15 36.78 4.20
N CYS I 87 -14.24 37.48 4.49
CA CYS I 87 -15.25 36.87 5.37
C CYS I 87 -15.93 35.68 4.69
N LYS I 88 -16.37 35.89 3.43
CA LYS I 88 -17.04 34.82 2.71
C LYS I 88 -16.16 33.59 2.61
N GLU I 89 -14.86 33.77 2.34
CA GLU I 89 -13.98 32.62 2.34
C GLU I 89 -13.56 32.18 3.74
N ALA I 90 -13.86 32.99 4.75
CA ALA I 90 -13.44 32.68 6.10
C ALA I 90 -14.22 31.52 6.67
N ILE I 91 -15.52 31.51 6.43
CA ILE I 91 -16.32 30.35 6.85
C ILE I 91 -15.67 29.06 6.37
N ASP I 92 -15.41 28.97 5.06
CA ASP I 92 -14.86 27.75 4.49
C ASP I 92 -13.42 27.53 4.89
N ALA I 93 -12.68 28.58 5.23
CA ALA I 93 -11.31 28.38 5.69
C ALA I 93 -11.28 27.68 7.04
N VAL I 94 -12.14 28.11 7.97
CA VAL I 94 -12.22 27.40 9.25
C VAL I 94 -12.65 25.97 9.03
N LEU I 95 -13.65 25.76 8.17
CA LEU I 95 -14.10 24.39 7.93
C LEU I 95 -13.01 23.53 7.30
N ASP I 96 -12.18 24.11 6.45
CA ASP I 96 -11.12 23.33 5.81
C ASP I 96 -10.01 23.00 6.79
N LEU I 97 -9.71 23.92 7.70
CA LEU I 97 -8.77 23.60 8.77
C LEU I 97 -9.29 22.42 9.58
N GLU I 98 -10.57 22.45 9.96
CA GLU I 98 -11.13 21.32 10.70
C GLU I 98 -11.04 20.03 9.90
N LYS I 99 -11.36 20.07 8.61
CA LYS I 99 -11.29 18.85 7.83
C LYS I 99 -9.87 18.38 7.57
N MET I 100 -8.87 19.24 7.78
CA MET I 100 -7.48 18.80 7.72
C MET I 100 -7.03 18.12 9.02
N GLY I 101 -7.83 18.18 10.07
CA GLY I 101 -7.55 17.45 11.29
C GLY I 101 -7.36 18.31 12.51
N MET I 102 -7.73 19.56 12.47
CA MET I 102 -7.39 20.44 13.58
C MET I 102 -8.32 20.17 14.77
N PRO I 103 -7.79 20.03 15.97
CA PRO I 103 -8.61 19.74 17.15
C PRO I 103 -9.32 20.96 17.75
N PHE I 104 -10.40 21.38 17.09
CA PHE I 104 -11.23 22.43 17.65
C PHE I 104 -11.94 21.93 18.90
N ASN I 105 -12.47 22.86 19.68
CA ASN I 105 -13.34 22.51 20.78
C ASN I 105 -14.75 22.30 20.29
N ARG I 106 -15.42 21.29 20.82
CA ARG I 106 -16.70 20.85 20.31
C ARG I 106 -17.83 21.25 21.25
N THR I 107 -19.02 21.43 20.65
CA THR I 107 -20.34 21.73 21.19
C THR I 107 -21.03 20.45 21.64
N PRO I 108 -21.93 20.54 22.63
CA PRO I 108 -22.68 19.36 23.07
C PRO I 108 -23.24 18.54 21.93
N GLU I 109 -23.61 19.21 20.84
CA GLU I 109 -24.07 18.51 19.65
C GLU I 109 -22.92 18.04 18.77
N GLY I 110 -21.76 18.70 18.85
CA GLY I 110 -20.58 18.17 18.21
C GLY I 110 -20.12 18.86 16.95
N ARG I 111 -20.50 20.12 16.72
CA ARG I 111 -20.00 20.78 15.53
C ARG I 111 -18.65 21.44 15.74
N ILE I 112 -18.64 22.61 16.39
CA ILE I 112 -17.45 23.38 16.71
C ILE I 112 -17.90 24.45 17.68
N ASP I 113 -17.15 24.67 18.75
CA ASP I 113 -17.57 25.65 19.73
C ASP I 113 -17.06 27.02 19.34
N GLN I 114 -17.83 28.05 19.68
CA GLN I 114 -17.46 29.43 19.43
C GLN I 114 -17.66 30.22 20.71
N ARG I 115 -16.81 31.21 20.92
CA ARG I 115 -16.93 32.09 22.07
C ARG I 115 -16.73 33.53 21.63
N ARG I 116 -17.18 34.45 22.48
CA ARG I 116 -17.19 35.87 22.16
C ARG I 116 -15.79 36.45 22.22
N PHE I 117 -15.60 37.56 21.50
CA PHE I 117 -14.28 38.19 21.44
C PHE I 117 -14.46 39.65 21.04
N GLY I 118 -14.12 40.56 21.95
CA GLY I 118 -13.90 41.94 21.59
C GLY I 118 -15.07 42.58 20.86
N GLY I 119 -14.76 43.25 19.76
CA GLY I 119 -15.75 44.03 19.04
C GLY I 119 -16.44 43.30 17.91
N HIS I 120 -16.74 42.02 18.11
CA HIS I 120 -17.56 41.25 17.17
C HIS I 120 -18.99 41.31 17.67
N THR I 121 -19.74 42.31 17.21
CA THR I 121 -21.07 42.59 17.71
C THR I 121 -22.16 42.15 16.74
N ARG I 122 -23.39 42.07 17.25
CA ARG I 122 -24.48 41.38 16.59
C ARG I 122 -24.79 41.95 15.22
N ASP I 123 -25.29 43.18 15.16
CA ASP I 123 -25.48 43.84 13.88
C ASP I 123 -25.31 45.33 14.09
N HIS I 124 -24.15 45.84 13.69
CA HIS I 124 -23.87 47.28 13.71
C HIS I 124 -23.88 47.84 15.12
N GLY I 125 -23.43 47.05 16.09
CA GLY I 125 -23.20 47.55 17.43
C GLY I 125 -24.25 47.24 18.47
N LYS I 126 -24.74 46.00 18.51
CA LYS I 126 -25.83 45.65 19.42
C LYS I 126 -25.39 44.73 20.55
N ALA I 127 -24.82 43.56 20.24
CA ALA I 127 -24.50 42.58 21.26
C ALA I 127 -23.44 41.63 20.72
N PRO I 128 -22.61 41.07 21.58
CA PRO I 128 -21.62 40.08 21.13
C PRO I 128 -22.31 38.83 20.59
N VAL I 129 -21.56 38.09 19.77
CA VAL I 129 -22.17 37.11 18.87
C VAL I 129 -21.71 35.68 19.12
N ARG I 130 -20.66 35.44 19.89
CA ARG I 130 -20.06 34.11 20.00
C ARG I 130 -19.61 33.63 18.61
N ARG I 131 -18.59 34.32 18.10
CA ARG I 131 -18.11 34.11 16.74
C ARG I 131 -16.77 33.40 16.66
N ALA I 132 -15.89 33.53 17.67
CA ALA I 132 -14.51 33.10 17.55
C ALA I 132 -14.39 31.61 17.82
N CYS I 133 -13.99 30.84 16.80
CA CYS I 133 -13.71 29.42 16.93
C CYS I 133 -12.33 29.22 17.52
N TYR I 134 -12.24 28.39 18.54
CA TYR I 134 -10.98 28.17 19.24
C TYR I 134 -10.71 26.68 19.37
N ALA I 135 -9.45 26.36 19.67
CA ALA I 135 -9.02 24.99 19.93
C ALA I 135 -8.76 24.75 21.41
N ALA I 136 -8.07 25.68 22.06
CA ALA I 136 -7.80 25.61 23.48
C ALA I 136 -7.23 26.95 23.87
N ASP I 137 -6.54 27.01 25.00
CA ASP I 137 -5.69 28.15 25.27
C ASP I 137 -4.59 28.32 24.23
N ARG I 138 -4.53 27.42 23.24
CA ARG I 138 -3.43 27.37 22.28
C ARG I 138 -3.99 27.16 20.86
N THR I 139 -4.35 28.24 20.19
CA THR I 139 -4.99 28.05 18.88
C THR I 139 -3.99 28.12 17.73
N GLY I 140 -3.11 29.11 17.75
CA GLY I 140 -2.11 29.21 16.70
C GLY I 140 -1.21 28.01 16.66
N HIS I 141 -0.93 27.42 17.82
CA HIS I 141 -0.08 26.25 17.85
C HIS I 141 -0.76 25.07 17.15
N MET I 142 -2.07 24.92 17.32
CA MET I 142 -2.78 23.84 16.66
C MET I 142 -2.89 24.08 15.16
N ILE I 143 -3.11 25.33 14.75
CA ILE I 143 -3.12 25.65 13.33
C ILE I 143 -1.77 25.30 12.70
N LEU I 144 -0.69 25.75 13.34
CA LEU I 144 0.65 25.48 12.85
C LEU I 144 0.92 23.99 12.78
N GLN I 145 0.57 23.25 13.82
CA GLN I 145 0.82 21.82 13.83
C GLN I 145 0.03 21.12 12.75
N THR I 146 -1.23 21.52 12.53
CA THR I 146 -2.06 20.88 11.52
C THR I 146 -1.50 21.14 10.12
N LEU I 147 -1.12 22.37 9.84
CA LEU I 147 -0.58 22.68 8.52
C LEU I 147 0.74 21.95 8.30
N TYR I 148 1.56 21.81 9.34
CA TYR I 148 2.80 21.09 9.17
C TYR I 148 2.55 19.61 8.97
N GLN I 149 1.56 19.05 9.68
CA GLN I 149 1.24 17.64 9.50
C GLN I 149 0.76 17.37 8.09
N ASN I 150 0.02 18.30 7.50
CA ASN I 150 -0.43 18.09 6.13
C ASN I 150 0.71 18.27 5.13
N CYS I 151 1.61 19.21 5.37
CA CYS I 151 2.78 19.31 4.51
C CYS I 151 3.65 18.06 4.61
N VAL I 152 3.65 17.40 5.76
CA VAL I 152 4.34 16.12 5.89
C VAL I 152 3.59 15.04 5.13
N LYS I 153 2.26 15.09 5.17
CA LYS I 153 1.44 14.09 4.48
C LYS I 153 1.65 14.14 2.98
N HIS I 154 1.57 15.33 2.39
CA HIS I 154 1.72 15.50 0.96
C HIS I 154 3.17 15.62 0.53
N ASP I 155 4.10 15.40 1.46
CA ASP I 155 5.52 15.39 1.18
C ASP I 155 5.99 16.66 0.47
N VAL I 156 5.82 17.78 1.17
CA VAL I 156 6.37 19.04 0.69
C VAL I 156 7.87 19.04 0.92
N GLU I 157 8.60 19.79 0.10
CA GLU I 157 10.06 19.86 0.19
C GLU I 157 10.44 21.13 0.94
N PHE I 158 10.74 20.98 2.23
CA PHE I 158 11.13 22.10 3.06
C PHE I 158 12.63 22.31 3.00
N PHE I 159 13.04 23.57 2.93
CA PHE I 159 14.44 23.95 3.01
C PHE I 159 14.60 24.73 4.30
N ASN I 160 14.92 24.02 5.37
CA ASN I 160 14.91 24.61 6.71
C ASN I 160 16.21 25.35 6.98
N GLU I 161 16.07 26.51 7.61
CA GLU I 161 17.19 27.40 7.88
C GLU I 161 17.89 27.81 6.58
N PHE I 162 17.13 28.51 5.75
CA PHE I 162 17.58 29.07 4.48
C PHE I 162 17.16 30.53 4.47
N TYR I 163 18.07 31.44 4.81
CA TYR I 163 17.74 32.85 4.87
C TYR I 163 17.67 33.40 3.46
N ALA I 164 16.46 33.58 2.94
CA ALA I 164 16.28 34.20 1.65
C ALA I 164 16.67 35.67 1.71
N LEU I 165 17.71 36.04 0.96
CA LEU I 165 18.30 37.36 1.09
C LEU I 165 17.92 38.34 -0.01
N ASP I 166 17.54 37.88 -1.19
CA ASP I 166 16.98 38.76 -2.20
C ASP I 166 16.37 37.93 -3.32
N ILE I 167 15.67 38.61 -4.22
CA ILE I 167 15.06 38.00 -5.39
C ILE I 167 15.65 38.61 -6.64
N ALA I 168 15.72 37.81 -7.70
CA ALA I 168 16.24 38.24 -8.98
C ALA I 168 15.08 38.69 -9.86
N LEU I 169 15.05 39.98 -10.18
CA LEU I 169 14.06 40.53 -11.09
C LEU I 169 14.69 40.66 -12.47
N THR I 170 14.15 39.93 -13.43
CA THR I 170 14.56 40.02 -14.83
C THR I 170 13.69 41.05 -15.53
N GLU I 171 14.33 41.92 -16.31
CA GLU I 171 13.62 42.98 -17.01
C GLU I 171 13.25 42.52 -18.41
N THR I 172 11.99 42.71 -18.78
CA THR I 172 11.46 42.39 -20.09
C THR I 172 10.80 43.63 -20.69
N PRO I 173 10.62 43.67 -22.02
CA PRO I 173 10.01 44.86 -22.64
C PRO I 173 8.66 45.25 -22.05
N ALA I 174 7.94 44.32 -21.44
CA ALA I 174 6.71 44.63 -20.73
C ALA I 174 6.94 44.89 -19.25
N GLY I 175 8.19 45.05 -18.83
CA GLY I 175 8.50 45.34 -17.45
C GLY I 175 9.38 44.28 -16.82
N PRO I 176 9.53 44.34 -15.50
CA PRO I 176 10.32 43.33 -14.79
C PRO I 176 9.49 42.11 -14.43
N VAL I 177 10.18 40.97 -14.31
CA VAL I 177 9.54 39.70 -14.01
C VAL I 177 10.43 38.93 -13.04
N ALA I 178 9.82 38.32 -12.03
CA ALA I 178 10.56 37.65 -10.97
C ALA I 178 10.98 36.25 -11.42
N THR I 179 12.24 35.92 -11.22
CA THR I 179 12.81 34.67 -11.70
C THR I 179 13.22 33.73 -10.59
N GLY I 180 14.11 34.15 -9.69
CA GLY I 180 14.67 33.26 -8.69
C GLY I 180 14.82 33.95 -7.35
N VAL I 181 15.12 33.13 -6.35
CA VAL I 181 15.38 33.59 -4.99
C VAL I 181 16.79 33.16 -4.61
N ILE I 182 17.57 34.08 -4.07
CA ILE I 182 18.93 33.80 -3.64
C ILE I 182 18.91 33.61 -2.13
N ALA I 183 19.12 32.39 -1.68
CA ALA I 183 19.06 32.04 -0.27
C ALA I 183 20.44 31.72 0.26
N TYR I 184 20.59 31.81 1.58
CA TYR I 184 21.86 31.55 2.24
C TYR I 184 21.64 30.44 3.25
N GLU I 185 22.09 29.23 2.93
CA GLU I 185 21.95 28.11 3.84
C GLU I 185 22.78 28.36 5.10
N LEU I 186 22.10 28.55 6.22
CA LEU I 186 22.81 28.78 7.48
C LEU I 186 23.72 27.62 7.83
N ALA I 187 23.31 26.40 7.48
CA ALA I 187 24.01 25.21 7.94
C ALA I 187 25.37 25.03 7.28
N THR I 188 25.53 25.50 6.04
CA THR I 188 26.78 25.29 5.32
C THR I 188 27.38 26.57 4.75
N GLY I 189 26.69 27.70 4.85
CA GLY I 189 27.22 28.93 4.32
C GLY I 189 27.14 29.07 2.82
N ASP I 190 26.68 28.05 2.11
CA ASP I 190 26.64 28.07 0.66
C ASP I 190 25.41 28.83 0.17
N ILE I 191 25.62 29.77 -0.74
CA ILE I 191 24.52 30.50 -1.36
C ILE I 191 23.86 29.63 -2.41
N HIS I 192 22.55 29.49 -2.31
CA HIS I 192 21.77 28.76 -3.30
C HIS I 192 20.97 29.74 -4.12
N VAL I 193 20.66 29.35 -5.36
CA VAL I 193 19.83 30.14 -6.26
C VAL I 193 18.72 29.24 -6.74
N PHE I 194 17.49 29.55 -6.34
CA PHE I 194 16.32 28.76 -6.72
C PHE I 194 15.66 29.46 -7.89
N HIS I 195 15.58 28.77 -9.03
CA HIS I 195 14.89 29.28 -10.21
C HIS I 195 13.44 28.86 -10.16
N ALA I 196 12.54 29.82 -10.27
CA ALA I 196 11.13 29.54 -10.15
C ALA I 196 10.37 30.26 -11.25
N LYS I 197 9.10 29.91 -11.38
CA LYS I 197 8.19 30.64 -12.24
C LYS I 197 7.31 31.60 -11.44
N ALA I 198 6.92 31.20 -10.24
CA ALA I 198 6.20 32.04 -9.31
C ALA I 198 6.91 32.05 -7.97
N ILE I 199 6.68 33.09 -7.19
CA ILE I 199 7.38 33.31 -5.93
C ILE I 199 6.40 33.90 -4.93
N VAL I 200 6.19 33.19 -3.81
CA VAL I 200 5.26 33.62 -2.78
C VAL I 200 6.05 34.07 -1.56
N PHE I 201 5.72 35.25 -1.04
CA PHE I 201 6.38 35.81 0.13
C PHE I 201 5.41 35.78 1.30
N ALA I 202 5.76 35.03 2.33
CA ALA I 202 4.93 34.86 3.52
C ALA I 202 5.77 34.99 4.77
N THR I 203 6.56 36.06 4.84
CA THR I 203 7.62 36.17 5.84
C THR I 203 7.23 36.88 7.11
N GLY I 204 5.95 37.05 7.38
CA GLY I 204 5.52 37.58 8.67
C GLY I 204 5.94 39.02 8.89
N GLY I 205 5.60 39.52 10.07
CA GLY I 205 5.68 40.94 10.36
C GLY I 205 7.04 41.38 10.86
N SER I 206 7.08 42.60 11.39
CA SER I 206 8.34 43.22 11.78
C SER I 206 8.08 44.16 12.95
N GLY I 207 8.25 43.63 14.16
CA GLY I 207 8.05 44.42 15.34
C GLY I 207 9.33 44.64 16.10
N ARG I 208 10.37 43.94 15.71
CA ARG I 208 11.62 44.00 16.42
C ARG I 208 12.36 45.27 16.21
N MET I 209 11.80 46.30 15.58
CA MET I 209 12.44 47.61 15.54
C MET I 209 12.02 48.49 16.70
N TYR I 210 11.30 47.93 17.66
CA TYR I 210 10.89 48.62 18.88
C TYR I 210 11.55 47.94 20.07
N LYS I 211 11.87 48.73 21.10
CA LYS I 211 12.51 48.15 22.27
C LYS I 211 11.62 47.12 22.92
N THR I 212 10.48 47.55 23.46
CA THR I 212 9.52 46.65 24.08
C THR I 212 8.51 46.24 23.03
N THR I 213 8.60 44.99 22.57
CA THR I 213 7.71 44.49 21.56
C THR I 213 7.22 43.12 21.99
N SER I 214 6.29 42.59 21.23
CA SER I 214 5.68 41.31 21.51
C SER I 214 6.07 40.23 20.51
N ASN I 215 6.88 40.56 19.51
CA ASN I 215 7.19 39.63 18.44
C ASN I 215 8.39 38.78 18.79
N ALA I 216 8.51 37.66 18.08
CA ALA I 216 9.65 36.78 18.23
C ALA I 216 10.93 37.53 17.98
N HIS I 217 12.04 36.95 18.43
CA HIS I 217 13.33 37.54 18.13
C HIS I 217 13.66 37.44 16.66
N THR I 218 13.02 36.51 15.95
CA THR I 218 13.27 36.29 14.54
C THR I 218 12.29 37.01 13.64
N LEU I 219 11.53 37.97 14.16
CA LEU I 219 10.58 38.75 13.38
C LEU I 219 11.18 40.14 13.16
N THR I 220 12.07 40.23 12.17
CA THR I 220 12.76 41.46 11.85
C THR I 220 12.14 42.20 10.67
N GLY I 221 11.53 41.48 9.74
CA GLY I 221 10.92 42.07 8.58
C GLY I 221 11.86 41.97 7.41
N ASP I 222 11.70 40.94 6.59
CA ASP I 222 12.58 40.69 5.49
C ASP I 222 11.88 40.56 4.16
N GLY I 223 10.64 40.08 4.13
CA GLY I 223 9.85 40.29 2.93
C GLY I 223 9.74 41.76 2.60
N LEU I 224 9.41 42.57 3.61
CA LEU I 224 9.29 44.00 3.41
C LEU I 224 10.61 44.59 2.95
N GLY I 225 11.70 44.26 3.63
CA GLY I 225 12.99 44.83 3.27
C GLY I 225 13.44 44.43 1.89
N ILE I 226 13.21 43.17 1.51
CA ILE I 226 13.65 42.69 0.21
C ILE I 226 12.87 43.37 -0.91
N VAL I 227 11.53 43.33 -0.84
CA VAL I 227 10.77 43.95 -1.91
C VAL I 227 10.91 45.47 -1.88
N PHE I 228 11.35 46.05 -0.78
CA PHE I 228 11.61 47.47 -0.73
C PHE I 228 12.96 47.82 -1.32
N ARG I 229 13.93 46.90 -1.28
CA ARG I 229 15.20 47.14 -1.93
C ARG I 229 15.17 46.89 -3.42
N LYS I 230 14.34 45.94 -3.87
CA LYS I 230 14.25 45.71 -5.32
C LYS I 230 13.52 46.84 -6.05
N GLY I 231 13.24 47.95 -5.38
CA GLY I 231 12.58 49.06 -6.01
C GLY I 231 11.09 49.13 -5.81
N LEU I 232 10.45 48.00 -5.50
CA LEU I 232 9.01 47.97 -5.30
C LEU I 232 8.64 48.70 -4.02
N PRO I 233 7.40 49.12 -3.88
CA PRO I 233 7.02 49.99 -2.76
C PRO I 233 6.51 49.21 -1.56
N LEU I 234 6.23 49.96 -0.48
CA LEU I 234 5.58 49.43 0.70
C LEU I 234 4.41 50.31 1.08
N GLU I 235 3.35 49.69 1.57
CA GLU I 235 2.08 50.37 1.81
C GLU I 235 1.92 50.70 3.29
N ASP I 236 1.65 51.97 3.57
CA ASP I 236 1.26 52.51 4.88
C ASP I 236 1.92 51.78 6.05
N MET I 237 3.26 51.80 6.09
CA MET I 237 4.00 51.12 7.15
C MET I 237 3.88 51.81 8.50
N GLU I 238 3.28 52.99 8.58
CA GLU I 238 3.22 53.69 9.85
C GLU I 238 2.07 53.26 10.72
N PHE I 239 1.41 52.16 10.41
CA PHE I 239 0.25 51.70 11.15
C PHE I 239 0.65 50.45 11.92
N HIS I 240 1.15 50.66 13.14
CA HIS I 240 1.48 49.58 14.04
C HIS I 240 0.44 49.55 15.16
N GLN I 241 -0.12 48.38 15.39
CA GLN I 241 -1.04 48.18 16.49
C GLN I 241 -0.24 47.84 17.75
N PHE I 242 -0.39 48.67 18.77
CA PHE I 242 0.22 48.49 20.08
C PHE I 242 -0.83 47.88 21.01
N HIS I 243 -0.52 46.72 21.56
CA HIS I 243 -1.47 46.04 22.41
C HIS I 243 -1.42 46.63 23.82
N PRO I 244 -2.54 46.70 24.51
CA PRO I 244 -2.53 47.28 25.86
C PRO I 244 -1.79 46.44 26.89
N THR I 245 -2.13 45.15 26.98
CA THR I 245 -1.61 44.28 28.02
C THR I 245 -0.18 43.89 27.64
N GLY I 246 0.80 44.53 28.28
CA GLY I 246 2.15 44.30 27.86
C GLY I 246 3.20 44.11 28.94
N LEU I 247 2.81 43.56 30.09
CA LEU I 247 3.76 43.07 31.10
C LEU I 247 4.91 44.04 31.31
N ALA I 248 4.57 45.19 31.90
CA ALA I 248 5.37 46.41 31.84
C ALA I 248 6.86 46.19 31.95
N GLY I 249 7.27 45.11 32.61
CA GLY I 249 8.66 44.72 32.63
C GLY I 249 9.27 44.55 31.25
N LEU I 250 8.86 43.51 30.51
CA LEU I 250 9.55 43.12 29.30
C LEU I 250 8.73 43.40 28.04
N GLY I 251 7.53 42.85 27.93
CA GLY I 251 6.75 43.04 26.73
C GLY I 251 5.88 41.86 26.35
N ILE I 252 6.05 40.75 27.06
CA ILE I 252 5.22 39.57 26.82
C ILE I 252 3.76 39.95 26.87
N LEU I 253 2.96 39.35 25.98
CA LEU I 253 1.55 39.65 25.92
C LEU I 253 0.82 39.00 27.09
N ILE I 254 -0.22 39.67 27.58
CA ILE I 254 -0.97 39.18 28.73
C ILE I 254 -2.41 38.91 28.31
N SER I 255 -2.60 38.47 27.06
CA SER I 255 -3.91 37.98 26.64
C SER I 255 -4.17 36.56 27.12
N GLU I 256 -3.42 36.10 28.12
CA GLU I 256 -3.54 34.72 28.59
C GLU I 256 -4.90 34.47 29.24
N ALA I 257 -5.20 35.21 30.31
CA ALA I 257 -6.45 35.00 31.04
C ALA I 257 -7.26 36.27 31.22
N VAL I 258 -6.60 37.42 31.34
CA VAL I 258 -7.31 38.65 31.70
C VAL I 258 -8.29 39.09 30.62
N ARG I 259 -8.18 38.54 29.41
CA ARG I 259 -9.00 39.01 28.30
C ARG I 259 -10.48 38.73 28.56
N GLY I 260 -10.84 37.46 28.69
CA GLY I 260 -12.24 37.11 28.86
C GLY I 260 -12.68 36.99 30.30
N GLU I 261 -12.20 37.90 31.15
CA GLU I 261 -12.56 37.90 32.56
C GLU I 261 -12.66 39.35 33.03
N GLY I 262 -12.84 39.53 34.33
CA GLY I 262 -13.02 40.86 34.89
C GLY I 262 -11.73 41.61 35.15
N GLY I 263 -10.99 41.91 34.08
CA GLY I 263 -9.76 42.67 34.22
C GLY I 263 -10.02 44.11 34.62
N ARG I 264 -9.72 44.43 35.87
CA ARG I 264 -9.93 45.77 36.40
C ARG I 264 -8.70 46.61 36.07
N LEU I 265 -8.78 47.40 35.00
CA LEU I 265 -7.64 48.21 34.61
C LEU I 265 -7.50 49.33 35.62
N LEU I 266 -6.78 49.05 36.70
CA LEU I 266 -6.50 50.00 37.76
C LEU I 266 -5.09 50.53 37.58
N ASN I 267 -4.95 51.85 37.49
CA ASN I 267 -3.62 52.41 37.26
C ASN I 267 -3.50 53.75 37.96
N GLY I 268 -2.47 54.51 37.64
CA GLY I 268 -2.20 55.75 38.36
C GLY I 268 -1.64 55.42 39.72
N GLU I 269 -2.25 55.97 40.76
CA GLU I 269 -1.86 55.64 42.12
C GLU I 269 -2.73 54.53 42.70
N GLY I 270 -4.04 54.76 42.76
CA GLY I 270 -4.97 53.74 43.24
C GLY I 270 -6.32 53.80 42.57
N GLU I 271 -6.37 54.41 41.39
CA GLU I 271 -7.63 54.77 40.75
C GLU I 271 -7.94 53.89 39.53
N ARG I 272 -9.22 53.90 39.16
CA ARG I 272 -9.71 53.34 37.92
C ARG I 272 -10.00 54.50 36.96
N PHE I 273 -9.76 54.27 35.67
CA PHE I 273 -9.69 55.39 34.75
C PHE I 273 -10.48 55.20 33.47
N MET I 274 -10.71 53.94 33.06
CA MET I 274 -11.13 53.70 31.69
C MET I 274 -12.51 54.28 31.40
N GLU I 275 -13.37 54.36 32.43
CA GLU I 275 -14.66 54.98 32.23
C GLU I 275 -14.60 56.48 32.51
N ARG I 276 -13.66 56.91 33.35
CA ARG I 276 -13.37 58.34 33.44
C ARG I 276 -12.97 58.92 32.10
N TYR I 277 -12.41 58.09 31.21
CA TYR I 277 -11.99 58.56 29.89
C TYR I 277 -13.00 58.22 28.80
N ALA I 278 -13.30 56.94 28.61
CA ALA I 278 -14.20 56.46 27.57
C ALA I 278 -15.30 55.60 28.19
N PRO I 279 -16.40 56.20 28.61
CA PRO I 279 -17.58 55.40 28.99
C PRO I 279 -18.28 54.83 27.77
N THR I 280 -19.50 54.30 27.97
CA THR I 280 -20.35 53.71 26.94
C THR I 280 -19.83 52.33 26.56
N ILE I 281 -18.69 51.96 27.15
CA ILE I 281 -18.12 50.62 27.01
C ILE I 281 -17.03 50.50 28.06
N VAL I 282 -16.94 49.33 28.70
CA VAL I 282 -16.12 49.23 29.90
C VAL I 282 -14.64 49.04 29.56
N ASP I 283 -14.27 47.89 29.00
CA ASP I 283 -12.89 47.69 28.58
C ASP I 283 -12.73 46.91 27.28
N LEU I 284 -13.81 46.59 26.58
CA LEU I 284 -13.72 45.92 25.29
C LEU I 284 -13.67 46.90 24.13
N ALA I 285 -13.25 48.13 24.37
CA ALA I 285 -13.02 49.08 23.30
C ALA I 285 -11.90 48.58 22.39
N PRO I 286 -11.74 49.17 21.20
CA PRO I 286 -10.64 48.78 20.33
C PRO I 286 -9.28 48.92 21.03
N ARG I 287 -8.34 48.07 20.61
CA ARG I 287 -7.04 48.01 21.25
C ARG I 287 -6.32 49.35 21.17
N ASP I 288 -6.42 50.04 20.04
CA ASP I 288 -5.72 51.30 19.90
C ASP I 288 -6.30 52.36 20.83
N ILE I 289 -7.62 52.39 20.97
CA ILE I 289 -8.25 53.34 21.90
C ILE I 289 -7.82 53.06 23.32
N VAL I 290 -7.85 51.77 23.71
CA VAL I 290 -7.43 51.41 25.06
C VAL I 290 -6.00 51.83 25.31
N ALA I 291 -5.11 51.57 24.34
CA ALA I 291 -3.69 51.88 24.52
C ALA I 291 -3.45 53.37 24.60
N ARG I 292 -4.09 54.15 23.73
CA ARG I 292 -3.98 55.60 23.81
C ARG I 292 -4.43 56.09 25.18
N SER I 293 -5.54 55.54 25.69
CA SER I 293 -6.03 55.95 26.99
C SER I 293 -5.01 55.67 28.08
N MET I 294 -4.50 54.43 28.15
CA MET I 294 -3.51 54.12 29.17
C MET I 294 -2.30 55.02 29.07
N VAL I 295 -1.81 55.27 27.85
CA VAL I 295 -0.56 56.00 27.71
C VAL I 295 -0.75 57.46 28.13
N LEU I 296 -1.82 58.10 27.66
CA LEU I 296 -2.04 59.49 28.05
C LEU I 296 -2.39 59.59 29.53
N GLU I 297 -2.84 58.49 30.13
CA GLU I 297 -2.99 58.46 31.58
C GLU I 297 -1.63 58.43 32.28
N VAL I 298 -0.72 57.58 31.80
CA VAL I 298 0.63 57.53 32.36
C VAL I 298 1.35 58.86 32.16
N LEU I 299 0.96 59.62 31.14
CA LEU I 299 1.52 60.95 30.93
C LEU I 299 0.87 62.01 31.81
N GLU I 300 0.24 61.60 32.91
CA GLU I 300 -0.40 62.54 33.83
C GLU I 300 -0.64 61.89 35.18
N VAL I 347 0.17 43.50 39.14
CA VAL I 347 0.99 43.31 37.94
C VAL I 347 0.95 44.57 37.09
N PRO I 348 2.13 45.05 36.69
CA PRO I 348 2.19 46.26 35.88
C PRO I 348 2.17 45.96 34.39
N VAL I 349 1.38 46.74 33.66
CA VAL I 349 1.26 46.58 32.21
C VAL I 349 1.65 47.90 31.54
N TYR I 350 1.88 47.81 30.24
CA TYR I 350 2.35 48.90 29.39
C TYR I 350 2.26 48.46 27.94
N PRO I 351 1.90 49.33 27.00
CA PRO I 351 1.71 48.90 25.62
C PRO I 351 2.98 48.38 24.98
N THR I 352 2.82 47.41 24.08
CA THR I 352 3.91 46.74 23.41
C THR I 352 3.60 46.67 21.92
N CYS I 353 4.55 47.06 21.08
CA CYS I 353 4.33 46.94 19.64
C CYS I 353 3.95 45.52 19.30
N HIS I 354 2.78 45.35 18.71
CA HIS I 354 2.18 44.02 18.56
C HIS I 354 2.06 43.61 17.11
N TYR I 355 1.52 44.46 16.24
CA TYR I 355 1.19 44.03 14.89
C TYR I 355 1.51 45.16 13.93
N VAL I 356 1.74 44.82 12.67
CA VAL I 356 1.98 45.80 11.61
C VAL I 356 0.91 45.64 10.55
N MET I 357 0.16 46.71 10.30
CA MET I 357 -0.90 46.65 9.30
C MET I 357 -0.40 46.97 7.90
N GLY I 358 0.76 47.59 7.76
CA GLY I 358 1.34 47.83 6.47
C GLY I 358 1.94 46.58 5.88
N GLY I 359 2.76 46.76 4.85
CA GLY I 359 3.46 45.67 4.23
C GLY I 359 3.43 45.81 2.73
N ILE I 360 3.70 44.69 2.06
CA ILE I 360 3.78 44.67 0.59
C ILE I 360 2.39 44.88 0.01
N PRO I 361 2.22 45.80 -0.94
CA PRO I 361 0.88 46.04 -1.51
C PRO I 361 0.49 44.89 -2.43
N THR I 362 -0.80 44.52 -2.37
CA THR I 362 -1.21 43.27 -3.00
C THR I 362 -2.65 43.40 -3.48
N THR I 363 -2.96 42.69 -4.56
CA THR I 363 -4.33 42.58 -5.05
C THR I 363 -5.08 41.58 -4.18
N VAL I 364 -6.29 41.20 -4.60
CA VAL I 364 -6.99 40.20 -3.81
C VAL I 364 -6.46 38.81 -4.10
N ASN I 365 -6.12 38.51 -5.35
CA ASN I 365 -5.60 37.19 -5.69
C ASN I 365 -4.18 36.98 -5.22
N GLY I 366 -3.59 37.94 -4.52
CA GLY I 366 -2.28 37.74 -3.93
C GLY I 366 -1.10 38.16 -4.77
N GLN I 367 -1.26 39.14 -5.65
CA GLN I 367 -0.21 39.56 -6.56
C GLN I 367 0.38 40.88 -6.11
N VAL I 368 1.71 41.00 -6.18
CA VAL I 368 2.40 42.18 -5.72
C VAL I 368 2.24 43.27 -6.77
N LEU I 369 1.31 44.18 -6.56
CA LEU I 369 1.10 45.27 -7.52
C LEU I 369 2.23 46.28 -7.39
N ARG I 370 2.76 46.71 -8.53
CA ARG I 370 3.98 47.52 -8.53
C ARG I 370 3.69 48.96 -8.14
N ASP I 371 2.95 49.69 -8.95
CA ASP I 371 2.30 50.89 -8.45
C ASP I 371 0.79 50.64 -8.45
N ASN I 372 0.01 51.71 -8.24
CA ASN I 372 -1.42 51.58 -7.92
C ASN I 372 -2.16 50.54 -8.74
N THR I 373 -1.76 50.27 -9.98
CA THR I 373 -2.50 49.31 -10.80
C THR I 373 -1.66 48.30 -11.55
N ASN I 374 -0.35 48.48 -11.70
CA ASN I 374 0.46 47.48 -12.37
C ASN I 374 0.59 46.25 -11.48
N VAL I 375 1.26 45.23 -11.99
CA VAL I 375 1.47 43.97 -11.27
C VAL I 375 2.80 43.39 -11.70
N ILE I 376 3.58 42.88 -10.75
CA ILE I 376 4.80 42.16 -11.07
C ILE I 376 4.40 40.74 -11.45
N PRO I 377 4.74 40.28 -12.65
CA PRO I 377 4.44 38.89 -13.01
C PRO I 377 5.34 37.91 -12.28
N GLY I 378 4.73 36.89 -11.68
CA GLY I 378 5.50 35.88 -11.00
C GLY I 378 5.93 36.25 -9.60
N LEU I 379 5.17 37.09 -8.92
CA LEU I 379 5.49 37.52 -7.56
C LEU I 379 4.22 37.63 -6.77
N TYR I 380 4.12 36.89 -5.67
CA TYR I 380 2.94 36.84 -4.84
C TYR I 380 3.30 37.13 -3.39
N ALA I 381 2.29 37.43 -2.58
CA ALA I 381 2.50 37.77 -1.19
C ALA I 381 1.30 37.32 -0.38
N ALA I 382 1.55 36.90 0.85
CA ALA I 382 0.49 36.38 1.70
C ALA I 382 0.89 36.53 3.15
N GLY I 383 -0.10 36.65 4.03
CA GLY I 383 0.19 36.66 5.45
C GLY I 383 0.30 38.04 6.06
N GLU I 384 1.19 38.20 7.03
CA GLU I 384 1.32 39.48 7.69
C GLU I 384 2.26 40.43 6.96
N CYS I 385 3.14 39.91 6.11
CA CYS I 385 3.99 40.76 5.29
C CYS I 385 3.23 41.42 4.16
N ALA I 386 2.13 40.82 3.72
CA ALA I 386 1.34 41.35 2.63
C ALA I 386 0.30 42.33 3.15
N CYS I 387 0.05 43.38 2.37
CA CYS I 387 -0.98 44.35 2.70
C CYS I 387 -2.05 44.24 1.62
N VAL I 388 -2.96 43.28 1.80
CA VAL I 388 -4.16 43.19 0.97
C VAL I 388 -5.17 44.25 1.36
N SER I 389 -4.87 45.08 2.36
CA SER I 389 -5.73 46.15 2.84
C SER I 389 -7.04 45.59 3.41
N VAL I 390 -6.90 44.71 4.39
CA VAL I 390 -8.04 44.11 5.07
C VAL I 390 -8.26 44.71 6.45
N HIS I 391 -7.18 45.01 7.17
CA HIS I 391 -7.29 45.60 8.48
C HIS I 391 -7.28 47.12 8.44
N GLY I 392 -6.77 47.70 7.37
CA GLY I 392 -6.81 49.14 7.21
C GLY I 392 -5.95 49.87 8.21
N ALA I 393 -6.58 50.57 9.14
CA ALA I 393 -5.86 51.36 10.12
C ALA I 393 -5.85 50.74 11.51
N ASN I 394 -6.54 49.64 11.72
CA ASN I 394 -6.50 48.93 12.99
C ASN I 394 -7.05 47.54 12.78
N ARG I 395 -6.41 46.56 13.39
CA ARG I 395 -6.74 45.16 13.17
C ARG I 395 -7.69 44.67 14.24
N LEU I 396 -8.73 43.95 13.81
CA LEU I 396 -9.66 43.34 14.75
C LEU I 396 -9.11 42.00 15.19
N GLY I 397 -9.18 41.74 16.48
CA GLY I 397 -8.68 40.49 17.00
C GLY I 397 -9.27 39.29 16.31
N THR I 398 -8.48 38.24 16.15
CA THR I 398 -8.84 36.97 15.52
C THR I 398 -9.01 37.06 14.01
N ASN I 399 -8.85 38.24 13.42
CA ASN I 399 -8.88 38.35 11.98
C ASN I 399 -7.55 38.00 11.33
N SER I 400 -6.50 37.85 12.13
CA SER I 400 -5.18 37.64 11.56
C SER I 400 -4.99 36.21 11.10
N LEU I 401 -5.33 35.23 11.94
CA LEU I 401 -5.25 33.84 11.52
C LEU I 401 -6.20 33.56 10.38
N LEU I 402 -7.36 34.21 10.42
CA LEU I 402 -8.32 34.16 9.32
C LEU I 402 -7.69 34.65 8.03
N ASP I 403 -7.09 35.84 8.08
CA ASP I 403 -6.46 36.44 6.92
C ASP I 403 -5.39 35.53 6.34
N ILE I 404 -4.55 34.96 7.21
CA ILE I 404 -3.47 34.13 6.70
C ILE I 404 -4.03 32.90 6.01
N ASN I 405 -5.07 32.27 6.58
CA ASN I 405 -5.65 31.11 5.93
C ASN I 405 -6.22 31.46 4.57
N VAL I 406 -7.14 32.44 4.53
CA VAL I 406 -7.83 32.80 3.29
C VAL I 406 -6.82 33.18 2.21
N PHE I 407 -6.02 34.20 2.48
CA PHE I 407 -5.18 34.74 1.42
C PHE I 407 -3.93 33.92 1.16
N GLY I 408 -3.48 33.09 2.10
CA GLY I 408 -2.46 32.13 1.77
C GLY I 408 -2.96 31.07 0.82
N ARG I 409 -4.19 30.59 1.02
CA ARG I 409 -4.76 29.66 0.06
C ARG I 409 -4.89 30.29 -1.31
N ARG I 410 -5.42 31.51 -1.37
CA ARG I 410 -5.59 32.18 -2.65
C ARG I 410 -4.26 32.37 -3.36
N ALA I 411 -3.25 32.87 -2.65
CA ALA I 411 -1.95 33.10 -3.27
C ALA I 411 -1.30 31.80 -3.71
N GLY I 412 -1.49 30.71 -2.96
CA GLY I 412 -0.92 29.44 -3.38
C GLY I 412 -1.56 28.91 -4.65
N ILE I 413 -2.89 28.92 -4.71
CA ILE I 413 -3.59 28.53 -5.94
C ILE I 413 -3.11 29.37 -7.12
N ALA I 414 -3.09 30.69 -6.94
CA ALA I 414 -2.75 31.57 -8.05
C ALA I 414 -1.34 31.32 -8.54
N ALA I 415 -0.39 31.13 -7.63
CA ALA I 415 0.99 30.90 -8.06
C ALA I 415 1.13 29.55 -8.75
N ALA I 416 0.43 28.52 -8.26
CA ALA I 416 0.49 27.23 -8.92
C ALA I 416 -0.06 27.30 -10.34
N GLU I 417 -1.21 27.94 -10.52
CA GLU I 417 -1.80 27.99 -11.85
C GLU I 417 -0.97 28.87 -12.79
N TYR I 418 -0.35 29.93 -12.28
CA TYR I 418 0.57 30.70 -13.12
C TYR I 418 1.75 29.84 -13.54
N ALA I 419 2.30 29.05 -12.63
CA ALA I 419 3.43 28.19 -13.00
C ALA I 419 3.03 27.12 -14.00
N GLN I 420 1.77 26.67 -13.95
CA GLN I 420 1.29 25.73 -14.96
C GLN I 420 1.19 26.41 -16.33
N ASN I 421 0.52 27.56 -16.39
CA ASN I 421 0.32 28.24 -17.66
C ASN I 421 1.66 28.65 -18.29
N HIS I 422 2.40 29.52 -17.62
CA HIS I 422 3.58 30.12 -18.22
C HIS I 422 4.74 29.13 -18.21
N ASN I 423 5.93 29.62 -18.57
CA ASN I 423 7.15 28.82 -18.57
C ASN I 423 8.28 29.64 -17.97
N PHE I 424 9.47 29.07 -17.95
CA PHE I 424 10.64 29.82 -17.53
C PHE I 424 10.92 30.94 -18.52
N VAL I 425 11.23 32.12 -18.01
CA VAL I 425 11.47 33.24 -18.92
C VAL I 425 12.95 33.29 -19.28
N ASP I 426 13.79 33.63 -18.32
CA ASP I 426 15.25 33.65 -18.46
C ASP I 426 15.81 33.95 -17.08
N MET I 427 17.12 34.11 -17.00
CA MET I 427 17.74 34.65 -15.81
C MET I 427 18.97 35.40 -16.26
N PRO I 428 19.39 36.44 -15.53
CA PRO I 428 20.60 37.16 -15.94
C PRO I 428 21.87 36.38 -15.64
N GLU I 429 23.01 36.97 -15.95
CA GLU I 429 24.29 36.36 -15.66
C GLU I 429 24.47 36.24 -14.15
N ASN I 430 24.75 35.01 -13.68
CA ASN I 430 25.14 34.65 -12.31
C ASN I 430 24.47 35.56 -11.29
N PRO I 431 23.15 35.47 -11.12
CA PRO I 431 22.42 36.52 -10.40
C PRO I 431 22.80 36.68 -8.93
N ALA I 432 23.72 35.88 -8.41
CA ALA I 432 24.09 36.00 -7.01
C ALA I 432 25.26 36.94 -6.77
N GLU I 433 25.64 37.78 -7.74
CA GLU I 433 26.80 38.65 -7.53
C GLU I 433 26.56 39.63 -6.40
N MET I 434 25.36 40.22 -6.34
CA MET I 434 25.10 41.21 -5.31
C MET I 434 25.08 40.57 -3.93
N VAL I 435 24.49 39.39 -3.80
CA VAL I 435 24.44 38.74 -2.50
C VAL I 435 25.82 38.28 -2.06
N VAL I 436 26.61 37.72 -2.98
CA VAL I 436 27.94 37.27 -2.60
C VAL I 436 28.82 38.45 -2.22
N GLY I 437 28.76 39.54 -2.98
CA GLY I 437 29.50 40.73 -2.59
C GLY I 437 29.05 41.29 -1.26
N TRP I 438 27.74 41.24 -1.00
CA TRP I 438 27.20 41.69 0.27
C TRP I 438 27.79 40.89 1.43
N VAL I 439 27.70 39.57 1.36
CA VAL I 439 28.19 38.73 2.45
C VAL I 439 29.69 38.90 2.63
N GLY I 440 30.45 38.93 1.52
CA GLY I 440 31.88 39.10 1.63
C GLY I 440 32.27 40.42 2.25
N ASP I 441 31.61 41.50 1.83
CA ASP I 441 31.90 42.81 2.40
C ASP I 441 31.61 42.85 3.89
N ILE I 442 30.47 42.26 4.30
CA ILE I 442 30.15 42.22 5.72
C ILE I 442 31.22 41.45 6.48
N LEU I 443 31.68 40.33 5.92
CA LEU I 443 32.61 39.46 6.63
C LEU I 443 33.98 40.11 6.75
N SER I 444 34.62 40.40 5.61
CA SER I 444 36.01 40.86 5.60
C SER I 444 36.06 42.36 5.81
N GLU I 445 36.09 42.78 7.08
CA GLU I 445 36.24 44.18 7.48
C GLU I 445 36.31 44.21 9.00
N HIS I 446 36.87 45.28 9.54
CA HIS I 446 36.86 45.50 10.98
C HIS I 446 36.52 46.95 11.27
N GLY I 447 35.54 47.17 12.16
CA GLY I 447 35.14 48.50 12.54
C GLY I 447 34.92 48.61 14.03
N ASN I 448 34.75 49.84 14.49
CA ASN I 448 34.62 50.15 15.90
C ASN I 448 33.17 50.22 16.38
N GLU I 449 32.27 49.48 15.74
CA GLU I 449 30.86 49.47 16.11
C GLU I 449 30.40 48.03 16.27
N ARG I 450 29.45 47.82 17.18
CA ARG I 450 28.89 46.50 17.39
C ARG I 450 27.40 46.50 17.09
N VAL I 451 26.97 45.42 16.42
CA VAL I 451 25.58 45.28 16.02
C VAL I 451 24.66 45.41 17.22
N ALA I 452 25.08 44.89 18.37
CA ALA I 452 24.24 44.98 19.56
C ALA I 452 23.99 46.41 19.95
N ASP I 453 25.01 47.27 19.89
CA ASP I 453 24.82 48.65 20.31
C ASP I 453 24.03 49.42 19.28
N ILE I 454 24.29 49.21 17.99
CA ILE I 454 23.50 49.89 16.96
C ILE I 454 22.04 49.51 17.10
N ARG I 455 21.76 48.21 17.22
CA ARG I 455 20.39 47.76 17.32
C ARG I 455 19.71 48.26 18.59
N GLY I 456 20.44 48.26 19.70
CA GLY I 456 19.87 48.77 20.93
C GLY I 456 19.52 50.23 20.85
N ALA I 457 20.38 51.03 20.23
CA ALA I 457 20.08 52.46 20.10
C ALA I 457 18.94 52.70 19.14
N LEU I 458 18.87 51.93 18.04
CA LEU I 458 17.74 52.05 17.13
C LEU I 458 16.44 51.76 17.85
N GLN I 459 16.39 50.64 18.58
CA GLN I 459 15.16 50.27 19.25
C GLN I 459 14.79 51.27 20.34
N GLN I 460 15.77 51.77 21.08
CA GLN I 460 15.46 52.74 22.12
C GLN I 460 14.90 54.03 21.54
N SER I 461 15.48 54.53 20.46
CA SER I 461 14.95 55.75 19.86
C SER I 461 13.58 55.52 19.26
N MET I 462 13.41 54.44 18.50
CA MET I 462 12.12 54.15 17.90
C MET I 462 11.05 53.88 18.93
N ASP I 463 11.44 53.56 20.16
CA ASP I 463 10.43 53.33 21.19
C ASP I 463 10.12 54.58 21.99
N ASN I 464 11.11 55.44 22.21
CA ASN I 464 10.81 56.69 22.89
C ASN I 464 10.15 57.71 21.99
N ASN I 465 10.27 57.56 20.66
CA ASN I 465 9.79 58.59 19.75
C ASN I 465 8.63 58.12 18.88
N ALA I 466 8.81 57.09 18.07
CA ALA I 466 7.78 56.70 17.09
C ALA I 466 6.97 55.55 17.67
N ALA I 467 6.12 55.89 18.64
CA ALA I 467 5.43 54.89 19.44
C ALA I 467 3.98 55.34 19.59
N VAL I 468 3.29 54.77 20.57
CA VAL I 468 1.86 54.96 20.76
C VAL I 468 1.45 56.43 20.67
N PHE I 469 2.32 57.35 21.07
CA PHE I 469 2.12 58.78 20.87
C PHE I 469 3.37 59.37 20.23
N ARG I 470 3.20 60.04 19.10
CA ARG I 470 4.30 60.58 18.34
C ARG I 470 3.97 61.99 17.87
N THR I 471 4.99 62.86 17.86
CA THR I 471 4.85 64.27 17.56
C THR I 471 5.78 64.61 16.40
N GLU I 472 5.72 65.86 15.94
CA GLU I 472 6.53 66.26 14.78
C GLU I 472 8.01 66.32 15.13
N GLU I 473 8.38 67.10 16.13
CA GLU I 473 9.79 67.18 16.51
C GLU I 473 10.28 65.83 17.01
N THR I 474 9.38 65.06 17.64
CA THR I 474 9.70 63.70 18.04
C THR I 474 10.12 62.85 16.84
N LEU I 475 9.29 62.83 15.79
CA LEU I 475 9.62 62.02 14.62
C LEU I 475 10.85 62.55 13.90
N LYS I 476 11.11 63.86 13.96
CA LYS I 476 12.31 64.38 13.33
C LYS I 476 13.57 63.97 14.10
N GLN I 477 13.50 63.97 15.44
CA GLN I 477 14.59 63.40 16.22
C GLN I 477 14.81 61.94 15.86
N ALA I 478 13.73 61.18 15.70
CA ALA I 478 13.88 59.79 15.30
C ALA I 478 14.56 59.68 13.94
N LEU I 479 14.24 60.59 13.01
CA LEU I 479 14.87 60.54 11.69
C LEU I 479 16.36 60.83 11.76
N THR I 480 16.75 61.84 12.52
CA THR I 480 18.18 62.13 12.67
C THR I 480 18.89 60.96 13.33
N ASP I 481 18.28 60.35 14.34
CA ASP I 481 18.87 59.19 14.98
C ASP I 481 19.05 58.05 14.00
N ILE I 482 18.03 57.77 13.18
CA ILE I 482 18.13 56.66 12.24
C ILE I 482 19.15 56.95 11.16
N HIS I 483 19.33 58.20 10.76
CA HIS I 483 20.36 58.51 9.79
C HIS I 483 21.75 58.31 10.40
N ALA I 484 21.95 58.75 11.64
CA ALA I 484 23.23 58.52 12.30
C ALA I 484 23.51 57.02 12.44
N LEU I 485 22.51 56.24 12.83
CA LEU I 485 22.73 54.80 12.96
C LEU I 485 22.96 54.15 11.61
N LYS I 486 22.36 54.69 10.55
CA LYS I 486 22.58 54.12 9.22
C LYS I 486 23.99 54.38 8.74
N GLU I 487 24.56 55.53 9.07
CA GLU I 487 25.95 55.77 8.70
C GLU I 487 26.93 55.09 9.66
N ARG I 488 26.51 54.72 10.86
CA ARG I 488 27.35 53.89 11.71
C ARG I 488 27.33 52.43 11.30
N TYR I 489 26.22 51.97 10.72
CA TYR I 489 26.13 50.58 10.29
C TYR I 489 27.09 50.26 9.15
N SER I 490 27.67 51.27 8.51
CA SER I 490 28.58 51.02 7.40
C SER I 490 29.89 50.39 7.86
N ARG I 491 30.27 50.59 9.13
CA ARG I 491 31.54 50.07 9.66
C ARG I 491 31.24 49.27 10.93
N ILE I 492 30.86 48.01 10.75
CA ILE I 492 30.66 47.09 11.85
C ILE I 492 31.50 45.85 11.60
N THR I 493 31.62 45.03 12.62
CA THR I 493 32.45 43.83 12.58
C THR I 493 31.62 42.62 12.97
N VAL I 494 32.02 41.47 12.44
CA VAL I 494 31.54 40.18 12.88
C VAL I 494 32.74 39.41 13.40
N HIS I 495 32.53 38.56 14.40
CA HIS I 495 33.64 37.95 15.11
C HIS I 495 33.75 36.46 14.86
N ASP I 496 33.11 35.94 13.82
CA ASP I 496 33.16 34.52 13.54
C ASP I 496 33.95 34.21 12.27
N LYS I 497 33.60 34.84 11.15
CA LYS I 497 34.30 34.64 9.88
C LYS I 497 34.23 33.19 9.41
N GLY I 498 33.54 32.34 10.17
CA GLY I 498 33.35 30.97 9.78
C GLY I 498 32.31 30.84 8.69
N LYS I 499 31.99 29.59 8.34
CA LYS I 499 31.02 29.36 7.29
C LYS I 499 30.07 28.22 7.62
N ARG I 500 30.09 27.68 8.84
CA ARG I 500 29.25 26.54 9.16
C ARG I 500 27.92 26.98 9.76
N TYR I 501 27.94 27.67 10.89
CA TYR I 501 26.71 28.24 11.48
C TYR I 501 27.07 29.65 11.91
N ASN I 502 26.98 30.59 10.99
CA ASN I 502 27.37 31.96 11.26
C ASN I 502 26.14 32.75 11.66
N SER I 503 26.14 33.30 12.87
CA SER I 503 24.96 33.99 13.38
C SER I 503 25.16 35.48 13.57
N ASP I 504 26.39 35.94 13.82
CA ASP I 504 26.61 37.39 13.80
C ASP I 504 26.47 37.94 12.39
N LEU I 505 26.79 37.15 11.38
CA LEU I 505 26.59 37.58 10.00
C LEU I 505 25.12 37.92 9.75
N LEU I 506 24.24 36.95 9.96
CA LEU I 506 22.83 37.17 9.72
C LEU I 506 22.25 38.17 10.71
N GLU I 507 22.78 38.25 11.92
CA GLU I 507 22.35 39.30 12.84
C GLU I 507 22.62 40.68 12.27
N ALA I 508 23.77 40.87 11.62
CA ALA I 508 24.09 42.17 11.03
C ALA I 508 23.21 42.46 9.82
N ILE I 509 22.97 41.43 9.00
CA ILE I 509 22.11 41.62 7.83
C ILE I 509 20.69 42.02 8.27
N GLU I 510 20.17 41.33 9.28
CA GLU I 510 18.85 41.69 9.80
C GLU I 510 18.84 43.08 10.38
N LEU I 511 19.95 43.52 10.98
CA LEU I 511 20.01 44.90 11.45
C LEU I 511 19.87 45.88 10.29
N GLY I 512 20.47 45.56 9.15
CA GLY I 512 20.27 46.42 7.99
C GLY I 512 18.81 46.50 7.57
N PHE I 513 18.14 45.35 7.52
CA PHE I 513 16.71 45.35 7.21
C PHE I 513 15.91 46.20 8.18
N LEU I 514 16.19 46.06 9.47
CA LEU I 514 15.48 46.82 10.49
C LEU I 514 15.68 48.31 10.31
N LEU I 515 16.89 48.73 9.96
CA LEU I 515 17.15 50.15 9.76
C LEU I 515 16.33 50.70 8.60
N GLU I 516 16.27 49.95 7.49
CA GLU I 516 15.46 50.40 6.36
C GLU I 516 14.00 50.56 6.75
N LEU I 517 13.41 49.54 7.36
CA LEU I 517 12.00 49.61 7.71
C LEU I 517 11.73 50.69 8.75
N ALA I 518 12.66 50.94 9.66
CA ALA I 518 12.45 52.01 10.63
C ALA I 518 12.39 53.36 9.93
N GLU I 519 13.26 53.58 8.94
CA GLU I 519 13.18 54.82 8.19
C GLU I 519 11.83 54.95 7.50
N VAL I 520 11.36 53.87 6.87
CA VAL I 520 10.07 53.92 6.19
C VAL I 520 8.96 54.31 7.16
N THR I 521 8.93 53.66 8.32
CA THR I 521 7.88 53.91 9.29
C THR I 521 7.89 55.36 9.75
N VAL I 522 9.07 55.89 10.10
CA VAL I 522 9.10 57.24 10.64
C VAL I 522 8.72 58.26 9.58
N VAL I 523 9.17 58.06 8.34
CA VAL I 523 8.87 59.06 7.32
C VAL I 523 7.38 59.03 6.95
N GLY I 524 6.79 57.83 6.88
CA GLY I 524 5.37 57.76 6.62
C GLY I 524 4.54 58.39 7.72
N ALA I 525 4.88 58.11 8.98
CA ALA I 525 4.14 58.68 10.10
C ALA I 525 4.36 60.16 10.24
N LEU I 526 5.47 60.68 9.73
CA LEU I 526 5.64 62.13 9.68
C LEU I 526 4.79 62.73 8.57
N ASN I 527 4.57 61.96 7.50
CA ASN I 527 3.74 62.46 6.40
C ASN I 527 2.27 62.54 6.81
N ARG I 528 1.73 61.46 7.37
CA ARG I 528 0.29 61.41 7.66
C ARG I 528 -0.05 62.35 8.82
N LYS I 529 -0.72 63.46 8.51
CA LYS I 529 -1.01 64.49 9.49
C LYS I 529 -2.44 64.35 10.02
N GLU I 530 -2.68 63.26 10.73
CA GLU I 530 -3.98 62.98 11.32
C GLU I 530 -3.80 61.91 12.38
N SER I 531 -4.90 61.51 13.03
CA SER I 531 -4.85 60.49 14.08
C SER I 531 -5.93 59.46 13.78
N ARG I 532 -5.58 58.43 13.02
CA ARG I 532 -6.54 57.44 12.55
C ARG I 532 -6.00 56.05 12.84
N GLY I 533 -6.74 55.28 13.64
CA GLY I 533 -6.38 53.90 13.91
C GLY I 533 -5.24 53.75 14.89
N GLY I 534 -4.27 52.91 14.56
CA GLY I 534 -3.09 52.78 15.41
C GLY I 534 -2.23 54.03 15.38
N HIS I 535 -2.12 54.65 14.22
CA HIS I 535 -1.46 55.95 14.12
C HIS I 535 -2.20 56.97 14.96
N ALA I 536 -1.44 57.81 15.66
CA ALA I 536 -2.04 58.84 16.49
C ALA I 536 -1.01 59.93 16.74
N ARG I 537 -1.28 61.12 16.24
CA ARG I 537 -0.39 62.26 16.42
C ARG I 537 -0.99 63.23 17.42
N GLU I 538 -0.14 63.84 18.24
CA GLU I 538 -0.61 64.82 19.19
C GLU I 538 -0.78 66.21 18.59
N ASP I 539 -0.11 66.48 17.47
CA ASP I 539 -0.29 67.76 16.80
C ASP I 539 -1.67 67.86 16.16
N TYR I 540 -2.15 66.76 15.56
CA TYR I 540 -3.37 66.76 14.74
C TYR I 540 -4.27 65.65 15.25
N PRO I 541 -4.98 65.87 16.34
CA PRO I 541 -5.72 64.78 17.02
C PRO I 541 -7.18 64.60 16.62
N ASN I 542 -7.43 64.36 15.33
CA ASN I 542 -8.71 63.79 14.91
C ASN I 542 -8.67 63.48 13.42
N ARG I 543 -9.53 62.55 13.03
CA ARG I 543 -9.48 61.86 11.74
C ARG I 543 -9.87 62.80 10.62
N ASP I 544 -8.88 63.35 9.93
CA ASP I 544 -9.09 64.22 8.77
C ASP I 544 -9.41 63.35 7.56
N ASP I 545 -10.69 63.23 7.23
CA ASP I 545 -11.15 62.31 6.19
C ASP I 545 -11.22 62.97 4.82
N THR I 546 -10.77 64.21 4.69
CA THR I 546 -10.84 64.88 3.40
C THR I 546 -9.60 64.66 2.54
N ASN I 547 -8.47 64.32 3.15
CA ASN I 547 -7.22 64.17 2.40
C ASN I 547 -6.50 62.86 2.65
N TYR I 548 -6.78 62.16 3.75
CA TYR I 548 -5.96 61.02 4.15
C TYR I 548 -6.72 59.71 4.12
N MET I 549 -7.91 59.66 3.53
CA MET I 549 -8.57 58.37 3.29
C MET I 549 -7.97 57.74 2.03
N ARG I 550 -6.70 57.39 2.13
CA ARG I 550 -5.94 56.88 1.02
C ARG I 550 -4.68 56.22 1.56
N HIS I 551 -4.38 55.03 1.09
CA HIS I 551 -3.14 54.39 1.49
C HIS I 551 -1.96 55.22 1.02
N THR I 552 -0.92 55.29 1.84
CA THR I 552 0.32 55.93 1.45
C THR I 552 1.33 54.86 1.08
N MET I 553 2.03 55.08 -0.02
CA MET I 553 3.00 54.10 -0.51
C MET I 553 4.37 54.75 -0.62
N ALA I 554 5.39 53.98 -0.30
CA ALA I 554 6.75 54.47 -0.24
C ALA I 554 7.61 53.71 -1.22
N TYR I 555 8.33 54.45 -2.06
CA TYR I 555 9.22 53.89 -3.06
C TYR I 555 10.65 54.26 -2.73
N LYS I 556 11.54 53.28 -2.84
CA LYS I 556 12.95 53.45 -2.54
C LYS I 556 13.66 54.01 -3.77
N GLN I 557 14.23 55.20 -3.65
CA GLN I 557 14.88 55.82 -4.81
C GLN I 557 16.25 55.20 -5.08
N GLY I 558 17.17 55.31 -4.13
CA GLY I 558 18.53 54.85 -4.33
C GLY I 558 18.68 53.35 -4.22
N THR I 559 19.90 52.92 -3.89
CA THR I 559 20.19 51.51 -3.64
C THR I 559 21.03 51.28 -2.39
N ASP I 560 21.78 52.28 -1.92
CA ASP I 560 22.55 52.12 -0.70
C ASP I 560 21.62 52.27 0.51
N LEU I 561 22.20 52.32 1.71
CA LEU I 561 21.40 52.46 2.91
C LEU I 561 20.83 53.87 3.03
N LEU I 562 21.70 54.87 3.14
CA LEU I 562 21.24 56.25 3.31
C LEU I 562 20.71 56.75 1.97
N SER I 563 19.39 56.72 1.81
CA SER I 563 18.77 57.19 0.58
C SER I 563 17.46 57.87 0.94
N ASP I 564 16.78 58.38 -0.09
CA ASP I 564 15.50 59.06 0.06
C ASP I 564 14.37 58.14 -0.37
N ILE I 565 13.15 58.54 -0.02
CA ILE I 565 11.97 57.73 -0.27
C ILE I 565 10.87 58.61 -0.81
N ARG I 566 10.27 58.21 -1.93
CA ARG I 566 9.22 58.98 -2.56
C ARG I 566 7.86 58.47 -2.08
N LEU I 567 7.00 59.39 -1.67
CA LEU I 567 5.72 59.06 -1.05
C LEU I 567 4.60 59.34 -2.05
N ASP I 568 4.01 58.28 -2.58
CA ASP I 568 2.84 58.37 -3.43
C ASP I 568 1.61 57.94 -2.65
N TYR I 569 0.46 57.99 -3.31
CA TYR I 569 -0.82 57.69 -2.68
C TYR I 569 -1.53 56.57 -3.43
N LYS I 570 -2.64 56.13 -2.87
CA LYS I 570 -3.41 55.02 -3.42
C LYS I 570 -4.83 55.10 -2.91
N PRO I 571 -5.84 55.08 -3.78
CA PRO I 571 -7.21 55.26 -3.31
C PRO I 571 -7.73 54.03 -2.59
N VAL I 572 -8.74 54.25 -1.75
CA VAL I 572 -9.35 53.21 -0.95
C VAL I 572 -10.64 52.77 -1.64
N VAL I 573 -10.71 51.49 -2.01
CA VAL I 573 -11.92 50.95 -2.60
C VAL I 573 -13.06 51.04 -1.60
N GLN I 574 -14.21 51.54 -2.07
CA GLN I 574 -15.38 51.74 -1.23
C GLN I 574 -16.59 51.10 -1.89
N THR I 575 -17.32 50.28 -1.14
CA THR I 575 -18.52 49.64 -1.69
C THR I 575 -19.79 50.11 -1.00
N ARG I 576 -19.92 49.92 0.32
CA ARG I 576 -21.18 50.21 0.98
C ARG I 576 -21.09 50.94 2.30
N TYR I 577 -19.95 50.89 3.01
CA TYR I 577 -19.89 51.38 4.39
C TYR I 577 -19.15 52.71 4.41
N GLU I 578 -19.89 53.79 4.16
CA GLU I 578 -19.31 55.12 4.18
C GLU I 578 -18.95 55.53 5.61
N PRO I 579 -17.98 56.43 5.77
CA PRO I 579 -17.51 56.77 7.12
C PRO I 579 -18.62 57.33 8.00
N MET I 580 -18.51 57.04 9.29
CA MET I 580 -19.49 57.48 10.27
C MET I 580 -18.95 57.26 11.67
N GLU I 581 -18.97 58.31 12.49
CA GLU I 581 -18.75 58.20 13.93
C GLU I 581 -19.00 59.54 14.60
N PRO J 14 35.53 45.79 20.83
CA PRO J 14 34.97 47.09 20.46
C PRO J 14 34.91 48.06 21.62
N GLU J 15 33.83 48.86 21.69
CA GLU J 15 33.82 49.99 22.61
C GLU J 15 33.91 49.58 24.08
N LEU J 16 32.83 48.99 24.61
CA LEU J 16 32.75 48.60 26.01
C LEU J 16 31.44 47.88 26.28
N PRO J 17 31.42 46.87 27.15
CA PRO J 17 30.14 46.28 27.55
C PRO J 17 29.33 47.26 28.37
N PRO J 18 28.01 47.06 28.47
CA PRO J 18 27.13 48.05 29.11
C PRO J 18 27.33 48.17 30.60
N VAL J 19 26.44 48.91 31.24
CA VAL J 19 26.49 49.22 32.66
C VAL J 19 25.56 48.27 33.40
N PRO J 20 26.00 47.61 34.46
CA PRO J 20 25.10 46.81 35.28
C PRO J 20 24.33 47.73 36.23
N GLU J 21 23.28 47.17 36.85
CA GLU J 21 22.52 47.90 37.85
C GLU J 21 22.65 47.28 39.23
N GLY J 22 22.18 46.05 39.40
CA GLY J 22 22.51 45.23 40.55
C GLY J 22 22.90 43.86 40.06
N ALA J 23 24.17 43.51 40.21
CA ALA J 23 24.71 42.35 39.52
C ALA J 23 25.25 41.33 40.51
N VAL J 24 25.08 40.06 40.15
CA VAL J 24 25.67 38.98 40.91
C VAL J 24 26.85 38.35 40.17
N MET J 25 27.03 38.65 38.89
CA MET J 25 28.21 38.22 38.14
C MET J 25 28.30 36.70 38.09
N VAL J 26 27.15 36.06 37.84
CA VAL J 26 27.09 34.63 37.65
C VAL J 26 28.07 34.19 36.56
N THR J 27 28.62 32.99 36.72
CA THR J 27 29.54 32.40 35.77
C THR J 27 28.80 31.31 34.99
N LEU J 28 29.01 31.30 33.67
CA LEU J 28 28.48 30.25 32.80
C LEU J 28 29.63 29.38 32.31
N LYS J 29 29.35 28.11 32.10
CA LYS J 29 30.33 27.17 31.57
C LYS J 29 29.76 26.55 30.31
N ILE J 30 30.03 27.13 29.18
CA ILE J 30 29.49 26.61 27.93
C ILE J 30 30.39 25.47 27.48
N ALA J 31 29.84 24.54 26.73
CA ALA J 31 30.62 23.45 26.17
C ALA J 31 30.81 23.73 24.69
N ARG J 32 31.85 24.48 24.37
CA ARG J 32 32.06 24.93 23.00
C ARG J 32 32.57 23.80 22.13
N PHE J 33 32.18 23.85 20.86
CA PHE J 33 32.62 22.88 19.85
C PHE J 33 32.50 23.55 18.50
N ASN J 34 33.62 23.77 17.84
CA ASN J 34 33.64 24.41 16.54
C ASN J 34 33.69 23.34 15.46
N PRO J 35 32.80 23.35 14.49
CA PRO J 35 32.72 22.22 13.56
C PRO J 35 33.81 22.22 12.50
N GLU J 36 34.37 23.38 12.20
CA GLU J 36 35.38 23.42 11.14
C GLU J 36 36.69 24.07 11.56
N ASN J 37 36.67 25.16 12.31
CA ASN J 37 37.89 25.94 12.39
C ASN J 37 38.95 25.21 13.22
N PRO J 38 38.81 25.04 14.56
CA PRO J 38 39.39 23.83 15.17
C PRO J 38 38.33 22.78 15.41
N ASP J 39 38.67 21.51 15.29
CA ASP J 39 37.85 20.48 15.92
C ASP J 39 38.40 20.11 17.29
N ALA J 40 38.63 21.14 18.10
CA ALA J 40 39.18 21.02 19.45
C ALA J 40 38.16 21.61 20.41
N ALA J 41 37.20 20.80 20.83
CA ALA J 41 36.10 21.26 21.66
C ALA J 41 36.61 21.53 23.07
N GLY J 42 35.70 21.85 23.98
CA GLY J 42 36.07 21.99 25.36
C GLY J 42 35.20 23.01 26.06
N TRP J 43 35.32 23.04 27.38
CA TRP J 43 34.55 23.97 28.18
C TRP J 43 35.15 25.37 28.11
N GLN J 44 34.30 26.37 28.23
CA GLN J 44 34.73 27.75 28.27
C GLN J 44 33.88 28.49 29.28
N SER J 45 34.51 29.26 30.16
CA SER J 45 33.82 29.91 31.26
C SER J 45 33.74 31.40 31.01
N PHE J 46 32.53 31.94 31.13
CA PHE J 46 32.24 33.35 30.97
C PHE J 46 31.68 33.92 32.26
N ARG J 47 31.86 35.22 32.46
CA ARG J 47 31.32 35.89 33.63
C ARG J 47 30.38 37.00 33.18
N VAL J 48 29.11 36.87 33.52
CA VAL J 48 28.08 37.79 33.05
C VAL J 48 27.26 38.28 34.23
N PRO J 49 26.68 39.47 34.18
CA PRO J 49 25.85 39.93 35.30
C PRO J 49 24.44 39.36 35.21
N CYS J 50 23.87 39.09 36.37
CA CYS J 50 22.53 38.52 36.47
C CYS J 50 21.63 39.47 37.23
N LEU J 51 20.33 39.23 37.16
CA LEU J 51 19.32 40.01 37.87
C LEU J 51 18.30 39.07 38.48
N PRO J 52 17.37 39.60 39.27
CA PRO J 52 16.21 38.78 39.64
C PRO J 52 15.29 38.50 38.46
N SER J 53 15.08 39.48 37.60
CA SER J 53 14.24 39.31 36.41
C SER J 53 15.09 39.02 35.17
N ASP J 54 15.85 37.94 35.23
CA ASP J 54 16.60 37.47 34.09
C ASP J 54 16.26 36.01 33.81
N ARG J 55 16.88 35.49 32.76
CA ARG J 55 16.74 34.10 32.37
C ARG J 55 18.01 33.70 31.64
N LEU J 56 18.21 32.38 31.55
CA LEU J 56 19.44 31.92 30.90
C LEU J 56 19.52 32.40 29.47
N LEU J 57 18.38 32.67 28.83
CA LEU J 57 18.42 33.23 27.49
C LEU J 57 18.98 34.64 27.51
N ASN J 58 18.58 35.45 28.48
CA ASN J 58 19.16 36.79 28.60
C ASN J 58 20.66 36.71 28.82
N LEU J 59 21.11 35.74 29.60
CA LEU J 59 22.55 35.64 29.86
C LEU J 59 23.31 35.16 28.64
N LEU J 60 22.76 34.20 27.91
CA LEU J 60 23.41 33.75 26.69
C LEU J 60 23.41 34.83 25.63
N HIS J 61 22.38 35.68 25.61
CA HIS J 61 22.39 36.83 24.73
C HIS J 61 23.49 37.80 25.11
N TYR J 62 23.66 38.08 26.40
CA TYR J 62 24.78 38.91 26.83
C TYR J 62 26.11 38.33 26.33
N VAL J 63 26.32 37.04 26.53
CA VAL J 63 27.57 36.43 26.10
C VAL J 63 27.76 36.61 24.60
N LYS J 64 26.72 36.29 23.81
CA LYS J 64 26.87 36.29 22.36
C LYS J 64 27.05 37.70 21.82
N TRP J 65 26.37 38.67 22.42
CA TRP J 65 26.48 40.03 21.91
C TRP J 65 27.81 40.67 22.30
N TYR J 66 28.15 40.65 23.58
CA TYR J 66 29.29 41.44 24.03
C TYR J 66 30.59 40.65 24.09
N LEU J 67 30.65 39.59 24.90
CA LEU J 67 31.93 38.93 25.13
C LEU J 67 32.34 38.08 23.94
N ASP J 68 31.57 37.04 23.65
CA ASP J 68 31.85 36.13 22.54
C ASP J 68 31.09 36.57 21.30
N GLY J 69 30.75 35.63 20.43
CA GLY J 69 30.17 35.97 19.15
C GLY J 69 30.41 34.87 18.15
N THR J 70 31.22 33.89 18.53
CA THR J 70 31.21 32.60 17.87
C THR J 70 30.14 31.67 18.45
N LEU J 71 29.54 32.05 19.58
CA LEU J 71 28.59 31.20 20.29
C LEU J 71 27.24 31.22 19.59
N THR J 72 26.78 30.06 19.13
CA THR J 72 25.49 29.98 18.47
C THR J 72 24.54 29.13 19.29
N PHE J 73 23.25 29.39 19.09
CA PHE J 73 22.17 28.64 19.70
C PHE J 73 20.89 29.10 19.05
N ARG J 74 19.84 28.31 19.21
CA ARG J 74 18.56 28.62 18.60
C ARG J 74 17.65 29.30 19.62
N ARG J 75 16.85 30.24 19.14
CA ARG J 75 15.81 30.88 19.94
C ARG J 75 14.95 31.70 19.00
N SER J 76 13.64 31.67 19.22
CA SER J 76 12.74 32.52 18.45
C SER J 76 11.90 33.44 19.33
N CYS J 77 11.09 32.88 20.21
CA CYS J 77 9.90 33.54 20.72
C CYS J 77 10.17 34.36 21.96
N ALA J 78 9.42 35.43 22.11
CA ALA J 78 9.54 36.20 23.34
C ALA J 78 9.14 35.33 24.52
N HIS J 79 7.84 35.03 24.67
CA HIS J 79 7.46 33.96 25.59
C HIS J 79 6.24 33.20 25.13
N GLY J 80 6.00 33.11 23.83
CA GLY J 80 5.00 32.19 23.32
C GLY J 80 5.63 30.94 22.75
N VAL J 81 5.62 29.85 23.49
CA VAL J 81 6.69 28.85 23.41
C VAL J 81 6.58 28.03 22.13
N CYS J 82 7.73 27.80 21.52
CA CYS J 82 7.90 27.14 20.23
C CYS J 82 8.86 25.98 20.35
N GLY J 83 9.75 26.04 21.34
CA GLY J 83 10.55 24.90 21.70
C GLY J 83 11.87 24.80 20.99
N SER J 84 12.53 25.92 20.75
CA SER J 84 13.71 25.88 19.90
C SER J 84 15.00 25.81 20.71
N ASP J 85 14.98 26.19 21.98
CA ASP J 85 16.22 26.27 22.74
C ASP J 85 16.31 25.24 23.83
N ALA J 86 15.99 23.99 23.54
CA ALA J 86 16.26 22.92 24.49
C ALA J 86 17.75 22.80 24.71
N MET J 87 18.16 22.80 25.98
CA MET J 87 19.56 22.65 26.35
C MET J 87 19.63 21.76 27.58
N ARG J 88 20.84 21.33 27.89
CA ARG J 88 21.16 20.66 29.14
C ARG J 88 21.80 21.68 30.06
N ILE J 89 21.07 22.08 31.09
CA ILE J 89 21.50 23.10 32.03
C ILE J 89 21.58 22.46 33.40
N ASN J 90 22.79 22.23 33.88
CA ASN J 90 23.03 21.61 35.17
C ASN J 90 22.51 20.18 35.19
N GLY J 91 22.79 19.44 34.14
CA GLY J 91 22.33 18.07 34.03
C GLY J 91 21.04 17.81 33.31
N VAL J 92 19.99 18.52 33.66
CA VAL J 92 18.65 18.30 33.13
C VAL J 92 18.40 19.14 31.89
N ASN J 93 17.50 18.67 31.02
CA ASN J 93 17.03 19.42 29.87
C ASN J 93 16.07 20.52 30.31
N ARG J 94 16.19 21.72 29.74
CA ARG J 94 15.41 22.80 30.34
C ARG J 94 14.66 23.77 29.44
N LEU J 95 14.98 23.98 28.16
CA LEU J 95 14.46 25.18 27.49
C LEU J 95 14.93 26.48 28.11
N ALA J 96 16.17 26.88 27.81
CA ALA J 96 16.87 27.96 28.48
C ALA J 96 16.06 29.23 28.68
N CYS J 97 14.97 29.43 27.97
CA CYS J 97 14.18 30.64 28.16
C CYS J 97 13.35 30.62 29.42
N LYS J 98 13.40 29.54 30.20
CA LYS J 98 12.52 29.38 31.33
C LYS J 98 13.23 29.12 32.66
N VAL J 99 14.57 29.15 32.70
CA VAL J 99 15.23 28.72 33.91
C VAL J 99 15.12 29.74 35.03
N LEU J 100 14.72 30.98 34.73
CA LEU J 100 14.10 31.84 35.74
C LEU J 100 15.00 32.03 36.96
N MET J 101 16.07 32.77 36.76
CA MET J 101 17.04 32.97 37.83
C MET J 101 16.53 33.82 38.97
N ARG J 102 15.25 34.16 39.05
CA ARG J 102 14.71 34.85 40.22
C ARG J 102 15.02 34.13 41.52
N ASP J 103 15.19 32.81 41.45
CA ASP J 103 15.43 32.01 42.65
C ASP J 103 16.92 31.72 42.82
N MET J 104 17.65 32.75 43.24
CA MET J 104 19.04 32.60 43.63
C MET J 104 19.20 33.11 45.06
N LEU J 105 18.91 32.23 46.01
CA LEU J 105 19.13 32.47 47.42
C LEU J 105 20.59 32.22 47.81
N PRO J 106 21.27 31.20 47.23
CA PRO J 106 22.71 31.08 47.47
C PRO J 106 23.53 32.22 46.89
N LYS J 107 22.87 33.21 46.29
CA LYS J 107 23.57 34.39 45.80
C LYS J 107 24.06 35.26 46.96
N ASN J 108 23.29 35.32 48.05
CA ASN J 108 23.58 36.16 49.20
C ASN J 108 24.80 35.70 49.99
N PRO J 109 24.99 34.40 50.25
CA PRO J 109 26.19 33.97 50.99
C PRO J 109 27.51 34.23 50.27
N ASN J 110 27.49 34.91 49.12
CA ASN J 110 28.71 35.33 48.41
C ASN J 110 29.51 34.14 47.90
N LYS J 111 28.85 33.00 47.69
CA LYS J 111 29.49 31.87 47.06
C LYS J 111 29.51 32.07 45.55
N GLN J 112 30.57 31.58 44.92
CA GLN J 112 30.72 31.73 43.48
C GLN J 112 29.75 30.79 42.76
N LEU J 113 28.72 31.36 42.15
CA LEU J 113 27.71 30.59 41.45
C LEU J 113 28.18 30.28 40.03
N THR J 114 27.91 29.05 39.58
CA THR J 114 28.31 28.60 38.26
C THR J 114 27.16 27.81 37.66
N ILE J 115 26.91 28.02 36.38
CA ILE J 115 25.87 27.33 35.64
C ILE J 115 26.51 26.60 34.48
N THR J 116 26.04 25.40 34.20
CA THR J 116 26.68 24.51 33.24
C THR J 116 25.69 24.27 32.10
N ILE J 117 26.07 24.70 30.90
CA ILE J 117 25.20 24.64 29.74
C ILE J 117 25.87 23.78 28.68
N GLU J 118 25.10 22.95 28.00
CA GLU J 118 25.65 22.09 26.96
C GLU J 118 24.51 21.52 26.14
N PRO J 119 24.76 21.09 24.91
CA PRO J 119 23.68 20.63 24.06
C PRO J 119 22.96 19.42 24.63
N ILE J 120 21.77 19.16 24.09
CA ILE J 120 21.03 17.98 24.50
C ILE J 120 21.72 16.74 23.95
N ARG J 121 21.50 15.62 24.62
CA ARG J 121 22.29 14.42 24.40
C ARG J 121 21.51 13.40 23.60
N GLY J 122 22.02 13.04 22.43
CA GLY J 122 21.39 12.00 21.66
C GLY J 122 21.37 12.34 20.19
N LEU J 123 21.56 13.61 19.88
CA LEU J 123 21.51 14.11 18.53
C LEU J 123 22.86 14.66 18.12
N PRO J 124 23.22 14.60 16.83
CA PRO J 124 24.55 15.04 16.39
C PRO J 124 24.74 16.55 16.57
N VAL J 125 25.78 16.92 17.31
CA VAL J 125 26.09 18.33 17.51
C VAL J 125 26.60 18.93 16.21
N GLU J 126 26.15 20.15 15.90
CA GLU J 126 26.61 20.87 14.72
C GLU J 126 27.48 22.05 15.05
N LYS J 127 27.26 22.71 16.18
CA LYS J 127 28.12 23.74 16.72
C LYS J 127 27.83 23.80 18.22
N ASP J 128 28.34 24.81 18.89
CA ASP J 128 28.02 24.91 20.30
C ASP J 128 26.54 25.11 20.51
N LEU J 129 25.94 24.27 21.35
CA LEU J 129 24.54 24.31 21.75
C LEU J 129 23.56 24.15 20.60
N VAL J 130 24.03 23.84 19.39
CA VAL J 130 23.16 23.59 18.25
C VAL J 130 23.31 22.11 17.87
N VAL J 131 22.19 21.41 17.76
CA VAL J 131 22.23 20.01 17.40
C VAL J 131 21.46 19.82 16.10
N ASN J 132 21.52 18.60 15.58
CA ASN J 132 20.91 18.25 14.30
C ASN J 132 19.58 17.58 14.60
N MET J 133 18.50 18.31 14.44
CA MET J 133 17.16 17.85 14.80
C MET J 133 16.54 16.95 13.75
N GLU J 134 17.25 16.60 12.69
CA GLU J 134 16.61 15.81 11.65
C GLU J 134 16.41 14.35 12.01
N PRO J 135 17.27 13.71 12.81
CA PRO J 135 16.87 12.40 13.35
C PRO J 135 15.58 12.45 14.16
N PHE J 136 15.45 13.49 14.99
CA PHE J 136 14.25 13.66 15.79
C PHE J 136 13.03 13.79 14.90
N PHE J 137 13.09 14.66 13.91
CA PHE J 137 11.93 14.85 13.06
C PHE J 137 11.70 13.68 12.12
N ASP J 138 12.73 12.90 11.78
CA ASP J 138 12.50 11.69 11.00
C ASP J 138 11.75 10.64 11.81
N ALA J 139 12.11 10.47 13.08
CA ALA J 139 11.34 9.59 13.95
C ALA J 139 9.92 10.11 14.12
N TYR J 140 9.75 11.42 14.13
CA TYR J 140 8.42 12.01 14.25
C TYR J 140 7.56 11.67 13.03
N ARG J 141 8.03 12.01 11.83
CA ARG J 141 7.26 11.72 10.63
C ARG J 141 7.51 10.30 10.15
N ALA J 142 7.45 9.34 11.08
CA ALA J 142 7.46 7.94 10.75
C ALA J 142 6.36 7.18 11.44
N VAL J 143 5.69 7.81 12.40
CA VAL J 143 4.47 7.28 12.99
C VAL J 143 3.24 7.76 12.25
N LYS J 144 3.42 8.34 11.07
CA LYS J 144 2.36 8.94 10.25
C LYS J 144 1.54 9.91 11.08
N PRO J 145 2.10 11.05 11.44
CA PRO J 145 1.43 11.99 12.35
C PRO J 145 0.45 12.92 11.66
N PHE J 146 -0.40 12.35 10.81
CA PHE J 146 -1.42 13.13 10.12
C PHE J 146 -2.71 12.34 10.09
N LEU J 147 -3.82 13.06 9.92
CA LEU J 147 -5.13 12.42 9.92
C LEU J 147 -5.33 11.72 8.59
N VAL J 148 -5.47 10.40 8.63
CA VAL J 148 -5.80 9.61 7.46
C VAL J 148 -7.30 9.36 7.46
N THR J 149 -7.96 9.63 6.34
CA THR J 149 -9.42 9.61 6.26
C THR J 149 -9.86 9.08 4.90
N SER J 150 -11.15 9.23 4.61
CA SER J 150 -11.81 8.43 3.58
C SER J 150 -11.41 8.82 2.17
N GLY J 151 -11.73 10.04 1.75
CA GLY J 151 -11.48 10.46 0.39
C GLY J 151 -12.57 11.31 -0.22
N ASN J 152 -13.65 11.53 0.52
CA ASN J 152 -14.70 12.46 0.12
C ASN J 152 -15.15 13.21 1.36
N PRO J 153 -14.58 14.36 1.64
CA PRO J 153 -14.86 15.07 2.89
C PRO J 153 -16.31 15.53 2.95
N PRO J 154 -16.84 15.72 4.16
CA PRO J 154 -18.28 15.99 4.32
C PRO J 154 -18.72 17.42 4.12
N THR J 155 -17.83 18.33 3.70
CA THR J 155 -18.16 19.69 3.31
C THR J 155 -18.54 20.55 4.53
N LYS J 156 -18.77 19.89 5.66
CA LYS J 156 -19.25 20.60 6.85
C LYS J 156 -18.67 19.98 8.12
N GLU J 157 -17.34 19.81 8.17
CA GLU J 157 -16.65 19.53 9.43
C GLU J 157 -17.18 18.31 10.18
N ARG J 158 -16.80 17.12 9.71
CA ARG J 158 -17.19 15.85 10.32
C ARG J 158 -17.23 15.91 11.84
N ILE J 159 -18.23 15.25 12.42
CA ILE J 159 -18.67 15.47 13.79
C ILE J 159 -17.80 14.69 14.77
N GLN J 160 -17.72 15.19 16.00
CA GLN J 160 -16.98 14.55 17.07
C GLN J 160 -17.51 15.07 18.40
N SER J 161 -17.72 14.18 19.34
CA SER J 161 -18.35 14.54 20.60
C SER J 161 -17.38 15.31 21.49
N PRO J 162 -17.91 16.14 22.39
CA PRO J 162 -17.05 16.74 23.41
C PRO J 162 -16.51 15.73 24.41
N THR J 163 -16.92 14.47 24.32
CA THR J 163 -16.38 13.39 25.12
C THR J 163 -15.24 12.68 24.40
N ASP J 164 -15.39 12.43 23.10
CA ASP J 164 -14.29 11.89 22.31
C ASP J 164 -13.20 12.91 22.08
N ARG J 165 -13.54 14.21 22.19
CA ARG J 165 -12.54 15.24 21.99
C ARG J 165 -11.62 15.34 23.19
N ALA J 166 -12.15 15.23 24.40
CA ALA J 166 -11.37 15.38 25.61
C ALA J 166 -10.54 14.16 25.94
N ARG J 167 -10.41 13.21 25.02
CA ARG J 167 -9.64 12.01 25.25
C ARG J 167 -8.20 12.16 24.79
N TYR J 168 -7.99 12.60 23.56
CA TYR J 168 -6.65 12.84 23.06
C TYR J 168 -6.14 14.21 23.42
N ASP J 169 -6.82 14.92 24.30
CA ASP J 169 -6.27 16.13 24.88
C ASP J 169 -5.01 15.78 25.66
N ASP J 170 -4.26 16.82 26.02
CA ASP J 170 -3.05 16.71 26.84
C ASP J 170 -1.89 16.11 26.07
N THR J 171 -2.13 15.59 24.87
CA THR J 171 -1.05 15.27 23.95
C THR J 171 -1.08 16.19 22.75
N THR J 172 -2.03 17.10 22.69
CA THR J 172 -2.05 18.14 21.68
C THR J 172 -1.24 19.35 22.09
N LYS J 173 -0.52 19.27 23.20
CA LYS J 173 0.28 20.37 23.70
C LYS J 173 1.75 20.28 23.32
N CYS J 174 2.13 19.28 22.53
CA CYS J 174 3.54 19.03 22.26
C CYS J 174 4.08 20.08 21.30
N ILE J 175 5.08 20.85 21.75
CA ILE J 175 5.74 21.83 20.90
C ILE J 175 6.92 21.27 20.15
N LEU J 176 7.22 19.98 20.32
CA LEU J 176 8.27 19.29 19.59
C LEU J 176 9.64 19.91 19.86
N CYS J 177 10.02 19.94 21.14
CA CYS J 177 11.29 20.51 21.53
C CYS J 177 12.39 19.48 21.73
N ALA J 178 12.03 18.21 21.92
CA ALA J 178 12.94 17.09 22.15
C ALA J 178 13.57 17.09 23.53
N CYS J 179 13.03 17.84 24.48
CA CYS J 179 13.53 17.76 25.84
C CYS J 179 13.26 16.40 26.47
N CYS J 180 12.38 15.61 25.89
CA CYS J 180 12.00 14.32 26.41
C CYS J 180 12.78 13.19 25.76
N THR J 181 12.81 13.16 24.42
CA THR J 181 13.52 12.12 23.71
C THR J 181 15.00 12.12 24.03
N THR J 182 15.57 13.29 24.29
CA THR J 182 16.98 13.39 24.61
C THR J 182 17.24 13.31 26.10
N SER J 183 16.30 12.78 26.87
CA SER J 183 16.55 12.38 28.23
C SER J 183 16.23 10.92 28.46
N CYS J 184 15.92 10.18 27.40
CA CYS J 184 15.54 8.78 27.50
C CYS J 184 16.80 7.92 27.45
N PRO J 185 17.15 7.19 28.50
CA PRO J 185 18.28 6.28 28.41
C PRO J 185 18.12 5.24 27.33
N VAL J 186 16.89 4.79 27.06
CA VAL J 186 16.65 3.87 25.97
C VAL J 186 16.97 4.51 24.64
N TYR J 187 16.95 5.84 24.57
CA TYR J 187 17.28 6.53 23.35
C TYR J 187 18.79 6.71 23.23
N TRP J 188 19.46 6.93 24.35
CA TRP J 188 20.91 6.92 24.35
C TRP J 188 21.48 5.56 24.00
N SER J 189 20.72 4.49 24.22
CA SER J 189 21.19 3.13 23.99
C SER J 189 21.25 2.82 22.50
N GLU J 190 21.45 1.56 22.16
CA GLU J 190 21.61 1.12 20.79
C GLU J 190 20.24 0.83 20.16
N GLY J 191 20.25 0.38 18.92
CA GLY J 191 19.01 0.22 18.19
C GLY J 191 18.46 1.58 17.80
N SER J 192 17.19 1.58 17.40
CA SER J 192 16.51 2.82 17.06
C SER J 192 15.15 2.86 17.77
N TYR J 193 15.16 3.29 19.03
CA TYR J 193 13.92 3.56 19.73
C TYR J 193 13.27 4.78 19.11
N PHE J 194 11.94 4.72 18.94
CA PHE J 194 11.22 5.87 18.42
C PHE J 194 11.40 7.08 19.32
N GLY J 195 10.91 6.98 20.53
CA GLY J 195 11.11 8.03 21.50
C GLY J 195 9.81 8.47 22.11
N PRO J 196 9.92 9.09 23.28
CA PRO J 196 8.73 9.61 23.93
C PRO J 196 7.93 10.57 23.07
N ALA J 197 8.58 11.42 22.28
CA ALA J 197 7.87 12.45 21.55
C ALA J 197 7.09 11.87 20.37
N ALA J 198 7.70 10.93 19.66
CA ALA J 198 6.99 10.23 18.60
C ALA J 198 5.82 9.46 19.17
N ILE J 199 6.00 8.84 20.34
CA ILE J 199 4.88 8.09 20.91
C ILE J 199 3.77 9.03 21.39
N VAL J 200 4.11 10.22 21.87
CA VAL J 200 3.09 11.19 22.25
C VAL J 200 2.30 11.64 21.03
N ASN J 201 3.00 12.02 19.97
CA ASN J 201 2.31 12.49 18.78
C ASN J 201 1.63 11.38 18.01
N ALA J 202 1.90 10.12 18.33
CA ALA J 202 1.09 9.03 17.80
C ALA J 202 -0.10 8.70 18.68
N HIS J 203 0.05 8.82 20.00
CA HIS J 203 -1.10 8.73 20.89
C HIS J 203 -2.18 9.72 20.50
N ARG J 204 -1.76 10.94 20.13
CA ARG J 204 -2.70 11.97 19.72
C ARG J 204 -3.61 11.50 18.60
N PHE J 205 -3.09 10.71 17.66
CA PHE J 205 -3.84 10.28 16.50
C PHE J 205 -4.48 8.92 16.67
N ILE J 206 -3.92 8.08 17.53
CA ILE J 206 -4.52 6.79 17.80
C ILE J 206 -5.80 6.97 18.59
N PHE J 207 -5.82 7.93 19.50
CA PHE J 207 -7.02 8.15 20.32
C PHE J 207 -7.88 9.28 19.78
N ASP J 208 -7.86 9.49 18.48
CA ASP J 208 -8.70 10.46 17.79
C ASP J 208 -9.81 9.71 17.06
N SER J 209 -11.06 10.07 17.33
CA SER J 209 -12.19 9.34 16.78
C SER J 209 -12.21 9.40 15.26
N ARG J 210 -11.95 10.57 14.70
CA ARG J 210 -12.07 10.75 13.25
C ARG J 210 -10.79 10.36 12.53
N ASP J 211 -10.29 9.16 12.79
CA ASP J 211 -9.09 8.67 12.16
C ASP J 211 -9.32 7.23 11.69
N GLU J 212 -8.70 6.87 10.57
CA GLU J 212 -8.88 5.57 9.97
C GLU J 212 -7.54 4.84 9.78
N ALA J 213 -6.57 5.14 10.64
CA ALA J 213 -5.32 4.40 10.62
C ALA J 213 -4.82 4.13 12.02
N ALA J 214 -5.72 4.11 13.00
CA ALA J 214 -5.32 3.77 14.36
C ALA J 214 -4.66 2.41 14.41
N ALA J 215 -5.22 1.43 13.71
CA ALA J 215 -4.66 0.09 13.74
C ALA J 215 -3.30 0.05 13.06
N GLU J 216 -3.11 0.83 11.99
CA GLU J 216 -1.82 0.83 11.31
C GLU J 216 -0.75 1.52 12.15
N ARG J 217 -1.13 2.59 12.85
CA ARG J 217 -0.17 3.22 13.76
C ARG J 217 0.18 2.29 14.91
N LEU J 218 -0.83 1.65 15.50
CA LEU J 218 -0.56 0.70 16.58
C LEU J 218 0.31 -0.44 16.10
N ASP J 219 0.21 -0.79 14.83
CA ASP J 219 1.09 -1.81 14.27
C ASP J 219 2.48 -1.28 14.02
N ILE J 220 2.64 0.04 13.83
CA ILE J 220 3.97 0.62 13.75
C ILE J 220 4.63 0.62 15.12
N LEU J 221 3.89 0.95 16.16
CA LEU J 221 4.43 1.00 17.52
C LEU J 221 4.60 -0.36 18.17
N ASN J 222 4.11 -1.42 17.54
CA ASN J 222 4.17 -2.78 18.08
C ASN J 222 5.38 -3.56 17.58
N GLU J 223 6.46 -2.87 17.24
CA GLU J 223 7.63 -3.59 16.76
C GLU J 223 8.65 -3.74 17.88
N VAL J 224 9.83 -4.24 17.51
CA VAL J 224 10.87 -4.48 18.51
C VAL J 224 11.40 -3.17 19.06
N ASP J 225 11.42 -2.11 18.25
CA ASP J 225 11.89 -0.80 18.67
C ASP J 225 10.75 0.19 18.82
N GLY J 226 9.59 -0.30 19.20
CA GLY J 226 8.43 0.55 19.36
C GLY J 226 8.21 0.88 20.81
N VAL J 227 7.03 0.57 21.33
CA VAL J 227 6.65 1.05 22.65
C VAL J 227 7.09 0.10 23.75
N TRP J 228 7.57 -1.08 23.41
CA TRP J 228 7.98 -2.08 24.40
C TRP J 228 9.40 -1.89 24.88
N ARG J 229 10.14 -0.91 24.35
CA ARG J 229 11.47 -0.59 24.80
C ARG J 229 11.49 0.47 25.90
N CYS J 230 10.34 0.98 26.29
CA CYS J 230 10.29 1.90 27.41
C CYS J 230 10.55 1.14 28.69
N ARG J 231 11.61 1.53 29.42
CA ARG J 231 11.93 0.91 30.68
C ARG J 231 11.29 1.62 31.86
N THR J 232 10.19 2.32 31.62
CA THR J 232 9.40 2.98 32.65
C THR J 232 10.27 3.89 33.52
N THR J 233 11.27 4.49 32.90
CA THR J 233 11.86 5.68 33.46
C THR J 233 10.95 6.85 33.13
N PHE J 234 10.87 7.79 34.07
CA PHE J 234 10.01 8.97 33.98
C PHE J 234 10.84 10.22 33.71
N ASN J 235 11.99 10.03 33.09
CA ASN J 235 12.82 11.15 32.67
C ASN J 235 12.05 12.06 31.72
N CYS J 236 11.29 11.46 30.80
CA CYS J 236 10.54 12.25 29.84
C CYS J 236 9.50 13.11 30.53
N THR J 237 8.73 12.51 31.43
CA THR J 237 7.72 13.25 32.16
C THR J 237 8.34 14.37 32.97
N GLU J 238 9.50 14.11 33.57
CA GLU J 238 10.13 15.12 34.37
C GLU J 238 10.68 16.26 33.53
N ALA J 239 11.04 15.98 32.26
CA ALA J 239 11.68 16.98 31.43
C ALA J 239 10.72 17.80 30.59
N CYS J 240 9.53 17.31 30.29
CA CYS J 240 8.62 18.04 29.40
C CYS J 240 8.33 19.44 29.94
N PRO J 241 8.49 20.48 29.12
CA PRO J 241 8.17 21.83 29.58
C PRO J 241 6.70 22.22 29.50
N ARG J 242 5.88 21.46 28.79
CA ARG J 242 4.44 21.69 28.78
C ARG J 242 3.68 20.89 29.81
N GLY J 243 4.34 19.97 30.51
CA GLY J 243 3.67 19.12 31.47
C GLY J 243 2.69 18.17 30.83
N ILE J 244 3.17 17.18 30.09
CA ILE J 244 2.30 16.38 29.25
C ILE J 244 1.99 15.00 29.80
N GLN J 245 2.76 14.50 30.78
CA GLN J 245 2.60 13.13 31.26
C GLN J 245 2.97 12.15 30.16
N VAL J 246 4.20 12.28 29.69
CA VAL J 246 4.65 11.54 28.52
C VAL J 246 4.59 10.04 28.79
N THR J 247 4.97 9.62 29.97
CA THR J 247 5.00 8.20 30.25
C THR J 247 3.62 7.61 30.48
N GLN J 248 2.66 8.42 30.92
CA GLN J 248 1.30 7.93 30.97
C GLN J 248 0.69 7.82 29.58
N ALA J 249 1.09 8.70 28.66
CA ALA J 249 0.70 8.49 27.27
C ALA J 249 1.27 7.18 26.74
N ILE J 250 2.54 6.91 27.06
CA ILE J 250 3.16 5.65 26.64
C ILE J 250 2.44 4.46 27.27
N GLN J 251 2.02 4.60 28.53
CA GLN J 251 1.29 3.53 29.19
C GLN J 251 -0.05 3.27 28.53
N GLU J 252 -0.75 4.33 28.14
CA GLU J 252 -2.03 4.15 27.48
C GLU J 252 -1.87 3.47 26.13
N VAL J 253 -0.79 3.77 25.41
CA VAL J 253 -0.55 3.05 24.17
C VAL J 253 -0.24 1.58 24.44
N LYS J 254 0.54 1.31 25.49
CA LYS J 254 0.83 -0.07 25.86
C LYS J 254 -0.44 -0.84 26.20
N ARG J 255 -1.34 -0.21 26.95
CA ARG J 255 -2.56 -0.90 27.34
C ARG J 255 -3.52 -1.05 26.17
N ALA J 256 -3.52 -0.11 25.23
CA ALA J 256 -4.27 -0.29 24.01
C ALA J 256 -3.72 -1.41 23.15
N LEU J 257 -2.44 -1.73 23.28
CA LEU J 257 -1.90 -2.89 22.57
C LEU J 257 -2.16 -4.19 23.34
N MET J 258 -2.20 -4.14 24.66
CA MET J 258 -2.52 -5.34 25.45
C MET J 258 -3.97 -5.74 25.27
N PHE J 259 -4.89 -4.82 25.53
CA PHE J 259 -6.32 -5.09 25.47
C PHE J 259 -6.91 -4.78 24.10
N ALA J 260 -6.30 -5.28 23.03
CA ALA J 260 -6.79 -5.08 21.66
C ALA J 260 -5.84 -5.73 20.67
N ARG K 16 7.17 -36.17 -20.09
CA ARG K 16 8.23 -36.80 -19.33
C ARG K 16 9.32 -37.32 -20.25
N ARG K 17 10.57 -37.02 -19.92
CA ARG K 17 11.71 -37.43 -20.72
C ARG K 17 12.92 -37.60 -19.82
N ARG K 18 13.58 -38.73 -19.92
CA ARG K 18 14.74 -39.03 -19.06
C ARG K 18 15.96 -38.34 -19.63
N THR K 19 16.49 -37.36 -18.90
CA THR K 19 17.64 -36.59 -19.30
C THR K 19 18.56 -36.40 -18.10
N LEU K 20 19.82 -36.78 -18.26
CA LEU K 20 20.82 -36.53 -17.24
C LEU K 20 21.46 -35.18 -17.51
N TYR K 21 21.32 -34.25 -16.57
CA TYR K 21 21.83 -32.90 -16.83
C TYR K 21 23.35 -32.87 -16.92
N ARG K 22 24.05 -33.73 -16.16
CA ARG K 22 25.50 -33.79 -16.27
C ARG K 22 26.14 -32.45 -15.90
N GLY K 23 25.98 -32.08 -14.65
CA GLY K 23 26.43 -30.80 -14.14
C GLY K 23 27.62 -30.91 -13.22
N ASP K 24 27.56 -30.18 -12.11
CA ASP K 24 28.67 -29.99 -11.20
C ASP K 24 28.77 -31.15 -10.20
N PRO K 25 29.97 -31.46 -9.72
CA PRO K 25 30.10 -32.41 -8.61
C PRO K 25 29.33 -32.00 -7.37
N GLY K 26 29.09 -30.71 -7.17
CA GLY K 26 28.24 -30.29 -6.08
C GLY K 26 26.84 -30.84 -6.18
N MET K 27 26.37 -31.08 -7.40
CA MET K 27 25.03 -31.64 -7.60
C MET K 27 24.96 -33.07 -7.10
N TRP K 28 25.97 -33.87 -7.39
CA TRP K 28 25.99 -35.24 -6.92
C TRP K 28 26.23 -35.31 -5.43
N SER K 29 27.06 -34.43 -4.89
CA SER K 29 27.18 -34.34 -3.44
C SER K 29 25.85 -34.01 -2.79
N TRP K 30 25.08 -33.10 -3.40
CA TRP K 30 23.79 -32.75 -2.84
C TRP K 30 22.81 -33.91 -2.88
N VAL K 31 22.79 -34.66 -3.98
CA VAL K 31 21.80 -35.73 -4.04
C VAL K 31 22.19 -36.88 -3.12
N LEU K 32 23.50 -37.16 -2.96
CA LEU K 32 23.89 -38.11 -1.93
C LEU K 32 23.52 -37.64 -0.54
N HIS K 33 23.77 -36.36 -0.25
CA HIS K 33 23.37 -35.79 1.03
C HIS K 33 21.90 -36.07 1.31
N ARG K 34 21.05 -35.79 0.33
CA ARG K 34 19.61 -35.99 0.51
C ARG K 34 19.29 -37.45 0.78
N ILE K 35 19.87 -38.36 -0.01
CA ILE K 35 19.52 -39.77 0.11
C ILE K 35 20.00 -40.35 1.44
N THR K 36 21.23 -40.04 1.83
CA THR K 36 21.74 -40.57 3.10
C THR K 36 21.01 -39.97 4.29
N GLY K 37 20.56 -38.72 4.20
CA GLY K 37 19.77 -38.17 5.28
C GLY K 37 18.46 -38.91 5.47
N ALA K 38 17.74 -39.16 4.38
CA ALA K 38 16.48 -39.88 4.51
C ALA K 38 16.70 -41.31 5.01
N THR K 39 17.79 -41.94 4.57
CA THR K 39 18.14 -43.26 5.09
C THR K 39 18.27 -43.25 6.60
N ILE K 40 19.06 -42.32 7.13
CA ILE K 40 19.24 -42.27 8.57
C ILE K 40 17.92 -42.00 9.26
N PHE K 41 17.05 -41.20 8.66
CA PHE K 41 15.79 -40.87 9.30
C PHE K 41 14.93 -42.12 9.52
N PHE K 42 14.75 -42.93 8.47
CA PHE K 42 13.92 -44.11 8.62
C PHE K 42 14.56 -45.14 9.55
N PHE K 43 15.87 -45.35 9.43
CA PHE K 43 16.53 -46.21 10.39
C PHE K 43 16.24 -45.74 11.82
N LEU K 44 16.45 -44.46 12.09
CA LEU K 44 16.29 -43.95 13.45
C LEU K 44 14.90 -44.25 13.99
N PHE K 45 13.89 -44.15 13.13
CA PHE K 45 12.55 -44.60 13.52
C PHE K 45 12.59 -46.02 14.09
N VAL K 46 13.24 -46.95 13.38
CA VAL K 46 13.17 -48.33 13.88
C VAL K 46 14.14 -48.58 15.06
N HIS K 47 15.31 -47.91 15.10
CA HIS K 47 16.17 -48.04 16.28
C HIS K 47 15.40 -47.62 17.53
N VAL K 48 14.60 -46.56 17.42
CA VAL K 48 13.93 -46.08 18.63
C VAL K 48 12.81 -47.02 19.04
N LEU K 49 12.07 -47.61 18.09
CA LEU K 49 11.09 -48.62 18.49
C LEU K 49 11.74 -49.82 19.20
N ASP K 50 12.70 -50.46 18.53
CA ASP K 50 13.26 -51.68 19.09
C ASP K 50 14.01 -51.41 20.39
N THR K 51 14.45 -50.16 20.59
CA THR K 51 15.02 -49.79 21.88
C THR K 51 13.92 -49.62 22.92
N ALA K 52 12.80 -49.01 22.54
CA ALA K 52 11.65 -48.93 23.44
C ALA K 52 11.23 -50.30 23.93
N LEU K 53 11.64 -51.35 23.23
CA LEU K 53 11.39 -52.69 23.75
C LEU K 53 12.13 -53.00 25.05
N VAL K 54 12.88 -52.04 25.63
CA VAL K 54 13.63 -52.34 26.84
C VAL K 54 12.79 -52.15 28.09
N ARG K 55 11.59 -51.59 27.94
CA ARG K 55 10.69 -51.30 29.04
C ARG K 55 9.67 -52.39 29.27
N VAL K 56 9.59 -53.39 28.40
CA VAL K 56 8.66 -54.49 28.58
C VAL K 56 9.32 -55.68 29.26
N SER K 57 10.56 -55.99 28.92
CA SER K 57 11.22 -57.17 29.45
C SER K 57 12.68 -57.20 29.03
N PRO K 58 13.55 -57.90 29.76
CA PRO K 58 14.92 -58.07 29.26
C PRO K 58 15.00 -59.11 28.16
N GLN K 59 14.27 -60.22 28.26
CA GLN K 59 14.45 -61.27 27.26
C GLN K 59 13.91 -60.83 25.91
N ALA K 60 12.87 -60.00 25.87
CA ALA K 60 12.40 -59.50 24.59
C ALA K 60 13.46 -58.67 23.90
N TYR K 61 14.10 -57.78 24.64
CA TYR K 61 15.17 -56.98 24.08
C TYR K 61 16.31 -57.86 23.60
N ASN K 62 16.68 -58.85 24.40
CA ASN K 62 17.78 -59.72 24.00
C ASN K 62 17.44 -60.51 22.74
N GLU K 63 16.17 -60.93 22.59
CA GLU K 63 15.79 -61.67 21.40
C GLU K 63 15.88 -60.81 20.14
N VAL K 64 15.32 -59.60 20.18
CA VAL K 64 15.38 -58.78 18.98
C VAL K 64 16.81 -58.35 18.68
N ILE K 65 17.63 -58.17 19.71
CA ILE K 65 19.01 -57.80 19.44
C ILE K 65 19.78 -58.99 18.89
N GLU K 66 19.40 -60.22 19.25
CA GLU K 66 20.02 -61.37 18.62
C GLU K 66 19.64 -61.46 17.15
N THR K 67 18.37 -61.18 16.85
CA THR K 67 17.98 -61.05 15.44
C THR K 67 18.75 -59.94 14.74
N TYR K 68 19.20 -58.94 15.48
CA TYR K 68 19.97 -57.80 14.98
C TYR K 68 21.44 -58.13 14.76
N LYS K 69 21.86 -59.38 14.94
CA LYS K 69 23.28 -59.76 14.88
C LYS K 69 23.58 -60.72 13.73
N THR K 70 22.67 -60.88 12.79
CA THR K 70 22.87 -61.71 11.62
C THR K 70 23.95 -61.09 10.74
N PRO K 71 24.71 -61.90 9.99
CA PRO K 71 25.68 -61.32 9.04
C PRO K 71 25.05 -60.38 8.02
N ILE K 72 23.83 -60.66 7.55
CA ILE K 72 23.18 -59.74 6.62
C ILE K 72 22.93 -58.40 7.28
N VAL K 73 22.44 -58.42 8.52
CA VAL K 73 22.21 -57.16 9.21
C VAL K 73 23.52 -56.47 9.53
N GLY K 74 24.61 -57.21 9.68
CA GLY K 74 25.91 -56.56 9.81
C GLY K 74 26.34 -55.87 8.54
N LEU K 75 26.03 -56.48 7.40
CA LEU K 75 26.25 -55.82 6.11
C LEU K 75 25.46 -54.51 6.03
N MET K 76 24.19 -54.54 6.43
CA MET K 76 23.42 -53.30 6.47
C MET K 76 23.98 -52.33 7.50
N GLU K 77 24.62 -52.82 8.55
CA GLU K 77 25.30 -51.91 9.48
C GLU K 77 26.47 -51.19 8.83
N ILE K 78 27.23 -51.90 7.99
CA ILE K 78 28.31 -51.24 7.26
C ILE K 78 27.74 -50.18 6.32
N GLY K 79 26.63 -50.50 5.67
CA GLY K 79 25.98 -49.51 4.82
C GLY K 79 25.53 -48.29 5.60
N LEU K 80 24.99 -48.50 6.80
CA LEU K 80 24.58 -47.38 7.63
C LEU K 80 25.77 -46.55 8.08
N VAL K 81 26.91 -47.19 8.34
CA VAL K 81 28.10 -46.44 8.70
C VAL K 81 28.53 -45.55 7.54
N ALA K 82 28.48 -46.08 6.33
CA ALA K 82 28.80 -45.27 5.15
C ALA K 82 27.85 -44.08 5.04
N ALA K 83 26.56 -44.32 5.20
CA ALA K 83 25.57 -43.24 5.13
C ALA K 83 25.87 -42.15 6.14
N VAL K 84 26.03 -42.52 7.41
CA VAL K 84 26.22 -41.51 8.45
C VAL K 84 27.54 -40.77 8.25
N LEU K 85 28.58 -41.49 7.85
CA LEU K 85 29.88 -40.85 7.67
C LEU K 85 29.83 -39.81 6.55
N PHE K 86 29.28 -40.19 5.39
CA PHE K 86 29.24 -39.22 4.31
C PHE K 86 28.34 -38.05 4.64
N HIS K 87 27.20 -38.31 5.27
CA HIS K 87 26.30 -37.21 5.61
C HIS K 87 26.98 -36.23 6.56
N ALA K 88 27.70 -36.74 7.55
CA ALA K 88 28.38 -35.84 8.49
C ALA K 88 29.46 -35.02 7.80
N LEU K 89 30.28 -35.66 6.96
CA LEU K 89 31.36 -34.94 6.31
C LEU K 89 30.84 -33.88 5.35
N ASN K 90 29.90 -34.26 4.48
CA ASN K 90 29.35 -33.27 3.57
C ASN K 90 28.56 -32.19 4.31
N GLY K 91 27.98 -32.50 5.47
CA GLY K 91 27.34 -31.46 6.23
C GLY K 91 28.33 -30.46 6.79
N ILE K 92 29.51 -30.93 7.19
CA ILE K 92 30.57 -30.01 7.59
C ILE K 92 30.96 -29.12 6.43
N ARG K 93 31.06 -29.71 5.23
CA ARG K 93 31.35 -28.92 4.04
C ARG K 93 30.31 -27.83 3.81
N VAL K 94 29.03 -28.19 3.93
CA VAL K 94 27.96 -27.23 3.68
C VAL K 94 27.96 -26.14 4.73
N ILE K 95 28.23 -26.49 5.99
CA ILE K 95 28.28 -25.47 7.04
C ILE K 95 29.42 -24.51 6.79
N LEU K 96 30.58 -25.04 6.37
CA LEU K 96 31.71 -24.17 6.04
C LEU K 96 31.35 -23.24 4.90
N ILE K 97 30.76 -23.77 3.84
CA ILE K 97 30.34 -22.95 2.71
C ILE K 97 29.45 -21.80 3.18
N ASP K 98 28.53 -22.09 4.08
CA ASP K 98 27.55 -21.07 4.43
C ASP K 98 28.07 -20.06 5.45
N PHE K 99 29.03 -20.43 6.30
CA PHE K 99 29.51 -19.52 7.33
C PHE K 99 30.84 -18.87 6.97
N TRP K 100 31.83 -19.66 6.58
CA TRP K 100 33.10 -19.14 6.11
C TRP K 100 32.88 -18.28 4.86
N ALA K 101 33.38 -17.04 4.91
CA ALA K 101 33.18 -16.09 3.82
C ALA K 101 33.96 -16.42 2.56
N LYS K 102 34.80 -17.45 2.57
CA LYS K 102 35.52 -17.87 1.38
C LYS K 102 35.26 -19.33 1.05
N GLY K 103 34.14 -19.88 1.50
CA GLY K 103 33.76 -21.24 1.21
C GLY K 103 33.45 -21.49 -0.25
N PRO K 104 32.46 -20.76 -0.80
CA PRO K 104 32.06 -21.00 -2.20
C PRO K 104 33.20 -20.95 -3.19
N ARG K 105 34.30 -20.31 -2.81
CA ARG K 105 35.48 -20.31 -3.66
C ARG K 105 36.24 -21.63 -3.54
N TYR K 106 36.28 -22.22 -2.35
CA TYR K 106 37.08 -23.41 -2.08
C TYR K 106 36.26 -24.68 -2.09
N GLN K 107 35.00 -24.61 -2.49
CA GLN K 107 34.26 -25.80 -2.87
C GLN K 107 35.06 -26.58 -3.90
N ARG K 108 34.82 -27.89 -3.96
CA ARG K 108 35.47 -28.80 -4.91
C ARG K 108 36.91 -29.05 -4.52
N GLN K 109 37.41 -28.30 -3.53
CA GLN K 109 38.59 -28.71 -2.78
C GLN K 109 38.21 -29.29 -1.43
N MET K 110 37.25 -28.66 -0.74
CA MET K 110 36.58 -29.33 0.36
C MET K 110 36.04 -30.68 -0.07
N LEU K 111 35.55 -30.77 -1.31
CA LEU K 111 34.93 -32.00 -1.77
C LEU K 111 35.96 -33.12 -1.92
N ALA K 112 37.12 -32.82 -2.50
CA ALA K 112 38.15 -33.84 -2.61
C ALA K 112 38.73 -34.18 -1.23
N VAL K 113 38.89 -33.17 -0.38
CA VAL K 113 39.32 -33.41 1.00
C VAL K 113 38.40 -34.43 1.67
N ILE K 114 37.09 -34.21 1.58
CA ILE K 114 36.17 -35.11 2.27
C ILE K 114 36.01 -36.44 1.54
N ALA K 115 36.28 -36.52 0.24
CA ALA K 115 36.32 -37.82 -0.41
C ALA K 115 37.48 -38.66 0.15
N GLY K 116 38.65 -38.03 0.26
CA GLY K 116 39.77 -38.72 0.88
C GLY K 116 39.51 -39.10 2.32
N LEU K 117 38.94 -38.17 3.10
CA LEU K 117 38.60 -38.45 4.49
C LEU K 117 37.62 -39.59 4.60
N PHE K 118 36.59 -39.60 3.75
CA PHE K 118 35.61 -40.66 3.78
C PHE K 118 36.26 -42.00 3.52
N LEU K 119 37.11 -42.10 2.50
CA LEU K 119 37.72 -43.40 2.24
C LEU K 119 38.66 -43.81 3.37
N VAL K 120 39.44 -42.86 3.89
CA VAL K 120 40.43 -43.25 4.89
C VAL K 120 39.78 -43.60 6.22
N ILE K 121 38.60 -43.05 6.51
CA ILE K 121 37.91 -43.44 7.73
C ILE K 121 37.08 -44.69 7.51
N PHE K 122 36.43 -44.79 6.36
CA PHE K 122 35.55 -45.91 6.09
C PHE K 122 36.31 -47.21 5.94
N ILE K 123 37.53 -47.16 5.40
CA ILE K 123 38.31 -48.39 5.29
C ILE K 123 38.71 -48.90 6.65
N ALA K 124 39.14 -48.02 7.55
CA ALA K 124 39.46 -48.44 8.91
C ALA K 124 38.21 -48.96 9.62
N ALA K 125 37.08 -48.29 9.44
CA ALA K 125 35.84 -48.72 10.09
C ALA K 125 35.43 -50.11 9.62
N VAL K 126 35.35 -50.31 8.31
CA VAL K 126 34.97 -51.61 7.80
C VAL K 126 36.03 -52.65 8.14
N GLY K 127 37.28 -52.23 8.33
CA GLY K 127 38.30 -53.17 8.75
C GLY K 127 38.03 -53.71 10.14
N VAL K 128 37.77 -52.82 11.09
CA VAL K 128 37.55 -53.29 12.46
C VAL K 128 36.23 -54.05 12.56
N ILE K 129 35.23 -53.64 11.78
CA ILE K 129 33.97 -54.38 11.81
C ILE K 129 34.13 -55.77 11.24
N GLY K 130 34.89 -55.90 10.14
CA GLY K 130 35.18 -57.22 9.63
C GLY K 130 35.99 -58.06 10.61
N MET K 131 36.92 -57.42 11.33
CA MET K 131 37.67 -58.14 12.34
C MET K 131 36.75 -58.70 13.42
N HIS K 132 35.76 -57.91 13.85
CA HIS K 132 34.79 -58.41 14.83
C HIS K 132 33.99 -59.57 14.26
N MET K 133 33.55 -59.45 13.01
CA MET K 133 32.75 -60.52 12.42
C MET K 133 33.57 -61.80 12.28
N VAL K 134 34.86 -61.67 11.95
CA VAL K 134 35.74 -62.83 11.89
C VAL K 134 35.93 -63.45 13.27
N GLU K 135 36.27 -62.62 14.26
CA GLU K 135 36.49 -63.14 15.61
C GLU K 135 35.24 -63.80 16.16
N ARG K 136 34.06 -63.38 15.71
CA ARG K 136 32.86 -64.08 16.15
C ARG K 136 32.66 -65.38 15.39
N PHE K 137 32.84 -65.37 14.07
CA PHE K 137 32.71 -66.60 13.31
C PHE K 137 33.54 -66.50 12.03
N LEU K 138 34.25 -67.56 11.70
CA LEU K 138 35.17 -67.57 10.58
C LEU K 138 34.46 -67.96 9.29
N PRO L 41 6.36 -15.76 9.57
CA PRO L 41 7.55 -14.99 9.19
C PRO L 41 8.78 -15.42 9.97
N TYR L 42 9.92 -15.41 9.29
CA TYR L 42 11.21 -15.76 9.87
C TYR L 42 11.27 -17.19 10.37
N PHE L 43 10.38 -18.06 9.90
CA PHE L 43 10.49 -19.46 10.28
C PHE L 43 11.54 -20.18 9.45
N GLU L 44 11.68 -19.81 8.18
CA GLU L 44 12.65 -20.49 7.31
C GLU L 44 14.07 -20.12 7.69
N LYS L 45 14.31 -18.88 8.09
CA LYS L 45 15.63 -18.48 8.52
C LYS L 45 16.09 -19.29 9.71
N TYR L 46 15.19 -19.51 10.67
CA TYR L 46 15.56 -20.21 11.88
C TYR L 46 15.59 -21.71 11.68
N ALA L 47 14.78 -22.26 10.77
CA ALA L 47 14.95 -23.66 10.41
C ALA L 47 16.29 -23.91 9.75
N TRP L 48 16.71 -22.99 8.87
CA TRP L 48 18.02 -23.06 8.25
C TRP L 48 19.13 -23.03 9.30
N LEU L 49 19.08 -22.06 10.21
CA LEU L 49 20.10 -21.96 11.25
C LEU L 49 20.10 -23.18 12.16
N PHE L 50 18.91 -23.72 12.45
CA PHE L 50 18.84 -24.91 13.28
C PHE L 50 19.48 -26.10 12.61
N MET L 51 19.29 -26.26 11.30
CA MET L 51 19.97 -27.36 10.62
C MET L 51 21.47 -27.22 10.75
N ARG L 52 21.99 -26.00 10.62
CA ARG L 52 23.43 -25.81 10.75
C ARG L 52 23.93 -26.14 12.16
N PHE L 53 23.28 -25.60 13.18
CA PHE L 53 23.75 -25.78 14.55
C PHE L 53 23.56 -27.22 15.02
N SER L 54 22.41 -27.82 14.74
CA SER L 54 22.23 -29.22 15.06
C SER L 54 23.16 -30.12 14.28
N GLY L 55 23.60 -29.73 13.09
CA GLY L 55 24.63 -30.51 12.44
C GLY L 55 25.94 -30.46 13.19
N ILE L 56 26.33 -29.26 13.63
CA ILE L 56 27.58 -29.14 14.38
C ILE L 56 27.55 -30.01 15.64
N ALA L 57 26.41 -30.03 16.33
CA ALA L 57 26.31 -30.86 17.53
C ALA L 57 26.23 -32.34 17.20
N LEU L 58 25.48 -32.69 16.17
CA LEU L 58 25.26 -34.07 15.83
C LEU L 58 26.49 -34.74 15.30
N VAL L 59 27.46 -33.98 14.78
CA VAL L 59 28.74 -34.60 14.43
C VAL L 59 29.24 -35.41 15.62
N PHE L 60 29.46 -34.72 16.74
CA PHE L 60 29.95 -35.38 17.94
C PHE L 60 28.96 -36.42 18.46
N LEU L 61 27.71 -36.03 18.65
CA LEU L 61 26.74 -36.97 19.24
C LEU L 61 26.65 -38.26 18.44
N ALA L 62 26.29 -38.16 17.14
CA ALA L 62 26.03 -39.34 16.35
C ALA L 62 27.30 -40.13 16.07
N LEU L 63 28.42 -39.47 15.81
CA LEU L 63 29.62 -40.23 15.48
C LEU L 63 30.23 -40.87 16.71
N GLY L 64 30.16 -40.22 17.88
CA GLY L 64 30.57 -40.89 19.10
C GLY L 64 29.68 -42.06 19.44
N HIS L 65 28.38 -41.93 19.22
CA HIS L 65 27.48 -43.06 19.41
C HIS L 65 27.87 -44.23 18.53
N LEU L 66 28.04 -43.98 17.23
CA LEU L 66 28.39 -45.05 16.31
C LEU L 66 29.73 -45.68 16.66
N PHE L 67 30.72 -44.87 17.01
CA PHE L 67 32.02 -45.40 17.40
C PHE L 67 31.88 -46.32 18.60
N ILE L 68 31.38 -45.79 19.71
CA ILE L 68 31.29 -46.57 20.93
C ILE L 68 30.41 -47.81 20.76
N MET L 69 29.47 -47.78 19.83
CA MET L 69 28.63 -48.96 19.65
C MET L 69 29.30 -50.02 18.81
N LEU L 70 29.89 -49.64 17.69
CA LEU L 70 30.31 -50.62 16.70
C LEU L 70 31.77 -50.99 16.76
N MET L 71 32.64 -50.13 17.26
CA MET L 71 34.06 -50.43 17.16
C MET L 71 34.81 -50.08 18.43
N TRP L 72 34.28 -50.48 19.59
CA TRP L 72 35.04 -50.29 20.82
C TRP L 72 35.57 -51.59 21.42
N GLN L 73 34.70 -52.52 21.79
CA GLN L 73 35.18 -53.75 22.42
C GLN L 73 34.83 -54.99 21.61
N ASP L 74 33.57 -55.22 21.34
CA ASP L 74 33.13 -56.33 20.50
C ASP L 74 32.05 -55.87 19.56
N GLY L 75 31.91 -54.57 19.39
CA GLY L 75 30.82 -54.05 18.61
C GLY L 75 29.51 -54.62 19.06
N VAL L 76 28.59 -54.79 18.13
CA VAL L 76 27.27 -55.31 18.42
C VAL L 76 27.33 -56.61 19.21
N TYR L 77 28.42 -57.36 19.08
CA TYR L 77 28.45 -58.68 19.69
C TYR L 77 28.62 -58.63 21.18
N ARG L 78 28.65 -57.44 21.78
CA ARG L 78 28.63 -57.31 23.22
C ARG L 78 27.32 -56.72 23.73
N ILE L 79 26.43 -56.31 22.85
CA ILE L 79 25.28 -55.50 23.24
C ILE L 79 24.18 -56.41 23.75
N ASP L 80 23.58 -56.04 24.87
CA ASP L 80 22.41 -56.73 25.42
C ASP L 80 21.80 -55.84 26.49
N PHE L 81 20.79 -56.37 27.17
CA PHE L 81 20.08 -55.58 28.18
C PHE L 81 21.01 -55.15 29.30
N ASN L 82 21.93 -56.01 29.71
CA ASN L 82 22.85 -55.64 30.78
C ASN L 82 23.78 -54.52 30.35
N TYR L 83 24.22 -54.55 29.10
CA TYR L 83 25.04 -53.47 28.57
C TYR L 83 24.27 -52.15 28.57
N VAL L 84 23.02 -52.17 28.10
CA VAL L 84 22.20 -50.97 28.10
C VAL L 84 21.97 -50.47 29.51
N ALA L 85 21.78 -51.39 30.45
CA ALA L 85 21.44 -51.01 31.82
C ALA L 85 22.63 -50.43 32.55
N GLU L 86 23.84 -50.92 32.27
CA GLU L 86 25.01 -50.33 32.92
C GLU L 86 25.48 -49.09 32.19
N ARG L 87 25.07 -48.88 30.94
CA ARG L 87 25.36 -47.62 30.28
C ARG L 87 24.42 -46.52 30.73
N TRP L 88 23.15 -46.86 30.93
CA TRP L 88 22.14 -45.88 31.34
C TRP L 88 22.08 -45.70 32.84
N ALA L 89 23.06 -46.22 33.58
CA ALA L 89 23.25 -45.89 34.98
C ALA L 89 24.22 -44.75 35.16
N SER L 90 24.42 -43.95 34.13
CA SER L 90 25.42 -42.90 34.12
C SER L 90 24.78 -41.62 33.60
N PRO L 91 24.87 -40.52 34.32
CA PRO L 91 24.32 -39.26 33.81
C PRO L 91 24.89 -38.87 32.47
N PHE L 92 26.16 -39.17 32.23
CA PHE L 92 26.80 -38.84 30.97
C PHE L 92 26.05 -39.46 29.81
N TRP L 93 25.90 -40.79 29.82
CA TRP L 93 25.28 -41.47 28.71
C TRP L 93 23.78 -41.21 28.64
N GLN L 94 23.12 -41.00 29.77
CA GLN L 94 21.70 -40.64 29.73
C GLN L 94 21.47 -39.33 29.00
N ILE L 95 22.21 -38.28 29.38
CA ILE L 95 22.06 -37.00 28.70
C ILE L 95 22.52 -37.08 27.26
N TRP L 96 23.58 -37.86 27.00
CA TRP L 96 24.05 -38.05 25.64
C TRP L 96 22.94 -38.61 24.76
N ASP L 97 22.27 -39.67 25.22
CA ASP L 97 21.24 -40.30 24.40
C ASP L 97 20.00 -39.43 24.28
N MET L 98 19.63 -38.68 25.30
CA MET L 98 18.47 -37.82 25.14
C MET L 98 18.75 -36.67 24.19
N ALA L 99 19.93 -36.07 24.27
CA ALA L 99 20.29 -35.03 23.31
C ALA L 99 20.36 -35.58 21.90
N LEU L 100 20.95 -36.76 21.74
CA LEU L 100 20.99 -37.40 20.43
C LEU L 100 19.59 -37.61 19.89
N LEU L 101 18.68 -38.16 20.69
CA LEU L 101 17.33 -38.40 20.22
C LEU L 101 16.67 -37.11 19.77
N TRP L 102 16.69 -36.08 20.61
CA TRP L 102 15.92 -34.89 20.27
C TRP L 102 16.53 -34.16 19.08
N LEU L 103 17.84 -33.96 19.08
CA LEU L 103 18.48 -33.28 17.97
C LEU L 103 18.31 -34.04 16.67
N ALA L 104 18.52 -35.36 16.69
CA ALA L 104 18.41 -36.15 15.48
C ALA L 104 17.00 -36.15 14.93
N MET L 105 15.99 -36.24 15.80
CA MET L 105 14.62 -36.29 15.30
C MET L 105 14.18 -34.94 14.75
N ILE L 106 14.53 -33.83 15.41
CA ILE L 106 14.12 -32.54 14.88
C ILE L 106 14.88 -32.22 13.60
N HIS L 107 16.15 -32.56 13.54
CA HIS L 107 16.94 -32.41 12.31
C HIS L 107 16.33 -33.20 11.16
N GLY L 108 16.10 -34.48 11.36
CA GLY L 108 15.53 -35.29 10.30
C GLY L 108 14.14 -34.85 9.90
N ALA L 109 13.33 -34.42 10.87
CA ALA L 109 11.98 -33.99 10.55
C ALA L 109 11.97 -32.72 9.72
N ASN L 110 12.86 -31.78 10.04
CA ASN L 110 12.98 -30.58 9.22
C ASN L 110 13.50 -30.91 7.81
N GLY L 111 14.50 -31.79 7.73
CA GLY L 111 14.97 -32.19 6.41
C GLY L 111 13.91 -32.83 5.57
N MET L 112 13.10 -33.71 6.18
CA MET L 112 12.05 -34.35 5.41
C MET L 112 10.92 -33.40 5.08
N ARG L 113 10.71 -32.38 5.92
CA ARG L 113 9.80 -31.30 5.56
C ARG L 113 10.23 -30.64 4.26
N THR L 114 11.53 -30.35 4.16
CA THR L 114 12.07 -29.78 2.92
C THR L 114 11.89 -30.73 1.74
N ILE L 115 12.18 -32.01 1.93
CA ILE L 115 12.05 -32.98 0.85
C ILE L 115 10.60 -33.07 0.36
N ILE L 116 9.65 -33.10 1.29
CA ILE L 116 8.24 -33.15 0.93
C ILE L 116 7.86 -31.89 0.16
N GLY L 117 8.29 -30.73 0.65
CA GLY L 117 7.99 -29.49 -0.04
C GLY L 117 8.55 -29.44 -1.45
N ASP L 118 9.64 -30.16 -1.70
CA ASP L 118 10.23 -30.18 -3.04
C ASP L 118 9.68 -31.28 -3.93
N TYR L 119 9.00 -32.29 -3.39
CA TYR L 119 8.52 -33.36 -4.25
C TYR L 119 7.02 -33.48 -4.37
N ALA L 120 6.24 -32.88 -3.47
CA ALA L 120 4.79 -33.04 -3.49
C ALA L 120 4.18 -32.00 -4.43
N ARG L 121 3.39 -32.47 -5.38
CA ARG L 121 2.81 -31.59 -6.41
C ARG L 121 1.48 -30.97 -6.00
N LYS L 122 0.61 -31.74 -5.34
CA LYS L 122 -0.69 -31.24 -4.93
C LYS L 122 -0.63 -30.70 -3.50
N ASN L 123 -1.41 -29.66 -3.25
CA ASN L 123 -1.45 -29.06 -1.93
C ASN L 123 -2.09 -29.99 -0.91
N VAL L 124 -3.06 -30.80 -1.33
CA VAL L 124 -3.63 -31.78 -0.42
C VAL L 124 -2.61 -32.86 -0.07
N THR L 125 -1.81 -33.28 -1.05
CA THR L 125 -0.77 -34.27 -0.76
C THR L 125 0.26 -33.70 0.18
N LYS L 126 0.67 -32.45 -0.04
CA LYS L 126 1.63 -31.83 0.86
C LYS L 126 1.07 -31.71 2.27
N PHE L 127 -0.21 -31.33 2.39
CA PHE L 127 -0.82 -31.22 3.71
C PHE L 127 -0.81 -32.55 4.44
N TRP L 128 -1.29 -33.61 3.79
CA TRP L 128 -1.40 -34.88 4.50
C TRP L 128 -0.05 -35.53 4.72
N LEU L 129 0.94 -35.28 3.87
CA LEU L 129 2.27 -35.81 4.12
C LEU L 129 2.97 -35.08 5.25
N ASN L 130 2.81 -33.76 5.34
CA ASN L 130 3.35 -33.06 6.50
C ASN L 130 2.67 -33.49 7.78
N SER L 131 1.38 -33.81 7.72
CA SER L 131 0.69 -34.30 8.92
C SER L 131 1.18 -35.69 9.32
N LEU L 132 1.38 -36.58 8.35
CA LEU L 132 1.95 -37.89 8.67
C LEU L 132 3.35 -37.77 9.25
N LEU L 133 4.17 -36.89 8.69
CA LEU L 133 5.51 -36.67 9.22
C LEU L 133 5.46 -36.15 10.65
N LEU L 134 4.61 -35.16 10.90
CA LEU L 134 4.47 -34.62 12.25
C LEU L 134 4.00 -35.68 13.23
N LEU L 135 3.08 -36.54 12.80
CA LEU L 135 2.59 -37.60 13.68
C LEU L 135 3.68 -38.60 14.01
N ALA L 136 4.41 -39.07 12.99
CA ALA L 136 5.46 -40.06 13.24
C ALA L 136 6.58 -39.49 14.08
N THR L 137 6.98 -38.24 13.82
CA THR L 137 8.03 -37.61 14.61
C THR L 137 7.60 -37.45 16.06
N GLY L 138 6.37 -36.98 16.29
CA GLY L 138 5.89 -36.86 17.65
C GLY L 138 5.82 -38.18 18.37
N PHE L 139 5.37 -39.23 17.67
CA PHE L 139 5.30 -40.55 18.30
C PHE L 139 6.68 -41.05 18.67
N THR L 140 7.66 -40.87 17.80
CA THR L 140 9.01 -41.35 18.09
C THR L 140 9.65 -40.56 19.23
N LEU L 141 9.47 -39.25 19.26
CA LEU L 141 10.01 -38.47 20.36
C LEU L 141 9.34 -38.83 21.68
N VAL L 142 8.04 -39.03 21.68
CA VAL L 142 7.32 -39.41 22.89
C VAL L 142 7.80 -40.77 23.40
N LEU L 143 7.94 -41.75 22.50
CA LEU L 143 8.36 -43.07 22.93
C LEU L 143 9.80 -43.07 23.43
N GLY L 144 10.71 -42.41 22.72
CA GLY L 144 12.09 -42.38 23.17
C GLY L 144 12.26 -41.65 24.48
N SER L 145 11.57 -40.52 24.65
CA SER L 145 11.66 -39.80 25.90
C SER L 145 11.07 -40.61 27.04
N TYR L 146 9.95 -41.30 26.82
CA TYR L 146 9.38 -42.13 27.86
C TYR L 146 10.38 -43.19 28.29
N VAL L 147 10.98 -43.88 27.32
CA VAL L 147 11.89 -44.97 27.65
C VAL L 147 13.08 -44.46 28.45
N LEU L 148 13.69 -43.37 28.00
CA LEU L 148 14.81 -42.82 28.74
C LEU L 148 14.42 -42.40 30.14
N VAL L 149 13.36 -41.63 30.29
CA VAL L 149 13.02 -41.05 31.58
C VAL L 149 12.61 -42.13 32.56
N THR L 150 11.93 -43.17 32.09
CA THR L 150 11.29 -44.14 32.97
C THR L 150 12.10 -45.43 33.13
N PHE L 151 13.15 -45.64 32.35
CA PHE L 151 13.92 -46.86 32.43
C PHE L 151 14.36 -47.15 33.86
N ASP L 152 14.10 -48.38 34.32
CA ASP L 152 14.62 -48.89 35.58
C ASP L 152 15.37 -50.18 35.34
N ALA L 153 16.54 -50.30 35.94
CA ALA L 153 17.39 -51.47 35.69
C ALA L 153 16.73 -52.75 36.20
N ASN L 154 16.07 -52.67 37.34
CA ASN L 154 15.49 -53.85 38.00
C ASN L 154 14.05 -54.00 37.55
N ILE L 155 13.84 -54.76 36.48
CA ILE L 155 12.50 -54.96 35.93
C ILE L 155 12.03 -56.40 36.13
N SER L 156 12.94 -57.36 36.20
CA SER L 156 12.58 -58.75 36.46
C SER L 156 13.72 -59.51 37.11
N MET M 1 6.62 -62.27 17.51
CA MET M 1 7.04 -61.08 18.25
C MET M 1 8.32 -60.57 17.63
N VAL M 2 9.35 -61.41 17.64
CA VAL M 2 10.56 -61.10 16.89
C VAL M 2 10.22 -60.97 15.41
N LEU M 3 9.23 -61.74 14.95
CA LEU M 3 8.78 -61.64 13.58
C LEU M 3 8.27 -60.25 13.26
N PHE M 4 7.58 -59.60 14.19
CA PHE M 4 7.13 -58.23 13.95
C PHE M 4 8.30 -57.31 13.68
N PHE M 5 9.40 -57.49 14.40
CA PHE M 5 10.51 -56.56 14.24
C PHE M 5 11.35 -56.86 13.03
N GLU M 6 11.45 -58.12 12.59
CA GLU M 6 12.12 -58.37 11.32
C GLU M 6 11.26 -57.89 10.16
N ILE M 7 9.93 -58.01 10.29
CA ILE M 7 9.04 -57.43 9.29
C ILE M 7 9.22 -55.92 9.22
N LEU M 8 9.34 -55.27 10.39
CA LEU M 8 9.61 -53.84 10.43
C LEU M 8 10.94 -53.51 9.76
N LEU M 9 11.95 -54.34 9.96
CA LEU M 9 13.24 -54.10 9.34
C LEU M 9 13.16 -54.16 7.83
N VAL M 10 12.49 -55.17 7.28
CA VAL M 10 12.43 -55.26 5.82
C VAL M 10 11.57 -54.14 5.27
N ALA M 11 10.52 -53.73 6.00
CA ALA M 11 9.73 -52.59 5.55
C ALA M 11 10.56 -51.31 5.52
N ALA M 12 11.41 -51.11 6.53
CA ALA M 12 12.28 -49.94 6.52
C ALA M 12 13.23 -49.99 5.33
N VAL M 13 13.77 -51.17 5.02
CA VAL M 13 14.70 -51.25 3.90
C VAL M 13 13.97 -50.97 2.59
N LEU M 14 12.73 -51.43 2.45
CA LEU M 14 11.99 -51.14 1.23
C LEU M 14 11.69 -49.65 1.10
N VAL M 15 11.31 -49.00 2.21
CA VAL M 15 11.04 -47.57 2.13
C VAL M 15 12.31 -46.80 1.79
N ILE M 16 13.43 -47.22 2.35
CA ILE M 16 14.72 -46.56 2.07
C ILE M 16 15.06 -46.69 0.60
N THR M 17 14.97 -47.91 0.05
CA THR M 17 15.33 -48.11 -1.34
C THR M 17 14.38 -47.38 -2.28
N TRP M 18 13.08 -47.40 -1.97
CA TRP M 18 12.12 -46.66 -2.77
C TRP M 18 12.46 -45.19 -2.79
N PHE M 19 12.78 -44.61 -1.64
CA PHE M 19 13.08 -43.19 -1.64
C PHE M 19 14.32 -42.88 -2.44
N ALA M 20 15.35 -43.73 -2.36
CA ALA M 20 16.54 -43.48 -3.16
C ALA M 20 16.20 -43.44 -4.65
N VAL M 21 15.48 -44.46 -5.14
CA VAL M 21 15.22 -44.49 -6.57
C VAL M 21 14.24 -43.39 -6.96
N TYR M 22 13.34 -43.00 -6.06
CA TYR M 22 12.38 -41.95 -6.41
C TYR M 22 13.05 -40.59 -6.46
N ALA M 23 14.00 -40.32 -5.56
CA ALA M 23 14.75 -39.09 -5.65
C ALA M 23 15.53 -39.01 -6.96
N LEU M 24 16.20 -40.11 -7.34
CA LEU M 24 16.91 -40.07 -8.61
C LEU M 24 15.96 -39.92 -9.80
N TYR M 25 14.79 -40.56 -9.73
CA TYR M 25 13.83 -40.47 -10.82
C TYR M 25 13.31 -39.05 -10.98
N ARG M 26 12.92 -38.42 -9.87
CA ARG M 26 12.48 -37.03 -9.95
C ARG M 26 13.60 -36.11 -10.39
N LEU M 27 14.85 -36.49 -10.14
CA LEU M 27 15.96 -35.67 -10.62
C LEU M 27 16.09 -35.76 -12.14
N VAL M 28 15.95 -36.96 -12.70
CA VAL M 28 16.23 -37.10 -14.13
C VAL M 28 15.03 -36.89 -15.05
N THR M 29 13.80 -36.96 -14.55
CA THR M 29 12.67 -36.78 -15.45
C THR M 29 12.32 -35.32 -15.66
N ASP M 30 12.01 -35.00 -16.91
CA ASP M 30 11.83 -33.61 -17.33
C ASP M 30 10.49 -33.04 -16.89
N GLU M 31 9.63 -33.87 -16.31
CA GLU M 31 8.28 -33.45 -15.86
C GLU M 31 7.43 -32.96 -17.03
N ILE N 2 -7.03 -10.24 -38.15
CA ILE N 2 -6.15 -9.11 -37.92
C ILE N 2 -6.55 -8.34 -36.68
N GLN N 3 -5.59 -8.11 -35.79
CA GLN N 3 -5.85 -7.45 -34.52
C GLN N 3 -5.52 -5.97 -34.60
N GLU N 4 -6.22 -5.17 -33.79
CA GLU N 4 -6.01 -3.73 -33.75
C GLU N 4 -5.72 -3.31 -32.31
N HIS N 5 -4.89 -2.28 -32.18
CA HIS N 5 -4.47 -1.78 -30.88
C HIS N 5 -4.38 -0.26 -30.99
N ARG N 6 -5.33 0.43 -30.38
CA ARG N 6 -5.28 1.87 -30.30
C ARG N 6 -4.41 2.26 -29.12
N TYR N 7 -3.58 3.26 -29.31
CA TYR N 7 -2.64 3.67 -28.29
C TYR N 7 -2.06 5.02 -28.67
N ASP N 8 -1.02 5.42 -27.96
CA ASP N 8 -0.27 6.63 -28.15
C ASP N 8 1.13 6.24 -28.58
N VAL N 9 2.07 7.20 -28.49
CA VAL N 9 3.35 7.15 -29.18
C VAL N 9 3.90 5.74 -29.22
N VAL N 10 4.16 5.24 -30.43
CA VAL N 10 4.64 3.88 -30.64
C VAL N 10 6.08 3.97 -31.07
N ILE N 11 6.96 3.33 -30.31
CA ILE N 11 8.38 3.25 -30.63
C ILE N 11 8.63 1.89 -31.26
N VAL N 12 9.53 1.86 -32.23
CA VAL N 12 9.91 0.62 -32.91
C VAL N 12 11.39 0.40 -32.62
N GLY N 13 11.69 -0.47 -31.67
CA GLY N 13 13.09 -0.72 -31.33
C GLY N 13 13.35 -0.30 -29.89
N ALA N 14 13.98 -1.19 -29.13
CA ALA N 14 14.27 -0.93 -27.73
C ALA N 14 15.77 -0.94 -27.47
N GLY N 15 16.56 -0.44 -28.40
CA GLY N 15 17.98 -0.30 -28.13
C GLY N 15 18.24 0.88 -27.21
N GLY N 16 19.43 1.47 -27.31
CA GLY N 16 19.72 2.64 -26.50
C GLY N 16 18.79 3.79 -26.79
N ALA N 17 18.69 4.19 -28.06
CA ALA N 17 17.86 5.33 -28.41
C ALA N 17 16.37 5.01 -28.26
N GLY N 18 15.96 3.82 -28.69
CA GLY N 18 14.57 3.44 -28.53
C GLY N 18 14.13 3.41 -27.08
N MET N 19 15.02 2.97 -26.19
CA MET N 19 14.63 2.94 -24.79
C MET N 19 14.80 4.28 -24.10
N ARG N 20 15.69 5.15 -24.59
CA ARG N 20 15.67 6.55 -24.15
C ARG N 20 14.32 7.18 -24.46
N ALA N 21 13.86 7.00 -25.70
CA ALA N 21 12.56 7.50 -26.08
C ALA N 21 11.45 6.87 -25.26
N ALA N 22 11.61 5.61 -24.88
CA ALA N 22 10.60 5.00 -24.01
C ALA N 22 10.59 5.61 -22.62
N VAL N 23 11.75 5.83 -22.02
CA VAL N 23 11.75 6.42 -20.68
C VAL N 23 11.29 7.86 -20.70
N GLU N 24 11.39 8.54 -21.85
CA GLU N 24 10.93 9.92 -21.89
C GLU N 24 9.44 10.01 -22.21
N ALA N 25 8.93 9.14 -23.07
CA ALA N 25 7.52 9.15 -23.42
C ALA N 25 6.67 8.20 -22.58
N GLY N 26 7.24 7.58 -21.56
CA GLY N 26 6.48 6.69 -20.71
C GLY N 26 5.55 7.40 -19.75
N PRO N 27 6.11 8.18 -18.82
CA PRO N 27 5.26 8.86 -17.84
C PRO N 27 4.25 9.81 -18.44
N ARG N 28 4.55 10.39 -19.61
CA ARG N 28 3.67 11.39 -20.20
C ARG N 28 2.53 10.74 -20.98
N ALA N 29 2.85 9.99 -22.04
CA ALA N 29 1.84 9.44 -22.93
C ALA N 29 1.85 7.92 -22.88
N ARG N 30 0.78 7.34 -23.45
CA ARG N 30 0.61 5.89 -23.47
C ARG N 30 1.53 5.23 -24.49
N THR N 31 2.81 5.10 -24.14
CA THR N 31 3.78 4.56 -25.09
C THR N 31 3.62 3.04 -25.23
N ALA N 32 4.25 2.52 -26.29
CA ALA N 32 4.30 1.08 -26.53
C ALA N 32 5.50 0.81 -27.43
N VAL N 33 6.35 -0.12 -27.02
CA VAL N 33 7.59 -0.42 -27.72
C VAL N 33 7.45 -1.73 -28.48
N LEU N 34 7.91 -1.74 -29.72
CA LEU N 34 7.97 -2.93 -30.55
C LEU N 34 9.42 -3.32 -30.75
N THR N 35 9.69 -4.62 -30.66
CA THR N 35 11.01 -5.17 -30.92
C THR N 35 10.86 -6.50 -31.61
N LYS N 36 11.86 -6.87 -32.40
CA LYS N 36 11.97 -8.23 -32.88
C LYS N 36 12.87 -9.09 -32.01
N LEU N 37 13.53 -8.48 -31.03
CA LEU N 37 14.36 -9.13 -30.04
C LEU N 37 13.76 -8.87 -28.66
N TYR N 38 14.47 -9.24 -27.66
CA TYR N 38 14.12 -8.71 -26.36
C TYR N 38 14.91 -7.44 -26.10
N PRO N 39 14.39 -6.55 -25.27
CA PRO N 39 15.04 -5.24 -25.11
C PRO N 39 16.52 -5.30 -24.83
N THR N 40 17.00 -6.37 -24.20
CA THR N 40 18.38 -6.47 -23.77
C THR N 40 19.30 -7.19 -24.74
N ARG N 41 18.77 -7.77 -25.81
CA ARG N 41 19.58 -8.42 -26.82
C ARG N 41 19.96 -7.48 -27.96
N SER N 42 19.85 -6.18 -27.74
CA SER N 42 20.04 -5.18 -28.78
C SER N 42 21.51 -4.89 -28.99
N HIS N 43 21.85 -4.51 -30.21
CA HIS N 43 23.23 -4.20 -30.58
C HIS N 43 23.93 -3.27 -29.61
N THR N 44 23.16 -2.41 -28.95
CA THR N 44 23.77 -1.47 -28.01
C THR N 44 24.65 -2.19 -27.01
N GLY N 45 24.24 -3.37 -26.56
CA GLY N 45 25.03 -4.13 -25.62
C GLY N 45 26.41 -4.48 -26.12
N ALA N 46 26.63 -4.44 -27.42
CA ALA N 46 27.95 -4.75 -27.97
C ALA N 46 28.89 -3.58 -27.91
N ALA N 47 28.45 -2.44 -27.37
CA ALA N 47 29.27 -1.23 -27.30
C ALA N 47 30.26 -1.35 -26.15
N GLN N 48 31.53 -1.48 -26.48
CA GLN N 48 32.56 -1.69 -25.46
C GLN N 48 33.15 -0.38 -24.96
N GLY N 49 33.71 0.41 -25.87
CA GLY N 49 34.34 1.67 -25.50
C GLY N 49 33.42 2.62 -24.77
N GLY N 50 33.98 3.69 -24.21
CA GLY N 50 33.19 4.63 -23.44
C GLY N 50 32.38 5.55 -24.33
N MET N 51 31.75 6.52 -23.67
CA MET N 51 31.05 7.61 -24.34
C MET N 51 31.78 8.91 -24.01
N CYS N 52 32.19 9.65 -25.04
CA CYS N 52 33.14 10.73 -24.82
C CYS N 52 32.42 11.96 -24.26
N ALA N 53 32.75 12.31 -23.02
CA ALA N 53 32.22 13.54 -22.42
C ALA N 53 33.21 13.97 -21.35
N ALA N 54 33.86 15.11 -21.57
CA ALA N 54 34.86 15.61 -20.64
C ALA N 54 34.17 16.52 -19.63
N LEU N 55 33.87 15.94 -18.47
CA LEU N 55 33.15 16.64 -17.43
C LEU N 55 34.03 17.57 -16.61
N ALA N 56 35.23 17.87 -17.11
CA ALA N 56 36.21 18.69 -16.39
C ALA N 56 36.49 18.10 -15.01
N ASN N 57 36.58 16.77 -14.96
CA ASN N 57 36.82 16.06 -13.71
C ASN N 57 38.26 15.63 -13.54
N VAL N 58 38.95 15.31 -14.63
CA VAL N 58 40.31 14.80 -14.57
C VAL N 58 41.30 15.73 -15.29
N GLU N 59 40.83 16.50 -16.28
CA GLU N 59 41.71 17.41 -17.00
C GLU N 59 40.96 18.64 -17.48
N GLU N 60 41.76 19.63 -17.89
CA GLU N 60 41.26 20.84 -18.55
C GLU N 60 40.57 20.47 -19.86
N ASP N 61 39.33 20.90 -20.04
CA ASP N 61 38.56 20.60 -21.24
C ASP N 61 37.51 21.65 -21.53
N ASN N 62 37.01 21.60 -22.76
CA ASN N 62 36.07 22.54 -23.33
C ASN N 62 35.16 21.78 -24.29
N TRP N 63 33.86 22.11 -24.28
CA TRP N 63 32.97 21.45 -25.21
C TRP N 63 33.22 21.88 -26.65
N GLU N 64 33.75 23.09 -26.86
CA GLU N 64 34.09 23.49 -28.22
C GLU N 64 35.29 22.70 -28.72
N TRP N 65 36.15 22.23 -27.81
CA TRP N 65 37.22 21.34 -28.21
C TRP N 65 36.67 20.08 -28.88
N HIS N 66 35.72 19.41 -28.21
CA HIS N 66 35.12 18.23 -28.79
C HIS N 66 34.30 18.56 -30.03
N THR N 67 33.64 19.72 -30.05
CA THR N 67 32.89 20.09 -31.24
C THR N 67 33.80 20.25 -32.44
N PHE N 68 34.95 20.91 -32.26
CA PHE N 68 35.88 21.05 -33.37
C PHE N 68 36.51 19.72 -33.75
N ASP N 69 36.78 18.87 -32.77
CA ASP N 69 37.34 17.55 -33.10
C ASP N 69 36.33 16.72 -33.87
N THR N 70 35.04 16.87 -33.57
CA THR N 70 34.03 16.12 -34.31
C THR N 70 33.85 16.69 -35.71
N VAL N 71 33.99 18.00 -35.87
CA VAL N 71 33.92 18.56 -37.22
C VAL N 71 35.15 18.16 -38.03
N LYS N 72 36.29 17.98 -37.37
CA LYS N 72 37.48 17.47 -38.05
C LYS N 72 37.27 16.03 -38.48
N GLY N 73 36.74 15.19 -37.59
CA GLY N 73 36.51 13.81 -37.93
C GLY N 73 35.43 13.62 -38.98
N GLY N 74 34.42 14.50 -38.99
CA GLY N 74 33.34 14.41 -39.94
C GLY N 74 33.64 14.91 -41.33
N ASP N 75 34.91 15.13 -41.65
CA ASP N 75 35.33 15.52 -43.00
C ASP N 75 34.60 16.79 -43.47
N TYR N 76 34.30 17.67 -42.52
CA TYR N 76 33.69 18.98 -42.80
C TYR N 76 32.39 18.85 -43.58
N LEU N 77 31.67 17.75 -43.37
CA LEU N 77 30.36 17.55 -43.98
C LEU N 77 29.27 17.42 -42.94
N ALA N 78 29.60 17.55 -41.66
CA ALA N 78 28.63 17.46 -40.59
C ALA N 78 27.82 18.76 -40.50
N ASP N 79 26.99 18.86 -39.48
CA ASP N 79 26.29 20.10 -39.15
C ASP N 79 26.83 20.62 -37.82
N GLN N 80 27.37 21.84 -37.85
CA GLN N 80 27.94 22.43 -36.64
C GLN N 80 26.86 22.62 -35.57
N ASP N 81 25.68 23.06 -35.98
CA ASP N 81 24.54 23.14 -35.08
C ASP N 81 24.37 21.84 -34.31
N ALA N 82 24.15 20.75 -35.04
CA ALA N 82 23.85 19.48 -34.40
C ALA N 82 25.01 19.00 -33.57
N VAL N 83 26.26 19.20 -34.02
CA VAL N 83 27.37 18.60 -33.29
C VAL N 83 27.63 19.34 -31.99
N GLU N 84 27.50 20.67 -32.00
CA GLU N 84 27.66 21.39 -30.74
C GLU N 84 26.53 21.07 -29.78
N ILE N 85 25.31 20.94 -30.30
CA ILE N 85 24.21 20.47 -29.47
C ILE N 85 24.58 19.14 -28.82
N MET N 86 25.03 18.19 -29.64
CA MET N 86 25.39 16.87 -29.12
C MET N 86 26.41 16.98 -28.00
N CYS N 87 27.49 17.73 -28.23
CA CYS N 87 28.55 17.79 -27.23
C CYS N 87 28.05 18.34 -25.90
N LYS N 88 27.43 19.52 -25.95
CA LYS N 88 27.13 20.18 -24.68
C LYS N 88 25.95 19.55 -23.97
N GLU N 89 25.01 18.94 -24.70
CA GLU N 89 23.99 18.14 -24.05
C GLU N 89 24.50 16.77 -23.63
N ALA N 90 25.64 16.34 -24.18
CA ALA N 90 26.19 15.03 -23.87
C ALA N 90 26.91 15.02 -22.54
N ILE N 91 27.57 16.11 -22.18
CA ILE N 91 28.08 16.22 -20.81
C ILE N 91 26.98 15.89 -19.81
N ASP N 92 25.83 16.56 -19.95
CA ASP N 92 24.75 16.35 -19.00
C ASP N 92 24.06 15.00 -19.21
N ALA N 93 24.11 14.45 -20.42
CA ALA N 93 23.60 13.09 -20.63
C ALA N 93 24.39 12.07 -19.82
N VAL N 94 25.73 12.17 -19.84
CA VAL N 94 26.54 11.27 -19.04
C VAL N 94 26.26 11.48 -17.56
N LEU N 95 26.21 12.74 -17.12
CA LEU N 95 25.93 13.02 -15.71
C LEU N 95 24.57 12.50 -15.30
N ASP N 96 23.64 12.39 -16.25
CA ASP N 96 22.33 11.84 -15.93
C ASP N 96 22.35 10.32 -15.93
N LEU N 97 23.14 9.71 -16.80
CA LEU N 97 23.26 8.26 -16.81
C LEU N 97 23.80 7.77 -15.47
N GLU N 98 24.91 8.34 -15.03
CA GLU N 98 25.42 7.89 -13.74
C GLU N 98 24.57 8.35 -12.57
N LYS N 99 23.39 8.90 -12.85
CA LYS N 99 22.42 9.28 -11.82
C LYS N 99 21.15 8.42 -11.88
N MET N 100 20.96 7.66 -12.94
CA MET N 100 19.85 6.71 -13.05
C MET N 100 20.23 5.32 -12.54
N GLY N 101 21.48 5.12 -12.16
CA GLY N 101 21.92 3.85 -11.63
C GLY N 101 23.11 3.25 -12.37
N MET N 102 23.80 4.06 -13.16
CA MET N 102 24.78 3.29 -13.91
C MET N 102 26.10 3.20 -13.15
N PRO N 103 26.73 2.02 -13.14
CA PRO N 103 28.02 1.82 -12.49
C PRO N 103 29.22 2.26 -13.34
N PHE N 104 29.52 3.55 -13.29
CA PHE N 104 30.72 4.07 -13.93
C PHE N 104 31.94 3.80 -13.06
N ASN N 105 33.05 3.43 -13.69
CA ASN N 105 34.28 3.27 -12.93
C ASN N 105 34.66 4.59 -12.28
N ARG N 106 34.88 4.55 -10.97
CA ARG N 106 35.08 5.75 -10.18
C ARG N 106 36.56 5.91 -9.82
N THR N 107 36.94 7.17 -9.62
CA THR N 107 38.24 7.65 -9.17
C THR N 107 38.24 7.79 -7.65
N PRO N 108 39.42 7.82 -7.01
CA PRO N 108 39.46 7.99 -5.54
C PRO N 108 38.53 9.07 -5.00
N GLU N 109 38.31 10.16 -5.73
CA GLU N 109 37.42 11.20 -5.22
C GLU N 109 35.97 10.77 -5.22
N GLY N 110 35.65 9.64 -5.85
CA GLY N 110 34.28 9.30 -6.10
C GLY N 110 33.66 10.10 -7.23
N ARG N 111 34.48 10.73 -8.06
CA ARG N 111 33.98 11.69 -9.04
C ARG N 111 33.48 10.97 -10.30
N ILE N 112 34.41 10.49 -11.11
CA ILE N 112 34.19 9.56 -12.22
C ILE N 112 35.57 9.24 -12.75
N ASP N 113 35.74 8.12 -13.42
CA ASP N 113 36.98 7.93 -14.14
C ASP N 113 36.76 8.22 -15.62
N GLN N 114 37.74 8.89 -16.22
CA GLN N 114 37.72 9.19 -17.64
C GLN N 114 39.04 8.77 -18.25
N ARG N 115 39.03 8.52 -19.55
CA ARG N 115 40.21 8.04 -20.25
C ARG N 115 40.25 8.63 -21.65
N ARG N 116 41.36 8.35 -22.34
CA ARG N 116 41.56 8.82 -23.70
C ARG N 116 41.12 7.77 -24.71
N PHE N 117 40.56 8.24 -25.82
CA PHE N 117 40.23 7.34 -26.93
C PHE N 117 40.10 8.17 -28.20
N GLY N 118 41.01 7.95 -29.15
CA GLY N 118 40.81 8.41 -30.52
C GLY N 118 41.07 9.89 -30.70
N GLY N 119 40.27 10.52 -31.56
CA GLY N 119 40.48 11.90 -31.93
C GLY N 119 39.95 12.91 -30.94
N HIS N 120 40.30 12.72 -29.67
CA HIS N 120 39.97 13.68 -28.62
C HIS N 120 41.30 14.20 -28.07
N THR N 121 41.84 15.20 -28.75
CA THR N 121 43.03 15.89 -28.28
C THR N 121 42.69 17.30 -27.80
N ARG N 122 43.72 18.00 -27.32
CA ARG N 122 43.51 19.20 -26.52
C ARG N 122 42.77 20.28 -27.29
N ASP N 123 43.39 20.83 -28.32
CA ASP N 123 42.73 21.89 -29.09
C ASP N 123 43.32 21.88 -30.49
N HIS N 124 42.52 21.39 -31.43
CA HIS N 124 42.91 21.33 -32.85
C HIS N 124 44.16 20.47 -33.02
N GLY N 125 44.28 19.44 -32.18
CA GLY N 125 45.32 18.43 -32.35
C GLY N 125 46.59 18.62 -31.53
N LYS N 126 46.45 18.89 -30.23
CA LYS N 126 47.61 19.06 -29.37
C LYS N 126 47.98 17.78 -28.62
N ALA N 127 47.08 17.27 -27.79
CA ALA N 127 47.37 16.13 -26.92
C ALA N 127 46.06 15.65 -26.29
N PRO N 128 45.99 14.36 -25.91
CA PRO N 128 44.73 13.80 -25.41
C PRO N 128 44.19 14.54 -24.19
N VAL N 129 42.92 14.29 -23.90
CA VAL N 129 42.16 15.13 -22.96
C VAL N 129 41.42 14.36 -21.88
N ARG N 130 41.52 13.03 -21.87
CA ARG N 130 40.76 12.21 -20.93
C ARG N 130 39.24 12.46 -21.12
N ARG N 131 38.77 12.07 -22.31
CA ARG N 131 37.42 12.42 -22.74
C ARG N 131 36.37 11.35 -22.43
N ALA N 132 36.66 10.08 -22.75
CA ALA N 132 35.61 9.06 -22.70
C ALA N 132 35.32 8.63 -21.26
N CYS N 133 34.03 8.36 -21.00
CA CYS N 133 33.54 7.83 -19.74
C CYS N 133 33.13 6.38 -19.96
N TYR N 134 33.68 5.47 -19.16
CA TYR N 134 33.48 4.05 -19.34
C TYR N 134 32.90 3.44 -18.07
N ALA N 135 31.81 2.69 -18.22
CA ALA N 135 31.20 2.04 -17.07
C ALA N 135 31.94 0.77 -16.67
N ALA N 136 32.57 0.10 -17.62
CA ALA N 136 33.38 -1.06 -17.31
C ALA N 136 34.19 -1.44 -18.55
N ASP N 137 34.75 -2.65 -18.54
CA ASP N 137 35.16 -3.28 -19.79
C ASP N 137 34.06 -3.20 -20.83
N ARG N 138 32.79 -3.26 -20.40
CA ARG N 138 31.64 -3.24 -21.29
C ARG N 138 30.70 -2.12 -20.86
N THR N 139 30.66 -1.04 -21.64
CA THR N 139 29.90 0.16 -21.30
C THR N 139 28.49 0.14 -21.87
N GLY N 140 28.35 -0.20 -23.15
CA GLY N 140 27.05 -0.23 -23.78
C GLY N 140 26.11 -1.19 -23.10
N HIS N 141 26.64 -2.32 -22.64
CA HIS N 141 25.80 -3.29 -21.95
C HIS N 141 25.20 -2.71 -20.69
N MET N 142 25.99 -1.96 -19.92
CA MET N 142 25.48 -1.33 -18.69
C MET N 142 24.50 -0.21 -19.00
N ILE N 143 24.75 0.56 -20.06
CA ILE N 143 23.79 1.57 -20.50
C ILE N 143 22.44 0.92 -20.83
N LEU N 144 22.50 -0.18 -21.57
CA LEU N 144 21.28 -0.88 -21.97
C LEU N 144 20.55 -1.48 -20.78
N GLN N 145 21.29 -2.04 -19.82
CA GLN N 145 20.63 -2.56 -18.64
C GLN N 145 20.00 -1.45 -17.81
N THR N 146 20.66 -0.30 -17.70
CA THR N 146 20.09 0.82 -16.95
C THR N 146 18.81 1.32 -17.62
N LEU N 147 18.83 1.49 -18.94
CA LEU N 147 17.61 1.88 -19.63
C LEU N 147 16.49 0.88 -19.39
N TYR N 148 16.79 -0.41 -19.52
CA TYR N 148 15.75 -1.42 -19.31
C TYR N 148 15.26 -1.42 -17.86
N GLN N 149 16.16 -1.16 -16.91
CA GLN N 149 15.77 -1.14 -15.51
C GLN N 149 14.79 -0.01 -15.24
N ASN N 150 15.08 1.20 -15.73
CA ASN N 150 14.12 2.28 -15.57
C ASN N 150 12.82 2.01 -16.30
N CYS N 151 12.89 1.42 -17.50
CA CYS N 151 11.65 1.10 -18.21
C CYS N 151 10.80 0.10 -17.45
N VAL N 152 11.43 -0.85 -16.76
CA VAL N 152 10.63 -1.79 -15.98
C VAL N 152 10.16 -1.12 -14.68
N LYS N 153 10.91 -0.13 -14.19
CA LYS N 153 10.46 0.62 -13.03
C LYS N 153 9.16 1.35 -13.32
N HIS N 154 9.12 2.08 -14.44
CA HIS N 154 7.97 2.89 -14.82
C HIS N 154 6.88 2.11 -15.54
N ASP N 155 7.04 0.80 -15.66
CA ASP N 155 6.07 -0.05 -16.33
C ASP N 155 5.79 0.43 -17.75
N VAL N 156 6.81 0.37 -18.59
CA VAL N 156 6.64 0.64 -20.00
C VAL N 156 6.19 -0.64 -20.70
N GLU N 157 5.24 -0.50 -21.62
CA GLU N 157 4.67 -1.66 -22.29
C GLU N 157 5.57 -2.09 -23.44
N PHE N 158 5.88 -3.39 -23.49
CA PHE N 158 6.75 -3.97 -24.49
C PHE N 158 6.00 -5.02 -25.28
N PHE N 159 6.21 -5.02 -26.59
CA PHE N 159 5.64 -6.01 -27.50
C PHE N 159 6.81 -6.73 -28.16
N ASN N 160 7.25 -7.82 -27.56
CA ASN N 160 8.50 -8.46 -27.93
C ASN N 160 8.30 -9.47 -29.05
N GLU N 161 9.30 -9.54 -29.93
CA GLU N 161 9.25 -10.38 -31.12
C GLU N 161 8.07 -10.00 -32.01
N PHE N 162 7.96 -8.70 -32.26
CA PHE N 162 7.00 -8.12 -33.21
C PHE N 162 7.78 -7.45 -34.31
N TYR N 163 7.62 -7.93 -35.54
CA TYR N 163 8.34 -7.37 -36.67
C TYR N 163 7.50 -6.27 -37.31
N ALA N 164 7.95 -5.03 -37.17
CA ALA N 164 7.27 -3.89 -37.79
C ALA N 164 7.67 -3.84 -39.26
N LEU N 165 6.78 -4.33 -40.12
CA LEU N 165 7.10 -4.42 -41.55
C LEU N 165 6.65 -3.19 -42.30
N ASP N 166 5.51 -2.61 -41.92
CA ASP N 166 4.92 -1.52 -42.68
C ASP N 166 4.47 -0.40 -41.75
N ILE N 167 4.64 0.83 -42.20
CA ILE N 167 4.02 2.00 -41.59
C ILE N 167 2.97 2.54 -42.55
N ALA N 168 1.76 2.74 -42.05
CA ALA N 168 0.65 3.23 -42.86
C ALA N 168 0.70 4.75 -42.91
N LEU N 169 0.79 5.30 -44.11
CA LEU N 169 0.80 6.74 -44.31
C LEU N 169 -0.51 7.18 -44.96
N THR N 170 -0.79 8.47 -44.87
CA THR N 170 -2.02 9.06 -45.35
C THR N 170 -1.73 10.30 -46.17
N GLU N 171 -2.62 10.60 -47.11
CA GLU N 171 -2.55 11.82 -47.90
C GLU N 171 -3.42 12.88 -47.24
N THR N 172 -2.81 14.01 -46.91
CA THR N 172 -3.50 15.11 -46.26
C THR N 172 -3.15 16.39 -47.00
N PRO N 173 -3.99 17.43 -46.88
CA PRO N 173 -3.68 18.70 -47.56
C PRO N 173 -2.33 19.29 -47.18
N ALA N 174 -1.82 18.99 -45.98
CA ALA N 174 -0.49 19.43 -45.61
C ALA N 174 0.59 18.50 -46.16
N GLY N 175 0.23 17.24 -46.42
CA GLY N 175 1.16 16.26 -46.93
C GLY N 175 0.87 14.89 -46.36
N PRO N 176 1.92 14.17 -45.98
CA PRO N 176 1.73 12.89 -45.29
C PRO N 176 1.68 13.04 -43.78
N VAL N 177 0.92 12.13 -43.15
CA VAL N 177 0.89 11.99 -41.70
C VAL N 177 0.60 10.54 -41.38
N ALA N 178 1.18 10.06 -40.28
CA ALA N 178 1.17 8.64 -39.96
C ALA N 178 -0.17 8.18 -39.41
N THR N 179 -0.44 6.90 -39.55
CA THR N 179 -1.67 6.31 -39.03
C THR N 179 -1.43 5.13 -38.11
N GLY N 180 -0.44 4.30 -38.39
CA GLY N 180 -0.16 3.15 -37.56
C GLY N 180 0.94 2.31 -38.15
N VAL N 181 1.25 1.23 -37.44
CA VAL N 181 2.25 0.27 -37.88
C VAL N 181 1.61 -1.10 -37.96
N ILE N 182 2.13 -1.92 -38.88
CA ILE N 182 1.63 -3.26 -39.13
C ILE N 182 2.72 -4.24 -38.71
N ALA N 183 2.50 -4.94 -37.62
CA ALA N 183 3.50 -5.79 -37.01
C ALA N 183 3.15 -7.25 -37.18
N TYR N 184 4.14 -8.06 -37.53
CA TYR N 184 3.99 -9.50 -37.62
C TYR N 184 4.44 -10.13 -36.31
N GLU N 185 3.50 -10.72 -35.58
CA GLU N 185 3.80 -11.37 -34.31
C GLU N 185 4.49 -12.70 -34.60
N LEU N 186 5.80 -12.77 -34.37
CA LEU N 186 6.53 -14.01 -34.58
C LEU N 186 5.99 -15.14 -33.73
N ALA N 187 5.41 -14.82 -32.57
CA ALA N 187 4.95 -15.86 -31.67
C ALA N 187 3.81 -16.67 -32.26
N THR N 188 2.90 -16.02 -32.99
CA THR N 188 1.70 -16.67 -33.48
C THR N 188 1.52 -16.59 -34.99
N GLY N 189 2.11 -15.60 -35.66
CA GLY N 189 1.88 -15.38 -37.06
C GLY N 189 0.76 -14.41 -37.38
N ASP N 190 0.02 -13.95 -36.37
CA ASP N 190 -1.05 -13.01 -36.60
C ASP N 190 -0.49 -11.64 -36.96
N ILE N 191 -1.39 -10.72 -37.33
CA ILE N 191 -1.03 -9.37 -37.70
C ILE N 191 -1.61 -8.41 -36.67
N HIS N 192 -0.82 -7.40 -36.31
CA HIS N 192 -1.25 -6.38 -35.38
C HIS N 192 -1.18 -5.02 -36.05
N VAL N 193 -2.16 -4.17 -35.75
CA VAL N 193 -2.26 -2.84 -36.33
C VAL N 193 -2.26 -1.85 -35.18
N PHE N 194 -1.14 -1.19 -34.95
CA PHE N 194 -1.01 -0.21 -33.89
C PHE N 194 -1.34 1.16 -34.42
N HIS N 195 -2.11 1.93 -33.67
CA HIS N 195 -2.47 3.30 -34.04
C HIS N 195 -1.84 4.27 -33.06
N ALA N 196 -1.16 5.29 -33.59
CA ALA N 196 -0.43 6.24 -32.77
C ALA N 196 -0.50 7.62 -33.38
N LYS N 197 -0.31 8.63 -32.55
CA LYS N 197 -0.16 10.00 -33.06
C LYS N 197 1.24 10.19 -33.63
N ALA N 198 2.25 10.11 -32.78
CA ALA N 198 3.64 10.17 -33.18
C ALA N 198 4.23 8.76 -33.21
N ILE N 199 5.28 8.60 -34.02
CA ILE N 199 5.92 7.30 -34.19
C ILE N 199 7.41 7.53 -34.29
N VAL N 200 8.17 6.90 -33.40
CA VAL N 200 9.63 6.96 -33.42
C VAL N 200 10.13 5.69 -34.08
N PHE N 201 11.22 5.82 -34.84
CA PHE N 201 11.90 4.68 -35.44
C PHE N 201 13.32 4.63 -34.90
N ALA N 202 13.61 3.59 -34.13
CA ALA N 202 14.93 3.36 -33.57
C ALA N 202 15.40 1.97 -33.93
N THR N 203 15.30 1.63 -35.22
CA THR N 203 15.56 0.27 -35.68
C THR N 203 17.04 -0.03 -35.90
N GLY N 204 17.94 0.88 -35.58
CA GLY N 204 19.35 0.57 -35.70
C GLY N 204 19.83 0.44 -37.13
N GLY N 205 21.13 0.22 -37.25
CA GLY N 205 21.82 0.34 -38.52
C GLY N 205 21.50 -0.78 -39.49
N SER N 206 22.29 -0.80 -40.57
CA SER N 206 22.18 -1.83 -41.60
C SER N 206 23.57 -2.02 -42.19
N GLY N 207 24.29 -3.01 -41.68
CA GLY N 207 25.60 -3.31 -42.21
C GLY N 207 25.65 -4.74 -42.65
N ARG N 208 24.60 -5.48 -42.34
CA ARG N 208 24.55 -6.92 -42.61
C ARG N 208 24.41 -7.18 -44.10
N MET N 209 24.51 -6.12 -44.91
CA MET N 209 24.63 -6.25 -46.35
C MET N 209 26.07 -6.45 -46.80
N TYR N 210 26.99 -6.61 -45.84
CA TYR N 210 28.38 -6.92 -46.13
C TYR N 210 28.74 -8.25 -45.47
N LYS N 211 29.67 -8.99 -46.09
CA LYS N 211 30.03 -10.29 -45.55
C LYS N 211 30.83 -10.14 -44.26
N THR N 212 31.89 -9.35 -44.30
CA THR N 212 32.69 -9.05 -43.12
C THR N 212 32.11 -7.81 -42.47
N THR N 213 31.45 -7.99 -41.33
CA THR N 213 30.70 -6.92 -40.70
C THR N 213 30.77 -7.08 -39.20
N SER N 214 30.82 -5.94 -38.50
CA SER N 214 30.83 -5.95 -37.05
C SER N 214 29.45 -5.99 -36.43
N ASN N 215 28.39 -5.88 -37.24
CA ASN N 215 27.04 -5.79 -36.72
C ASN N 215 26.53 -7.14 -36.24
N ALA N 216 25.27 -7.17 -35.84
CA ALA N 216 24.62 -8.38 -35.37
C ALA N 216 24.18 -9.21 -36.59
N HIS N 217 23.48 -10.30 -36.33
CA HIS N 217 22.81 -11.03 -37.40
C HIS N 217 21.41 -10.48 -37.67
N THR N 218 20.92 -9.60 -36.80
CA THR N 218 19.59 -9.05 -36.91
C THR N 218 19.58 -7.59 -37.31
N LEU N 219 20.75 -7.02 -37.62
CA LEU N 219 20.85 -5.62 -38.03
C LEU N 219 20.81 -5.52 -39.55
N THR N 220 19.75 -6.09 -40.10
CA THR N 220 19.49 -5.99 -41.53
C THR N 220 19.13 -4.57 -41.96
N GLY N 221 18.35 -3.87 -41.14
CA GLY N 221 18.05 -2.48 -41.37
C GLY N 221 16.71 -2.30 -42.03
N ASP N 222 15.69 -1.97 -41.24
CA ASP N 222 14.32 -1.93 -41.73
C ASP N 222 13.63 -0.60 -41.51
N GLY N 223 14.08 0.21 -40.56
CA GLY N 223 13.68 1.60 -40.57
C GLY N 223 13.99 2.23 -41.92
N LEU N 224 15.24 2.11 -42.35
CA LEU N 224 15.63 2.61 -43.67
C LEU N 224 14.81 1.94 -44.77
N GLY N 225 14.58 0.63 -44.67
CA GLY N 225 13.92 -0.08 -45.76
C GLY N 225 12.46 0.29 -45.91
N ILE N 226 11.73 0.38 -44.80
CA ILE N 226 10.31 0.70 -44.85
C ILE N 226 10.05 2.20 -44.85
N VAL N 227 11.07 3.03 -44.69
CA VAL N 227 11.00 4.41 -45.11
C VAL N 227 11.28 4.55 -46.61
N PHE N 228 12.17 3.74 -47.16
CA PHE N 228 12.55 3.87 -48.55
C PHE N 228 11.50 3.32 -49.48
N ARG N 229 10.80 2.24 -49.10
CA ARG N 229 9.79 1.67 -49.96
C ARG N 229 8.41 2.29 -49.74
N LYS N 230 8.36 3.51 -49.21
CA LYS N 230 7.12 4.26 -49.07
C LYS N 230 7.24 5.65 -49.66
N GLY N 231 8.06 5.80 -50.69
CA GLY N 231 8.25 7.08 -51.35
C GLY N 231 9.12 8.06 -50.59
N LEU N 232 9.29 7.88 -49.29
CA LEU N 232 10.11 8.78 -48.51
C LEU N 232 11.58 8.65 -48.93
N PRO N 233 12.39 9.63 -48.59
CA PRO N 233 13.79 9.60 -49.00
C PRO N 233 14.73 8.98 -47.98
N LEU N 234 15.99 8.82 -48.35
CA LEU N 234 17.05 8.41 -47.44
C LEU N 234 18.27 9.29 -47.68
N GLU N 235 18.85 9.80 -46.61
CA GLU N 235 19.92 10.78 -46.70
C GLU N 235 21.27 10.12 -46.45
N ASP N 236 22.15 10.21 -47.45
CA ASP N 236 23.56 9.89 -47.28
C ASP N 236 23.76 8.43 -46.86
N MET N 237 23.29 7.52 -47.71
CA MET N 237 23.48 6.09 -47.49
C MET N 237 24.73 5.57 -48.18
N GLU N 238 25.78 6.39 -48.25
CA GLU N 238 27.00 6.02 -48.95
C GLU N 238 28.24 6.02 -48.08
N PHE N 239 28.17 6.58 -46.87
CA PHE N 239 29.32 6.64 -45.97
C PHE N 239 29.17 5.56 -44.93
N HIS N 240 29.92 4.48 -45.07
CA HIS N 240 29.98 3.39 -44.10
C HIS N 240 31.35 3.41 -43.45
N GLN N 241 31.39 3.57 -42.14
CA GLN N 241 32.66 3.55 -41.43
C GLN N 241 33.21 2.13 -41.41
N PHE N 242 34.31 1.91 -42.11
CA PHE N 242 34.91 0.58 -42.21
C PHE N 242 36.03 0.51 -41.17
N HIS N 243 35.67 0.12 -39.96
CA HIS N 243 36.62 0.02 -38.86
C HIS N 243 37.87 -0.72 -39.31
N PRO N 244 39.06 -0.22 -38.97
CA PRO N 244 40.29 -0.79 -39.52
C PRO N 244 40.60 -2.20 -39.03
N THR N 245 40.59 -2.40 -37.72
CA THR N 245 41.05 -3.65 -37.12
C THR N 245 39.84 -4.51 -36.79
N GLY N 246 39.72 -5.64 -37.49
CA GLY N 246 38.52 -6.44 -37.38
C GLY N 246 38.64 -7.95 -37.44
N LEU N 247 39.79 -8.53 -37.07
CA LEU N 247 39.97 -9.98 -37.07
C LEU N 247 39.72 -10.57 -38.46
N ALA N 248 40.67 -10.26 -39.35
CA ALA N 248 40.58 -10.51 -40.78
C ALA N 248 39.88 -11.81 -41.15
N GLY N 249 40.15 -12.88 -40.41
CA GLY N 249 39.54 -14.16 -40.66
C GLY N 249 38.03 -14.13 -40.75
N LEU N 250 37.36 -13.53 -39.78
CA LEU N 250 35.92 -13.67 -39.66
C LEU N 250 35.18 -12.34 -39.68
N GLY N 251 35.76 -11.31 -39.07
CA GLY N 251 35.16 -9.99 -39.18
C GLY N 251 34.45 -9.47 -37.95
N ILE N 252 35.04 -9.68 -36.78
CA ILE N 252 34.47 -9.16 -35.53
C ILE N 252 35.42 -8.11 -34.95
N LEU N 253 34.87 -7.21 -34.15
CA LEU N 253 35.62 -6.06 -33.66
C LEU N 253 36.55 -6.43 -32.51
N ILE N 254 37.70 -5.73 -32.46
CA ILE N 254 38.69 -5.86 -31.42
C ILE N 254 38.96 -4.48 -30.83
N SER N 255 37.91 -3.66 -30.73
CA SER N 255 38.01 -2.21 -30.59
C SER N 255 39.16 -1.69 -29.71
N GLU N 256 39.16 -2.07 -28.43
CA GLU N 256 40.01 -1.39 -27.46
C GLU N 256 41.26 -2.17 -27.07
N ALA N 257 41.50 -3.35 -27.65
CA ALA N 257 42.65 -4.14 -27.24
C ALA N 257 43.95 -3.62 -27.82
N VAL N 258 43.88 -2.88 -28.93
CA VAL N 258 45.06 -2.37 -29.62
C VAL N 258 45.19 -0.86 -29.45
N ARG N 259 44.45 -0.28 -28.50
CA ARG N 259 44.44 1.16 -28.30
C ARG N 259 45.00 1.56 -26.94
N GLY N 260 44.48 0.99 -25.85
CA GLY N 260 44.98 1.34 -24.54
C GLY N 260 46.38 0.84 -24.27
N GLU N 261 46.75 -0.28 -24.89
CA GLU N 261 48.09 -0.85 -24.76
C GLU N 261 48.96 -0.40 -25.93
N GLY N 262 50.24 -0.76 -25.87
CA GLY N 262 51.19 -0.34 -26.89
C GLY N 262 51.10 -1.11 -28.19
N GLY N 263 50.08 -1.95 -28.32
CA GLY N 263 49.88 -2.72 -29.54
C GLY N 263 49.62 -1.85 -30.74
N ARG N 264 50.29 -2.14 -31.85
CA ARG N 264 50.13 -1.36 -33.06
C ARG N 264 50.34 -2.24 -34.28
N LEU N 265 50.11 -1.66 -35.45
CA LEU N 265 50.07 -2.40 -36.69
C LEU N 265 51.48 -2.71 -37.18
N LEU N 266 51.60 -3.82 -37.91
CA LEU N 266 52.86 -4.24 -38.52
C LEU N 266 52.51 -4.77 -39.90
N ASN N 267 52.93 -4.05 -40.94
CA ASN N 267 52.68 -4.46 -42.32
C ASN N 267 53.68 -5.53 -42.73
N GLY N 268 53.35 -6.25 -43.80
CA GLY N 268 54.26 -7.24 -44.34
C GLY N 268 54.60 -8.25 -43.28
N GLU N 269 55.81 -8.14 -42.76
CA GLU N 269 56.21 -8.86 -41.56
C GLU N 269 56.56 -7.94 -40.40
N GLY N 270 57.21 -6.81 -40.66
CA GLY N 270 57.66 -5.98 -39.54
C GLY N 270 57.67 -4.47 -39.73
N GLU N 271 57.13 -3.97 -40.84
CA GLU N 271 57.12 -2.51 -41.04
C GLU N 271 55.77 -1.93 -40.66
N ARG N 272 55.77 -0.72 -40.11
CA ARG N 272 54.56 0.00 -39.78
C ARG N 272 54.32 1.12 -40.80
N PHE N 273 53.05 1.36 -41.15
CA PHE N 273 52.71 2.23 -42.26
C PHE N 273 52.34 3.65 -41.83
N MET N 274 51.75 3.82 -40.64
CA MET N 274 51.28 5.15 -40.24
C MET N 274 52.43 6.14 -40.03
N GLU N 275 53.61 5.66 -39.62
CA GLU N 275 54.79 6.51 -39.65
C GLU N 275 55.17 6.92 -41.06
N ARG N 276 54.62 6.25 -42.07
CA ARG N 276 54.92 6.57 -43.46
C ARG N 276 53.87 7.44 -44.12
N TYR N 277 52.58 7.20 -43.85
CA TYR N 277 51.50 7.95 -44.47
C TYR N 277 50.46 8.42 -43.45
N ALA N 278 50.93 8.95 -42.33
CA ALA N 278 50.08 9.68 -41.40
C ALA N 278 51.00 10.60 -40.60
N PRO N 279 50.69 11.90 -40.51
CA PRO N 279 51.64 12.81 -39.85
C PRO N 279 51.71 12.56 -38.36
N THR N 280 52.75 11.85 -37.95
CA THR N 280 53.03 11.49 -36.55
C THR N 280 51.74 11.18 -35.79
N ILE N 281 51.08 10.09 -36.19
CA ILE N 281 49.89 9.60 -35.51
C ILE N 281 49.89 8.08 -35.58
N VAL N 282 49.56 7.44 -34.45
CA VAL N 282 49.65 5.99 -34.34
C VAL N 282 48.26 5.41 -34.07
N ASP N 283 47.68 5.76 -32.92
CA ASP N 283 46.40 5.20 -32.49
C ASP N 283 45.27 6.21 -32.58
N LEU N 284 45.50 7.31 -33.27
CA LEU N 284 44.53 8.40 -33.33
C LEU N 284 44.15 8.82 -34.73
N ALA N 285 44.85 8.38 -35.76
CA ALA N 285 44.44 8.68 -37.13
C ALA N 285 43.03 8.13 -37.36
N PRO N 286 42.19 8.84 -38.11
CA PRO N 286 40.80 8.40 -38.27
C PRO N 286 40.71 6.97 -38.80
N ARG N 287 39.65 6.28 -38.38
CA ARG N 287 39.53 4.85 -38.63
C ARG N 287 39.48 4.54 -40.12
N ASP N 288 38.78 5.36 -40.89
CA ASP N 288 38.64 5.05 -42.31
C ASP N 288 39.92 5.37 -43.07
N ILE N 289 40.67 6.38 -42.63
CA ILE N 289 41.97 6.63 -43.27
C ILE N 289 42.92 5.47 -42.96
N VAL N 290 42.93 4.99 -41.70
CA VAL N 290 43.84 3.90 -41.38
C VAL N 290 43.43 2.61 -42.09
N ALA N 291 42.12 2.40 -42.27
CA ALA N 291 41.66 1.24 -43.03
C ALA N 291 42.06 1.36 -44.50
N ARG N 292 41.89 2.54 -45.09
CA ARG N 292 42.29 2.73 -46.48
C ARG N 292 43.80 2.52 -46.65
N SER N 293 44.59 2.98 -45.68
CA SER N 293 46.02 2.70 -45.72
C SER N 293 46.31 1.21 -45.62
N MET N 294 45.58 0.50 -44.75
CA MET N 294 45.74 -0.94 -44.64
C MET N 294 45.47 -1.63 -45.97
N VAL N 295 44.37 -1.24 -46.63
CA VAL N 295 43.98 -1.87 -47.89
C VAL N 295 45.02 -1.58 -48.97
N LEU N 296 45.48 -0.33 -49.06
CA LEU N 296 46.45 -0.03 -50.09
C LEU N 296 47.82 -0.64 -49.79
N GLU N 297 48.12 -0.94 -48.53
CA GLU N 297 49.38 -1.63 -48.24
C GLU N 297 49.30 -3.10 -48.63
N VAL N 298 48.21 -3.77 -48.24
CA VAL N 298 48.06 -5.16 -48.67
C VAL N 298 47.87 -5.22 -50.19
N LEU N 299 47.55 -4.10 -50.82
CA LEU N 299 47.50 -4.03 -52.28
C LEU N 299 48.86 -3.82 -52.90
N GLU N 300 49.70 -2.96 -52.33
CA GLU N 300 51.03 -2.75 -52.88
C GLU N 300 51.94 -3.95 -52.61
N GLY N 301 51.54 -4.81 -51.66
CA GLY N 301 52.22 -6.09 -51.54
C GLY N 301 52.68 -6.45 -50.14
N ARG N 302 52.20 -5.72 -49.13
CA ARG N 302 52.54 -5.99 -47.75
C ARG N 302 51.55 -6.95 -47.08
N GLY N 303 50.91 -7.82 -47.87
CA GLY N 303 49.92 -8.73 -47.35
C GLY N 303 50.45 -10.13 -47.13
N ALA N 304 49.97 -10.77 -46.07
CA ALA N 304 50.38 -12.13 -45.77
C ALA N 304 49.63 -13.14 -46.64
N GLY N 305 50.11 -14.37 -46.63
CA GLY N 305 49.50 -15.43 -47.41
C GLY N 305 49.04 -16.62 -46.59
N VAL N 347 48.47 -11.17 -34.95
CA VAL N 347 47.12 -11.51 -35.41
C VAL N 347 46.77 -10.73 -36.67
N PRO N 348 46.11 -11.39 -37.62
CA PRO N 348 45.71 -10.72 -38.86
C PRO N 348 44.37 -10.03 -38.68
N VAL N 349 44.32 -8.74 -39.03
CA VAL N 349 43.09 -7.96 -38.99
C VAL N 349 42.81 -7.42 -40.39
N TYR N 350 41.63 -6.84 -40.55
CA TYR N 350 41.16 -6.37 -41.85
C TYR N 350 40.04 -5.36 -41.61
N PRO N 351 39.83 -4.42 -42.52
CA PRO N 351 38.72 -3.48 -42.35
C PRO N 351 37.37 -4.17 -42.46
N THR N 352 36.51 -3.94 -41.47
CA THR N 352 35.17 -4.49 -41.43
C THR N 352 34.16 -3.37 -41.34
N CYS N 353 33.10 -3.46 -42.14
CA CYS N 353 32.01 -2.49 -42.05
C CYS N 353 31.46 -2.48 -40.63
N HIS N 354 31.21 -1.28 -40.11
CA HIS N 354 30.95 -1.16 -38.68
C HIS N 354 29.70 -0.35 -38.37
N TYR N 355 29.43 0.68 -39.16
CA TYR N 355 28.44 1.68 -38.78
C TYR N 355 28.07 2.51 -39.99
N VAL N 356 26.78 2.71 -40.22
CA VAL N 356 26.32 3.57 -41.28
C VAL N 356 26.12 4.97 -40.73
N MET N 357 26.72 5.97 -41.38
CA MET N 357 26.58 7.35 -40.93
C MET N 357 25.30 8.00 -41.39
N GLY N 358 24.67 7.48 -42.44
CA GLY N 358 23.45 8.02 -42.96
C GLY N 358 22.21 7.40 -42.35
N GLY N 359 21.13 7.47 -43.08
CA GLY N 359 19.87 6.92 -42.65
C GLY N 359 18.73 7.85 -43.01
N ILE N 360 17.63 7.68 -42.29
CA ILE N 360 16.46 8.56 -42.39
C ILE N 360 16.90 10.00 -42.20
N PRO N 361 16.43 10.95 -43.01
CA PRO N 361 16.85 12.35 -42.82
C PRO N 361 16.05 13.05 -41.75
N THR N 362 16.70 13.45 -40.67
CA THR N 362 16.03 14.15 -39.58
C THR N 362 16.77 15.44 -39.26
N THR N 363 16.20 16.21 -38.34
CA THR N 363 16.72 17.49 -37.90
C THR N 363 17.12 17.43 -36.43
N VAL N 364 17.58 18.57 -35.91
CA VAL N 364 18.01 18.62 -34.51
C VAL N 364 16.84 18.35 -33.58
N ASN N 365 15.64 18.78 -33.96
CA ASN N 365 14.47 18.53 -33.13
C ASN N 365 14.10 17.06 -33.09
N GLY N 366 14.57 16.26 -34.05
CA GLY N 366 14.16 14.89 -34.19
C GLY N 366 13.07 14.68 -35.22
N GLN N 367 12.87 15.63 -36.12
CA GLN N 367 11.77 15.60 -37.09
C GLN N 367 12.27 15.11 -38.43
N VAL N 368 11.51 14.21 -39.06
CA VAL N 368 11.89 13.65 -40.34
C VAL N 368 11.64 14.68 -41.44
N LEU N 369 12.18 14.44 -42.63
CA LEU N 369 12.09 15.37 -43.75
C LEU N 369 11.79 14.59 -45.01
N ARG N 370 10.68 14.90 -45.68
CA ARG N 370 10.38 14.31 -46.97
C ARG N 370 10.97 15.11 -48.14
N ASP N 371 11.52 16.28 -47.87
CA ASP N 371 12.42 16.98 -48.78
C ASP N 371 13.42 17.75 -47.94
N ASN N 372 14.06 18.74 -48.54
CA ASN N 372 15.18 19.40 -47.87
C ASN N 372 14.77 20.11 -46.59
N THR N 373 13.54 20.59 -46.48
CA THR N 373 13.07 21.17 -45.22
C THR N 373 11.68 20.73 -44.78
N ASN N 374 10.79 20.34 -45.67
CA ASN N 374 9.44 19.95 -45.28
C ASN N 374 9.50 18.74 -44.36
N VAL N 375 8.38 18.47 -43.67
CA VAL N 375 8.35 17.49 -42.60
C VAL N 375 7.05 16.71 -42.68
N ILE N 376 7.13 15.39 -42.47
CA ILE N 376 5.94 14.59 -42.22
C ILE N 376 5.62 14.73 -40.74
N PRO N 377 4.48 15.31 -40.37
CA PRO N 377 4.10 15.36 -38.95
C PRO N 377 3.82 13.95 -38.43
N GLY N 378 4.35 13.63 -37.26
CA GLY N 378 4.11 12.34 -36.65
C GLY N 378 5.06 11.27 -37.12
N LEU N 379 6.35 11.60 -37.18
CA LEU N 379 7.37 10.63 -37.56
C LEU N 379 8.72 11.13 -37.06
N TYR N 380 9.37 10.34 -36.22
CA TYR N 380 10.64 10.71 -35.63
C TYR N 380 11.62 9.55 -35.77
N ALA N 381 12.89 9.84 -35.54
CA ALA N 381 13.93 8.84 -35.68
C ALA N 381 15.09 9.20 -34.76
N ALA N 382 15.86 8.18 -34.37
CA ALA N 382 16.92 8.40 -33.41
C ALA N 382 17.89 7.23 -33.43
N GLY N 383 19.18 7.55 -33.40
CA GLY N 383 20.20 6.54 -33.18
C GLY N 383 21.06 6.21 -34.38
N GLU N 384 20.96 4.97 -34.85
CA GLU N 384 21.73 4.50 -35.98
C GLU N 384 20.97 4.62 -37.29
N CYS N 385 19.64 4.66 -37.25
CA CYS N 385 18.81 4.72 -38.44
C CYS N 385 18.44 6.13 -38.84
N ALA N 386 18.98 7.14 -38.16
CA ALA N 386 18.60 8.53 -38.38
C ALA N 386 19.85 9.35 -38.67
N CYS N 387 19.84 10.08 -39.78
CA CYS N 387 20.97 10.92 -40.17
C CYS N 387 20.64 12.37 -39.86
N VAL N 388 20.93 12.78 -38.63
CA VAL N 388 20.88 14.20 -38.28
C VAL N 388 22.01 14.96 -38.95
N SER N 389 22.97 14.24 -39.54
CA SER N 389 24.22 14.78 -40.08
C SER N 389 25.17 15.19 -38.98
N VAL N 390 25.10 14.52 -37.83
CA VAL N 390 26.04 14.80 -36.75
C VAL N 390 27.40 14.20 -37.06
N HIS N 391 27.44 13.10 -37.81
CA HIS N 391 28.68 12.38 -38.06
C HIS N 391 29.25 12.63 -39.45
N GLY N 392 28.47 13.14 -40.39
CA GLY N 392 29.03 13.52 -41.67
C GLY N 392 29.58 12.35 -42.43
N ALA N 393 30.78 12.52 -42.99
CA ALA N 393 31.38 11.52 -43.85
C ALA N 393 32.26 10.53 -43.11
N ASN N 394 32.36 10.65 -41.78
CA ASN N 394 33.20 9.75 -40.99
C ASN N 394 32.81 9.92 -39.54
N ARG N 395 32.55 8.81 -38.86
CA ARG N 395 32.11 8.84 -37.47
C ARG N 395 33.33 8.80 -36.56
N LEU N 396 33.51 9.83 -35.75
CA LEU N 396 34.52 9.80 -34.71
C LEU N 396 34.06 8.89 -33.58
N GLY N 397 34.98 8.10 -33.03
CA GLY N 397 34.61 7.11 -32.03
C GLY N 397 34.04 7.73 -30.78
N THR N 398 33.39 6.88 -29.99
CA THR N 398 32.75 7.21 -28.71
C THR N 398 31.73 8.31 -28.80
N ASN N 399 31.27 8.66 -30.01
CA ASN N 399 30.27 9.70 -30.17
C ASN N 399 28.86 9.16 -30.41
N SER N 400 28.71 7.87 -30.71
CA SER N 400 27.39 7.38 -31.13
C SER N 400 26.54 6.93 -29.96
N LEU N 401 27.14 6.48 -28.86
CA LEU N 401 26.37 6.32 -27.63
C LEU N 401 25.85 7.67 -27.16
N LEU N 402 26.69 8.71 -27.28
CA LEU N 402 26.24 10.08 -27.09
C LEU N 402 25.08 10.43 -28.00
N ASP N 403 25.23 10.15 -29.29
CA ASP N 403 24.19 10.45 -30.27
C ASP N 403 22.87 9.81 -29.86
N ILE N 404 22.89 8.52 -29.57
CA ILE N 404 21.65 7.83 -29.26
C ILE N 404 21.04 8.39 -27.99
N ASN N 405 21.85 8.64 -26.97
CA ASN N 405 21.31 9.21 -25.74
C ASN N 405 20.64 10.55 -26.01
N VAL N 406 21.42 11.52 -26.50
CA VAL N 406 20.91 12.88 -26.71
C VAL N 406 19.68 12.88 -27.60
N PHE N 407 19.78 12.26 -28.78
CA PHE N 407 18.72 12.43 -29.77
C PHE N 407 17.53 11.52 -29.50
N GLY N 408 17.71 10.34 -28.92
CA GLY N 408 16.57 9.59 -28.47
C GLY N 408 15.82 10.29 -27.36
N ARG N 409 16.55 10.97 -26.46
CA ARG N 409 15.90 11.74 -25.41
C ARG N 409 15.08 12.87 -26.00
N ARG N 410 15.70 13.67 -26.88
CA ARG N 410 15.01 14.79 -27.49
C ARG N 410 13.82 14.32 -28.31
N ALA N 411 13.98 13.24 -29.09
CA ALA N 411 12.89 12.74 -29.92
C ALA N 411 11.78 12.14 -29.07
N GLY N 412 12.12 11.54 -27.93
CA GLY N 412 11.09 11.02 -27.05
C GLY N 412 10.23 12.12 -26.47
N ILE N 413 10.88 13.16 -25.92
CA ILE N 413 10.06 14.25 -25.37
C ILE N 413 9.37 15.04 -26.47
N ALA N 414 9.91 15.06 -27.69
CA ALA N 414 9.24 15.75 -28.78
C ALA N 414 8.00 14.99 -29.24
N ALA N 415 8.11 13.66 -29.35
CA ALA N 415 6.94 12.87 -29.66
C ALA N 415 5.91 12.99 -28.55
N ALA N 416 6.36 13.10 -27.30
CA ALA N 416 5.42 13.32 -26.21
C ALA N 416 4.67 14.63 -26.38
N GLU N 417 5.40 15.71 -26.70
CA GLU N 417 4.75 16.99 -26.90
C GLU N 417 3.73 16.92 -28.02
N TYR N 418 4.13 16.37 -29.17
CA TYR N 418 3.21 16.30 -30.30
C TYR N 418 2.00 15.45 -29.97
N ALA N 419 2.18 14.39 -29.18
CA ALA N 419 1.06 13.53 -28.84
C ALA N 419 0.10 14.22 -27.88
N GLN N 420 0.65 14.99 -26.92
CA GLN N 420 -0.23 15.70 -26.00
C GLN N 420 -0.95 16.85 -26.67
N ASN N 421 -0.31 17.48 -27.67
CA ASN N 421 -0.96 18.60 -28.35
C ASN N 421 -2.01 18.12 -29.35
N HIS N 422 -1.58 17.38 -30.38
CA HIS N 422 -2.50 17.03 -31.45
C HIS N 422 -3.39 15.86 -31.02
N ASN N 423 -4.17 15.33 -31.94
CA ASN N 423 -4.96 14.14 -31.69
C ASN N 423 -5.14 13.36 -32.99
N PHE N 424 -5.91 12.28 -32.90
CA PHE N 424 -5.94 11.26 -33.93
C PHE N 424 -6.45 11.82 -35.26
N VAL N 425 -6.27 11.02 -36.31
CA VAL N 425 -6.63 11.48 -37.64
C VAL N 425 -7.70 10.59 -38.27
N ASP N 426 -7.40 9.31 -38.47
CA ASP N 426 -8.31 8.45 -39.22
C ASP N 426 -7.83 7.01 -39.12
N MET N 427 -8.50 6.13 -39.86
CA MET N 427 -8.13 4.72 -39.95
C MET N 427 -8.61 4.20 -41.29
N PRO N 428 -7.74 4.11 -42.30
CA PRO N 428 -8.18 3.69 -43.63
C PRO N 428 -8.71 2.26 -43.63
N GLU N 429 -9.37 1.93 -44.73
CA GLU N 429 -10.00 0.61 -44.89
C GLU N 429 -8.92 -0.43 -45.16
N ASN N 430 -8.75 -1.35 -44.21
CA ASN N 430 -7.79 -2.45 -44.31
C ASN N 430 -6.40 -1.93 -44.67
N PRO N 431 -5.72 -1.25 -43.74
CA PRO N 431 -4.41 -0.69 -44.07
C PRO N 431 -3.30 -1.72 -44.17
N ALA N 432 -3.58 -2.98 -43.84
CA ALA N 432 -2.57 -4.03 -43.78
C ALA N 432 -2.74 -5.06 -44.89
N GLU N 433 -3.56 -4.77 -45.90
CA GLU N 433 -3.74 -5.72 -46.98
C GLU N 433 -2.45 -5.91 -47.77
N MET N 434 -1.62 -4.86 -47.84
CA MET N 434 -0.31 -5.02 -48.47
C MET N 434 0.51 -6.06 -47.74
N VAL N 435 0.55 -5.97 -46.40
CA VAL N 435 1.34 -6.92 -45.62
C VAL N 435 0.77 -8.32 -45.76
N VAL N 436 -0.56 -8.44 -45.75
CA VAL N 436 -1.17 -9.76 -45.85
C VAL N 436 -0.87 -10.39 -47.20
N GLY N 437 -0.98 -9.61 -48.28
CA GLY N 437 -0.63 -10.14 -49.59
C GLY N 437 0.84 -10.47 -49.72
N TRP N 438 1.71 -9.66 -49.10
CA TRP N 438 3.14 -9.93 -49.10
C TRP N 438 3.44 -11.27 -48.45
N VAL N 439 2.88 -11.50 -47.26
CA VAL N 439 3.10 -12.75 -46.55
C VAL N 439 2.55 -13.93 -47.36
N GLY N 440 1.33 -13.78 -47.87
CA GLY N 440 0.75 -14.86 -48.66
C GLY N 440 1.55 -15.16 -49.92
N ASP N 441 2.12 -14.13 -50.53
CA ASP N 441 2.90 -14.33 -51.75
C ASP N 441 4.20 -15.03 -51.45
N ILE N 442 4.86 -14.66 -50.35
CA ILE N 442 6.10 -15.34 -49.99
C ILE N 442 5.83 -16.80 -49.65
N LEU N 443 4.77 -17.06 -48.88
CA LEU N 443 4.50 -18.44 -48.45
C LEU N 443 4.02 -19.30 -49.61
N SER N 444 3.03 -18.82 -50.37
CA SER N 444 2.28 -19.65 -51.31
C SER N 444 2.93 -19.56 -52.70
N GLU N 445 4.13 -20.13 -52.81
CA GLU N 445 4.84 -20.30 -54.07
C GLU N 445 6.07 -21.14 -53.80
N HIS N 446 6.79 -21.50 -54.87
CA HIS N 446 8.01 -22.29 -54.75
C HIS N 446 8.96 -21.84 -55.86
N GLY N 447 10.15 -22.41 -55.86
CA GLY N 447 11.14 -22.07 -56.86
C GLY N 447 12.41 -22.87 -56.63
N ASN N 448 13.46 -22.47 -57.33
CA ASN N 448 14.76 -23.10 -57.21
C ASN N 448 15.79 -22.22 -56.52
N GLU N 449 15.53 -20.92 -56.38
CA GLU N 449 16.47 -20.05 -55.68
C GLU N 449 16.42 -20.30 -54.18
N ARG N 450 17.44 -19.80 -53.49
CA ARG N 450 17.59 -20.00 -52.06
C ARG N 450 17.85 -18.66 -51.39
N VAL N 451 17.18 -18.42 -50.26
CA VAL N 451 17.37 -17.16 -49.54
C VAL N 451 18.83 -16.99 -49.14
N ALA N 452 19.42 -18.04 -48.56
CA ALA N 452 20.81 -17.96 -48.14
C ALA N 452 21.74 -17.81 -49.33
N ASP N 453 21.40 -18.41 -50.45
CA ASP N 453 22.21 -18.29 -51.66
C ASP N 453 22.24 -16.84 -52.14
N ILE N 454 21.06 -16.22 -52.25
CA ILE N 454 20.98 -14.85 -52.72
C ILE N 454 21.67 -13.91 -51.74
N ARG N 455 21.47 -14.13 -50.44
CA ARG N 455 22.09 -13.26 -49.45
C ARG N 455 23.61 -13.39 -49.47
N GLY N 456 24.13 -14.61 -49.61
CA GLY N 456 25.56 -14.77 -49.71
C GLY N 456 26.15 -14.12 -50.94
N ALA N 457 25.47 -14.26 -52.08
CA ALA N 457 25.97 -13.61 -53.29
C ALA N 457 25.93 -12.09 -53.17
N LEU N 458 24.85 -11.56 -52.59
CA LEU N 458 24.76 -10.13 -52.34
C LEU N 458 25.90 -9.64 -51.46
N GLN N 459 26.14 -10.33 -50.35
CA GLN N 459 27.17 -9.89 -49.42
C GLN N 459 28.55 -9.96 -50.06
N GLN N 460 28.82 -11.02 -50.81
CA GLN N 460 30.10 -11.11 -51.50
C GLN N 460 30.28 -9.96 -52.47
N SER N 461 29.33 -9.77 -53.38
CA SER N 461 29.43 -8.69 -54.36
C SER N 461 29.58 -7.34 -53.68
N MET N 462 28.81 -7.09 -52.63
CA MET N 462 28.88 -5.82 -51.94
C MET N 462 30.25 -5.59 -51.33
N ASP N 463 30.70 -6.50 -50.47
CA ASP N 463 31.91 -6.19 -49.73
C ASP N 463 33.16 -6.34 -50.59
N ASN N 464 33.05 -6.89 -51.80
CA ASN N 464 34.22 -6.90 -52.66
C ASN N 464 34.15 -5.89 -53.81
N ASN N 465 33.01 -5.20 -53.99
CA ASN N 465 32.93 -4.13 -54.98
C ASN N 465 32.71 -2.77 -54.33
N ALA N 466 31.65 -2.59 -53.55
CA ALA N 466 31.37 -1.33 -52.89
C ALA N 466 31.86 -1.38 -51.45
N ALA N 467 33.17 -1.28 -51.30
CA ALA N 467 33.84 -1.35 -50.01
C ALA N 467 34.92 -0.28 -50.00
N VAL N 468 35.89 -0.42 -49.10
CA VAL N 468 36.96 0.56 -48.93
C VAL N 468 37.58 0.95 -50.27
N PHE N 469 37.54 0.05 -51.24
CA PHE N 469 38.05 0.33 -52.58
C PHE N 469 36.87 0.50 -53.53
N ARG N 470 36.76 1.68 -54.15
CA ARG N 470 35.68 1.97 -55.09
C ARG N 470 36.26 2.57 -56.36
N THR N 471 35.87 2.01 -57.50
CA THR N 471 36.05 2.64 -58.80
C THR N 471 34.71 2.53 -59.53
N GLU N 472 34.50 3.39 -60.53
CA GLU N 472 33.16 3.47 -61.11
C GLU N 472 32.79 2.19 -61.83
N GLU N 473 33.74 1.56 -62.52
CA GLU N 473 33.45 0.30 -63.18
C GLU N 473 33.13 -0.78 -62.15
N THR N 474 33.88 -0.81 -61.05
CA THR N 474 33.60 -1.73 -59.96
C THR N 474 32.18 -1.55 -59.45
N LEU N 475 31.78 -0.31 -59.19
CA LEU N 475 30.47 -0.09 -58.62
C LEU N 475 29.36 -0.33 -59.64
N LYS N 476 29.62 -0.15 -60.93
CA LYS N 476 28.53 -0.41 -61.88
C LYS N 476 28.35 -1.91 -62.10
N GLN N 477 29.44 -2.68 -62.07
CA GLN N 477 29.27 -4.13 -62.12
C GLN N 477 28.60 -4.63 -60.83
N ALA N 478 28.89 -3.99 -59.70
CA ALA N 478 28.17 -4.31 -58.48
C ALA N 478 26.69 -3.98 -58.60
N LEU N 479 26.38 -2.86 -59.27
CA LEU N 479 24.99 -2.47 -59.42
C LEU N 479 24.23 -3.45 -60.31
N THR N 480 24.86 -3.90 -61.40
CA THR N 480 24.16 -4.85 -62.26
C THR N 480 24.05 -6.22 -61.59
N ASP N 481 25.00 -6.59 -60.73
CA ASP N 481 24.86 -7.85 -60.02
C ASP N 481 23.77 -7.75 -58.95
N ILE N 482 23.65 -6.60 -58.31
CA ILE N 482 22.54 -6.40 -57.36
C ILE N 482 21.22 -6.40 -58.10
N HIS N 483 21.21 -5.92 -59.34
CA HIS N 483 20.03 -6.09 -60.19
C HIS N 483 19.74 -7.57 -60.42
N ALA N 484 20.79 -8.36 -60.71
CA ALA N 484 20.62 -9.79 -60.95
C ALA N 484 19.97 -10.48 -59.75
N LEU N 485 20.50 -10.19 -58.55
CA LEU N 485 19.90 -10.75 -57.34
C LEU N 485 18.53 -10.16 -57.07
N LYS N 486 18.27 -8.92 -57.48
CA LYS N 486 16.95 -8.33 -57.30
C LYS N 486 15.90 -9.05 -58.13
N GLU N 487 16.28 -9.56 -59.30
CA GLU N 487 15.28 -10.35 -60.02
C GLU N 487 15.27 -11.81 -59.58
N ARG N 488 16.39 -12.34 -59.08
CA ARG N 488 16.39 -13.69 -58.53
C ARG N 488 15.53 -13.78 -57.28
N TYR N 489 15.40 -12.67 -56.55
CA TYR N 489 14.67 -12.70 -55.29
C TYR N 489 13.19 -12.97 -55.49
N SER N 490 12.65 -12.67 -56.67
CA SER N 490 11.20 -12.78 -56.86
C SER N 490 10.72 -14.22 -56.87
N ARG N 491 11.62 -15.19 -56.98
CA ARG N 491 11.25 -16.61 -56.95
C ARG N 491 12.16 -17.34 -55.97
N ILE N 492 11.78 -17.32 -54.70
CA ILE N 492 12.53 -18.03 -53.66
C ILE N 492 11.62 -19.03 -52.98
N THR N 493 12.15 -19.76 -52.01
CA THR N 493 11.41 -20.80 -51.31
C THR N 493 11.55 -20.63 -49.81
N VAL N 494 10.44 -20.68 -49.11
CA VAL N 494 10.46 -20.93 -47.67
C VAL N 494 10.10 -22.41 -47.49
N HIS N 495 10.79 -23.06 -46.55
CA HIS N 495 10.73 -24.51 -46.46
C HIS N 495 9.91 -24.99 -45.27
N ASP N 496 9.19 -24.10 -44.59
CA ASP N 496 8.33 -24.51 -43.48
C ASP N 496 6.86 -24.26 -43.75
N LYS N 497 6.51 -23.09 -44.29
CA LYS N 497 5.12 -22.71 -44.54
C LYS N 497 4.25 -22.76 -43.28
N GLY N 498 4.88 -22.80 -42.11
CA GLY N 498 4.15 -22.83 -40.87
C GLY N 498 3.59 -21.48 -40.50
N LYS N 499 3.04 -21.40 -39.30
CA LYS N 499 2.45 -20.17 -38.78
C LYS N 499 2.83 -19.84 -37.36
N ARG N 500 3.22 -20.83 -36.54
CA ARG N 500 3.50 -20.57 -35.13
C ARG N 500 4.81 -19.80 -34.97
N TYR N 501 5.93 -20.41 -35.35
CA TYR N 501 7.24 -19.75 -35.38
C TYR N 501 7.80 -19.91 -36.78
N ASN N 502 7.84 -18.82 -37.54
CA ASN N 502 8.37 -18.85 -38.89
C ASN N 502 9.60 -17.97 -38.93
N SER N 503 10.75 -18.57 -39.21
CA SER N 503 12.01 -17.83 -39.28
C SER N 503 12.49 -17.62 -40.69
N ASP N 504 12.24 -18.57 -41.60
CA ASP N 504 12.64 -18.38 -42.99
C ASP N 504 11.78 -17.33 -43.68
N LEU N 505 10.51 -17.22 -43.29
CA LEU N 505 9.67 -16.14 -43.80
C LEU N 505 10.31 -14.79 -43.51
N LEU N 506 10.75 -14.60 -42.27
CA LEU N 506 11.38 -13.34 -41.91
C LEU N 506 12.74 -13.20 -42.57
N GLU N 507 13.47 -14.30 -42.78
CA GLU N 507 14.71 -14.21 -43.52
C GLU N 507 14.48 -13.67 -44.92
N ALA N 508 13.42 -14.12 -45.58
CA ALA N 508 13.12 -13.63 -46.93
C ALA N 508 12.69 -12.17 -46.91
N ILE N 509 11.79 -11.83 -45.98
CA ILE N 509 11.38 -10.43 -45.86
C ILE N 509 12.58 -9.52 -45.64
N GLU N 510 13.59 -9.99 -44.89
CA GLU N 510 14.73 -9.14 -44.61
C GLU N 510 15.71 -9.12 -45.78
N LEU N 511 15.80 -10.22 -46.54
CA LEU N 511 16.61 -10.18 -47.75
C LEU N 511 16.07 -9.14 -48.72
N GLY N 512 14.76 -8.93 -48.73
CA GLY N 512 14.21 -7.82 -49.50
C GLY N 512 14.82 -6.47 -49.17
N PHE N 513 14.75 -6.10 -47.89
CA PHE N 513 15.27 -4.81 -47.47
C PHE N 513 16.77 -4.72 -47.68
N LEU N 514 17.48 -5.84 -47.51
CA LEU N 514 18.92 -5.84 -47.75
C LEU N 514 19.21 -5.49 -49.21
N LEU N 515 18.46 -6.07 -50.14
CA LEU N 515 18.64 -5.74 -51.55
C LEU N 515 18.38 -4.27 -51.80
N GLU N 516 17.27 -3.75 -51.27
CA GLU N 516 16.94 -2.33 -51.46
C GLU N 516 18.08 -1.43 -51.00
N LEU N 517 18.48 -1.57 -49.73
CA LEU N 517 19.51 -0.68 -49.20
C LEU N 517 20.83 -0.85 -49.92
N ALA N 518 21.14 -2.06 -50.39
CA ALA N 518 22.38 -2.25 -51.14
C ALA N 518 22.36 -1.46 -52.44
N GLU N 519 21.23 -1.48 -53.14
CA GLU N 519 21.15 -0.70 -54.37
C GLU N 519 21.27 0.79 -54.08
N VAL N 520 20.63 1.26 -53.02
CA VAL N 520 20.73 2.68 -52.65
C VAL N 520 22.19 3.07 -52.44
N THR N 521 22.89 2.31 -51.59
CA THR N 521 24.28 2.60 -51.30
C THR N 521 25.12 2.65 -52.56
N VAL N 522 24.98 1.63 -53.42
CA VAL N 522 25.90 1.54 -54.56
C VAL N 522 25.63 2.66 -55.55
N VAL N 523 24.35 3.02 -55.77
CA VAL N 523 24.08 4.07 -56.75
C VAL N 523 24.55 5.43 -56.22
N GLY N 524 24.34 5.70 -54.93
CA GLY N 524 24.83 6.95 -54.38
C GLY N 524 26.34 7.07 -54.47
N ALA N 525 27.04 5.99 -54.11
CA ALA N 525 28.50 6.02 -54.15
C ALA N 525 29.01 6.09 -55.58
N LEU N 526 28.23 5.60 -56.54
CA LEU N 526 28.60 5.79 -57.94
C LEU N 526 28.50 7.25 -58.35
N ASN N 527 27.44 7.93 -57.92
CA ASN N 527 27.25 9.32 -58.32
C ASN N 527 28.10 10.32 -57.51
N ARG N 528 28.68 9.92 -56.39
CA ARG N 528 29.56 10.83 -55.64
C ARG N 528 30.99 10.65 -56.16
N LYS N 529 31.43 11.59 -57.00
CA LYS N 529 32.75 11.52 -57.63
C LYS N 529 33.81 12.27 -56.82
N GLU N 530 33.92 11.95 -55.53
CA GLU N 530 34.87 12.59 -54.64
C GLU N 530 35.42 11.53 -53.69
N SER N 531 36.12 11.97 -52.64
CA SER N 531 36.66 11.04 -51.65
C SER N 531 36.68 11.75 -50.30
N ARG N 532 35.63 11.55 -49.51
CA ARG N 532 35.48 12.22 -48.21
C ARG N 532 35.33 11.17 -47.12
N GLY N 533 36.40 10.92 -46.38
CA GLY N 533 36.35 10.06 -45.22
C GLY N 533 36.06 8.60 -45.54
N GLY N 534 34.85 8.14 -45.19
CA GLY N 534 34.48 6.77 -45.46
C GLY N 534 34.46 6.45 -46.94
N HIS N 535 34.02 7.40 -47.75
CA HIS N 535 34.07 7.23 -49.19
C HIS N 535 35.51 7.28 -49.69
N ALA N 536 35.79 6.56 -50.76
CA ALA N 536 37.13 6.56 -51.34
C ALA N 536 37.00 6.19 -52.81
N ARG N 537 37.10 7.17 -53.70
CA ARG N 537 37.05 6.94 -55.13
C ARG N 537 38.48 6.98 -55.66
N GLU N 538 38.98 5.82 -56.11
CA GLU N 538 40.32 5.79 -56.69
C GLU N 538 40.37 6.58 -57.99
N ASP N 539 39.29 6.51 -58.78
CA ASP N 539 39.25 7.26 -60.03
C ASP N 539 39.36 8.76 -59.79
N TYR N 540 38.79 9.25 -58.69
CA TYR N 540 38.80 10.67 -58.35
C TYR N 540 39.31 10.82 -56.91
N PRO N 541 40.63 10.71 -56.70
CA PRO N 541 41.20 10.71 -55.34
C PRO N 541 41.47 12.11 -54.81
N ASN N 542 40.41 12.90 -54.70
CA ASN N 542 40.49 14.24 -54.16
C ASN N 542 39.27 14.47 -53.26
N ARG N 543 39.03 15.71 -52.89
CA ARG N 543 37.82 16.09 -52.15
C ARG N 543 37.18 17.23 -52.91
N ASP N 544 36.31 16.87 -53.86
CA ASP N 544 35.60 17.87 -54.62
C ASP N 544 34.52 18.51 -53.75
N ASP N 545 34.94 19.40 -52.84
CA ASP N 545 33.98 20.11 -52.02
C ASP N 545 33.14 21.06 -52.86
N THR N 546 33.78 21.76 -53.80
CA THR N 546 33.11 22.72 -54.67
C THR N 546 31.96 22.12 -55.46
N ASN N 547 31.88 20.79 -55.53
CA ASN N 547 30.81 20.11 -56.24
C ASN N 547 29.97 19.22 -55.35
N TYR N 548 30.53 18.71 -54.26
CA TYR N 548 29.84 17.73 -53.42
C TYR N 548 30.03 18.03 -51.95
N MET N 549 29.94 19.30 -51.55
CA MET N 549 29.69 19.60 -50.14
C MET N 549 28.18 19.73 -49.92
N ARG N 550 27.49 18.66 -50.25
CA ARG N 550 26.06 18.54 -50.08
C ARG N 550 25.73 17.09 -49.76
N HIS N 551 24.69 16.88 -48.98
CA HIS N 551 24.30 15.53 -48.60
C HIS N 551 23.51 14.90 -49.74
N THR N 552 24.06 13.84 -50.34
CA THR N 552 23.34 13.13 -51.38
C THR N 552 22.11 12.45 -50.79
N MET N 553 21.01 12.47 -51.53
CA MET N 553 19.72 12.08 -50.96
C MET N 553 18.90 11.36 -52.03
N ALA N 554 18.34 10.20 -51.67
CA ALA N 554 17.74 9.31 -52.65
C ALA N 554 16.24 9.14 -52.41
N TYR N 555 15.48 9.13 -53.50
CA TYR N 555 14.03 8.95 -53.50
C TYR N 555 13.66 7.74 -54.33
N LYS N 556 12.72 6.93 -53.82
CA LYS N 556 12.16 5.82 -54.56
C LYS N 556 11.06 6.31 -55.49
N GLN N 557 10.89 5.59 -56.61
CA GLN N 557 9.89 5.96 -57.62
C GLN N 557 8.74 4.96 -57.70
N GLY N 558 9.04 3.68 -57.90
CA GLY N 558 8.02 2.65 -58.01
C GLY N 558 7.51 2.22 -56.65
N THR N 559 6.97 1.01 -56.60
CA THR N 559 6.53 0.43 -55.34
C THR N 559 7.05 -0.98 -55.08
N ASP N 560 7.24 -1.80 -56.10
CA ASP N 560 7.78 -3.13 -55.86
C ASP N 560 9.30 -3.13 -56.01
N LEU N 561 9.87 -4.34 -56.01
CA LEU N 561 11.27 -4.51 -55.63
C LEU N 561 12.21 -3.67 -56.49
N LEU N 562 12.24 -3.91 -57.79
CA LEU N 562 13.20 -3.26 -58.67
C LEU N 562 12.56 -2.06 -59.36
N SER N 563 13.19 -0.90 -59.19
CA SER N 563 12.76 0.36 -59.80
C SER N 563 13.85 1.39 -59.60
N ASP N 564 14.11 2.18 -60.65
CA ASP N 564 15.13 3.21 -60.57
C ASP N 564 14.75 4.24 -59.50
N ILE N 565 15.77 4.95 -59.01
CA ILE N 565 15.60 5.92 -57.93
C ILE N 565 16.34 7.20 -58.30
N ARG N 566 15.86 8.31 -57.74
CA ARG N 566 16.38 9.64 -58.08
C ARG N 566 17.27 10.16 -56.97
N LEU N 567 18.26 10.97 -57.34
CA LEU N 567 19.21 11.56 -56.41
C LEU N 567 19.10 13.09 -56.49
N ASP N 568 18.83 13.71 -55.34
CA ASP N 568 18.98 15.14 -55.17
C ASP N 568 20.04 15.39 -54.10
N TYR N 569 20.19 16.66 -53.71
CA TYR N 569 21.15 17.03 -52.69
C TYR N 569 20.45 17.82 -51.60
N LYS N 570 21.13 17.90 -50.46
CA LYS N 570 20.69 18.71 -49.33
C LYS N 570 21.82 19.65 -48.94
N PRO N 571 21.51 20.94 -48.73
CA PRO N 571 22.56 21.92 -48.42
C PRO N 571 23.10 21.71 -47.01
N VAL N 572 24.41 21.52 -46.91
CA VAL N 572 25.07 21.42 -45.62
C VAL N 572 25.15 22.80 -45.00
N VAL N 573 24.97 22.87 -43.67
CA VAL N 573 25.09 24.15 -42.98
C VAL N 573 26.55 24.37 -42.59
N GLN N 574 26.98 25.63 -42.62
CA GLN N 574 28.33 26.00 -42.21
C GLN N 574 28.23 27.19 -41.27
N THR N 575 28.74 27.03 -40.06
CA THR N 575 28.55 28.05 -39.02
C THR N 575 29.86 28.71 -38.60
N ARG N 576 30.85 27.94 -38.15
CA ARG N 576 32.00 28.55 -37.48
C ARG N 576 33.34 27.93 -37.85
N TYR N 577 33.42 27.10 -38.88
CA TYR N 577 34.66 26.41 -39.20
C TYR N 577 34.92 26.46 -40.70
N GLU N 578 36.18 26.24 -41.07
CA GLU N 578 36.62 26.31 -42.44
C GLU N 578 37.23 24.99 -42.87
N PRO N 579 36.85 24.45 -44.03
CA PRO N 579 37.48 23.21 -44.50
C PRO N 579 38.96 23.42 -44.80
N MET N 580 39.82 22.77 -44.02
CA MET N 580 41.25 22.96 -44.15
C MET N 580 42.02 21.64 -44.08
N GLU N 581 41.34 20.53 -44.36
CA GLU N 581 41.99 19.23 -44.32
C GLU N 581 42.85 19.01 -45.56
N ALA O 23 37.54 -30.19 -43.59
CA ALA O 23 36.23 -30.59 -43.09
C ALA O 23 36.31 -31.87 -42.28
N VAL O 24 35.39 -32.03 -41.32
CA VAL O 24 35.34 -33.24 -40.52
C VAL O 24 33.98 -33.94 -40.60
N MET O 25 32.91 -33.24 -40.94
CA MET O 25 31.58 -33.82 -41.06
C MET O 25 31.10 -34.44 -39.75
N VAL O 26 30.92 -33.58 -38.75
CA VAL O 26 30.36 -33.96 -37.46
C VAL O 26 28.88 -34.20 -37.66
N THR O 27 28.22 -34.78 -36.66
CA THR O 27 26.78 -34.95 -36.70
C THR O 27 26.13 -34.33 -35.47
N LEU O 28 24.96 -33.74 -35.69
CA LEU O 28 24.19 -33.08 -34.65
C LEU O 28 22.91 -33.85 -34.42
N LYS O 29 22.47 -33.92 -33.17
CA LYS O 29 21.21 -34.57 -32.80
C LYS O 29 20.38 -33.53 -32.06
N ILE O 30 19.35 -33.01 -32.73
CA ILE O 30 18.58 -31.89 -32.23
C ILE O 30 17.24 -32.42 -31.76
N ALA O 31 16.84 -32.02 -30.55
CA ALA O 31 15.53 -32.39 -30.02
C ALA O 31 14.48 -31.48 -30.64
N ARG O 32 13.79 -32.00 -31.66
CA ARG O 32 12.77 -31.25 -32.36
C ARG O 32 11.42 -31.35 -31.67
N PHE O 33 10.64 -30.28 -31.79
CA PHE O 33 9.29 -30.24 -31.24
C PHE O 33 8.49 -29.23 -32.02
N ASN O 34 7.43 -29.67 -32.68
CA ASN O 34 6.62 -28.79 -33.51
C ASN O 34 5.31 -28.47 -32.80
N PRO O 35 4.99 -27.20 -32.58
CA PRO O 35 3.83 -26.84 -31.74
C PRO O 35 2.52 -26.82 -32.51
N GLU O 36 2.29 -27.84 -33.33
CA GLU O 36 1.08 -27.91 -34.14
C GLU O 36 0.62 -29.36 -34.25
N ASN O 37 -0.36 -29.62 -35.11
CA ASN O 37 -0.88 -30.98 -35.28
C ASN O 37 0.22 -32.03 -35.40
N PRO O 38 1.33 -31.82 -36.12
CA PRO O 38 2.40 -32.81 -36.09
C PRO O 38 3.21 -32.77 -34.80
N ASP O 39 2.55 -33.00 -33.66
CA ASP O 39 3.27 -33.08 -32.40
C ASP O 39 4.05 -34.38 -32.31
N ALA O 40 5.13 -34.48 -33.09
CA ALA O 40 6.07 -35.60 -33.01
C ALA O 40 7.42 -35.02 -32.59
N ALA O 41 7.58 -34.85 -31.29
CA ALA O 41 8.85 -34.39 -30.73
C ALA O 41 9.85 -35.52 -30.79
N GLY O 42 10.96 -35.30 -31.49
CA GLY O 42 11.90 -36.38 -31.68
C GLY O 42 13.35 -35.95 -31.59
N TRP O 43 14.27 -36.83 -31.96
CA TRP O 43 15.69 -36.53 -31.98
C TRP O 43 16.15 -36.68 -33.43
N GLN O 44 16.11 -35.59 -34.17
CA GLN O 44 16.49 -35.63 -35.58
C GLN O 44 17.97 -35.32 -35.71
N SER O 45 18.67 -36.13 -36.50
CA SER O 45 20.12 -36.00 -36.62
C SER O 45 20.48 -35.54 -38.02
N PHE O 46 21.37 -34.55 -38.08
CA PHE O 46 21.92 -34.01 -39.31
C PHE O 46 23.43 -34.24 -39.34
N ARG O 47 24.03 -34.06 -40.50
CA ARG O 47 25.47 -34.20 -40.67
C ARG O 47 26.01 -32.95 -41.35
N VAL O 48 26.94 -32.27 -40.69
CA VAL O 48 27.40 -30.95 -41.11
C VAL O 48 28.91 -31.00 -41.27
N PRO O 49 29.46 -30.25 -42.21
CA PRO O 49 30.91 -30.05 -42.22
C PRO O 49 31.34 -29.29 -40.98
N CYS O 50 32.66 -29.32 -40.72
CA CYS O 50 33.18 -28.64 -39.56
C CYS O 50 34.65 -28.29 -39.82
N LEU O 51 34.91 -27.05 -40.19
CA LEU O 51 36.26 -26.56 -40.16
C LEU O 51 36.64 -26.24 -38.72
N PRO O 52 37.93 -26.25 -38.39
CA PRO O 52 38.33 -25.96 -37.00
C PRO O 52 37.95 -24.56 -36.55
N SER O 53 37.76 -23.62 -37.46
CA SER O 53 37.33 -22.27 -37.10
C SER O 53 35.81 -22.12 -37.20
N ASP O 54 35.08 -23.03 -36.59
CA ASP O 54 33.62 -22.98 -36.56
C ASP O 54 33.13 -22.95 -35.13
N ARG O 55 31.82 -22.81 -34.98
CA ARG O 55 31.17 -22.89 -33.68
C ARG O 55 29.81 -23.52 -33.87
N LEU O 56 29.17 -23.84 -32.76
CA LEU O 56 27.85 -24.45 -32.88
C LEU O 56 26.88 -23.53 -33.58
N LEU O 57 27.06 -22.22 -33.47
CA LEU O 57 26.17 -21.33 -34.18
C LEU O 57 26.38 -21.44 -35.68
N ASN O 58 27.61 -21.56 -36.13
CA ASN O 58 27.85 -21.74 -37.56
C ASN O 58 27.26 -23.05 -38.05
N LEU O 59 27.36 -24.11 -37.25
CA LEU O 59 26.81 -25.40 -37.68
C LEU O 59 25.28 -25.38 -37.67
N LEU O 60 24.68 -24.74 -36.68
CA LEU O 60 23.23 -24.62 -36.66
C LEU O 60 22.73 -23.76 -37.81
N HIS O 61 23.49 -22.75 -38.20
CA HIS O 61 23.13 -21.96 -39.36
C HIS O 61 23.22 -22.78 -40.62
N TYR O 62 24.25 -23.60 -40.76
CA TYR O 62 24.32 -24.49 -41.91
C TYR O 62 23.09 -25.37 -41.98
N VAL O 63 22.71 -25.98 -40.86
CA VAL O 63 21.54 -26.84 -40.83
C VAL O 63 20.29 -26.06 -41.23
N LYS O 64 20.09 -24.89 -40.64
CA LYS O 64 18.85 -24.14 -40.87
C LYS O 64 18.76 -23.62 -42.28
N TRP O 65 19.87 -23.16 -42.84
CA TRP O 65 19.84 -22.58 -44.18
C TRP O 65 19.76 -23.66 -45.24
N TYR O 66 20.71 -24.58 -45.25
CA TYR O 66 20.84 -25.49 -46.38
C TYR O 66 19.96 -26.73 -46.23
N LEU O 67 20.17 -27.51 -45.17
CA LEU O 67 19.45 -28.77 -45.05
C LEU O 67 17.98 -28.54 -44.69
N ASP O 68 17.74 -28.04 -43.49
CA ASP O 68 16.40 -27.81 -42.98
C ASP O 68 16.01 -26.34 -43.20
N GLY O 69 15.16 -25.82 -42.31
CA GLY O 69 14.50 -24.56 -42.49
C GLY O 69 13.22 -24.58 -41.69
N THR O 70 12.91 -25.75 -41.16
CA THR O 70 11.95 -25.86 -40.06
C THR O 70 12.62 -25.62 -38.71
N LEU O 71 13.95 -25.65 -38.66
CA LEU O 71 14.69 -25.48 -37.41
C LEU O 71 14.67 -24.03 -36.99
N THR O 72 14.23 -23.78 -35.76
CA THR O 72 14.07 -22.44 -35.21
C THR O 72 14.95 -22.30 -33.98
N PHE O 73 15.68 -21.19 -33.88
CA PHE O 73 16.45 -20.87 -32.69
C PHE O 73 16.72 -19.38 -32.68
N ARG O 74 17.14 -18.88 -31.52
CA ARG O 74 17.45 -17.47 -31.33
C ARG O 74 18.95 -17.23 -31.42
N ARG O 75 19.33 -16.15 -32.07
CA ARG O 75 20.71 -15.69 -32.11
C ARG O 75 20.75 -14.28 -32.66
N SER O 76 21.48 -13.38 -32.01
CA SER O 76 21.60 -12.01 -32.50
C SER O 76 23.04 -11.61 -32.77
N CYS O 77 23.91 -11.71 -31.78
CA CYS O 77 25.16 -10.97 -31.78
C CYS O 77 26.30 -11.75 -32.40
N ALA O 78 27.15 -11.04 -33.13
CA ALA O 78 28.35 -11.67 -33.68
C ALA O 78 29.23 -12.14 -32.54
N HIS O 79 29.83 -11.19 -31.79
CA HIS O 79 30.55 -11.60 -30.59
C HIS O 79 30.44 -10.60 -29.45
N GLY O 80 29.49 -9.67 -29.48
CA GLY O 80 29.24 -8.89 -28.30
C GLY O 80 28.05 -9.45 -27.57
N VAL O 81 28.28 -10.26 -26.54
CA VAL O 81 27.29 -11.27 -26.17
C VAL O 81 26.09 -10.65 -25.49
N CYS O 82 24.91 -11.15 -25.86
CA CYS O 82 23.62 -10.70 -25.39
C CYS O 82 22.80 -11.79 -24.69
N GLY O 83 23.16 -13.06 -24.88
CA GLY O 83 22.52 -14.12 -24.13
C GLY O 83 21.33 -14.76 -24.80
N SER O 84 21.29 -14.74 -26.13
CA SER O 84 20.10 -15.18 -26.85
C SER O 84 19.97 -16.70 -26.87
N ASP O 85 21.08 -17.40 -27.04
CA ASP O 85 21.06 -18.78 -27.47
C ASP O 85 21.53 -19.77 -26.42
N ALA O 86 21.03 -19.64 -25.20
CA ALA O 86 21.21 -20.68 -24.20
C ALA O 86 20.62 -21.99 -24.69
N MET O 87 21.39 -23.06 -24.60
CA MET O 87 20.94 -24.38 -25.00
C MET O 87 21.56 -25.40 -24.07
N ARG O 88 20.94 -26.57 -23.96
CA ARG O 88 21.62 -27.74 -23.43
C ARG O 88 22.37 -28.40 -24.56
N ILE O 89 23.69 -28.22 -24.55
CA ILE O 89 24.59 -28.88 -25.46
C ILE O 89 25.32 -29.94 -24.66
N ASN O 90 25.25 -31.19 -25.13
CA ASN O 90 25.94 -32.31 -24.50
C ASN O 90 25.65 -32.38 -23.00
N GLY O 91 24.44 -32.02 -22.61
CA GLY O 91 24.08 -32.08 -21.21
C GLY O 91 24.07 -30.75 -20.49
N VAL O 92 25.02 -29.87 -20.78
CA VAL O 92 25.20 -28.66 -20.00
C VAL O 92 24.60 -27.47 -20.73
N ASN O 93 24.11 -26.49 -19.96
CA ASN O 93 23.72 -25.20 -20.52
C ASN O 93 24.96 -24.47 -21.02
N ARG O 94 24.97 -24.07 -22.29
CA ARG O 94 26.26 -23.68 -22.83
C ARG O 94 26.29 -22.53 -23.84
N LEU O 95 25.18 -21.89 -24.20
CA LEU O 95 25.22 -20.67 -25.02
C LEU O 95 25.92 -20.90 -26.35
N ALA O 96 25.21 -21.62 -27.23
CA ALA O 96 25.78 -22.29 -28.38
C ALA O 96 26.71 -21.44 -29.24
N CYS O 97 26.67 -20.12 -29.13
CA CYS O 97 27.53 -19.33 -29.99
C CYS O 97 28.99 -19.54 -29.67
N LYS O 98 29.31 -20.00 -28.46
CA LYS O 98 30.68 -20.02 -27.97
C LYS O 98 31.06 -21.40 -27.45
N VAL O 99 30.79 -22.44 -28.24
CA VAL O 99 31.30 -23.77 -27.92
C VAL O 99 32.60 -24.07 -28.65
N LEU O 100 33.05 -23.18 -29.52
CA LEU O 100 34.44 -23.10 -29.93
C LEU O 100 34.87 -24.22 -30.87
N MET O 101 34.05 -25.26 -31.00
CA MET O 101 34.17 -26.31 -32.01
C MET O 101 35.61 -26.61 -32.41
N ARG O 102 36.49 -26.71 -31.43
CA ARG O 102 37.79 -27.32 -31.57
C ARG O 102 37.97 -28.47 -30.59
N ASP O 103 36.96 -28.72 -29.76
CA ASP O 103 36.93 -29.85 -28.84
C ASP O 103 36.28 -31.02 -29.57
N MET O 104 37.07 -31.69 -30.39
CA MET O 104 36.59 -32.87 -31.09
C MET O 104 37.35 -34.08 -30.58
N LEU O 105 36.67 -34.88 -29.77
CA LEU O 105 37.31 -36.02 -29.10
C LEU O 105 37.98 -37.03 -30.04
N PRO O 106 37.48 -37.28 -31.27
CA PRO O 106 38.14 -38.27 -32.11
C PRO O 106 39.40 -37.74 -32.78
N LYS O 107 39.96 -36.65 -32.24
CA LYS O 107 41.18 -36.04 -32.77
C LYS O 107 42.26 -37.08 -33.09
N ASN O 108 42.72 -37.81 -32.08
CA ASN O 108 43.69 -38.86 -32.35
C ASN O 108 43.01 -40.09 -32.94
N PRO O 109 42.04 -40.75 -32.24
CA PRO O 109 41.36 -41.90 -32.86
C PRO O 109 40.21 -41.43 -33.74
N ASN O 110 40.38 -41.58 -35.05
CA ASN O 110 39.38 -41.09 -36.00
C ASN O 110 38.07 -41.85 -35.86
N LYS O 111 37.05 -41.17 -35.33
CA LYS O 111 35.75 -41.77 -35.11
C LYS O 111 34.69 -40.69 -35.39
N GLN O 112 33.41 -41.04 -35.26
CA GLN O 112 32.32 -40.14 -35.61
C GLN O 112 31.91 -39.34 -34.38
N LEU O 113 32.14 -38.04 -34.43
CA LEU O 113 31.71 -37.14 -33.38
C LEU O 113 30.21 -36.88 -33.46
N THR O 114 29.60 -36.67 -32.30
CA THR O 114 28.17 -36.40 -32.23
C THR O 114 27.92 -35.35 -31.15
N ILE O 115 27.02 -34.42 -31.43
CA ILE O 115 26.70 -33.33 -30.51
C ILE O 115 25.20 -33.26 -30.33
N THR O 116 24.74 -33.35 -29.09
CA THR O 116 23.31 -33.36 -28.79
C THR O 116 22.88 -31.98 -28.31
N ILE O 117 21.85 -31.43 -28.95
CA ILE O 117 21.38 -30.08 -28.69
C ILE O 117 19.89 -30.14 -28.34
N GLU O 118 19.50 -29.41 -27.30
CA GLU O 118 18.12 -29.42 -26.86
C GLU O 118 17.85 -28.13 -26.11
N PRO O 119 16.59 -27.74 -25.95
CA PRO O 119 16.30 -26.50 -25.23
C PRO O 119 16.61 -26.62 -23.75
N ILE O 120 16.86 -25.47 -23.13
CA ILE O 120 17.21 -25.46 -21.72
C ILE O 120 16.01 -25.91 -20.89
N ARG O 121 16.29 -26.51 -19.74
CA ARG O 121 15.28 -27.14 -18.93
C ARG O 121 14.47 -26.09 -18.17
N GLY O 122 13.48 -26.54 -17.41
CA GLY O 122 12.74 -25.67 -16.53
C GLY O 122 11.64 -24.86 -17.17
N LEU O 123 11.89 -24.36 -18.35
CA LEU O 123 10.96 -23.44 -19.01
C LEU O 123 10.17 -24.17 -20.08
N PRO O 124 8.94 -23.71 -20.36
CA PRO O 124 8.11 -24.39 -21.36
C PRO O 124 8.62 -24.13 -22.77
N VAL O 125 8.82 -25.22 -23.51
CA VAL O 125 9.31 -25.15 -24.88
C VAL O 125 8.20 -24.68 -25.80
N GLU O 126 8.53 -23.82 -26.75
CA GLU O 126 7.56 -23.33 -27.71
C GLU O 126 7.81 -23.86 -29.11
N LYS O 127 9.03 -23.80 -29.60
CA LYS O 127 9.48 -24.63 -30.70
C LYS O 127 10.82 -25.22 -30.29
N ASP O 128 11.45 -25.98 -31.17
CA ASP O 128 12.75 -26.55 -30.83
C ASP O 128 13.74 -25.44 -30.53
N LEU O 129 14.58 -25.66 -29.52
CA LEU O 129 15.62 -24.73 -29.11
C LEU O 129 15.08 -23.35 -28.77
N VAL O 130 13.78 -23.20 -28.58
CA VAL O 130 13.16 -21.92 -28.23
C VAL O 130 12.24 -22.17 -27.04
N VAL O 131 12.54 -21.51 -25.92
CA VAL O 131 11.74 -21.67 -24.73
C VAL O 131 11.00 -20.37 -24.44
N ASN O 132 9.97 -20.49 -23.62
CA ASN O 132 9.13 -19.34 -23.25
C ASN O 132 9.81 -18.62 -22.09
N MET O 133 10.54 -17.55 -22.40
CA MET O 133 11.36 -16.86 -21.40
C MET O 133 10.57 -15.91 -20.54
N GLU O 134 9.26 -15.90 -20.66
CA GLU O 134 8.49 -14.94 -19.89
C GLU O 134 8.38 -15.33 -18.41
N PRO O 135 8.30 -16.60 -18.04
CA PRO O 135 8.44 -16.93 -16.61
C PRO O 135 9.75 -16.47 -16.02
N PHE O 136 10.86 -16.69 -16.73
CA PHE O 136 12.15 -16.20 -16.28
C PHE O 136 12.12 -14.69 -16.09
N PHE O 137 11.59 -13.95 -17.05
CA PHE O 137 11.60 -12.51 -16.94
C PHE O 137 10.60 -12.00 -15.91
N ASP O 138 9.54 -12.75 -15.61
CA ASP O 138 8.65 -12.35 -14.53
C ASP O 138 9.32 -12.53 -13.18
N ALA O 139 10.02 -13.65 -12.98
CA ALA O 139 10.81 -13.80 -11.76
C ALA O 139 11.87 -12.72 -11.65
N TYR O 140 12.40 -12.24 -12.79
CA TYR O 140 13.32 -11.11 -12.75
C TYR O 140 12.62 -9.84 -12.32
N ARG O 141 11.44 -9.56 -12.88
CA ARG O 141 10.64 -8.41 -12.49
C ARG O 141 9.82 -8.72 -11.24
N ALA O 142 10.47 -9.26 -10.22
CA ALA O 142 9.85 -9.43 -8.92
C ALA O 142 10.75 -9.02 -7.78
N VAL O 143 12.03 -8.82 -8.03
CA VAL O 143 12.96 -8.41 -7.00
C VAL O 143 13.23 -6.90 -7.07
N LYS O 144 12.39 -6.16 -7.79
CA LYS O 144 12.54 -4.73 -8.01
C LYS O 144 13.95 -4.43 -8.48
N PRO O 145 14.29 -4.77 -9.71
CA PRO O 145 15.67 -4.64 -10.19
C PRO O 145 15.98 -3.27 -10.78
N PHE O 146 16.09 -2.27 -9.91
CA PHE O 146 16.44 -0.91 -10.31
C PHE O 146 16.97 -0.17 -9.09
N LEU O 147 17.11 1.15 -9.22
CA LEU O 147 17.68 1.97 -8.16
C LEU O 147 16.57 2.77 -7.49
N VAL O 148 16.74 3.00 -6.19
CA VAL O 148 15.77 3.73 -5.38
C VAL O 148 16.54 4.65 -4.44
N THR O 149 16.20 5.95 -4.45
CA THR O 149 16.91 6.91 -3.61
C THR O 149 15.96 7.88 -2.91
N SER O 150 16.52 8.89 -2.25
CA SER O 150 15.72 9.79 -1.43
C SER O 150 14.82 10.68 -2.29
N GLY O 151 15.40 11.42 -3.22
CA GLY O 151 14.58 12.22 -4.12
C GLY O 151 15.13 13.55 -4.58
N ASN O 152 16.23 14.00 -3.97
CA ASN O 152 16.87 15.25 -4.39
C ASN O 152 18.24 14.92 -5.00
N PRO O 153 18.30 14.65 -6.29
CA PRO O 153 19.58 14.30 -6.92
C PRO O 153 20.49 15.51 -6.99
N PRO O 154 21.77 15.35 -6.63
CA PRO O 154 22.70 16.50 -6.65
C PRO O 154 23.06 16.97 -8.05
N THR O 155 22.49 16.37 -9.10
CA THR O 155 22.63 16.81 -10.48
C THR O 155 24.07 16.73 -10.99
N LYS O 156 25.01 16.27 -10.18
CA LYS O 156 26.39 16.18 -10.62
C LYS O 156 27.04 14.89 -10.13
N GLU O 157 26.43 13.74 -10.45
CA GLU O 157 27.11 12.45 -10.33
C GLU O 157 27.43 12.10 -8.88
N ARG O 158 26.39 11.65 -8.17
CA ARG O 158 26.47 11.16 -6.79
C ARG O 158 27.79 10.46 -6.49
N ILE O 159 28.43 10.84 -5.39
CA ILE O 159 29.76 10.35 -5.06
C ILE O 159 29.69 8.91 -4.57
N GLN O 160 30.76 8.16 -4.81
CA GLN O 160 30.88 6.79 -4.31
C GLN O 160 32.32 6.34 -4.49
N SER O 161 32.87 5.69 -3.48
CA SER O 161 34.27 5.34 -3.49
C SER O 161 34.54 4.17 -4.43
N PRO O 162 35.77 4.07 -4.95
CA PRO O 162 36.17 2.87 -5.68
C PRO O 162 36.30 1.63 -4.81
N THR O 163 36.07 1.74 -3.50
CA THR O 163 35.93 0.58 -2.64
C THR O 163 34.49 0.15 -2.48
N ASP O 164 33.55 1.05 -2.72
CA ASP O 164 32.14 0.67 -2.81
C ASP O 164 31.76 0.25 -4.22
N ARG O 165 32.50 0.72 -5.22
CA ARG O 165 32.27 0.26 -6.59
C ARG O 165 32.61 -1.21 -6.72
N ALA O 166 33.71 -1.64 -6.13
CA ALA O 166 34.12 -3.05 -6.22
C ALA O 166 33.26 -3.97 -5.37
N ARG O 167 32.29 -3.44 -4.64
CA ARG O 167 31.44 -4.27 -3.80
C ARG O 167 30.36 -4.97 -4.63
N TYR O 168 29.48 -4.18 -5.25
CA TYR O 168 28.42 -4.69 -6.11
C TYR O 168 28.90 -4.99 -7.52
N ASP O 169 30.21 -5.02 -7.74
CA ASP O 169 30.72 -5.45 -9.03
C ASP O 169 30.66 -6.97 -9.13
N ASP O 170 30.93 -7.47 -10.33
CA ASP O 170 30.93 -8.89 -10.66
C ASP O 170 29.50 -9.44 -10.73
N THR O 171 28.52 -8.66 -10.28
CA THR O 171 27.12 -8.99 -10.48
C THR O 171 26.45 -8.01 -11.42
N THR O 172 27.23 -7.13 -12.05
CA THR O 172 26.72 -6.22 -13.05
C THR O 172 26.87 -6.78 -14.45
N LYS O 173 27.40 -7.99 -14.59
CA LYS O 173 27.67 -8.58 -15.89
C LYS O 173 26.54 -9.46 -16.39
N CYS O 174 25.52 -9.72 -15.59
CA CYS O 174 24.42 -10.59 -15.96
C CYS O 174 23.76 -10.15 -17.27
N ILE O 175 23.84 -10.98 -18.29
CA ILE O 175 23.25 -10.67 -19.59
C ILE O 175 21.88 -11.32 -19.70
N LEU O 176 21.41 -11.92 -18.62
CA LEU O 176 20.08 -12.50 -18.54
C LEU O 176 19.84 -13.54 -19.62
N CYS O 177 20.65 -14.60 -19.60
CA CYS O 177 20.51 -15.67 -20.57
C CYS O 177 19.84 -16.90 -19.99
N ALA O 178 19.65 -16.95 -18.68
CA ALA O 178 19.02 -18.04 -17.94
C ALA O 178 19.81 -19.33 -17.97
N CYS O 179 21.07 -19.31 -18.39
CA CYS O 179 21.88 -20.50 -18.32
C CYS O 179 22.05 -20.98 -16.89
N CYS O 180 21.79 -20.13 -15.92
CA CYS O 180 21.92 -20.47 -14.51
C CYS O 180 20.61 -20.97 -13.93
N THR O 181 19.55 -20.19 -14.08
CA THR O 181 18.26 -20.52 -13.47
C THR O 181 17.72 -21.84 -13.98
N THR O 182 18.05 -22.20 -15.21
CA THR O 182 17.58 -23.45 -15.80
C THR O 182 18.54 -24.60 -15.59
N SER O 183 19.52 -24.45 -14.69
CA SER O 183 20.33 -25.56 -14.22
C SER O 183 20.18 -25.78 -12.73
N CYS O 184 19.23 -25.11 -12.10
CA CYS O 184 19.03 -25.23 -10.66
C CYS O 184 18.08 -26.37 -10.38
N PRO O 185 18.52 -27.43 -9.68
CA PRO O 185 17.58 -28.48 -9.31
C PRO O 185 16.41 -27.99 -8.47
N VAL O 186 16.63 -26.99 -7.63
CA VAL O 186 15.53 -26.41 -6.87
C VAL O 186 14.54 -25.73 -7.79
N TYR O 187 15.00 -25.25 -8.94
CA TYR O 187 14.11 -24.65 -9.92
C TYR O 187 13.35 -25.73 -10.67
N TRP O 188 14.00 -26.87 -10.92
CA TRP O 188 13.32 -28.00 -11.51
C TRP O 188 12.24 -28.58 -10.61
N SER O 189 12.40 -28.46 -9.29
CA SER O 189 11.48 -29.11 -8.37
C SER O 189 10.18 -28.32 -8.28
N GLU O 190 9.36 -28.63 -7.27
CA GLU O 190 8.06 -27.99 -7.09
C GLU O 190 8.23 -26.63 -6.44
N GLY O 191 7.12 -26.03 -6.01
CA GLY O 191 7.19 -24.71 -5.46
C GLY O 191 7.46 -23.68 -6.55
N SER O 192 7.84 -22.47 -6.11
CA SER O 192 8.17 -21.38 -7.02
C SER O 192 9.45 -20.73 -6.53
N TYR O 193 10.59 -21.26 -6.95
CA TYR O 193 11.88 -20.69 -6.62
C TYR O 193 12.15 -19.50 -7.53
N PHE O 194 12.62 -18.40 -6.95
CA PHE O 194 12.99 -17.24 -7.75
C PHE O 194 14.06 -17.61 -8.76
N GLY O 195 15.24 -17.96 -8.28
CA GLY O 195 16.27 -18.42 -9.15
C GLY O 195 17.59 -17.72 -8.89
N PRO O 196 18.66 -18.35 -9.36
CA PRO O 196 19.98 -17.73 -9.24
C PRO O 196 20.07 -16.38 -9.92
N ALA O 197 19.42 -16.22 -11.07
CA ALA O 197 19.55 -14.97 -11.82
C ALA O 197 18.81 -13.84 -11.14
N ALA O 198 17.59 -14.11 -10.65
CA ALA O 198 16.88 -13.10 -9.88
C ALA O 198 17.66 -12.71 -8.63
N ILE O 199 18.27 -13.68 -7.96
CA ILE O 199 19.03 -13.33 -6.76
C ILE O 199 20.30 -12.55 -7.12
N VAL O 200 20.93 -12.84 -8.24
CA VAL O 200 22.09 -12.06 -8.66
C VAL O 200 21.70 -10.62 -8.92
N ASN O 201 20.61 -10.43 -9.66
CA ASN O 201 20.19 -9.08 -10.00
C ASN O 201 19.63 -8.32 -8.80
N ALA O 202 19.22 -9.03 -7.74
CA ALA O 202 18.87 -8.33 -6.51
C ALA O 202 20.11 -7.99 -5.69
N HIS O 203 21.08 -8.89 -5.61
CA HIS O 203 22.31 -8.61 -4.89
C HIS O 203 23.02 -7.40 -5.48
N ARG O 204 22.98 -7.28 -6.82
CA ARG O 204 23.63 -6.16 -7.49
C ARG O 204 23.23 -4.83 -6.86
N PHE O 205 21.98 -4.69 -6.47
CA PHE O 205 21.48 -3.46 -5.87
C PHE O 205 21.60 -3.46 -4.35
N ILE O 206 21.34 -4.60 -3.72
CA ILE O 206 21.43 -4.68 -2.26
C ILE O 206 22.81 -4.25 -1.80
N PHE O 207 23.85 -4.60 -2.57
CA PHE O 207 25.20 -4.21 -2.20
C PHE O 207 25.66 -2.93 -2.88
N ASP O 208 24.72 -2.14 -3.41
CA ASP O 208 25.02 -0.86 -4.03
C ASP O 208 24.75 0.24 -3.01
N SER O 209 25.79 1.05 -2.73
CA SER O 209 25.68 2.06 -1.69
C SER O 209 24.63 3.11 -2.01
N ARG O 210 24.47 3.45 -3.28
CA ARG O 210 23.65 4.58 -3.69
C ARG O 210 22.18 4.19 -3.79
N ASP O 211 21.65 3.54 -2.76
CA ASP O 211 20.31 2.97 -2.84
C ASP O 211 19.61 3.08 -1.49
N GLU O 212 18.28 2.97 -1.51
CA GLU O 212 17.47 3.10 -0.31
C GLU O 212 16.31 2.10 -0.27
N ALA O 213 16.50 0.90 -0.81
CA ALA O 213 15.46 -0.12 -0.75
C ALA O 213 16.02 -1.50 -0.45
N ALA O 214 17.26 -1.58 0.04
CA ALA O 214 17.86 -2.86 0.36
C ALA O 214 17.01 -3.63 1.36
N ALA O 215 16.38 -2.93 2.30
CA ALA O 215 15.53 -3.60 3.26
C ALA O 215 14.33 -4.25 2.59
N GLU O 216 13.76 -3.61 1.57
CA GLU O 216 12.62 -4.21 0.88
C GLU O 216 13.06 -5.38 0.00
N ARG O 217 14.23 -5.27 -0.64
CA ARG O 217 14.74 -6.41 -1.39
C ARG O 217 14.95 -7.61 -0.48
N LEU O 218 15.62 -7.39 0.66
CA LEU O 218 15.84 -8.48 1.61
C LEU O 218 14.52 -9.02 2.16
N ASP O 219 13.52 -8.16 2.31
CA ASP O 219 12.19 -8.64 2.65
C ASP O 219 11.65 -9.56 1.57
N ILE O 220 11.92 -9.24 0.31
CA ILE O 220 11.43 -10.08 -0.79
C ILE O 220 12.11 -11.44 -0.76
N LEU O 221 13.42 -11.46 -0.56
CA LEU O 221 14.18 -12.70 -0.61
C LEU O 221 14.11 -13.50 0.67
N ASN O 222 13.42 -13.03 1.70
CA ASN O 222 13.19 -13.79 2.92
C ASN O 222 11.90 -14.58 2.88
N GLU O 223 11.30 -14.74 1.69
CA GLU O 223 10.06 -15.46 1.59
C GLU O 223 10.32 -16.96 1.74
N VAL O 224 9.23 -17.75 1.77
CA VAL O 224 9.41 -19.19 1.92
C VAL O 224 10.13 -19.77 0.72
N ASP O 225 9.95 -19.16 -0.46
CA ASP O 225 10.63 -19.59 -1.68
C ASP O 225 11.62 -18.56 -2.18
N GLY O 226 12.26 -17.84 -1.27
CA GLY O 226 13.30 -16.91 -1.64
C GLY O 226 14.64 -17.60 -1.68
N VAL O 227 15.60 -17.10 -0.90
CA VAL O 227 16.96 -17.61 -0.99
C VAL O 227 17.16 -18.88 -0.16
N TRP O 228 16.28 -19.13 0.82
CA TRP O 228 16.43 -20.26 1.71
C TRP O 228 16.16 -21.59 1.05
N ARG O 229 15.76 -21.61 -0.22
CA ARG O 229 15.65 -22.84 -0.98
C ARG O 229 16.91 -23.20 -1.72
N CYS O 230 17.97 -22.40 -1.61
CA CYS O 230 19.21 -22.78 -2.26
C CYS O 230 19.83 -23.95 -1.51
N ARG O 231 20.05 -25.06 -2.21
CA ARG O 231 20.65 -26.24 -1.63
C ARG O 231 22.15 -26.29 -1.84
N THR O 232 22.76 -25.15 -2.14
CA THR O 232 24.21 -25.03 -2.29
C THR O 232 24.74 -26.02 -3.30
N THR O 233 24.03 -26.16 -4.39
CA THR O 233 24.60 -26.69 -5.61
C THR O 233 25.18 -25.53 -6.40
N PHE O 234 26.29 -25.80 -7.08
CA PHE O 234 27.02 -24.80 -7.84
C PHE O 234 26.82 -24.97 -9.34
N ASN O 235 25.68 -25.54 -9.72
CA ASN O 235 25.32 -25.63 -11.12
C ASN O 235 25.26 -24.25 -11.76
N CYS O 236 24.69 -23.28 -11.05
CA CYS O 236 24.62 -21.91 -11.56
C CYS O 236 26.00 -21.37 -11.84
N THR O 237 26.91 -21.53 -10.88
CA THR O 237 28.26 -20.99 -11.02
C THR O 237 29.01 -21.65 -12.15
N GLU O 238 28.80 -22.96 -12.35
CA GLU O 238 29.50 -23.59 -13.45
C GLU O 238 28.85 -23.35 -14.80
N ALA O 239 27.60 -22.87 -14.82
CA ALA O 239 26.91 -22.64 -16.08
C ALA O 239 26.98 -21.21 -16.58
N CYS O 240 27.22 -20.23 -15.71
CA CYS O 240 27.24 -18.84 -16.16
C CYS O 240 28.32 -18.62 -17.22
N PRO O 241 28.00 -18.00 -18.36
CA PRO O 241 28.99 -17.78 -19.41
C PRO O 241 29.88 -16.57 -19.19
N ARG O 242 29.88 -15.99 -17.99
CA ARG O 242 30.66 -14.81 -17.69
C ARG O 242 31.42 -14.91 -16.37
N GLY O 243 31.24 -15.98 -15.61
CA GLY O 243 31.92 -16.12 -14.35
C GLY O 243 31.45 -15.10 -13.33
N ILE O 244 30.20 -15.20 -12.90
CA ILE O 244 29.62 -14.23 -11.99
C ILE O 244 29.63 -14.71 -10.55
N GLN O 245 30.00 -15.97 -10.29
CA GLN O 245 30.04 -16.48 -8.92
C GLN O 245 28.66 -16.35 -8.28
N VAL O 246 27.70 -17.01 -8.93
CA VAL O 246 26.30 -16.89 -8.56
C VAL O 246 26.08 -17.42 -7.15
N THR O 247 26.83 -18.44 -6.76
CA THR O 247 26.66 -18.97 -5.42
C THR O 247 27.30 -18.09 -4.36
N GLN O 248 28.42 -17.42 -4.68
CA GLN O 248 28.93 -16.40 -3.77
C GLN O 248 27.90 -15.30 -3.55
N ALA O 249 27.25 -14.84 -4.63
CA ALA O 249 26.23 -13.82 -4.47
C ALA O 249 25.08 -14.31 -3.60
N ILE O 250 24.64 -15.55 -3.81
CA ILE O 250 23.54 -16.09 -3.02
C ILE O 250 23.94 -16.19 -1.55
N GLN O 251 25.18 -16.61 -1.28
CA GLN O 251 25.63 -16.70 0.10
C GLN O 251 25.70 -15.33 0.76
N GLU O 252 26.12 -14.31 0.00
CA GLU O 252 26.18 -12.96 0.57
C GLU O 252 24.81 -12.44 0.94
N VAL O 253 23.81 -12.69 0.09
CA VAL O 253 22.45 -12.33 0.47
C VAL O 253 22.00 -13.09 1.71
N LYS O 254 22.37 -14.37 1.81
CA LYS O 254 21.98 -15.15 2.98
C LYS O 254 22.59 -14.60 4.25
N ARG O 255 23.88 -14.26 4.22
CA ARG O 255 24.53 -13.73 5.41
C ARG O 255 23.94 -12.37 5.79
N ALA O 256 23.65 -11.54 4.80
CA ALA O 256 22.97 -10.28 5.09
C ALA O 256 21.63 -10.51 5.77
N LEU O 257 20.94 -11.58 5.40
CA LEU O 257 19.68 -11.89 6.07
C LEU O 257 19.89 -12.46 7.47
N MET O 258 20.99 -13.15 7.71
CA MET O 258 21.27 -13.69 9.04
C MET O 258 21.63 -12.58 10.02
N PHE O 259 22.72 -11.87 9.76
CA PHE O 259 23.21 -10.84 10.67
C PHE O 259 22.47 -9.54 10.39
N ALA O 260 21.23 -9.47 10.85
CA ALA O 260 20.42 -8.27 10.68
C ALA O 260 19.27 -8.25 11.67
#